data_7WTB
#
_entry.id   7WTB
#
_cell.length_a   1.00
_cell.length_b   1.00
_cell.length_c   1.00
_cell.angle_alpha   90.00
_cell.angle_beta   90.00
_cell.angle_gamma   90.00
#
_symmetry.space_group_name_H-M   'P 1'
#
loop_
_entity.id
_entity.type
_entity.pdbx_description
1 polymer 'Pyruvate carboxylase, mitochondrial'
2 non-polymer 5-(HEXAHYDRO-2-OXO-1H-THIENO[3,4-D]IMIDAZOL-6-YL)PENTANAL
3 non-polymer 'PHOSPHOAMINOPHOSPHONIC ACID-ADENYLATE ESTER'
4 non-polymer 'ACETYL COENZYME *A'
#
_entity_poly.entity_id   1
_entity_poly.type   'polypeptide(L)'
_entity_poly.pdbx_seq_one_letter_code
;MLKFRTVHGGLRLLGIRRTSTAPAASPNVRRLEYKPIKKVMVANRGEIAIRVFRACTELGIRTVAIYSEQDTGQMHRQKA
DEAYLIGRGLAPVQAYLHIPDIIKVAKENNVDAVHPGYGFLSERADFAQACQDAGVRFIGPSPEVVRKMGDKVEARAIAI
AAGVPVVPGTDAPITSLHEAHEFSNTYGFPIIFKAAYGGGGRGMRVVHSYEELEENYTRAYSEALAAFGNGALFVEKFIE
KPRHIEVQILGDQYGNILHLYERDCSIQRRHQKVVEIAPAAHLDPQLRTRLTSDSVKLAKQVGYENAGTVEFLVDRHGKH
YFIEVNSRLQVEHTVTEEITDVDLVHAQIHVAEGRSLPDLGLRQENIRINGCAIQCRVTTEDPARSFQPDTGRIEVFRSG
EGMGIRLDNASAFQGAVISPHYDSLLVKVIAHGKDHPTAATKMSRALAEFRVRGVKTNIAFLQNVLNNQQFLAGTVDTQF
IDENPELFQLRPAQNRAQKLLHYLGHVMVNGPTTPIPVKASPSPTDPVVPAVPIGPPPAGFRDILLREGPEGFARAVRNH
PGLLLMDTTFRDAHQSLLATRVRTHDLKKIAPYVAHNFSKLFSMENWGGATFDVAMRFLYECPWRRLQELRELIPNIPFQ
MLLRGANAVGYTNYPDNVVFKFCEVAKENGMDVFRVFDSLNYLPNMLLGMEAAGSAGGVVEAAISYTGDVADPSRTKYSL
QYYMGLAEELVRAGTHILCIKDMAGLLKPTACTMLVSSLRDRFPDLPLHIHTHDTSGAGVAAMLACAQAGADVVDVAADS
MSGMTSQPSMGALVACTRGTPLDTEVPMERVFDYSEYWEGARGLYAAFDCTATMKSGNSDVYENEIPGGQYTNLHFQAHS
MGLGSKFKEVKKAYVEANQMLGDLIKVTPSSKIVGDLAQFMVQNGLSRAEAEAQAEELSFPRSVVEFLQGYIGVPHGGFP
EPFRSKVLKDLPRVEGRPGASLPPLDLQALEKELVDRHGEEVTPEDVLSAAMYPDVFAHFKDFTATFGPLDSLNTRLFLQ
GPKIAEEFEVELERGKTLHIKALAVSDLNRAGQRQVFFELNGQLRSILVKDTQAMKEMHFHPKALKDVKGQIGAPMPGKV
IDIKVVAGAKVAKGQPLCVLSAMKMETVVTSPMEGTVRKVHVTKDMTLEGDDLILEIE
;
_entity_poly.pdbx_strand_id   A,B,C,D
#
# COMPACT_ATOMS: atom_id res chain seq x y z
N GLU A 33 -35.81 48.47 17.97
CA GLU A 33 -35.76 49.93 18.03
C GLU A 33 -34.39 50.40 18.47
N TYR A 34 -33.61 49.50 19.06
CA TYR A 34 -32.32 49.83 19.64
C TYR A 34 -31.19 49.38 18.72
N LYS A 35 -29.97 49.47 19.23
CA LYS A 35 -28.76 49.15 18.49
C LYS A 35 -28.83 47.75 17.91
N PRO A 36 -28.89 47.59 16.59
CA PRO A 36 -28.93 46.26 16.01
C PRO A 36 -27.64 45.49 16.23
N ILE A 37 -27.79 44.16 16.26
CA ILE A 37 -26.70 43.24 16.54
C ILE A 37 -26.08 42.81 15.22
N LYS A 38 -24.76 42.89 15.12
CA LYS A 38 -24.06 42.52 13.91
C LYS A 38 -23.23 41.25 14.01
N LYS A 39 -22.96 40.77 15.23
CA LYS A 39 -22.14 39.57 15.39
C LYS A 39 -22.46 38.92 16.73
N VAL A 40 -22.59 37.60 16.70
CA VAL A 40 -22.94 36.81 17.87
C VAL A 40 -21.92 35.70 18.04
N MET A 41 -21.47 35.52 19.28
CA MET A 41 -20.53 34.47 19.65
C MET A 41 -21.13 33.61 20.75
N VAL A 42 -20.82 32.32 20.73
CA VAL A 42 -21.41 31.37 21.65
C VAL A 42 -20.31 30.63 22.39
N ALA A 43 -20.63 30.18 23.61
CA ALA A 43 -19.65 29.59 24.50
C ALA A 43 -19.99 28.14 24.86
N ASN A 44 -20.78 27.46 24.04
CA ASN A 44 -21.11 26.07 24.27
C ASN A 44 -20.59 25.22 23.11
N ARG A 45 -20.93 23.93 23.14
CA ARG A 45 -20.52 22.99 22.12
C ARG A 45 -21.65 22.01 21.85
N GLY A 46 -21.67 21.48 20.64
CA GLY A 46 -22.62 20.44 20.28
C GLY A 46 -23.84 21.01 19.58
N GLU A 47 -25.03 20.62 20.07
CA GLU A 47 -26.27 20.95 19.38
C GLU A 47 -26.70 22.40 19.59
N ILE A 48 -26.40 22.99 20.75
CA ILE A 48 -26.78 24.39 20.99
C ILE A 48 -26.07 25.31 20.01
N ALA A 49 -24.78 25.07 19.78
CA ALA A 49 -24.04 25.89 18.84
C ALA A 49 -24.62 25.79 17.44
N ILE A 50 -24.96 24.58 17.01
CA ILE A 50 -25.56 24.39 15.69
C ILE A 50 -26.87 25.13 15.59
N ARG A 51 -27.71 25.00 16.63
CA ARG A 51 -29.03 25.63 16.61
C ARG A 51 -28.91 27.15 16.52
N VAL A 52 -28.05 27.74 17.35
CA VAL A 52 -27.93 29.19 17.35
C VAL A 52 -27.28 29.66 16.06
N PHE A 53 -26.40 28.84 15.46
CA PHE A 53 -25.84 29.22 14.17
C PHE A 53 -26.91 29.24 13.08
N ARG A 54 -27.81 28.25 13.10
CA ARG A 54 -28.93 28.28 12.16
C ARG A 54 -29.79 29.52 12.39
N ALA A 55 -30.06 29.85 13.65
CA ALA A 55 -30.87 31.03 13.95
C ALA A 55 -30.21 32.30 13.44
N CYS A 56 -28.92 32.46 13.69
CA CYS A 56 -28.22 33.66 13.26
C CYS A 56 -28.14 33.73 11.74
N THR A 57 -27.87 32.60 11.07
CA THR A 57 -27.84 32.60 9.62
C THR A 57 -29.20 32.94 9.04
N GLU A 58 -30.28 32.59 9.74
CA GLU A 58 -31.61 32.97 9.28
C GLU A 58 -31.79 34.48 9.24
N LEU A 59 -31.21 35.19 10.22
CA LEU A 59 -31.27 36.65 10.28
C LEU A 59 -30.06 37.32 9.66
N GLY A 60 -29.15 36.55 9.07
CA GLY A 60 -27.97 37.12 8.44
C GLY A 60 -27.01 37.81 9.38
N ILE A 61 -26.70 37.17 10.50
CA ILE A 61 -25.78 37.70 11.50
C ILE A 61 -24.51 36.84 11.48
N ARG A 62 -23.36 37.50 11.41
CA ARG A 62 -22.10 36.77 11.41
C ARG A 62 -21.92 36.00 12.71
N THR A 63 -21.29 34.83 12.61
CA THR A 63 -21.16 33.90 13.71
C THR A 63 -19.70 33.72 14.10
N VAL A 64 -19.44 33.62 15.40
CA VAL A 64 -18.11 33.37 15.94
C VAL A 64 -18.18 32.15 16.83
N ALA A 65 -17.25 31.21 16.62
CA ALA A 65 -17.24 29.94 17.34
C ALA A 65 -15.93 29.77 18.09
N ILE A 66 -16.01 29.05 19.21
CA ILE A 66 -14.85 28.77 20.05
C ILE A 66 -14.78 27.27 20.30
N TYR A 67 -13.57 26.77 20.49
CA TYR A 67 -13.36 25.34 20.69
C TYR A 67 -12.05 25.13 21.43
N SER A 68 -11.94 23.98 22.08
CA SER A 68 -10.73 23.59 22.78
C SER A 68 -9.88 22.70 21.89
N GLU A 69 -8.61 22.55 22.27
CA GLU A 69 -7.68 21.76 21.47
C GLU A 69 -8.09 20.30 21.42
N GLN A 70 -8.54 19.75 22.54
CA GLN A 70 -8.94 18.36 22.60
C GLN A 70 -10.28 18.10 21.92
N ASP A 71 -10.92 19.14 21.37
CA ASP A 71 -12.24 19.05 20.79
C ASP A 71 -12.24 19.64 19.38
N THR A 72 -11.20 19.31 18.61
CA THR A 72 -10.94 19.94 17.32
C THR A 72 -11.48 19.12 16.15
N GLY A 73 -12.29 18.11 16.41
CA GLY A 73 -12.81 17.28 15.34
C GLY A 73 -14.32 17.22 15.29
N GLN A 74 -14.98 18.32 15.63
CA GLN A 74 -16.43 18.41 15.61
C GLN A 74 -16.91 19.02 14.30
N MET A 75 -18.21 19.32 14.25
CA MET A 75 -18.82 19.90 13.07
C MET A 75 -19.14 21.38 13.23
N HIS A 76 -19.39 21.85 14.46
CA HIS A 76 -19.77 23.25 14.63
C HIS A 76 -18.61 24.18 14.28
N ARG A 77 -17.39 23.67 14.29
CA ARG A 77 -16.24 24.49 13.92
C ARG A 77 -16.34 24.93 12.46
N GLN A 78 -16.64 23.98 11.57
CA GLN A 78 -16.73 24.33 10.15
C GLN A 78 -18.08 24.95 9.81
N LYS A 79 -19.06 24.81 10.71
CA LYS A 79 -20.39 25.38 10.44
C LYS A 79 -20.38 26.90 10.51
N ALA A 80 -19.68 27.47 11.49
CA ALA A 80 -19.66 28.92 11.65
C ALA A 80 -18.79 29.58 10.60
N ASP A 81 -18.67 30.91 10.66
CA ASP A 81 -17.84 31.66 9.73
C ASP A 81 -16.39 31.75 10.17
N GLU A 82 -16.14 31.89 11.47
CA GLU A 82 -14.78 31.96 12.00
C GLU A 82 -14.73 31.17 13.30
N ALA A 83 -13.58 30.57 13.58
CA ALA A 83 -13.39 29.78 14.79
C ALA A 83 -12.05 30.13 15.41
N TYR A 84 -12.01 30.13 16.75
CA TYR A 84 -10.80 30.42 17.49
C TYR A 84 -10.67 29.46 18.66
N LEU A 85 -9.43 29.22 19.08
CA LEU A 85 -9.15 28.25 20.12
C LEU A 85 -9.03 28.94 21.48
N ILE A 86 -9.51 28.27 22.51
CA ILE A 86 -9.43 28.75 23.89
C ILE A 86 -8.92 27.60 24.77
N GLY A 87 -8.41 27.96 25.94
CA GLY A 87 -7.94 26.97 26.89
C GLY A 87 -6.81 26.12 26.36
N ARG A 88 -5.80 26.77 25.77
CA ARG A 88 -4.72 26.03 25.14
C ARG A 88 -3.99 25.13 26.13
N GLY A 89 -3.73 25.64 27.33
CA GLY A 89 -3.03 24.86 28.34
C GLY A 89 -3.87 24.58 29.56
N LEU A 90 -5.16 24.35 29.36
CA LEU A 90 -6.10 24.11 30.46
C LEU A 90 -6.66 22.69 30.34
N ALA A 91 -7.47 22.32 31.33
CA ALA A 91 -8.12 21.01 31.31
C ALA A 91 -9.20 20.98 30.24
N PRO A 92 -9.46 19.81 29.65
CA PRO A 92 -10.48 19.72 28.59
C PRO A 92 -11.86 20.15 29.05
N VAL A 93 -12.20 19.94 30.31
CA VAL A 93 -13.51 20.32 30.82
C VAL A 93 -13.44 21.73 31.39
N GLN A 94 -12.24 22.17 31.78
CA GLN A 94 -12.05 23.49 32.34
C GLN A 94 -11.71 24.55 31.29
N ALA A 95 -11.43 24.13 30.04
CA ALA A 95 -11.07 25.11 29.02
C ALA A 95 -12.23 26.01 28.66
N TYR A 96 -13.45 25.50 28.75
CA TYR A 96 -14.64 26.27 28.43
C TYR A 96 -15.13 27.11 29.60
N LEU A 97 -14.48 27.03 30.75
CA LEU A 97 -14.87 27.78 31.94
C LEU A 97 -13.94 28.95 32.23
N HIS A 98 -13.03 29.28 31.31
CA HIS A 98 -12.06 30.35 31.54
C HIS A 98 -12.62 31.65 30.98
N ILE A 99 -13.10 32.52 31.88
CA ILE A 99 -13.73 33.76 31.45
C ILE A 99 -12.78 34.68 30.69
N PRO A 100 -11.57 34.99 31.19
CA PRO A 100 -10.75 36.02 30.51
C PRO A 100 -10.45 35.73 29.05
N ASP A 101 -10.19 34.48 28.69
CA ASP A 101 -9.91 34.17 27.29
C ASP A 101 -11.13 34.46 26.42
N ILE A 102 -12.32 34.07 26.89
CA ILE A 102 -13.55 34.38 26.17
C ILE A 102 -13.73 35.88 26.03
N ILE A 103 -13.47 36.62 27.11
CA ILE A 103 -13.65 38.06 27.08
C ILE A 103 -12.72 38.71 26.06
N LYS A 104 -11.45 38.32 26.06
CA LYS A 104 -10.50 38.95 25.15
C LYS A 104 -10.76 38.54 23.70
N VAL A 105 -11.15 37.29 23.45
CA VAL A 105 -11.43 36.89 22.08
C VAL A 105 -12.68 37.58 21.57
N ALA A 106 -13.66 37.82 22.45
CA ALA A 106 -14.83 38.60 22.06
C ALA A 106 -14.44 40.06 21.77
N LYS A 107 -13.58 40.62 22.60
CA LYS A 107 -13.18 42.02 22.43
C LYS A 107 -12.41 42.21 21.12
N GLU A 108 -11.52 41.28 20.78
CA GLU A 108 -10.68 41.45 19.61
C GLU A 108 -11.45 41.32 18.29
N ASN A 109 -12.50 40.51 18.25
CA ASN A 109 -13.19 40.20 17.00
C ASN A 109 -14.41 41.06 16.77
N ASN A 110 -14.56 42.15 17.54
CA ASN A 110 -15.67 43.10 17.37
C ASN A 110 -17.02 42.41 17.55
N VAL A 111 -17.08 41.52 18.53
CA VAL A 111 -18.31 40.78 18.82
C VAL A 111 -19.24 41.64 19.67
N ASP A 112 -20.51 41.69 19.30
CA ASP A 112 -21.49 42.51 20.00
C ASP A 112 -22.35 41.68 20.95
N ALA A 113 -22.79 40.49 20.56
CA ALA A 113 -23.66 39.69 21.40
C ALA A 113 -23.01 38.34 21.68
N VAL A 114 -23.28 37.81 22.87
CA VAL A 114 -22.78 36.49 23.26
C VAL A 114 -23.92 35.71 23.91
N HIS A 115 -24.02 34.43 23.53
CA HIS A 115 -25.04 33.50 23.99
C HIS A 115 -24.46 32.52 24.98
N PRO A 116 -25.13 32.28 26.12
CA PRO A 116 -24.55 31.44 27.16
C PRO A 116 -24.86 29.95 27.06
N GLY A 117 -25.85 29.55 26.27
CA GLY A 117 -26.23 28.15 26.21
C GLY A 117 -26.72 27.66 27.55
N TYR A 118 -26.48 26.39 27.83
CA TYR A 118 -26.75 25.80 29.14
C TYR A 118 -25.60 24.87 29.50
N GLY A 119 -25.34 24.74 30.80
CA GLY A 119 -24.29 23.86 31.28
C GLY A 119 -22.89 24.42 31.20
N PHE A 120 -22.74 25.65 30.70
CA PHE A 120 -21.42 26.30 30.57
C PHE A 120 -21.63 27.79 30.84
N LEU A 121 -21.29 28.21 32.06
CA LEU A 121 -21.31 29.60 32.52
C LEU A 121 -22.72 30.16 32.57
N SER A 122 -23.74 29.38 32.26
CA SER A 122 -25.09 29.91 32.16
C SER A 122 -25.64 30.32 33.53
N GLU A 123 -25.26 29.60 34.58
CA GLU A 123 -25.80 29.83 35.92
C GLU A 123 -24.80 30.50 36.84
N ARG A 124 -23.78 31.15 36.29
CA ARG A 124 -22.79 31.88 37.08
C ARG A 124 -22.92 33.36 36.74
N ALA A 125 -23.38 34.15 37.71
CA ALA A 125 -23.61 35.58 37.46
C ALA A 125 -22.32 36.33 37.24
N ASP A 126 -21.18 35.75 37.62
CA ASP A 126 -19.90 36.44 37.43
C ASP A 126 -19.61 36.67 35.95
N PHE A 127 -19.88 35.66 35.11
CA PHE A 127 -19.67 35.82 33.68
C PHE A 127 -20.59 36.89 33.11
N ALA A 128 -21.86 36.91 33.54
CA ALA A 128 -22.78 37.92 33.05
C ALA A 128 -22.33 39.32 33.45
N GLN A 129 -21.87 39.48 34.70
CA GLN A 129 -21.39 40.78 35.14
C GLN A 129 -20.15 41.21 34.38
N ALA A 130 -19.23 40.28 34.14
CA ALA A 130 -18.04 40.60 33.36
C ALA A 130 -18.40 41.00 31.93
N CYS A 131 -19.35 40.29 31.33
CA CYS A 131 -19.79 40.62 29.98
C CYS A 131 -20.43 42.01 29.94
N GLN A 132 -21.27 42.32 30.93
CA GLN A 132 -21.86 43.65 31.00
C GLN A 132 -20.80 44.73 31.15
N ASP A 133 -19.80 44.47 32.01
CA ASP A 133 -18.74 45.44 32.21
C ASP A 133 -17.84 45.58 30.99
N ALA A 134 -17.79 44.56 30.12
CA ALA A 134 -16.99 44.61 28.92
C ALA A 134 -17.71 45.28 27.76
N GLY A 135 -18.95 45.71 27.95
CA GLY A 135 -19.70 46.35 26.91
C GLY A 135 -20.32 45.42 25.89
N VAL A 136 -20.27 44.10 26.12
CA VAL A 136 -20.82 43.12 25.20
C VAL A 136 -22.21 42.73 25.69
N ARG A 137 -23.13 42.53 24.75
CA ARG A 137 -24.48 42.10 25.12
C ARG A 137 -24.51 40.64 25.52
N PHE A 138 -25.29 40.34 26.54
CA PHE A 138 -25.46 38.99 27.07
C PHE A 138 -26.87 38.53 26.76
N ILE A 139 -26.99 37.35 26.15
CA ILE A 139 -28.32 36.81 25.81
C ILE A 139 -28.85 36.12 27.05
N GLY A 140 -29.62 36.85 27.86
CA GLY A 140 -30.20 36.26 29.05
C GLY A 140 -30.51 37.29 30.13
N PRO A 141 -30.84 36.80 31.32
CA PRO A 141 -31.27 37.69 32.39
C PRO A 141 -30.12 38.49 32.99
N SER A 142 -30.50 39.49 33.77
CA SER A 142 -29.52 40.33 34.44
C SER A 142 -28.78 39.54 35.52
N PRO A 143 -27.56 39.94 35.86
CA PRO A 143 -26.83 39.23 36.93
C PRO A 143 -27.56 39.26 38.26
N GLU A 144 -28.34 40.31 38.54
CA GLU A 144 -29.09 40.35 39.79
C GLU A 144 -30.10 39.22 39.87
N VAL A 145 -30.81 38.95 38.77
CA VAL A 145 -31.79 37.86 38.77
C VAL A 145 -31.10 36.51 38.94
N VAL A 146 -29.95 36.34 38.29
CA VAL A 146 -29.21 35.09 38.42
C VAL A 146 -28.75 34.88 39.85
N ARG A 147 -28.23 35.94 40.49
CA ARG A 147 -27.81 35.85 41.88
C ARG A 147 -28.99 35.56 42.79
N LYS A 148 -30.17 36.14 42.48
CA LYS A 148 -31.37 35.83 43.24
C LYS A 148 -31.72 34.36 43.11
N MET A 149 -31.59 33.80 41.91
CA MET A 149 -31.79 32.37 41.70
C MET A 149 -30.51 31.63 42.11
N GLY A 150 -30.44 30.34 41.80
CA GLY A 150 -29.28 29.57 42.18
C GLY A 150 -29.47 28.88 43.52
N ASP A 151 -28.96 29.52 44.59
CA ASP A 151 -29.14 28.98 45.92
C ASP A 151 -30.62 28.89 46.27
N LYS A 152 -30.99 27.84 47.00
CA LYS A 152 -32.40 27.54 47.24
C LYS A 152 -33.05 28.48 48.25
N VAL A 153 -32.27 29.14 49.10
CA VAL A 153 -32.86 29.91 50.20
C VAL A 153 -33.64 31.10 49.65
N GLU A 154 -33.02 31.89 48.77
CA GLU A 154 -33.68 33.08 48.25
C GLU A 154 -34.91 32.73 47.42
N ALA A 155 -34.79 31.72 46.56
CA ALA A 155 -35.94 31.31 45.76
C ALA A 155 -37.06 30.78 46.64
N ARG A 156 -36.72 30.02 47.67
CA ARG A 156 -37.72 29.48 48.58
C ARG A 156 -38.43 30.61 49.35
N ALA A 157 -37.67 31.61 49.81
CA ALA A 157 -38.28 32.74 50.48
C ALA A 157 -39.19 33.52 49.54
N ILE A 158 -38.75 33.74 48.31
CA ILE A 158 -39.57 34.44 47.32
C ILE A 158 -40.84 33.65 47.04
N ALA A 159 -40.73 32.32 47.00
CA ALA A 159 -41.90 31.49 46.75
C ALA A 159 -42.91 31.60 47.88
N ILE A 160 -42.45 31.44 49.13
CA ILE A 160 -43.38 31.57 50.25
C ILE A 160 -43.90 33.00 50.40
N ALA A 161 -43.20 33.98 49.82
CA ALA A 161 -43.65 35.36 49.90
C ALA A 161 -45.03 35.54 49.30
N ALA A 162 -45.29 34.90 48.16
CA ALA A 162 -46.57 35.05 47.46
C ALA A 162 -46.96 33.72 46.83
N GLY A 163 -47.89 33.02 47.49
CA GLY A 163 -48.47 31.82 46.89
C GLY A 163 -47.46 30.73 46.64
N VAL A 164 -47.65 30.02 45.53
CA VAL A 164 -46.79 28.94 45.02
C VAL A 164 -46.27 28.07 46.16
N PRO A 165 -47.12 27.19 46.72
CA PRO A 165 -46.70 26.42 47.89
C PRO A 165 -45.46 25.58 47.62
N VAL A 166 -44.63 25.44 48.64
CA VAL A 166 -43.41 24.65 48.57
C VAL A 166 -43.58 23.44 49.48
N VAL A 167 -42.73 22.43 49.27
CA VAL A 167 -42.80 21.21 50.09
C VAL A 167 -42.52 21.57 51.54
N PRO A 168 -43.28 21.01 52.50
CA PRO A 168 -42.98 21.28 53.91
C PRO A 168 -41.63 20.71 54.31
N GLY A 169 -40.96 21.42 55.22
CA GLY A 169 -39.65 20.99 55.66
C GLY A 169 -38.94 22.10 56.39
N THR A 170 -37.66 21.86 56.65
CA THR A 170 -36.84 22.84 57.34
C THR A 170 -36.54 24.04 56.43
N ASP A 171 -36.30 25.19 57.05
CA ASP A 171 -35.95 26.40 56.31
C ASP A 171 -34.43 26.58 56.26
N ALA A 172 -33.79 26.68 57.42
CA ALA A 172 -32.34 26.83 57.49
C ALA A 172 -31.66 25.49 57.22
N PRO A 173 -30.40 25.51 56.76
CA PRO A 173 -29.67 24.26 56.58
C PRO A 173 -29.54 23.49 57.89
N ILE A 174 -29.64 22.18 57.79
CA ILE A 174 -29.64 21.29 58.95
C ILE A 174 -28.34 20.49 58.95
N THR A 175 -27.60 20.56 60.05
CA THR A 175 -26.35 19.82 60.20
C THR A 175 -26.31 18.98 61.47
N SER A 176 -27.42 18.87 62.20
CA SER A 176 -27.47 18.11 63.45
C SER A 176 -28.52 17.02 63.35
N LEU A 177 -28.24 15.88 63.98
CA LEU A 177 -29.18 14.76 63.94
C LEU A 177 -30.37 15.01 64.85
N HIS A 178 -30.19 15.81 65.90
CA HIS A 178 -31.28 16.07 66.84
C HIS A 178 -32.40 16.84 66.16
N GLU A 179 -32.09 18.03 65.63
CA GLU A 179 -33.10 18.83 64.93
C GLU A 179 -33.71 18.05 63.79
N ALA A 180 -32.92 17.20 63.13
CA ALA A 180 -33.48 16.30 62.13
C ALA A 180 -34.49 15.35 62.76
N HIS A 181 -34.24 14.92 63.99
CA HIS A 181 -35.18 14.03 64.68
C HIS A 181 -36.49 14.74 64.97
N GLU A 182 -36.44 15.98 65.47
CA GLU A 182 -37.70 16.71 65.67
C GLU A 182 -38.41 16.97 64.34
N PHE A 183 -37.67 17.31 63.28
CA PHE A 183 -38.33 17.53 61.99
C PHE A 183 -38.99 16.26 61.46
N SER A 184 -38.34 15.10 61.63
CA SER A 184 -38.97 13.84 61.23
C SER A 184 -40.19 13.54 62.09
N ASN A 185 -40.10 13.80 63.39
CA ASN A 185 -41.23 13.53 64.28
C ASN A 185 -42.43 14.41 63.96
N THR A 186 -42.19 15.67 63.60
CA THR A 186 -43.29 16.59 63.37
C THR A 186 -44.03 16.28 62.07
N TYR A 187 -43.31 16.23 60.96
CA TYR A 187 -43.95 16.12 59.65
C TYR A 187 -44.34 14.68 59.33
N GLY A 188 -43.36 13.80 59.20
CA GLY A 188 -43.65 12.43 58.82
C GLY A 188 -42.41 11.55 58.93
N PHE A 189 -42.65 10.25 58.95
CA PHE A 189 -41.60 9.26 59.12
C PHE A 189 -40.72 9.14 57.88
N PRO A 190 -41.27 8.92 56.68
CA PRO A 190 -40.39 8.82 55.50
C PRO A 190 -39.86 10.19 55.10
N ILE A 191 -38.54 10.35 55.17
CA ILE A 191 -37.90 11.61 54.85
C ILE A 191 -36.69 11.33 53.96
N ILE A 192 -36.27 12.37 53.24
CA ILE A 192 -35.09 12.32 52.37
C ILE A 192 -34.26 13.55 52.65
N PHE A 193 -32.94 13.37 52.69
CA PHE A 193 -32.00 14.47 52.88
C PHE A 193 -31.71 15.08 51.51
N LYS A 194 -31.85 16.40 51.40
CA LYS A 194 -31.44 17.12 50.19
C LYS A 194 -30.27 18.03 50.52
N ALA A 195 -29.25 18.00 49.69
CA ALA A 195 -28.00 18.72 49.95
C ALA A 195 -27.91 19.98 49.09
N ALA A 196 -26.95 20.83 49.46
CA ALA A 196 -26.63 22.04 48.73
C ALA A 196 -25.27 21.87 48.03
N TYR A 197 -24.77 22.95 47.43
CA TYR A 197 -23.51 22.93 46.70
C TYR A 197 -23.54 21.91 45.56
N GLY A 198 -24.41 22.18 44.59
CA GLY A 198 -24.54 21.31 43.44
C GLY A 198 -25.97 20.80 43.25
N GLY A 199 -26.49 20.97 42.04
CA GLY A 199 -27.84 20.53 41.73
C GLY A 199 -27.99 19.06 41.43
N GLY A 200 -26.89 18.33 41.27
CA GLY A 200 -26.95 16.92 40.96
C GLY A 200 -27.57 16.10 42.08
N GLY A 201 -27.77 14.82 41.78
CA GLY A 201 -28.40 13.94 42.77
C GLY A 201 -27.58 13.82 44.04
N ARG A 202 -26.29 13.56 43.91
CA ARG A 202 -25.37 13.43 45.05
C ARG A 202 -25.94 12.35 45.97
N GLY A 203 -26.04 12.58 47.28
CA GLY A 203 -26.54 11.57 48.21
C GLY A 203 -28.01 11.65 48.53
N MET A 204 -28.88 11.43 47.54
CA MET A 204 -30.32 11.44 47.79
C MET A 204 -30.78 10.03 48.20
N ARG A 205 -30.83 9.82 49.52
CA ARG A 205 -31.33 8.58 50.07
C ARG A 205 -32.48 8.86 51.02
N VAL A 206 -33.43 7.93 51.06
CA VAL A 206 -34.67 8.11 51.80
C VAL A 206 -34.62 7.22 53.05
N VAL A 207 -35.04 7.80 54.17
CA VAL A 207 -35.04 7.12 55.46
C VAL A 207 -36.46 6.67 55.76
N HIS A 208 -36.63 5.39 56.09
CA HIS A 208 -37.94 4.81 56.38
C HIS A 208 -38.06 4.28 57.80
N SER A 209 -36.97 4.21 58.55
CA SER A 209 -36.98 3.65 59.90
C SER A 209 -36.10 4.53 60.79
N TYR A 210 -35.80 4.02 61.98
CA TYR A 210 -34.97 4.74 62.94
C TYR A 210 -33.54 4.23 63.02
N GLU A 211 -33.34 2.90 63.01
CA GLU A 211 -32.00 2.36 63.16
C GLU A 211 -31.09 2.78 62.01
N GLU A 212 -31.60 2.73 60.78
CA GLU A 212 -30.81 3.17 59.64
C GLU A 212 -30.72 4.69 59.55
N LEU A 213 -31.59 5.41 60.26
CA LEU A 213 -31.62 6.86 60.14
C LEU A 213 -30.30 7.48 60.58
N GLU A 214 -29.78 7.08 61.75
CA GLU A 214 -28.57 7.69 62.26
C GLU A 214 -27.38 7.40 61.36
N GLU A 215 -27.23 6.16 60.93
CA GLU A 215 -26.09 5.80 60.09
C GLU A 215 -26.17 6.48 58.73
N ASN A 216 -27.38 6.57 58.15
CA ASN A 216 -27.54 7.25 56.88
C ASN A 216 -27.22 8.73 57.01
N TYR A 217 -27.69 9.36 58.10
CA TYR A 217 -27.39 10.78 58.31
C TYR A 217 -25.89 11.00 58.46
N THR A 218 -25.22 10.13 59.23
CA THR A 218 -23.78 10.28 59.44
C THR A 218 -23.02 10.10 58.13
N ARG A 219 -23.40 9.09 57.35
CA ARG A 219 -22.74 8.86 56.06
C ARG A 219 -22.95 10.05 55.12
N ALA A 220 -24.17 10.57 55.05
CA ALA A 220 -24.45 11.70 54.18
C ALA A 220 -23.69 12.94 54.62
N TYR A 221 -23.64 13.19 55.94
CA TYR A 221 -22.89 14.34 56.46
C TYR A 221 -21.41 14.20 56.15
N SER A 222 -20.85 13.00 56.33
CA SER A 222 -19.44 12.79 56.02
C SER A 222 -19.16 13.00 54.54
N GLU A 223 -20.04 12.49 53.67
CA GLU A 223 -19.86 12.69 52.24
C GLU A 223 -19.95 14.17 51.87
N ALA A 224 -20.88 14.89 52.49
CA ALA A 224 -21.02 16.32 52.20
C ALA A 224 -19.80 17.11 52.66
N LEU A 225 -19.26 16.79 53.84
CA LEU A 225 -18.13 17.55 54.34
C LEU A 225 -16.83 17.18 53.65
N ALA A 226 -16.69 15.94 53.21
CA ALA A 226 -15.43 15.47 52.62
C ALA A 226 -15.42 15.61 51.10
N ALA A 227 -16.36 14.94 50.43
CA ALA A 227 -16.37 14.95 48.97
C ALA A 227 -16.90 16.26 48.40
N PHE A 228 -17.59 17.07 49.20
CA PHE A 228 -18.18 18.32 48.75
C PHE A 228 -17.75 19.46 49.66
N GLY A 229 -18.39 20.61 49.51
CA GLY A 229 -18.07 21.78 50.29
C GLY A 229 -18.96 21.94 51.50
N ASN A 230 -19.91 22.89 51.44
CA ASN A 230 -20.83 23.10 52.54
C ASN A 230 -21.65 21.85 52.81
N GLY A 231 -21.74 21.47 54.08
CA GLY A 231 -22.53 20.32 54.47
C GLY A 231 -23.97 20.70 54.78
N ALA A 232 -24.54 21.56 53.97
CA ALA A 232 -25.91 22.03 54.17
C ALA A 232 -26.88 20.93 53.75
N LEU A 233 -27.71 20.49 54.68
CA LEU A 233 -28.70 19.46 54.42
C LEU A 233 -30.07 19.95 54.87
N PHE A 234 -31.11 19.43 54.20
CA PHE A 234 -32.49 19.76 54.52
C PHE A 234 -33.32 18.49 54.58
N VAL A 235 -34.26 18.47 55.51
CA VAL A 235 -35.15 17.34 55.75
C VAL A 235 -36.54 17.73 55.27
N GLU A 236 -37.13 16.89 54.41
CA GLU A 236 -38.42 17.19 53.81
C GLU A 236 -39.24 15.91 53.77
N LYS A 237 -40.36 15.96 53.04
CA LYS A 237 -41.27 14.84 52.86
C LYS A 237 -41.11 14.30 51.44
N PHE A 238 -40.67 13.05 51.33
CA PHE A 238 -40.55 12.43 50.02
C PHE A 238 -41.92 12.00 49.49
N ILE A 239 -42.28 12.51 48.31
CA ILE A 239 -43.56 12.17 47.70
C ILE A 239 -43.51 10.74 47.17
N GLU A 240 -44.51 9.94 47.51
CA GLU A 240 -44.49 8.53 47.15
C GLU A 240 -44.59 8.34 45.63
N LYS A 241 -45.41 9.14 44.97
CA LYS A 241 -45.63 9.02 43.51
C LYS A 241 -45.50 10.39 42.88
N PRO A 242 -44.28 10.89 42.73
CA PRO A 242 -44.09 12.26 42.23
C PRO A 242 -44.44 12.38 40.75
N ARG A 243 -44.80 13.60 40.37
CA ARG A 243 -45.01 13.95 38.96
C ARG A 243 -44.76 15.45 38.83
N HIS A 244 -43.71 15.83 38.11
CA HIS A 244 -43.30 17.21 37.98
C HIS A 244 -43.68 17.76 36.61
N ILE A 245 -44.16 19.01 36.61
CA ILE A 245 -44.59 19.69 35.39
C ILE A 245 -43.79 20.97 35.24
N GLU A 246 -43.23 21.17 34.05
CA GLU A 246 -42.44 22.35 33.73
C GLU A 246 -43.26 23.34 32.92
N VAL A 247 -42.93 24.61 33.04
CA VAL A 247 -43.56 25.67 32.24
C VAL A 247 -42.49 26.65 31.79
N GLN A 248 -42.54 27.02 30.51
CA GLN A 248 -41.63 28.02 29.96
C GLN A 248 -42.21 29.42 30.15
N ILE A 249 -41.33 30.38 30.40
CA ILE A 249 -41.70 31.77 30.62
C ILE A 249 -40.80 32.64 29.76
N LEU A 250 -41.40 33.55 28.98
CA LEU A 250 -40.68 34.47 28.13
C LEU A 250 -41.00 35.90 28.54
N GLY A 251 -39.96 36.71 28.76
CA GLY A 251 -40.16 38.07 29.20
C GLY A 251 -39.40 39.05 28.32
N ASP A 252 -39.85 40.30 28.38
CA ASP A 252 -39.15 41.41 27.75
C ASP A 252 -38.80 42.45 28.81
N GLN A 253 -38.11 43.50 28.38
CA GLN A 253 -37.73 44.59 29.26
C GLN A 253 -38.83 45.62 29.47
N TYR A 254 -39.98 45.46 28.78
CA TYR A 254 -41.13 46.33 28.96
C TYR A 254 -42.14 45.74 29.95
N GLY A 255 -41.72 44.76 30.73
CA GLY A 255 -42.60 44.15 31.71
C GLY A 255 -43.75 43.36 31.13
N ASN A 256 -43.50 42.59 30.07
CA ASN A 256 -44.49 41.70 29.48
C ASN A 256 -43.98 40.27 29.62
N ILE A 257 -44.82 39.40 30.17
CA ILE A 257 -44.44 38.01 30.44
C ILE A 257 -45.48 37.09 29.82
N LEU A 258 -45.02 36.10 29.06
CA LEU A 258 -45.87 35.18 28.35
C LEU A 258 -45.45 33.75 28.67
N HIS A 259 -46.40 32.91 29.05
CA HIS A 259 -46.16 31.49 29.25
C HIS A 259 -46.34 30.75 27.94
N LEU A 260 -45.43 29.82 27.66
CA LEU A 260 -45.55 29.05 26.41
C LEU A 260 -46.59 27.95 26.56
N TYR A 261 -46.27 26.94 27.39
CA TYR A 261 -47.12 25.77 27.64
C TYR A 261 -46.48 24.90 28.71
N GLU A 262 -47.12 23.79 29.06
CA GLU A 262 -46.61 22.91 30.10
C GLU A 262 -45.89 21.71 29.50
N ARG A 263 -45.15 21.01 30.37
CA ARG A 263 -44.31 19.89 29.96
C ARG A 263 -44.32 18.84 31.06
N ASP A 264 -44.28 17.58 30.65
CA ASP A 264 -44.19 16.46 31.58
C ASP A 264 -42.99 15.61 31.19
N CYS A 265 -42.14 15.31 32.17
CA CYS A 265 -40.94 14.50 31.94
C CYS A 265 -40.73 13.53 33.10
N SER A 266 -41.80 12.85 33.52
CA SER A 266 -41.75 11.99 34.70
C SER A 266 -40.82 10.79 34.52
N ILE A 267 -40.39 10.51 33.29
CA ILE A 267 -39.53 9.35 33.04
C ILE A 267 -38.13 9.68 33.52
N GLN A 268 -37.74 9.14 34.67
CA GLN A 268 -36.41 9.33 35.24
C GLN A 268 -35.87 7.98 35.67
N ARG A 269 -34.69 7.62 35.16
CA ARG A 269 -34.08 6.35 35.55
C ARG A 269 -33.70 6.40 37.03
N ARG A 270 -32.85 7.35 37.43
CA ARG A 270 -32.74 7.69 38.84
C ARG A 270 -33.30 9.08 39.12
N HIS A 271 -32.65 10.12 38.60
CA HIS A 271 -33.09 11.50 38.78
C HIS A 271 -32.92 12.31 37.50
N GLN A 272 -32.68 11.66 36.36
CA GLN A 272 -32.33 12.35 35.13
C GLN A 272 -33.39 12.13 34.07
N LYS A 273 -33.57 13.15 33.23
CA LYS A 273 -34.58 13.11 32.18
C LYS A 273 -34.19 12.10 31.12
N VAL A 274 -35.18 11.33 30.66
CA VAL A 274 -34.94 10.29 29.66
C VAL A 274 -35.78 10.54 28.42
N VAL A 275 -37.10 10.54 28.58
CA VAL A 275 -38.03 10.73 27.48
C VAL A 275 -39.00 11.85 27.86
N GLU A 276 -39.24 12.76 26.93
CA GLU A 276 -40.09 13.92 27.18
C GLU A 276 -41.36 13.84 26.35
N ILE A 277 -42.47 14.27 26.93
CA ILE A 277 -43.75 14.36 26.24
C ILE A 277 -44.19 15.81 26.25
N ALA A 278 -44.63 16.31 25.09
CA ALA A 278 -44.85 17.75 24.93
C ALA A 278 -46.00 18.27 25.79
N PRO A 279 -47.24 17.81 25.63
CA PRO A 279 -48.34 18.38 26.41
C PRO A 279 -48.51 17.67 27.75
N ALA A 280 -49.52 18.11 28.49
CA ALA A 280 -49.87 17.42 29.72
C ALA A 280 -50.45 16.05 29.40
N ALA A 281 -50.03 15.05 30.18
CA ALA A 281 -50.55 13.70 29.98
C ALA A 281 -52.05 13.65 30.22
N HIS A 282 -52.47 13.91 31.46
CA HIS A 282 -53.88 14.01 31.80
C HIS A 282 -54.00 15.02 32.95
N LEU A 283 -54.24 16.27 32.60
CA LEU A 283 -54.34 17.34 33.57
C LEU A 283 -55.71 18.01 33.48
N ASP A 284 -56.30 18.29 34.63
CA ASP A 284 -57.58 18.97 34.66
C ASP A 284 -57.40 20.42 34.20
N PRO A 285 -58.35 20.97 33.45
CA PRO A 285 -58.20 22.36 32.98
C PRO A 285 -58.02 23.36 34.11
N GLN A 286 -58.72 23.17 35.23
CA GLN A 286 -58.52 24.06 36.37
C GLN A 286 -57.10 23.94 36.89
N LEU A 287 -56.56 22.73 36.97
CA LEU A 287 -55.19 22.55 37.43
C LEU A 287 -54.21 23.25 36.50
N ARG A 288 -54.36 23.08 35.19
CA ARG A 288 -53.40 23.66 34.26
C ARG A 288 -53.47 25.18 34.27
N THR A 289 -54.68 25.74 34.35
CA THR A 289 -54.80 27.19 34.34
C THR A 289 -54.30 27.79 35.66
N ARG A 290 -54.54 27.11 36.79
CA ARG A 290 -54.01 27.58 38.06
C ARG A 290 -52.49 27.54 38.07
N LEU A 291 -51.92 26.46 37.54
CA LEU A 291 -50.47 26.36 37.47
C LEU A 291 -49.88 27.44 36.57
N THR A 292 -50.54 27.71 35.43
CA THR A 292 -50.11 28.78 34.54
C THR A 292 -50.15 30.13 35.26
N SER A 293 -51.24 30.39 35.97
CA SER A 293 -51.37 31.67 36.68
C SER A 293 -50.30 31.81 37.75
N ASP A 294 -50.03 30.74 38.50
CA ASP A 294 -49.00 30.79 39.52
C ASP A 294 -47.63 31.06 38.91
N SER A 295 -47.31 30.38 37.80
CA SER A 295 -46.03 30.60 37.16
C SER A 295 -45.89 32.04 36.66
N VAL A 296 -46.95 32.56 36.03
CA VAL A 296 -46.90 33.93 35.54
C VAL A 296 -46.75 34.92 36.69
N LYS A 297 -47.47 34.69 37.78
CA LYS A 297 -47.36 35.58 38.93
C LYS A 297 -45.97 35.55 39.54
N LEU A 298 -45.38 34.37 39.65
CA LEU A 298 -44.02 34.28 40.18
C LEU A 298 -43.03 34.99 39.27
N ALA A 299 -43.16 34.80 37.96
CA ALA A 299 -42.26 35.48 37.03
C ALA A 299 -42.41 36.99 37.12
N LYS A 300 -43.65 37.47 37.25
CA LYS A 300 -43.87 38.91 37.36
C LYS A 300 -43.32 39.47 38.66
N GLN A 301 -43.52 38.76 39.77
CA GLN A 301 -43.01 39.23 41.05
C GLN A 301 -41.49 39.29 41.04
N VAL A 302 -40.85 38.25 40.50
CA VAL A 302 -39.41 38.31 40.32
C VAL A 302 -39.04 39.24 39.17
N GLY A 303 -39.99 39.49 38.26
CA GLY A 303 -39.74 40.35 37.13
C GLY A 303 -38.77 39.76 36.12
N TYR A 304 -38.88 38.46 35.86
CA TYR A 304 -38.04 37.83 34.87
C TYR A 304 -38.35 38.38 33.48
N GLU A 305 -37.30 38.47 32.65
CA GLU A 305 -37.39 39.25 31.42
C GLU A 305 -36.74 38.50 30.25
N ASN A 306 -36.65 37.18 30.35
CA ASN A 306 -36.05 36.37 29.30
C ASN A 306 -36.69 34.99 29.31
N ALA A 307 -36.09 34.05 28.60
CA ALA A 307 -36.61 32.68 28.55
C ALA A 307 -36.11 31.88 29.74
N GLY A 308 -37.03 31.30 30.49
CA GLY A 308 -36.69 30.49 31.64
C GLY A 308 -37.72 29.39 31.85
N THR A 309 -37.41 28.52 32.80
CA THR A 309 -38.26 27.37 33.09
C THR A 309 -38.63 27.36 34.56
N VAL A 310 -39.90 27.04 34.83
CA VAL A 310 -40.44 26.94 36.18
C VAL A 310 -40.82 25.49 36.41
N GLU A 311 -40.30 24.90 37.48
CA GLU A 311 -40.52 23.50 37.82
C GLU A 311 -41.38 23.37 39.07
N PHE A 312 -42.33 22.44 39.01
CA PHE A 312 -43.28 22.19 40.10
C PHE A 312 -43.29 20.69 40.37
N LEU A 313 -44.28 20.26 41.15
CA LEU A 313 -44.46 18.84 41.48
C LEU A 313 -45.91 18.55 41.78
N VAL A 314 -46.44 17.44 41.27
CA VAL A 314 -47.85 17.09 41.41
C VAL A 314 -47.97 15.75 42.10
N ASP A 315 -48.79 15.69 43.14
CA ASP A 315 -49.09 14.46 43.86
C ASP A 315 -50.30 13.77 43.23
N ARG A 316 -50.53 12.54 43.66
CA ARG A 316 -51.72 11.80 43.22
C ARG A 316 -53.00 12.52 43.63
N HIS A 317 -53.04 13.01 44.87
CA HIS A 317 -54.17 13.83 45.28
C HIS A 317 -54.13 15.20 44.61
N GLY A 318 -52.93 15.69 44.30
CA GLY A 318 -52.76 16.93 43.56
C GLY A 318 -52.40 18.11 44.46
N LYS A 319 -51.11 18.42 44.53
CA LYS A 319 -50.62 19.56 45.30
C LYS A 319 -49.41 20.11 44.57
N HIS A 320 -49.56 21.27 43.94
CA HIS A 320 -48.46 21.91 43.22
C HIS A 320 -47.48 22.46 44.24
N TYR A 321 -46.32 21.82 44.36
CA TYR A 321 -45.30 22.20 45.32
C TYR A 321 -44.07 22.71 44.57
N PHE A 322 -43.63 23.91 44.92
CA PHE A 322 -42.56 24.56 44.18
C PHE A 322 -41.23 23.84 44.40
N ILE A 323 -40.44 23.73 43.34
CA ILE A 323 -39.13 23.11 43.38
C ILE A 323 -38.01 24.13 43.13
N GLU A 324 -38.00 24.73 41.95
CA GLU A 324 -37.00 25.73 41.60
C GLU A 324 -37.41 26.38 40.29
N VAL A 325 -36.67 27.40 39.88
CA VAL A 325 -36.89 28.10 38.63
C VAL A 325 -35.59 28.09 37.84
N ASN A 326 -35.63 27.58 36.62
CA ASN A 326 -34.46 27.55 35.76
C ASN A 326 -34.33 28.86 35.00
N SER A 327 -33.18 29.51 35.12
CA SER A 327 -32.93 30.80 34.50
C SER A 327 -32.38 30.69 33.09
N ARG A 328 -32.10 29.48 32.62
CA ARG A 328 -31.55 29.27 31.28
C ARG A 328 -32.58 28.55 30.43
N LEU A 329 -32.25 28.38 29.14
CA LEU A 329 -33.11 27.63 28.24
C LEU A 329 -32.86 26.14 28.39
N GLN A 330 -33.92 25.38 28.61
CA GLN A 330 -33.79 23.94 28.82
C GLN A 330 -33.57 23.23 27.48
N VAL A 331 -32.95 22.05 27.57
CA VAL A 331 -32.72 21.25 26.37
C VAL A 331 -34.02 20.67 25.83
N GLU A 332 -35.04 20.52 26.68
CA GLU A 332 -36.33 19.96 26.28
C GLU A 332 -37.30 21.02 25.78
N HIS A 333 -36.78 22.13 25.26
CA HIS A 333 -37.63 23.19 24.72
C HIS A 333 -38.24 22.83 23.37
N THR A 334 -37.68 21.83 22.68
CA THR A 334 -38.09 21.56 21.31
C THR A 334 -39.52 21.06 21.22
N VAL A 335 -40.00 20.36 22.26
CA VAL A 335 -41.38 19.87 22.23
C VAL A 335 -42.36 21.05 22.17
N THR A 336 -42.21 22.02 23.07
CA THR A 336 -43.06 23.20 23.03
C THR A 336 -42.83 24.00 21.76
N GLU A 337 -41.57 24.11 21.34
CA GLU A 337 -41.25 24.79 20.09
C GLU A 337 -41.99 24.19 18.89
N GLU A 338 -42.20 22.87 18.89
CA GLU A 338 -42.93 22.20 17.83
C GLU A 338 -44.44 22.29 17.98
N ILE A 339 -44.96 22.26 19.21
CA ILE A 339 -46.41 22.30 19.39
C ILE A 339 -46.97 23.65 18.94
N THR A 340 -46.38 24.75 19.40
CA THR A 340 -46.93 26.07 19.11
C THR A 340 -46.36 26.70 17.85
N ASP A 341 -45.40 26.03 17.20
CA ASP A 341 -44.81 26.53 15.95
C ASP A 341 -44.20 27.92 16.15
N VAL A 342 -43.55 28.13 17.29
CA VAL A 342 -42.93 29.40 17.63
C VAL A 342 -41.44 29.14 17.85
N ASP A 343 -40.60 29.89 17.15
CA ASP A 343 -39.15 29.74 17.29
C ASP A 343 -38.66 30.55 18.48
N LEU A 344 -38.17 29.86 19.50
CA LEU A 344 -37.77 30.55 20.73
C LEU A 344 -36.44 31.28 20.59
N VAL A 345 -35.53 30.77 19.75
CA VAL A 345 -34.25 31.45 19.58
C VAL A 345 -34.43 32.78 18.87
N HIS A 346 -35.31 32.83 17.88
CA HIS A 346 -35.64 34.10 17.24
C HIS A 346 -36.25 35.07 18.23
N ALA A 347 -37.15 34.57 19.08
CA ALA A 347 -37.77 35.42 20.09
C ALA A 347 -36.72 35.97 21.04
N GLN A 348 -35.78 35.12 21.48
CA GLN A 348 -34.74 35.57 22.40
C GLN A 348 -33.85 36.62 21.74
N ILE A 349 -33.47 36.39 20.49
CA ILE A 349 -32.62 37.34 19.80
C ILE A 349 -33.33 38.68 19.63
N HIS A 350 -34.60 38.65 19.22
CA HIS A 350 -35.32 39.88 18.96
C HIS A 350 -35.62 40.63 20.26
N VAL A 351 -35.85 39.91 21.36
CA VAL A 351 -36.07 40.59 22.63
C VAL A 351 -34.77 41.15 23.18
N ALA A 352 -33.64 40.49 22.93
CA ALA A 352 -32.36 41.08 23.29
C ALA A 352 -32.05 42.30 22.42
N GLU A 353 -32.62 42.34 21.22
CA GLU A 353 -32.57 43.54 20.40
C GLU A 353 -33.22 44.73 21.09
N GLY A 354 -34.40 44.52 21.66
CA GLY A 354 -35.12 45.61 22.28
C GLY A 354 -36.57 45.68 21.83
N ARG A 355 -36.90 44.97 20.77
CA ARG A 355 -38.27 44.97 20.27
C ARG A 355 -39.20 44.31 21.28
N SER A 356 -40.35 44.94 21.51
CA SER A 356 -41.29 44.43 22.49
C SER A 356 -42.09 43.26 21.91
N LEU A 357 -42.73 42.51 22.81
CA LEU A 357 -43.52 41.36 22.38
C LEU A 357 -44.64 41.71 21.40
N PRO A 358 -45.43 42.77 21.61
CA PRO A 358 -46.46 43.10 20.60
C PRO A 358 -45.88 43.36 19.22
N ASP A 359 -44.68 43.92 19.15
CA ASP A 359 -44.05 44.14 17.85
C ASP A 359 -43.81 42.82 17.13
N LEU A 360 -43.36 41.81 17.86
CA LEU A 360 -43.19 40.48 17.26
C LEU A 360 -44.51 39.82 16.92
N GLY A 361 -45.61 40.32 17.47
CA GLY A 361 -46.92 39.72 17.20
C GLY A 361 -47.13 38.43 17.95
N LEU A 362 -46.56 38.32 19.14
CA LEU A 362 -46.71 37.14 19.99
C LEU A 362 -47.66 37.49 21.13
N ARG A 363 -48.83 36.87 21.14
CA ARG A 363 -49.84 37.11 22.15
C ARG A 363 -50.29 35.79 22.76
N GLN A 364 -50.66 35.85 24.04
CA GLN A 364 -51.13 34.66 24.74
C GLN A 364 -52.37 34.06 24.11
N GLU A 365 -53.20 34.88 23.49
CA GLU A 365 -54.40 34.42 22.80
C GLU A 365 -54.12 34.06 21.34
N ASN A 366 -52.92 34.32 20.85
CA ASN A 366 -52.58 34.03 19.46
C ASN A 366 -51.94 32.66 19.27
N ILE A 367 -51.69 31.92 20.35
CA ILE A 367 -51.09 30.60 20.26
C ILE A 367 -52.14 29.55 20.60
N ARG A 368 -51.94 28.34 20.09
CA ARG A 368 -52.92 27.28 20.25
C ARG A 368 -52.22 25.93 20.24
N ILE A 369 -52.93 24.91 20.71
CA ILE A 369 -52.44 23.53 20.71
C ILE A 369 -52.59 22.92 19.33
N ASN A 370 -51.53 22.25 18.86
CA ASN A 370 -51.56 21.58 17.57
C ASN A 370 -50.70 20.32 17.66
N GLY A 371 -51.35 19.18 17.88
CA GLY A 371 -50.68 17.91 17.89
C GLY A 371 -49.92 17.64 19.18
N CYS A 372 -49.12 16.57 19.12
CA CYS A 372 -48.31 16.13 20.26
C CYS A 372 -46.93 15.74 19.76
N ALA A 373 -45.96 15.75 20.68
CA ALA A 373 -44.58 15.47 20.34
C ALA A 373 -43.91 14.66 21.44
N ILE A 374 -42.98 13.82 21.03
CA ILE A 374 -42.19 12.99 21.94
C ILE A 374 -40.72 13.23 21.65
N GLN A 375 -39.95 13.45 22.71
CA GLN A 375 -38.54 13.81 22.64
C GLN A 375 -37.68 12.71 23.24
N CYS A 376 -36.62 12.33 22.53
CA CYS A 376 -35.71 11.29 22.98
C CYS A 376 -34.27 11.65 22.65
N ARG A 377 -33.36 11.06 23.41
CA ARG A 377 -31.94 11.42 23.38
C ARG A 377 -31.12 10.14 23.14
N VAL A 378 -30.17 10.20 22.20
CA VAL A 378 -29.33 9.06 21.88
C VAL A 378 -28.02 9.18 22.65
N THR A 379 -27.75 8.23 23.52
CA THR A 379 -26.59 8.23 24.39
C THR A 379 -25.72 7.01 24.10
N THR A 380 -24.54 7.00 24.70
CA THR A 380 -23.57 5.91 24.54
C THR A 380 -23.35 5.23 25.89
N GLU A 381 -24.43 4.93 26.59
CA GLU A 381 -24.36 4.19 27.84
C GLU A 381 -24.76 2.74 27.60
N ASP A 382 -24.04 1.82 28.23
CA ASP A 382 -24.39 0.41 28.15
C ASP A 382 -25.72 0.23 28.88
N PRO A 383 -26.78 -0.21 28.20
CA PRO A 383 -28.08 -0.32 28.86
C PRO A 383 -28.25 -1.55 29.75
N ALA A 384 -27.17 -2.25 30.05
CA ALA A 384 -27.25 -3.46 30.87
C ALA A 384 -26.56 -3.29 32.23
N ARG A 385 -25.27 -2.95 32.23
CA ARG A 385 -24.50 -2.98 33.46
C ARG A 385 -24.98 -1.97 34.51
N SER A 386 -24.78 -0.67 34.24
CA SER A 386 -25.24 0.36 35.16
C SER A 386 -25.67 1.64 34.43
N PHE A 387 -26.03 1.55 33.15
CA PHE A 387 -26.04 2.70 32.26
C PHE A 387 -24.69 3.42 32.29
N GLN A 388 -23.63 2.63 32.28
CA GLN A 388 -22.27 3.16 32.26
C GLN A 388 -21.93 3.67 30.87
N PRO A 389 -21.51 4.93 30.74
CA PRO A 389 -21.19 5.46 29.41
C PRO A 389 -20.05 4.70 28.74
N ASP A 390 -20.17 4.54 27.43
CA ASP A 390 -19.21 3.78 26.63
C ASP A 390 -18.43 4.74 25.74
N THR A 391 -17.26 4.29 25.30
CA THR A 391 -16.41 5.06 24.39
C THR A 391 -16.00 4.18 23.23
N GLY A 392 -15.77 4.81 22.08
CA GLY A 392 -15.34 4.04 20.91
C GLY A 392 -15.36 4.89 19.65
N ARG A 393 -15.24 4.21 18.51
CA ARG A 393 -15.22 4.83 17.20
C ARG A 393 -16.41 4.36 16.39
N ILE A 394 -17.15 5.29 15.81
CA ILE A 394 -18.32 4.97 15.01
C ILE A 394 -17.88 4.49 13.64
N GLU A 395 -18.34 3.30 13.25
CA GLU A 395 -17.99 2.72 11.96
C GLU A 395 -19.08 2.84 10.91
N VAL A 396 -20.33 2.59 11.27
CA VAL A 396 -21.44 2.68 10.34
C VAL A 396 -22.50 3.60 10.94
N PHE A 397 -22.91 4.62 10.17
CA PHE A 397 -23.91 5.54 10.66
C PHE A 397 -24.91 5.85 9.56
N ARG A 398 -26.19 5.60 9.85
CA ARG A 398 -27.29 6.03 9.01
C ARG A 398 -28.37 6.64 9.89
N SER A 399 -29.16 7.52 9.30
CA SER A 399 -30.17 8.28 10.03
C SER A 399 -31.54 8.07 9.40
N GLY A 400 -32.57 8.29 10.21
CA GLY A 400 -33.93 8.11 9.75
C GLY A 400 -34.73 9.40 9.73
N GLU A 401 -35.14 9.82 8.55
CA GLU A 401 -35.96 11.01 8.37
C GLU A 401 -37.38 10.57 8.03
N GLY A 402 -38.35 11.12 8.76
CA GLY A 402 -39.72 10.67 8.65
C GLY A 402 -40.68 11.83 8.41
N MET A 403 -41.93 11.61 8.81
CA MET A 403 -42.97 12.59 8.54
C MET A 403 -42.95 13.71 9.56
N GLY A 404 -43.21 13.37 10.82
CA GLY A 404 -43.11 14.33 11.90
C GLY A 404 -41.83 14.13 12.68
N ILE A 405 -40.78 13.71 11.97
CA ILE A 405 -39.51 13.34 12.57
C ILE A 405 -38.52 14.47 12.29
N ARG A 406 -37.93 14.99 13.36
CA ARG A 406 -36.91 16.03 13.28
C ARG A 406 -35.68 15.57 14.06
N LEU A 407 -34.51 15.82 13.49
CA LEU A 407 -33.25 15.26 13.95
C LEU A 407 -32.27 16.39 14.23
N ASP A 408 -31.52 16.28 15.33
CA ASP A 408 -30.45 17.21 15.67
C ASP A 408 -29.20 16.38 15.91
N ASN A 409 -28.27 16.42 14.95
CA ASN A 409 -27.04 15.65 15.04
C ASN A 409 -25.95 16.48 15.72
N ALA A 410 -25.47 16.03 16.87
CA ALA A 410 -24.42 16.74 17.58
C ALA A 410 -23.06 16.46 16.98
N SER A 411 -22.61 15.20 17.05
CA SER A 411 -21.31 14.82 16.53
C SER A 411 -21.38 13.46 15.81
N ALA A 412 -22.52 13.15 15.22
CA ALA A 412 -22.73 11.85 14.57
C ALA A 412 -22.42 12.00 13.09
N PHE A 413 -21.40 11.27 12.63
CA PHE A 413 -21.04 11.24 11.21
C PHE A 413 -20.11 10.06 10.99
N GLN A 414 -19.79 9.83 9.72
CA GLN A 414 -18.94 8.70 9.36
C GLN A 414 -17.53 8.87 9.94
N GLY A 415 -17.04 7.82 10.58
CA GLY A 415 -15.69 7.85 11.13
C GLY A 415 -15.49 8.86 12.25
N ALA A 416 -16.43 8.91 13.19
CA ALA A 416 -16.35 9.83 14.32
C ALA A 416 -15.84 9.09 15.56
N VAL A 417 -15.12 9.82 16.40
CA VAL A 417 -14.59 9.30 17.65
C VAL A 417 -15.18 10.12 18.79
N ILE A 418 -15.77 9.44 19.76
CA ILE A 418 -16.41 10.09 20.89
C ILE A 418 -15.42 10.16 22.05
N SER A 419 -15.38 11.31 22.73
CA SER A 419 -14.48 11.48 23.85
C SER A 419 -15.22 11.29 25.17
N PRO A 420 -14.57 10.69 26.17
CA PRO A 420 -15.19 10.54 27.49
C PRO A 420 -15.09 11.77 28.37
N HIS A 421 -14.45 12.84 27.92
CA HIS A 421 -14.31 14.06 28.71
C HIS A 421 -15.61 14.83 28.85
N TYR A 422 -16.51 14.70 27.89
CA TYR A 422 -17.76 15.45 27.84
C TYR A 422 -18.93 14.48 27.92
N ASP A 423 -20.14 14.99 27.71
CA ASP A 423 -21.32 14.15 27.70
C ASP A 423 -21.31 13.25 26.46
N SER A 424 -22.25 12.32 26.42
CA SER A 424 -22.28 11.25 25.42
C SER A 424 -23.51 11.34 24.52
N LEU A 425 -23.85 12.54 24.06
CA LEU A 425 -25.01 12.76 23.21
C LEU A 425 -24.65 12.62 21.74
N LEU A 426 -25.37 11.75 21.05
CA LEU A 426 -25.23 11.61 19.60
C LEU A 426 -26.27 12.42 18.84
N VAL A 427 -27.55 12.11 19.05
CA VAL A 427 -28.64 12.69 18.27
C VAL A 427 -29.81 13.00 19.20
N LYS A 428 -30.40 14.17 19.01
CA LYS A 428 -31.62 14.57 19.70
C LYS A 428 -32.77 14.42 18.71
N VAL A 429 -33.74 13.55 19.02
CA VAL A 429 -34.80 13.21 18.09
C VAL A 429 -36.14 13.67 18.65
N ILE A 430 -36.96 14.29 17.80
CA ILE A 430 -38.30 14.72 18.16
C ILE A 430 -39.28 14.18 17.13
N ALA A 431 -40.38 13.60 17.61
CA ALA A 431 -41.40 13.03 16.75
C ALA A 431 -42.72 13.74 17.01
N HIS A 432 -43.35 14.23 15.95
CA HIS A 432 -44.59 14.98 16.08
C HIS A 432 -45.70 14.27 15.32
N GLY A 433 -46.86 14.16 15.95
CA GLY A 433 -47.99 13.50 15.34
C GLY A 433 -49.29 14.03 15.92
N LYS A 434 -50.40 13.57 15.32
CA LYS A 434 -51.71 14.03 15.74
C LYS A 434 -52.16 13.42 17.07
N ASP A 435 -51.58 12.30 17.48
CA ASP A 435 -51.99 11.65 18.71
C ASP A 435 -50.78 11.01 19.37
N HIS A 436 -50.88 10.82 20.68
CA HIS A 436 -49.77 10.24 21.43
C HIS A 436 -49.39 8.85 20.93
N PRO A 437 -50.32 7.90 20.73
CA PRO A 437 -49.91 6.62 20.12
C PRO A 437 -49.31 6.79 18.73
N THR A 438 -49.83 7.74 17.94
CA THR A 438 -49.29 7.95 16.60
C THR A 438 -47.85 8.43 16.66
N ALA A 439 -47.56 9.41 17.51
CA ALA A 439 -46.19 9.88 17.67
C ALA A 439 -45.29 8.78 18.21
N ALA A 440 -45.82 7.97 19.14
CA ALA A 440 -45.03 6.86 19.67
C ALA A 440 -44.66 5.87 18.56
N THR A 441 -45.62 5.52 17.71
CA THR A 441 -45.34 4.57 16.64
C THR A 441 -44.36 5.15 15.63
N LYS A 442 -44.52 6.43 15.29
CA LYS A 442 -43.59 7.07 14.36
C LYS A 442 -42.18 7.09 14.92
N MET A 443 -42.04 7.42 16.21
CA MET A 443 -40.71 7.41 16.81
C MET A 443 -40.14 6.00 16.88
N SER A 444 -40.98 5.01 17.12
CA SER A 444 -40.51 3.63 17.10
C SER A 444 -39.94 3.27 15.74
N ARG A 445 -40.66 3.65 14.68
CA ARG A 445 -40.15 3.40 13.33
C ARG A 445 -38.85 4.14 13.09
N ALA A 446 -38.76 5.39 13.55
CA ALA A 446 -37.56 6.19 13.33
C ALA A 446 -36.35 5.58 14.01
N LEU A 447 -36.49 5.16 15.27
CA LEU A 447 -35.39 4.52 15.96
C LEU A 447 -35.03 3.19 15.31
N ALA A 448 -36.04 2.43 14.86
CA ALA A 448 -35.74 1.22 14.13
C ALA A 448 -34.98 1.52 12.84
N GLU A 449 -35.16 2.72 12.28
CA GLU A 449 -34.43 3.09 11.09
C GLU A 449 -32.99 3.48 11.40
N PHE A 450 -32.72 4.02 12.59
CA PHE A 450 -31.36 4.40 12.95
C PHE A 450 -30.43 3.20 12.93
N ARG A 451 -29.19 3.43 12.51
CA ARG A 451 -28.21 2.37 12.34
C ARG A 451 -26.85 2.91 12.78
N VAL A 452 -26.41 2.52 13.96
CA VAL A 452 -25.10 2.90 14.50
C VAL A 452 -24.33 1.62 14.81
N ARG A 453 -23.19 1.45 14.17
CA ARG A 453 -22.37 0.26 14.32
C ARG A 453 -20.95 0.65 14.66
N GLY A 454 -20.39 -0.01 15.67
CA GLY A 454 -19.05 0.29 16.14
C GLY A 454 -18.99 0.58 17.62
N VAL A 455 -20.00 1.27 18.14
CA VAL A 455 -20.06 1.64 19.56
C VAL A 455 -21.44 1.28 20.08
N LYS A 456 -21.47 0.67 21.27
CA LYS A 456 -22.74 0.25 21.85
C LYS A 456 -23.55 1.46 22.30
N THR A 457 -24.85 1.39 22.08
CA THR A 457 -25.79 2.44 22.47
C THR A 457 -27.05 1.76 23.01
N ASN A 458 -28.13 2.52 23.14
CA ASN A 458 -29.32 2.08 23.86
C ASN A 458 -30.61 2.33 23.09
N ILE A 459 -30.64 1.96 21.80
CA ILE A 459 -31.91 2.05 21.08
C ILE A 459 -32.89 1.00 21.59
N ALA A 460 -32.40 -0.19 21.94
CA ALA A 460 -33.28 -1.27 22.36
C ALA A 460 -34.04 -0.93 23.63
N PHE A 461 -33.37 -0.28 24.57
CA PHE A 461 -34.06 0.13 25.80
C PHE A 461 -35.20 1.09 25.50
N LEU A 462 -34.96 2.07 24.62
CA LEU A 462 -36.01 3.01 24.27
C LEU A 462 -37.15 2.32 23.54
N GLN A 463 -36.83 1.38 22.65
CA GLN A 463 -37.87 0.64 21.95
C GLN A 463 -38.72 -0.17 22.93
N ASN A 464 -38.08 -0.79 23.92
CA ASN A 464 -38.83 -1.54 24.92
C ASN A 464 -39.69 -0.61 25.77
N VAL A 465 -39.17 0.57 26.10
CA VAL A 465 -39.96 1.54 26.86
C VAL A 465 -41.19 1.94 26.08
N LEU A 466 -41.02 2.24 24.79
CA LEU A 466 -42.11 2.71 23.96
C LEU A 466 -43.12 1.61 23.67
N ASN A 467 -42.67 0.36 23.59
CA ASN A 467 -43.57 -0.76 23.33
C ASN A 467 -44.47 -1.09 24.52
N ASN A 468 -44.20 -0.52 25.68
CA ASN A 468 -45.00 -0.80 26.87
C ASN A 468 -46.42 -0.31 26.69
N GLN A 469 -47.38 -1.12 27.15
CA GLN A 469 -48.78 -0.73 27.08
C GLN A 469 -49.11 0.32 28.14
N GLN A 470 -48.47 0.25 29.30
CA GLN A 470 -48.73 1.23 30.34
C GLN A 470 -48.26 2.63 29.91
N PHE A 471 -47.06 2.70 29.31
CA PHE A 471 -46.58 3.97 28.80
C PHE A 471 -47.46 4.48 27.67
N LEU A 472 -47.90 3.58 26.78
CA LEU A 472 -48.78 3.95 25.69
C LEU A 472 -50.15 4.40 26.19
N ALA A 473 -50.55 3.96 27.38
CA ALA A 473 -51.84 4.39 27.94
C ALA A 473 -51.86 5.89 28.16
N GLY A 474 -50.77 6.45 28.66
CA GLY A 474 -50.68 7.88 28.85
C GLY A 474 -50.23 8.29 30.25
N THR A 475 -50.48 7.43 31.22
CA THR A 475 -50.16 7.72 32.62
C THR A 475 -48.78 7.16 32.96
N VAL A 476 -47.98 7.96 33.66
CA VAL A 476 -46.64 7.57 34.07
C VAL A 476 -46.26 8.37 35.31
N ASP A 477 -45.56 7.71 36.23
CA ASP A 477 -45.06 8.33 37.46
C ASP A 477 -43.54 8.22 37.51
N THR A 478 -42.97 8.76 38.58
CA THR A 478 -41.52 8.72 38.74
C THR A 478 -41.02 7.30 38.97
N GLN A 479 -41.77 6.51 39.73
CA GLN A 479 -41.38 5.14 40.05
C GLN A 479 -41.72 4.14 38.96
N PHE A 480 -42.08 4.63 37.77
CA PHE A 480 -42.46 3.72 36.68
C PHE A 480 -41.31 2.79 36.31
N ILE A 481 -40.09 3.32 36.25
CA ILE A 481 -38.94 2.49 35.96
C ILE A 481 -38.62 1.58 37.14
N ASP A 482 -38.91 2.02 38.36
CA ASP A 482 -38.44 1.29 39.54
C ASP A 482 -39.21 0.00 39.76
N GLU A 483 -40.51 -0.01 39.47
CA GLU A 483 -41.37 -1.15 39.75
C GLU A 483 -41.45 -2.13 38.60
N ASN A 484 -40.69 -1.92 37.53
CA ASN A 484 -40.73 -2.77 36.34
C ASN A 484 -39.32 -3.27 36.04
N PRO A 485 -38.87 -4.32 36.74
CA PRO A 485 -37.53 -4.88 36.48
C PRO A 485 -37.51 -5.83 35.30
N GLU A 486 -38.15 -5.41 34.20
CA GLU A 486 -38.15 -6.16 32.96
C GLU A 486 -37.58 -5.39 31.79
N LEU A 487 -37.53 -4.05 31.87
CA LEU A 487 -37.00 -3.25 30.77
C LEU A 487 -35.51 -3.52 30.57
N PHE A 488 -34.77 -3.67 31.67
CA PHE A 488 -33.31 -3.80 31.58
C PHE A 488 -32.91 -5.12 30.94
N GLN A 489 -33.84 -6.07 30.86
CA GLN A 489 -33.47 -7.44 30.51
C GLN A 489 -33.66 -7.72 29.03
N LEU A 490 -34.84 -7.43 28.50
CA LEU A 490 -35.20 -7.86 27.14
C LEU A 490 -34.46 -7.02 26.12
N ARG A 491 -33.43 -7.61 25.48
CA ARG A 491 -32.67 -6.92 24.44
C ARG A 491 -32.30 -7.89 23.34
N PRO A 492 -32.82 -7.71 22.13
CA PRO A 492 -32.29 -8.45 20.97
C PRO A 492 -31.25 -7.64 20.21
N ALA A 493 -30.35 -8.36 19.53
CA ALA A 493 -29.38 -7.79 18.61
C ALA A 493 -28.70 -8.95 17.88
N GLN A 494 -28.57 -8.83 16.56
CA GLN A 494 -27.96 -9.93 15.84
C GLN A 494 -26.68 -9.57 15.09
N ASN A 495 -26.77 -8.68 14.08
CA ASN A 495 -25.64 -8.18 13.31
C ASN A 495 -24.94 -9.27 12.48
N ARG A 496 -24.71 -9.04 11.19
CA ARG A 496 -23.93 -10.01 10.42
C ARG A 496 -22.81 -9.40 9.58
N ALA A 497 -23.05 -8.24 8.98
CA ALA A 497 -22.12 -7.74 7.95
C ALA A 497 -20.75 -7.40 8.54
N GLN A 498 -20.73 -6.73 9.69
CA GLN A 498 -19.46 -6.35 10.30
C GLN A 498 -18.61 -7.58 10.59
N LYS A 499 -19.25 -8.67 11.00
CA LYS A 499 -18.52 -9.90 11.30
C LYS A 499 -17.88 -10.47 10.04
N LEU A 500 -18.62 -10.48 8.93
CA LEU A 500 -18.08 -10.98 7.67
C LEU A 500 -16.90 -10.13 7.22
N LEU A 501 -17.03 -8.81 7.32
CA LEU A 501 -15.93 -7.94 6.93
C LEU A 501 -14.71 -8.15 7.82
N HIS A 502 -14.94 -8.34 9.13
CA HIS A 502 -13.85 -8.63 10.03
C HIS A 502 -13.11 -9.90 9.62
N TYR A 503 -13.87 -10.95 9.31
CA TYR A 503 -13.23 -12.20 8.92
C TYR A 503 -12.43 -12.03 7.63
N LEU A 504 -13.00 -11.32 6.65
CA LEU A 504 -12.29 -11.14 5.39
C LEU A 504 -11.03 -10.32 5.57
N GLY A 505 -11.08 -9.28 6.40
CA GLY A 505 -9.87 -8.52 6.69
C GLY A 505 -8.83 -9.36 7.39
N HIS A 506 -9.25 -10.21 8.32
CA HIS A 506 -8.32 -11.10 8.99
C HIS A 506 -7.65 -12.04 7.99
N VAL A 507 -8.42 -12.58 7.07
CA VAL A 507 -7.86 -13.46 6.04
C VAL A 507 -6.87 -12.69 5.17
N MET A 508 -7.23 -11.47 4.78
CA MET A 508 -6.34 -10.67 3.93
C MET A 508 -5.02 -10.39 4.62
N VAL A 509 -5.05 -10.04 5.90
CA VAL A 509 -3.83 -9.63 6.59
C VAL A 509 -3.03 -10.84 7.05
N ASN A 510 -3.61 -11.67 7.90
CA ASN A 510 -2.88 -12.74 8.56
C ASN A 510 -2.82 -14.03 7.73
N GLY A 511 -3.47 -14.06 6.57
CA GLY A 511 -3.49 -15.25 5.75
C GLY A 511 -4.58 -16.21 6.18
N PRO A 512 -4.63 -17.38 5.55
CA PRO A 512 -5.70 -18.35 5.86
C PRO A 512 -5.55 -18.91 7.26
N THR A 513 -6.70 -19.20 7.89
CA THR A 513 -6.68 -19.73 9.25
C THR A 513 -6.43 -21.23 9.27
N THR A 514 -7.11 -21.98 8.40
CA THR A 514 -7.00 -23.43 8.40
C THR A 514 -5.61 -23.87 7.93
N PRO A 515 -5.11 -24.99 8.45
CA PRO A 515 -3.80 -25.49 8.00
C PRO A 515 -3.83 -25.87 6.52
N ILE A 516 -2.69 -25.69 5.87
CA ILE A 516 -2.52 -25.98 4.45
C ILE A 516 -1.28 -26.84 4.29
N PRO A 517 -1.43 -28.10 3.87
CA PRO A 517 -0.24 -28.97 3.73
C PRO A 517 0.69 -28.55 2.63
N VAL A 518 0.16 -28.35 1.42
CA VAL A 518 0.97 -28.03 0.25
C VAL A 518 0.61 -26.64 -0.25
N LYS A 519 1.62 -25.84 -0.54
CA LYS A 519 1.42 -24.45 -0.95
C LYS A 519 0.98 -24.43 -2.41
N ALA A 520 -0.31 -24.19 -2.62
CA ALA A 520 -0.86 -24.06 -3.97
C ALA A 520 -2.11 -23.19 -3.89
N SER A 521 -2.52 -22.66 -5.03
CA SER A 521 -3.66 -21.77 -5.03
C SER A 521 -4.82 -22.36 -5.81
N PRO A 522 -6.05 -22.05 -5.41
CA PRO A 522 -7.21 -22.53 -6.19
C PRO A 522 -7.19 -21.99 -7.60
N SER A 523 -7.63 -22.83 -8.53
CA SER A 523 -7.62 -22.44 -9.94
C SER A 523 -8.62 -21.30 -10.17
N PRO A 524 -8.30 -20.35 -11.05
CA PRO A 524 -9.21 -19.23 -11.35
C PRO A 524 -10.24 -19.57 -12.41
N THR A 525 -10.89 -20.72 -12.27
CA THR A 525 -11.94 -21.17 -13.17
C THR A 525 -13.15 -21.56 -12.33
N ASP A 526 -14.30 -20.98 -12.64
CA ASP A 526 -15.52 -21.28 -11.89
C ASP A 526 -16.14 -22.56 -12.42
N PRO A 527 -16.63 -23.45 -11.54
CA PRO A 527 -17.31 -24.66 -12.01
C PRO A 527 -18.55 -24.34 -12.83
N VAL A 528 -18.85 -25.22 -13.78
CA VAL A 528 -19.98 -25.05 -14.67
C VAL A 528 -21.15 -25.87 -14.14
N VAL A 529 -22.29 -25.21 -13.96
CA VAL A 529 -23.50 -25.83 -13.44
C VAL A 529 -24.43 -26.14 -14.60
N PRO A 530 -24.79 -27.39 -14.85
CA PRO A 530 -25.72 -27.69 -15.94
C PRO A 530 -27.13 -27.20 -15.64
N ALA A 531 -27.87 -26.96 -16.71
CA ALA A 531 -29.25 -26.49 -16.58
C ALA A 531 -30.15 -27.61 -16.10
N VAL A 532 -31.22 -27.23 -15.40
CA VAL A 532 -32.14 -28.20 -14.82
C VAL A 532 -33.57 -27.89 -15.27
N PRO A 533 -34.45 -28.89 -15.36
CA PRO A 533 -35.85 -28.61 -15.69
C PRO A 533 -36.54 -27.83 -14.58
N ILE A 534 -37.56 -27.06 -14.97
CA ILE A 534 -38.27 -26.23 -14.01
C ILE A 534 -39.36 -27.02 -13.31
N GLY A 535 -39.82 -28.11 -13.91
CA GLY A 535 -40.89 -28.90 -13.34
C GLY A 535 -40.46 -29.66 -12.10
N PRO A 536 -41.42 -30.14 -11.32
CA PRO A 536 -41.09 -30.91 -10.13
C PRO A 536 -40.38 -32.20 -10.52
N PRO A 537 -39.48 -32.68 -9.68
CA PRO A 537 -38.70 -33.87 -10.02
C PRO A 537 -39.57 -35.11 -10.04
N PRO A 538 -39.20 -36.12 -10.82
CA PRO A 538 -40.00 -37.36 -10.87
C PRO A 538 -39.84 -38.17 -9.61
N ALA A 539 -40.77 -39.11 -9.43
CA ALA A 539 -40.80 -39.94 -8.23
C ALA A 539 -39.64 -40.93 -8.23
N GLY A 540 -39.26 -41.36 -7.03
CA GLY A 540 -38.20 -42.32 -6.86
C GLY A 540 -38.53 -43.41 -5.86
N PHE A 541 -37.51 -43.98 -5.24
CA PHE A 541 -37.72 -45.07 -4.28
C PHE A 541 -38.21 -44.57 -2.93
N ARG A 542 -38.01 -43.27 -2.63
CA ARG A 542 -38.40 -42.76 -1.32
C ARG A 542 -39.90 -42.84 -1.12
N ASP A 543 -40.68 -42.62 -2.19
CA ASP A 543 -42.13 -42.74 -2.07
C ASP A 543 -42.53 -44.17 -1.71
N ILE A 544 -41.90 -45.15 -2.35
CA ILE A 544 -42.20 -46.55 -2.04
C ILE A 544 -41.81 -46.86 -0.60
N LEU A 545 -40.66 -46.35 -0.15
CA LEU A 545 -40.26 -46.56 1.23
C LEU A 545 -41.28 -45.94 2.20
N LEU A 546 -41.76 -44.74 1.89
CA LEU A 546 -42.73 -44.10 2.76
C LEU A 546 -44.05 -44.86 2.81
N ARG A 547 -44.50 -45.37 1.67
CA ARG A 547 -45.80 -46.04 1.64
C ARG A 547 -45.72 -47.45 2.21
N GLU A 548 -44.95 -48.32 1.56
CA GLU A 548 -44.96 -49.73 1.93
C GLU A 548 -44.19 -49.99 3.22
N GLY A 549 -43.08 -49.30 3.42
CA GLY A 549 -42.26 -49.51 4.59
C GLY A 549 -40.99 -50.27 4.26
N PRO A 550 -40.18 -50.56 5.30
CA PRO A 550 -38.91 -51.24 5.05
C PRO A 550 -39.05 -52.59 4.36
N GLU A 551 -40.07 -53.37 4.72
CA GLU A 551 -40.22 -54.70 4.13
C GLU A 551 -40.55 -54.60 2.65
N GLY A 552 -41.49 -53.72 2.30
CA GLY A 552 -41.80 -53.52 0.89
C GLY A 552 -40.63 -52.96 0.11
N PHE A 553 -39.86 -52.07 0.74
CA PHE A 553 -38.67 -51.53 0.09
C PHE A 553 -37.65 -52.62 -0.20
N ALA A 554 -37.41 -53.51 0.78
CA ALA A 554 -36.48 -54.61 0.56
C ALA A 554 -36.98 -55.57 -0.52
N ARG A 555 -38.29 -55.85 -0.51
CA ARG A 555 -38.85 -56.73 -1.53
C ARG A 555 -38.71 -56.12 -2.92
N ALA A 556 -38.96 -54.81 -3.03
CA ALA A 556 -38.80 -54.15 -4.32
C ALA A 556 -37.36 -54.17 -4.78
N VAL A 557 -36.42 -53.97 -3.85
CA VAL A 557 -35.00 -54.02 -4.20
C VAL A 557 -34.64 -55.42 -4.70
N ARG A 558 -35.08 -56.45 -4.00
CA ARG A 558 -34.75 -57.82 -4.40
C ARG A 558 -35.37 -58.17 -5.75
N ASN A 559 -36.61 -57.74 -5.98
CA ASN A 559 -37.35 -58.13 -7.17
C ASN A 559 -36.95 -57.35 -8.41
N HIS A 560 -36.13 -56.32 -8.28
CA HIS A 560 -35.75 -55.51 -9.43
C HIS A 560 -34.89 -56.35 -10.38
N PRO A 561 -35.24 -56.42 -11.67
CA PRO A 561 -34.51 -57.26 -12.62
C PRO A 561 -33.30 -56.57 -13.24
N GLY A 562 -32.43 -56.03 -12.40
CA GLY A 562 -31.25 -55.37 -12.90
C GLY A 562 -30.37 -54.92 -11.75
N LEU A 563 -29.14 -54.56 -12.10
CA LEU A 563 -28.18 -54.08 -11.11
C LEU A 563 -28.56 -52.69 -10.65
N LEU A 564 -28.37 -52.42 -9.36
CA LEU A 564 -28.69 -51.13 -8.77
C LEU A 564 -27.41 -50.43 -8.34
N LEU A 565 -27.39 -49.11 -8.49
CA LEU A 565 -26.21 -48.30 -8.24
C LEU A 565 -26.46 -47.31 -7.12
N MET A 566 -25.42 -47.02 -6.36
CA MET A 566 -25.47 -46.01 -5.32
C MET A 566 -24.29 -45.06 -5.47
N ASP A 567 -24.58 -43.77 -5.54
CA ASP A 567 -23.54 -42.76 -5.67
C ASP A 567 -22.98 -42.42 -4.30
N THR A 568 -21.67 -42.60 -4.14
CA THR A 568 -20.98 -42.26 -2.90
C THR A 568 -20.09 -41.03 -3.07
N THR A 569 -20.42 -40.18 -4.03
CA THR A 569 -19.59 -39.00 -4.29
C THR A 569 -19.57 -38.06 -3.11
N PHE A 570 -20.70 -37.87 -2.44
CA PHE A 570 -20.82 -36.85 -1.42
C PHE A 570 -20.02 -37.15 -0.16
N ARG A 571 -19.78 -38.41 0.17
CA ARG A 571 -19.12 -38.75 1.43
C ARG A 571 -17.76 -39.40 1.23
N ASP A 572 -17.67 -40.52 0.52
CA ASP A 572 -16.44 -41.29 0.49
C ASP A 572 -15.47 -40.80 -0.57
N ALA A 573 -15.97 -40.24 -1.68
CA ALA A 573 -15.10 -39.84 -2.77
C ALA A 573 -14.11 -38.78 -2.32
N HIS A 574 -14.60 -37.70 -1.72
CA HIS A 574 -13.71 -36.64 -1.26
C HIS A 574 -13.04 -36.98 0.06
N GLN A 575 -13.57 -37.94 0.81
CA GLN A 575 -12.84 -38.40 1.99
C GLN A 575 -11.59 -39.17 1.60
N SER A 576 -11.65 -39.91 0.49
CA SER A 576 -10.52 -40.70 0.06
C SER A 576 -9.54 -39.87 -0.79
N LEU A 577 -10.06 -39.14 -1.77
CA LEU A 577 -9.18 -38.37 -2.65
C LEU A 577 -8.64 -37.13 -1.96
N LEU A 578 -9.53 -36.25 -1.52
CA LEU A 578 -9.12 -35.06 -0.80
C LEU A 578 -9.00 -35.38 0.68
N ALA A 579 -8.93 -34.35 1.50
CA ALA A 579 -8.85 -34.49 2.96
C ALA A 579 -10.22 -34.31 3.60
N THR A 580 -11.26 -34.81 2.95
CA THR A 580 -12.66 -34.59 3.29
C THR A 580 -12.91 -33.14 3.72
N ARG A 581 -12.47 -32.23 2.85
CA ARG A 581 -12.59 -30.79 3.09
C ARG A 581 -13.67 -30.15 2.23
N VAL A 582 -14.52 -30.94 1.57
CA VAL A 582 -15.54 -30.39 0.70
C VAL A 582 -16.60 -29.70 1.54
N ARG A 583 -16.95 -28.47 1.15
CA ARG A 583 -17.90 -27.66 1.89
C ARG A 583 -19.33 -27.87 1.35
N THR A 584 -20.29 -27.35 2.11
CA THR A 584 -21.70 -27.50 1.75
C THR A 584 -22.08 -26.64 0.56
N HIS A 585 -21.42 -25.50 0.39
CA HIS A 585 -21.78 -24.57 -0.68
C HIS A 585 -21.66 -25.21 -2.05
N ASP A 586 -20.64 -26.04 -2.24
CA ASP A 586 -20.48 -26.71 -3.53
C ASP A 586 -21.55 -27.76 -3.77
N LEU A 587 -21.92 -28.51 -2.73
CA LEU A 587 -22.95 -29.54 -2.89
C LEU A 587 -24.31 -28.92 -3.18
N LYS A 588 -24.59 -27.77 -2.56
CA LYS A 588 -25.85 -27.08 -2.81
C LYS A 588 -26.04 -26.70 -4.27
N LYS A 589 -24.95 -26.36 -4.97
CA LYS A 589 -25.05 -25.97 -6.37
C LYS A 589 -25.54 -27.13 -7.23
N ILE A 590 -25.08 -28.35 -6.94
CA ILE A 590 -25.34 -29.48 -7.81
C ILE A 590 -26.49 -30.35 -7.34
N ALA A 591 -27.03 -30.12 -6.14
CA ALA A 591 -28.14 -30.94 -5.66
C ALA A 591 -29.31 -31.02 -6.63
N PRO A 592 -29.84 -29.92 -7.19
CA PRO A 592 -31.03 -30.05 -8.05
C PRO A 592 -30.83 -30.92 -9.27
N TYR A 593 -29.63 -30.90 -9.87
CA TYR A 593 -29.39 -31.75 -11.03
C TYR A 593 -29.53 -33.22 -10.67
N VAL A 594 -28.97 -33.61 -9.53
CA VAL A 594 -29.12 -34.99 -9.07
C VAL A 594 -30.57 -35.29 -8.76
N ALA A 595 -31.29 -34.32 -8.19
CA ALA A 595 -32.71 -34.54 -7.88
C ALA A 595 -33.51 -34.83 -9.14
N HIS A 596 -33.31 -34.04 -10.20
CA HIS A 596 -34.10 -34.23 -11.41
C HIS A 596 -33.67 -35.44 -12.21
N ASN A 597 -32.36 -35.66 -12.36
CA ASN A 597 -31.88 -36.65 -13.32
C ASN A 597 -31.73 -38.03 -12.70
N PHE A 598 -30.89 -38.16 -11.68
CA PHE A 598 -30.60 -39.45 -11.07
C PHE A 598 -31.75 -39.84 -10.14
N SER A 599 -32.87 -40.21 -10.75
CA SER A 599 -34.03 -40.68 -10.02
C SER A 599 -34.05 -42.19 -9.84
N LYS A 600 -33.34 -42.94 -10.70
CA LYS A 600 -33.28 -44.39 -10.60
C LYS A 600 -32.23 -44.86 -9.60
N LEU A 601 -31.51 -43.93 -8.97
CA LEU A 601 -30.47 -44.30 -8.03
C LEU A 601 -31.06 -45.04 -6.83
N PHE A 602 -30.31 -46.02 -6.32
CA PHE A 602 -30.80 -46.79 -5.17
C PHE A 602 -30.90 -45.91 -3.93
N SER A 603 -29.82 -45.19 -3.62
CA SER A 603 -29.78 -44.34 -2.44
C SER A 603 -28.63 -43.34 -2.58
N MET A 604 -28.42 -42.57 -1.52
CA MET A 604 -27.36 -41.57 -1.52
C MET A 604 -26.67 -41.59 -0.17
N GLU A 605 -25.36 -41.35 -0.17
CA GLU A 605 -24.58 -41.26 1.06
C GLU A 605 -24.19 -39.81 1.25
N ASN A 606 -24.58 -39.22 2.39
CA ASN A 606 -24.23 -37.85 2.70
C ASN A 606 -23.40 -37.71 3.97
N TRP A 607 -23.81 -38.35 5.06
CA TRP A 607 -23.04 -38.28 6.29
C TRP A 607 -22.08 -39.45 6.43
N GLY A 608 -21.25 -39.33 7.47
CA GLY A 608 -20.22 -40.29 7.83
C GLY A 608 -19.44 -39.69 8.96
N GLY A 609 -18.82 -40.51 9.80
CA GLY A 609 -18.14 -40.01 10.97
C GLY A 609 -17.07 -38.99 10.65
N ALA A 610 -16.29 -39.28 9.62
CA ALA A 610 -15.22 -38.39 9.21
C ALA A 610 -15.75 -37.02 8.83
N THR A 611 -16.84 -36.99 8.07
CA THR A 611 -17.42 -35.72 7.64
C THR A 611 -17.90 -34.90 8.82
N PHE A 612 -18.60 -35.55 9.75
CA PHE A 612 -19.08 -34.90 10.96
C PHE A 612 -17.90 -34.27 11.71
N ASP A 613 -16.87 -35.08 11.96
CA ASP A 613 -15.74 -34.61 12.73
C ASP A 613 -15.04 -33.44 12.05
N VAL A 614 -14.78 -33.55 10.75
CA VAL A 614 -14.01 -32.52 10.06
C VAL A 614 -14.83 -31.23 9.95
N ALA A 615 -16.13 -31.36 9.68
CA ALA A 615 -16.98 -30.18 9.58
C ALA A 615 -17.06 -29.47 10.91
N MET A 616 -16.99 -30.24 12.01
CA MET A 616 -16.90 -29.60 13.31
C MET A 616 -15.56 -28.90 13.52
N ARG A 617 -14.46 -29.58 13.16
CA ARG A 617 -13.14 -29.14 13.63
C ARG A 617 -12.55 -28.06 12.72
N PHE A 618 -12.27 -28.39 11.46
CA PHE A 618 -11.57 -27.48 10.58
C PHE A 618 -12.52 -26.48 9.93
N LEU A 619 -13.46 -26.99 9.14
CA LEU A 619 -14.54 -26.13 8.68
C LEU A 619 -15.40 -25.72 9.88
N TYR A 620 -16.23 -24.70 9.67
CA TYR A 620 -17.09 -24.19 10.74
C TYR A 620 -18.54 -24.21 10.23
N GLU A 621 -19.17 -25.36 10.39
CA GLU A 621 -20.55 -25.54 9.98
C GLU A 621 -21.23 -26.51 10.94
N CYS A 622 -22.56 -26.46 10.98
CA CYS A 622 -23.34 -27.42 11.71
C CYS A 622 -23.77 -28.52 10.75
N PRO A 623 -23.35 -29.76 10.95
CA PRO A 623 -23.76 -30.84 10.02
C PRO A 623 -25.26 -31.01 9.95
N TRP A 624 -25.97 -30.76 11.04
CA TRP A 624 -27.43 -30.85 11.02
C TRP A 624 -28.02 -29.84 10.04
N ARG A 625 -27.43 -28.64 9.97
CA ARG A 625 -27.88 -27.68 8.98
C ARG A 625 -27.63 -28.18 7.57
N ARG A 626 -26.49 -28.84 7.33
CA ARG A 626 -26.24 -29.41 6.02
C ARG A 626 -27.30 -30.44 5.67
N LEU A 627 -27.63 -31.34 6.60
CA LEU A 627 -28.64 -32.35 6.32
C LEU A 627 -30.00 -31.71 6.08
N GLN A 628 -30.36 -30.71 6.88
CA GLN A 628 -31.66 -30.06 6.72
C GLN A 628 -31.76 -29.38 5.36
N GLU A 629 -30.71 -28.67 4.96
CA GLU A 629 -30.73 -28.01 3.66
C GLU A 629 -30.79 -29.02 2.52
N LEU A 630 -30.06 -30.13 2.65
CA LEU A 630 -30.05 -31.12 1.58
C LEU A 630 -31.38 -31.83 1.46
N ARG A 631 -32.05 -32.09 2.59
CA ARG A 631 -33.27 -32.89 2.56
C ARG A 631 -34.35 -32.23 1.73
N GLU A 632 -34.55 -30.91 1.90
CA GLU A 632 -35.56 -30.21 1.14
C GLU A 632 -35.22 -30.11 -0.34
N LEU A 633 -33.96 -30.29 -0.71
CA LEU A 633 -33.57 -30.25 -2.11
C LEU A 633 -33.67 -31.62 -2.79
N ILE A 634 -33.63 -32.69 -2.01
CA ILE A 634 -33.65 -34.05 -2.57
C ILE A 634 -34.82 -34.81 -1.95
N PRO A 635 -36.07 -34.51 -2.29
CA PRO A 635 -37.20 -35.32 -1.82
C PRO A 635 -37.51 -36.50 -2.74
N ASN A 636 -36.48 -37.17 -3.21
CA ASN A 636 -36.67 -38.30 -4.11
C ASN A 636 -35.88 -39.54 -3.70
N ILE A 637 -34.68 -39.36 -3.19
CA ILE A 637 -33.70 -40.43 -3.03
C ILE A 637 -33.46 -40.67 -1.55
N PRO A 638 -33.55 -41.90 -1.07
CA PRO A 638 -33.22 -42.16 0.34
C PRO A 638 -31.75 -41.89 0.63
N PHE A 639 -31.49 -41.41 1.84
CA PHE A 639 -30.12 -41.15 2.27
C PHE A 639 -29.57 -42.33 3.05
N GLN A 640 -28.25 -42.46 3.07
CA GLN A 640 -27.59 -43.57 3.73
C GLN A 640 -26.49 -43.07 4.65
N MET A 641 -26.47 -43.59 5.87
CA MET A 641 -25.60 -43.13 6.94
C MET A 641 -24.62 -44.22 7.34
N LEU A 642 -23.33 -43.92 7.27
CA LEU A 642 -22.31 -44.82 7.79
C LEU A 642 -22.27 -44.68 9.30
N LEU A 643 -22.62 -45.75 10.00
CA LEU A 643 -22.70 -45.74 11.46
C LEU A 643 -21.87 -46.87 12.03
N ARG A 644 -20.95 -46.55 12.93
CA ARG A 644 -20.19 -47.55 13.64
C ARG A 644 -21.07 -48.19 14.72
N GLY A 645 -20.62 -49.33 15.24
CA GLY A 645 -21.45 -50.13 16.11
C GLY A 645 -21.86 -49.47 17.41
N ALA A 646 -20.90 -49.24 18.30
CA ALA A 646 -21.21 -48.65 19.60
C ALA A 646 -21.03 -47.13 19.55
N ASN A 647 -19.82 -46.68 19.25
CA ASN A 647 -19.58 -45.26 19.05
C ASN A 647 -20.29 -44.79 17.78
N ALA A 648 -21.01 -43.67 17.88
CA ALA A 648 -21.83 -43.22 16.76
C ALA A 648 -20.96 -42.66 15.64
N VAL A 649 -20.25 -41.57 15.92
CA VAL A 649 -19.32 -40.98 14.96
C VAL A 649 -17.96 -40.67 15.57
N GLY A 650 -17.77 -40.94 16.86
CA GLY A 650 -16.50 -40.71 17.50
C GLY A 650 -15.60 -41.93 17.42
N TYR A 651 -14.61 -41.97 18.32
CA TYR A 651 -13.68 -43.07 18.40
C TYR A 651 -13.73 -43.80 19.73
N THR A 652 -14.66 -43.44 20.62
CA THR A 652 -14.81 -44.08 21.92
C THR A 652 -16.26 -44.40 22.16
N ASN A 653 -16.50 -45.50 22.87
CA ASN A 653 -17.84 -45.99 23.09
C ASN A 653 -18.62 -45.04 24.01
N TYR A 654 -19.94 -45.09 23.89
CA TYR A 654 -20.84 -44.20 24.59
C TYR A 654 -21.98 -44.99 25.24
N PRO A 655 -22.62 -44.42 26.26
CA PRO A 655 -23.79 -45.08 26.84
C PRO A 655 -24.90 -45.22 25.81
N ASP A 656 -25.76 -46.23 26.02
CA ASP A 656 -26.75 -46.59 25.01
C ASP A 656 -27.77 -45.48 24.81
N ASN A 657 -28.10 -44.74 25.86
CA ASN A 657 -29.17 -43.74 25.77
C ASN A 657 -28.83 -42.67 24.74
N VAL A 658 -27.60 -42.17 24.76
CA VAL A 658 -27.23 -41.14 23.79
C VAL A 658 -27.24 -41.70 22.38
N VAL A 659 -26.88 -42.97 22.21
CA VAL A 659 -26.92 -43.58 20.88
C VAL A 659 -28.35 -43.65 20.38
N PHE A 660 -29.27 -44.08 21.25
CA PHE A 660 -30.68 -44.14 20.86
C PHE A 660 -31.21 -42.76 20.51
N LYS A 661 -30.88 -41.75 21.32
CA LYS A 661 -31.35 -40.40 21.03
C LYS A 661 -30.77 -39.88 19.72
N PHE A 662 -29.50 -40.15 19.47
CA PHE A 662 -28.89 -39.72 18.21
C PHE A 662 -29.57 -40.37 17.02
N CYS A 663 -29.84 -41.68 17.11
CA CYS A 663 -30.52 -42.36 16.01
C CYS A 663 -31.91 -41.79 15.79
N GLU A 664 -32.64 -41.54 16.88
CA GLU A 664 -34.00 -41.02 16.75
C GLU A 664 -33.99 -39.62 16.14
N VAL A 665 -33.07 -38.77 16.57
CA VAL A 665 -32.99 -37.41 16.04
C VAL A 665 -32.62 -37.45 14.57
N ALA A 666 -31.66 -38.30 14.20
CA ALA A 666 -31.28 -38.42 12.80
C ALA A 666 -32.47 -38.86 11.96
N LYS A 667 -33.21 -39.86 12.43
CA LYS A 667 -34.37 -40.33 11.67
C LYS A 667 -35.42 -39.24 11.56
N GLU A 668 -35.65 -38.48 12.64
CA GLU A 668 -36.64 -37.42 12.61
C GLU A 668 -36.27 -36.33 11.62
N ASN A 669 -34.98 -35.99 11.55
CA ASN A 669 -34.53 -34.91 10.68
C ASN A 669 -34.77 -35.20 9.21
N GLY A 670 -35.05 -36.45 8.84
CA GLY A 670 -35.30 -36.84 7.47
C GLY A 670 -34.41 -37.96 6.97
N MET A 671 -33.74 -38.69 7.85
CA MET A 671 -32.78 -39.69 7.39
C MET A 671 -33.48 -41.02 7.18
N ASP A 672 -32.95 -41.82 6.24
CA ASP A 672 -33.68 -42.99 5.76
C ASP A 672 -32.99 -44.32 6.09
N VAL A 673 -31.73 -44.51 5.72
CA VAL A 673 -31.06 -45.81 5.75
C VAL A 673 -29.83 -45.71 6.64
N PHE A 674 -29.64 -46.71 7.49
CA PHE A 674 -28.47 -46.80 8.35
C PHE A 674 -27.66 -48.03 7.99
N ARG A 675 -26.42 -47.81 7.53
CA ARG A 675 -25.45 -48.87 7.30
C ARG A 675 -24.62 -49.00 8.57
N VAL A 676 -24.87 -50.07 9.33
CA VAL A 676 -24.30 -50.25 10.66
C VAL A 676 -23.18 -51.28 10.56
N PHE A 677 -22.00 -50.91 11.07
CA PHE A 677 -20.85 -51.80 11.05
C PHE A 677 -20.05 -51.60 12.33
N ASP A 678 -18.97 -52.37 12.45
CA ASP A 678 -18.11 -52.33 13.61
C ASP A 678 -16.65 -52.51 13.20
N SER A 679 -15.74 -51.96 14.02
CA SER A 679 -14.32 -52.01 13.69
C SER A 679 -13.81 -53.44 13.69
N LEU A 680 -14.06 -54.18 14.76
CA LEU A 680 -13.80 -55.61 14.82
C LEU A 680 -15.13 -56.33 14.99
N ASN A 681 -15.24 -57.49 14.35
CA ASN A 681 -16.53 -58.16 14.19
C ASN A 681 -16.99 -58.70 15.54
N TYR A 682 -17.37 -57.77 16.40
CA TYR A 682 -17.82 -58.05 17.76
C TYR A 682 -19.34 -58.04 17.77
N LEU A 683 -19.94 -59.19 18.09
CA LEU A 683 -21.39 -59.36 17.92
C LEU A 683 -22.22 -58.39 18.75
N PRO A 684 -21.99 -58.23 20.06
CA PRO A 684 -22.89 -57.35 20.83
C PRO A 684 -22.95 -55.93 20.33
N ASN A 685 -21.84 -55.40 19.81
CA ASN A 685 -21.83 -54.02 19.34
C ASN A 685 -22.80 -53.84 18.17
N MET A 686 -22.70 -54.68 17.15
CA MET A 686 -23.62 -54.56 16.03
C MET A 686 -25.04 -54.91 16.45
N LEU A 687 -25.20 -55.85 17.39
CA LEU A 687 -26.54 -56.14 17.89
C LEU A 687 -27.18 -54.88 18.47
N LEU A 688 -26.42 -54.14 19.28
CA LEU A 688 -26.91 -52.88 19.81
C LEU A 688 -27.18 -51.87 18.70
N GLY A 689 -26.28 -51.80 17.71
CA GLY A 689 -26.46 -50.83 16.65
C GLY A 689 -27.72 -51.06 15.84
N MET A 690 -27.96 -52.31 15.41
CA MET A 690 -29.19 -52.58 14.67
C MET A 690 -30.41 -52.50 15.58
N GLU A 691 -30.27 -52.81 16.86
CA GLU A 691 -31.39 -52.62 17.77
C GLU A 691 -31.79 -51.15 17.84
N ALA A 692 -30.80 -50.25 17.95
CA ALA A 692 -31.08 -48.83 17.96
C ALA A 692 -31.68 -48.38 16.64
N ALA A 693 -31.15 -48.87 15.53
CA ALA A 693 -31.68 -48.48 14.22
C ALA A 693 -33.13 -48.93 14.06
N GLY A 694 -33.44 -50.15 14.46
CA GLY A 694 -34.82 -50.61 14.39
C GLY A 694 -35.75 -49.86 15.31
N SER A 695 -35.26 -49.53 16.51
CA SER A 695 -36.04 -48.69 17.41
C SER A 695 -36.31 -47.34 16.79
N ALA A 696 -35.36 -46.78 16.05
CA ALA A 696 -35.59 -45.54 15.33
C ALA A 696 -36.68 -45.72 14.26
N GLY A 697 -36.65 -46.85 13.55
CA GLY A 697 -37.66 -47.12 12.55
C GLY A 697 -37.20 -46.84 11.14
N GLY A 698 -35.97 -47.23 10.81
CA GLY A 698 -35.42 -46.99 9.50
C GLY A 698 -34.88 -48.26 8.87
N VAL A 699 -34.44 -48.12 7.62
CA VAL A 699 -33.85 -49.24 6.90
C VAL A 699 -32.52 -49.61 7.54
N VAL A 700 -32.29 -50.90 7.73
CA VAL A 700 -31.11 -51.41 8.42
C VAL A 700 -30.27 -52.21 7.45
N GLU A 701 -28.99 -51.87 7.35
CA GLU A 701 -28.03 -52.57 6.50
C GLU A 701 -26.84 -52.96 7.35
N ALA A 702 -26.80 -54.21 7.80
CA ALA A 702 -25.68 -54.68 8.58
C ALA A 702 -24.50 -54.99 7.68
N ALA A 703 -23.31 -54.56 8.09
CA ALA A 703 -22.13 -54.66 7.25
C ALA A 703 -21.08 -55.56 7.89
N ILE A 704 -20.35 -56.29 7.05
CA ILE A 704 -19.29 -57.19 7.47
C ILE A 704 -17.99 -56.69 6.85
N SER A 705 -16.99 -56.47 7.70
CA SER A 705 -15.66 -56.11 7.22
C SER A 705 -15.01 -57.31 6.56
N TYR A 706 -14.28 -57.09 5.49
CA TYR A 706 -13.59 -58.15 4.76
C TYR A 706 -12.10 -57.89 4.78
N THR A 707 -11.32 -58.96 4.95
CA THR A 707 -9.86 -58.87 4.91
C THR A 707 -9.30 -60.20 4.49
N GLY A 708 -8.04 -60.19 4.06
CA GLY A 708 -7.39 -61.39 3.62
C GLY A 708 -7.91 -61.87 2.28
N ASP A 709 -7.52 -63.09 1.92
CA ASP A 709 -7.94 -63.71 0.67
C ASP A 709 -8.52 -65.08 0.98
N VAL A 710 -9.84 -65.22 0.81
CA VAL A 710 -10.48 -66.51 1.03
C VAL A 710 -10.03 -67.51 -0.04
N ALA A 711 -9.73 -67.03 -1.25
CA ALA A 711 -9.35 -67.93 -2.33
C ALA A 711 -8.02 -68.62 -2.04
N ASP A 712 -7.14 -67.99 -1.28
CA ASP A 712 -5.85 -68.58 -0.98
C ASP A 712 -5.97 -69.56 0.19
N PRO A 713 -5.72 -70.84 -0.01
CA PRO A 713 -5.81 -71.79 1.11
C PRO A 713 -4.73 -71.60 2.15
N SER A 714 -3.63 -70.90 1.83
CA SER A 714 -2.56 -70.70 2.79
C SER A 714 -3.04 -69.88 3.98
N ARG A 715 -3.85 -68.86 3.74
CA ARG A 715 -4.37 -68.01 4.79
C ARG A 715 -5.56 -68.71 5.44
N THR A 716 -5.47 -68.96 6.75
CA THR A 716 -6.51 -69.64 7.49
C THR A 716 -7.07 -68.83 8.64
N LYS A 717 -6.52 -67.64 8.91
CA LYS A 717 -7.04 -66.82 10.00
C LYS A 717 -8.48 -66.41 9.74
N TYR A 718 -8.80 -66.03 8.51
CA TYR A 718 -10.15 -65.67 8.10
C TYR A 718 -10.53 -66.53 6.91
N SER A 719 -11.46 -67.46 7.11
CA SER A 719 -11.88 -68.39 6.07
C SER A 719 -13.35 -68.13 5.71
N LEU A 720 -13.81 -68.86 4.69
CA LEU A 720 -15.17 -68.65 4.19
C LEU A 720 -16.21 -68.99 5.25
N GLN A 721 -16.02 -70.10 5.97
CA GLN A 721 -17.00 -70.51 6.97
C GLN A 721 -17.12 -69.50 8.10
N TYR A 722 -16.05 -68.78 8.43
CA TYR A 722 -16.11 -67.76 9.46
C TYR A 722 -17.06 -66.64 9.05
N TYR A 723 -16.90 -66.12 7.83
CA TYR A 723 -17.81 -65.10 7.32
C TYR A 723 -19.23 -65.64 7.21
N MET A 724 -19.37 -66.90 6.79
CA MET A 724 -20.70 -67.47 6.65
C MET A 724 -21.41 -67.57 8.01
N GLY A 725 -20.68 -67.98 9.04
CA GLY A 725 -21.26 -68.02 10.37
C GLY A 725 -21.65 -66.63 10.87
N LEU A 726 -20.79 -65.64 10.60
CA LEU A 726 -21.15 -64.26 10.97
C LEU A 726 -22.43 -63.83 10.26
N ALA A 727 -22.53 -64.13 8.97
CA ALA A 727 -23.72 -63.74 8.22
C ALA A 727 -24.96 -64.44 8.73
N GLU A 728 -24.83 -65.73 9.08
CA GLU A 728 -25.96 -66.47 9.63
C GLU A 728 -26.42 -65.85 10.95
N GLU A 729 -25.46 -65.49 11.81
CA GLU A 729 -25.84 -64.84 13.06
C GLU A 729 -26.54 -63.52 12.80
N LEU A 730 -26.01 -62.72 11.87
CA LEU A 730 -26.61 -61.41 11.60
C LEU A 730 -28.03 -61.55 11.05
N VAL A 731 -28.23 -62.48 10.10
CA VAL A 731 -29.56 -62.63 9.51
C VAL A 731 -30.53 -63.21 10.53
N ARG A 732 -30.05 -64.10 11.42
CA ARG A 732 -30.91 -64.61 12.47
C ARG A 732 -31.33 -63.51 13.42
N ALA A 733 -30.40 -62.59 13.72
CA ALA A 733 -30.76 -61.43 14.53
C ALA A 733 -31.82 -60.58 13.83
N GLY A 734 -31.76 -60.49 12.51
CA GLY A 734 -32.76 -59.76 11.76
C GLY A 734 -32.27 -58.44 11.21
N THR A 735 -31.95 -58.41 9.92
CA THR A 735 -31.51 -57.20 9.24
C THR A 735 -32.13 -57.14 7.86
N HIS A 736 -32.38 -55.94 7.37
CA HIS A 736 -33.04 -55.79 6.08
C HIS A 736 -32.07 -56.03 4.92
N ILE A 737 -30.84 -55.53 5.02
CA ILE A 737 -29.85 -55.67 3.96
C ILE A 737 -28.53 -56.12 4.56
N LEU A 738 -27.82 -57.00 3.85
CA LEU A 738 -26.48 -57.42 4.26
C LEU A 738 -25.46 -56.82 3.30
N CYS A 739 -24.37 -56.29 3.85
CA CYS A 739 -23.36 -55.61 3.07
C CYS A 739 -21.97 -56.15 3.41
N ILE A 740 -21.09 -56.12 2.41
CA ILE A 740 -19.70 -56.55 2.56
C ILE A 740 -18.81 -55.39 2.18
N LYS A 741 -17.93 -54.99 3.10
CA LYS A 741 -17.06 -53.84 2.91
C LYS A 741 -15.63 -54.30 2.67
N ASP A 742 -15.02 -53.78 1.61
CA ASP A 742 -13.59 -53.94 1.35
C ASP A 742 -12.95 -52.56 1.43
N MET A 743 -12.58 -52.16 2.64
CA MET A 743 -12.01 -50.83 2.84
C MET A 743 -10.62 -50.71 2.22
N ALA A 744 -9.96 -51.85 1.96
CA ALA A 744 -8.63 -51.84 1.38
C ALA A 744 -8.61 -52.22 -0.09
N GLY A 745 -9.75 -52.64 -0.65
CA GLY A 745 -9.79 -53.04 -2.04
C GLY A 745 -8.97 -54.28 -2.34
N LEU A 746 -9.07 -55.29 -1.46
CA LEU A 746 -8.33 -56.53 -1.62
C LEU A 746 -9.15 -57.61 -2.31
N LEU A 747 -10.35 -57.30 -2.75
CA LEU A 747 -11.17 -58.30 -3.42
C LEU A 747 -10.61 -58.62 -4.81
N LYS A 748 -10.81 -59.85 -5.22
CA LYS A 748 -10.40 -60.36 -6.52
C LYS A 748 -11.60 -61.00 -7.19
N PRO A 749 -11.59 -61.12 -8.53
CA PRO A 749 -12.77 -61.66 -9.22
C PRO A 749 -13.22 -63.01 -8.70
N THR A 750 -12.34 -64.02 -8.71
CA THR A 750 -12.75 -65.36 -8.30
C THR A 750 -13.14 -65.40 -6.82
N ALA A 751 -12.41 -64.66 -5.98
CA ALA A 751 -12.69 -64.69 -4.55
C ALA A 751 -14.09 -64.15 -4.25
N CYS A 752 -14.39 -62.95 -4.76
CA CYS A 752 -15.70 -62.38 -4.46
C CYS A 752 -16.79 -63.12 -5.20
N THR A 753 -16.47 -63.72 -6.35
CA THR A 753 -17.46 -64.54 -7.04
C THR A 753 -17.89 -65.72 -6.20
N MET A 754 -16.93 -66.50 -5.69
CA MET A 754 -17.27 -67.65 -4.87
C MET A 754 -17.92 -67.22 -3.56
N LEU A 755 -17.48 -66.09 -2.99
CA LEU A 755 -18.10 -65.60 -1.76
C LEU A 755 -19.56 -65.23 -2.00
N VAL A 756 -19.84 -64.51 -3.09
CA VAL A 756 -21.19 -64.09 -3.40
C VAL A 756 -22.08 -65.30 -3.68
N SER A 757 -21.54 -66.31 -4.37
CA SER A 757 -22.31 -67.54 -4.57
C SER A 757 -22.64 -68.21 -3.24
N SER A 758 -21.66 -68.27 -2.33
CA SER A 758 -21.90 -68.90 -1.03
C SER A 758 -22.91 -68.14 -0.21
N LEU A 759 -22.97 -66.82 -0.37
CA LEU A 759 -24.02 -66.05 0.32
C LEU A 759 -25.38 -66.25 -0.34
N ARG A 760 -25.42 -66.25 -1.67
CA ARG A 760 -26.71 -66.23 -2.36
C ARG A 760 -27.42 -67.58 -2.29
N ASP A 761 -26.66 -68.68 -2.37
CA ASP A 761 -27.31 -69.98 -2.38
C ASP A 761 -28.08 -70.24 -1.09
N ARG A 762 -27.52 -69.84 0.05
CA ARG A 762 -28.17 -70.05 1.33
C ARG A 762 -29.23 -69.00 1.66
N PHE A 763 -29.12 -67.80 1.10
CA PHE A 763 -30.07 -66.72 1.37
C PHE A 763 -30.58 -66.17 0.05
N PRO A 764 -31.54 -66.88 -0.57
CA PRO A 764 -32.03 -66.42 -1.88
C PRO A 764 -32.73 -65.07 -1.84
N ASP A 765 -33.30 -64.68 -0.70
CA ASP A 765 -34.11 -63.48 -0.65
C ASP A 765 -33.39 -62.28 -0.04
N LEU A 766 -32.32 -62.49 0.71
CA LEU A 766 -31.67 -61.40 1.42
C LEU A 766 -30.95 -60.48 0.44
N PRO A 767 -31.20 -59.17 0.48
CA PRO A 767 -30.48 -58.25 -0.41
C PRO A 767 -29.02 -58.08 0.00
N LEU A 768 -28.16 -57.99 -1.02
CA LEU A 768 -26.72 -57.92 -0.86
C LEU A 768 -26.18 -56.59 -1.36
N HIS A 769 -25.17 -56.09 -0.65
CA HIS A 769 -24.50 -54.84 -0.94
C HIS A 769 -23.00 -55.06 -0.92
N ILE A 770 -22.28 -54.39 -1.81
CA ILE A 770 -20.84 -54.58 -1.94
C ILE A 770 -20.16 -53.21 -1.98
N HIS A 771 -19.05 -53.08 -1.25
CA HIS A 771 -18.31 -51.82 -1.20
C HIS A 771 -16.82 -52.12 -1.24
N THR A 772 -16.09 -51.43 -2.13
CA THR A 772 -14.65 -51.62 -2.23
C THR A 772 -14.02 -50.35 -2.78
N HIS A 773 -12.69 -50.36 -2.87
CA HIS A 773 -11.92 -49.24 -3.37
C HIS A 773 -11.01 -49.72 -4.51
N ASP A 774 -10.51 -48.77 -5.28
CA ASP A 774 -9.72 -49.07 -6.47
C ASP A 774 -8.21 -48.98 -6.22
N THR A 775 -7.78 -48.98 -4.97
CA THR A 775 -6.37 -48.71 -4.70
C THR A 775 -5.47 -49.74 -5.37
N SER A 776 -5.92 -51.00 -5.44
CA SER A 776 -5.14 -52.01 -6.13
C SER A 776 -5.15 -51.78 -7.64
N GLY A 777 -6.27 -51.32 -8.18
CA GLY A 777 -6.41 -51.08 -9.60
C GLY A 777 -7.26 -52.06 -10.36
N ALA A 778 -7.97 -52.95 -9.67
CA ALA A 778 -8.80 -53.96 -10.33
C ALA A 778 -10.21 -54.00 -9.74
N GLY A 779 -10.72 -52.86 -9.27
CA GLY A 779 -12.04 -52.84 -8.67
C GLY A 779 -13.15 -53.14 -9.66
N VAL A 780 -13.06 -52.58 -10.86
CA VAL A 780 -14.11 -52.76 -11.86
C VAL A 780 -14.24 -54.24 -12.23
N ALA A 781 -13.10 -54.92 -12.36
CA ALA A 781 -13.14 -56.35 -12.66
C ALA A 781 -13.87 -57.12 -11.58
N ALA A 782 -13.58 -56.82 -10.31
CA ALA A 782 -14.26 -57.51 -9.21
C ALA A 782 -15.75 -57.24 -9.22
N MET A 783 -16.14 -55.97 -9.39
CA MET A 783 -17.55 -55.63 -9.43
C MET A 783 -18.27 -56.37 -10.54
N LEU A 784 -17.71 -56.37 -11.75
CA LEU A 784 -18.36 -57.09 -12.84
C LEU A 784 -18.43 -58.59 -12.56
N ALA A 785 -17.32 -59.16 -12.10
CA ALA A 785 -17.25 -60.61 -11.95
C ALA A 785 -18.25 -61.11 -10.92
N CYS A 786 -18.29 -60.49 -9.74
CA CYS A 786 -19.23 -60.96 -8.72
C CYS A 786 -20.48 -60.11 -8.66
N ALA A 787 -20.74 -59.33 -9.70
CA ALA A 787 -22.10 -58.89 -9.97
C ALA A 787 -22.75 -59.79 -11.01
N GLN A 788 -21.95 -60.53 -11.76
CA GLN A 788 -22.51 -61.59 -12.60
C GLN A 788 -23.28 -62.60 -11.75
N ALA A 789 -22.77 -62.91 -10.57
CA ALA A 789 -23.51 -63.69 -9.60
C ALA A 789 -24.59 -62.84 -8.96
N GLY A 790 -25.29 -63.40 -7.97
CA GLY A 790 -26.38 -62.67 -7.35
C GLY A 790 -25.94 -61.51 -6.50
N ALA A 791 -26.15 -60.29 -6.99
CA ALA A 791 -25.80 -59.08 -6.26
C ALA A 791 -26.72 -57.97 -6.72
N ASP A 792 -27.13 -57.11 -5.80
CA ASP A 792 -28.15 -56.11 -6.12
C ASP A 792 -27.60 -54.70 -6.23
N VAL A 793 -26.79 -54.28 -5.25
CA VAL A 793 -26.39 -52.89 -5.14
C VAL A 793 -24.86 -52.80 -5.22
N VAL A 794 -24.38 -51.83 -5.98
CA VAL A 794 -22.96 -51.55 -6.12
C VAL A 794 -22.73 -50.06 -5.93
N ASP A 795 -21.65 -49.70 -5.25
CA ASP A 795 -21.33 -48.31 -4.98
C ASP A 795 -20.36 -47.78 -6.02
N VAL A 796 -20.70 -46.63 -6.60
CA VAL A 796 -19.87 -46.00 -7.62
C VAL A 796 -19.75 -44.52 -7.32
N ALA A 797 -18.85 -43.86 -8.04
CA ALA A 797 -18.61 -42.43 -7.88
C ALA A 797 -18.48 -41.79 -9.26
N ALA A 798 -18.43 -40.47 -9.27
CA ALA A 798 -18.27 -39.73 -10.51
C ALA A 798 -16.88 -39.99 -11.11
N ASP A 799 -16.80 -39.91 -12.44
CA ASP A 799 -15.59 -40.30 -13.13
C ASP A 799 -14.40 -39.44 -12.72
N SER A 800 -14.59 -38.13 -12.64
CA SER A 800 -13.49 -37.24 -12.30
C SER A 800 -13.06 -37.42 -10.85
N MET A 801 -13.93 -37.95 -10.01
CA MET A 801 -13.62 -38.20 -8.61
C MET A 801 -13.46 -39.68 -8.30
N SER A 802 -13.13 -40.49 -9.29
CA SER A 802 -13.05 -41.93 -9.15
C SER A 802 -11.62 -42.40 -9.28
N GLY A 803 -11.45 -43.72 -9.28
CA GLY A 803 -10.14 -44.32 -9.43
C GLY A 803 -9.26 -44.06 -8.24
N MET A 804 -7.96 -44.31 -8.44
CA MET A 804 -6.92 -43.99 -7.45
C MET A 804 -7.26 -44.73 -6.17
N THR A 805 -7.55 -44.06 -5.06
CA THR A 805 -8.00 -44.75 -3.86
C THR A 805 -9.50 -44.66 -3.65
N SER A 806 -10.24 -44.14 -4.61
CA SER A 806 -11.68 -43.95 -4.48
C SER A 806 -12.44 -45.15 -5.04
N GLN A 807 -13.75 -45.01 -5.18
CA GLN A 807 -14.62 -46.07 -5.66
C GLN A 807 -14.51 -46.21 -7.18
N PRO A 808 -14.98 -47.34 -7.72
CA PRO A 808 -14.98 -47.50 -9.18
C PRO A 808 -15.85 -46.44 -9.86
N SER A 809 -15.42 -46.04 -11.05
CA SER A 809 -16.11 -44.98 -11.77
C SER A 809 -17.49 -45.43 -12.22
N MET A 810 -18.47 -44.53 -12.09
CA MET A 810 -19.81 -44.81 -12.57
C MET A 810 -19.83 -45.00 -14.08
N GLY A 811 -19.10 -44.16 -14.81
CA GLY A 811 -19.17 -44.20 -16.26
C GLY A 811 -18.71 -45.51 -16.83
N ALA A 812 -17.57 -46.01 -16.35
CA ALA A 812 -17.05 -47.28 -16.87
C ALA A 812 -17.99 -48.44 -16.57
N LEU A 813 -18.52 -48.48 -15.34
CA LEU A 813 -19.41 -49.58 -14.97
C LEU A 813 -20.69 -49.53 -15.78
N VAL A 814 -21.22 -48.34 -16.03
CA VAL A 814 -22.40 -48.23 -16.89
C VAL A 814 -22.08 -48.66 -18.31
N ALA A 815 -20.94 -48.23 -18.84
CA ALA A 815 -20.59 -48.52 -20.22
C ALA A 815 -20.38 -50.01 -20.44
N CYS A 816 -19.72 -50.69 -19.49
CA CYS A 816 -19.49 -52.12 -19.64
C CYS A 816 -20.80 -52.89 -19.66
N THR A 817 -21.77 -52.48 -18.85
CA THR A 817 -23.07 -53.14 -18.81
C THR A 817 -24.09 -52.32 -19.60
N ARG A 818 -24.08 -52.50 -20.91
CA ARG A 818 -25.07 -51.87 -21.78
C ARG A 818 -25.93 -52.88 -22.50
N GLY A 819 -25.34 -53.80 -23.26
CA GLY A 819 -26.10 -54.85 -23.90
C GLY A 819 -26.11 -56.11 -23.07
N THR A 820 -26.61 -56.00 -21.84
CA THR A 820 -26.52 -57.07 -20.85
C THR A 820 -27.87 -57.22 -20.17
N PRO A 821 -28.26 -58.44 -19.82
CA PRO A 821 -29.53 -58.62 -19.10
C PRO A 821 -29.60 -57.88 -17.78
N LEU A 822 -28.46 -57.56 -17.16
CA LEU A 822 -28.42 -56.82 -15.91
C LEU A 822 -28.03 -55.36 -16.11
N ASP A 823 -28.48 -54.76 -17.21
CA ASP A 823 -28.17 -53.36 -17.49
C ASP A 823 -28.82 -52.43 -16.47
N THR A 824 -28.21 -51.26 -16.28
CA THR A 824 -28.69 -50.32 -15.28
C THR A 824 -29.70 -49.33 -15.86
N GLU A 825 -29.73 -49.17 -17.17
CA GLU A 825 -30.65 -48.25 -17.86
C GLU A 825 -30.48 -46.82 -17.34
N VAL A 826 -29.29 -46.27 -17.57
CA VAL A 826 -29.01 -44.88 -17.20
C VAL A 826 -28.37 -44.18 -18.40
N PRO A 827 -28.86 -43.01 -18.79
CA PRO A 827 -28.21 -42.27 -19.88
C PRO A 827 -26.80 -41.85 -19.51
N MET A 828 -25.93 -41.79 -20.52
CA MET A 828 -24.52 -41.49 -20.30
C MET A 828 -24.21 -40.00 -20.29
N GLU A 829 -25.00 -39.18 -20.99
CA GLU A 829 -24.73 -37.75 -21.02
C GLU A 829 -24.93 -37.12 -19.64
N ARG A 830 -25.86 -37.65 -18.85
CA ARG A 830 -26.00 -37.18 -17.47
C ARG A 830 -24.73 -37.44 -16.68
N VAL A 831 -24.16 -38.63 -16.84
CA VAL A 831 -22.90 -38.95 -16.17
C VAL A 831 -21.79 -38.03 -16.66
N PHE A 832 -21.78 -37.73 -17.95
CA PHE A 832 -20.75 -36.83 -18.49
C PHE A 832 -20.85 -35.45 -17.86
N ASP A 833 -22.07 -34.92 -17.76
CA ASP A 833 -22.25 -33.60 -17.16
C ASP A 833 -21.86 -33.61 -15.69
N TYR A 834 -22.25 -34.65 -14.96
CA TYR A 834 -21.87 -34.77 -13.56
C TYR A 834 -20.35 -34.79 -13.41
N SER A 835 -19.67 -35.59 -14.23
CA SER A 835 -18.22 -35.67 -14.17
C SER A 835 -17.57 -34.34 -14.51
N GLU A 836 -18.11 -33.63 -15.51
CA GLU A 836 -17.55 -32.32 -15.85
C GLU A 836 -17.68 -31.34 -14.70
N TYR A 837 -18.86 -31.31 -14.06
CA TYR A 837 -19.02 -30.41 -12.92
C TYR A 837 -18.05 -30.75 -11.81
N TRP A 838 -17.89 -32.04 -11.50
CA TRP A 838 -17.00 -32.39 -10.40
C TRP A 838 -15.55 -32.15 -10.75
N GLU A 839 -15.17 -32.30 -12.02
CA GLU A 839 -13.83 -31.94 -12.43
C GLU A 839 -13.59 -30.45 -12.26
N GLY A 840 -14.57 -29.62 -12.62
CA GLY A 840 -14.44 -28.20 -12.41
C GLY A 840 -14.32 -27.84 -10.93
N ALA A 841 -15.13 -28.48 -10.09
CA ALA A 841 -15.14 -28.15 -8.68
C ALA A 841 -13.88 -28.64 -7.97
N ARG A 842 -13.33 -29.77 -8.42
CA ARG A 842 -12.17 -30.35 -7.77
C ARG A 842 -10.95 -29.43 -7.82
N GLY A 843 -10.86 -28.57 -8.83
CA GLY A 843 -9.70 -27.70 -8.94
C GLY A 843 -9.61 -26.67 -7.82
N LEU A 844 -10.73 -26.37 -7.18
CA LEU A 844 -10.72 -25.40 -6.10
C LEU A 844 -9.90 -25.89 -4.92
N TYR A 845 -10.01 -27.16 -4.58
CA TYR A 845 -9.29 -27.74 -3.45
C TYR A 845 -7.90 -28.22 -3.89
N ALA A 846 -7.17 -27.32 -4.54
CA ALA A 846 -5.85 -27.65 -5.06
C ALA A 846 -4.82 -27.89 -3.97
N ALA A 847 -4.98 -27.28 -2.80
CA ALA A 847 -4.03 -27.45 -1.71
C ALA A 847 -4.31 -28.70 -0.88
N PHE A 848 -5.39 -29.43 -1.19
CA PHE A 848 -5.78 -30.63 -0.47
C PHE A 848 -5.82 -31.76 -1.52
N ASP A 849 -4.68 -32.40 -1.75
CA ASP A 849 -4.49 -33.22 -2.92
C ASP A 849 -3.61 -34.43 -2.62
N CYS A 850 -4.09 -35.62 -2.99
CA CYS A 850 -3.26 -36.81 -2.96
C CYS A 850 -2.54 -37.04 -4.27
N THR A 851 -2.97 -36.38 -5.34
CA THR A 851 -2.34 -36.54 -6.65
C THR A 851 -0.92 -35.98 -6.60
N ALA A 852 -0.70 -34.97 -5.77
CA ALA A 852 0.62 -34.41 -5.57
C ALA A 852 1.61 -35.47 -5.09
N THR A 853 1.14 -36.43 -4.30
CA THR A 853 2.00 -37.49 -3.79
C THR A 853 2.01 -38.69 -4.72
N MET A 854 0.83 -39.26 -4.97
CA MET A 854 0.74 -40.58 -5.61
C MET A 854 1.05 -40.58 -7.10
N LYS A 855 0.27 -39.83 -7.88
CA LYS A 855 0.36 -39.69 -9.33
C LYS A 855 -0.16 -40.90 -10.09
N SER A 856 -0.35 -42.05 -9.45
CA SER A 856 -0.87 -43.16 -10.23
C SER A 856 -1.98 -43.96 -9.56
N GLY A 857 -1.79 -44.28 -8.28
CA GLY A 857 -2.55 -45.35 -7.68
C GLY A 857 -1.75 -46.62 -7.87
N ASN A 858 -1.19 -47.17 -6.80
CA ASN A 858 -0.15 -48.18 -6.96
C ASN A 858 -0.52 -49.49 -6.29
N SER A 859 0.41 -50.45 -6.41
CA SER A 859 0.36 -51.72 -5.72
C SER A 859 0.99 -51.56 -4.34
N ASP A 860 1.33 -52.68 -3.71
CA ASP A 860 1.80 -52.74 -2.32
C ASP A 860 0.66 -52.51 -1.34
N VAL A 861 -0.56 -52.80 -1.80
CA VAL A 861 -1.72 -52.80 -0.91
C VAL A 861 -1.91 -54.14 -0.25
N TYR A 862 -1.39 -55.22 -0.84
CA TYR A 862 -1.49 -56.55 -0.29
C TYR A 862 -0.61 -56.75 0.93
N GLU A 863 0.27 -55.79 1.23
CA GLU A 863 1.09 -55.81 2.43
C GLU A 863 0.79 -54.66 3.37
N ASN A 864 0.79 -53.43 2.86
CA ASN A 864 0.44 -52.28 3.70
C ASN A 864 -1.00 -52.37 4.19
N GLU A 865 -1.92 -52.73 3.29
CA GLU A 865 -3.34 -52.89 3.63
C GLU A 865 -3.90 -51.61 4.25
N ILE A 866 -3.41 -50.47 3.81
CA ILE A 866 -3.91 -49.19 4.31
C ILE A 866 -5.29 -48.94 3.71
N PRO A 867 -6.31 -48.69 4.52
CA PRO A 867 -7.64 -48.41 3.96
C PRO A 867 -7.62 -47.17 3.09
N GLY A 868 -8.44 -47.21 2.03
CA GLY A 868 -8.49 -46.08 1.12
C GLY A 868 -8.94 -44.80 1.78
N GLY A 869 -9.80 -44.89 2.77
CA GLY A 869 -10.29 -43.71 3.45
C GLY A 869 -9.33 -43.12 4.47
N GLN A 870 -8.11 -43.62 4.53
CA GLN A 870 -7.16 -43.19 5.55
C GLN A 870 -5.90 -42.54 4.98
N TYR A 871 -5.63 -42.71 3.69
CA TYR A 871 -4.33 -42.34 3.14
C TYR A 871 -4.08 -40.83 3.27
N THR A 872 -5.02 -40.02 2.78
CA THR A 872 -4.80 -38.58 2.78
C THR A 872 -4.81 -38.01 4.19
N ASN A 873 -5.70 -38.52 5.04
CA ASN A 873 -5.73 -38.05 6.43
C ASN A 873 -4.43 -38.40 7.14
N LEU A 874 -3.91 -39.60 6.91
CA LEU A 874 -2.63 -39.98 7.49
C LEU A 874 -1.51 -39.08 6.99
N HIS A 875 -1.51 -38.77 5.68
CA HIS A 875 -0.48 -37.89 5.14
C HIS A 875 -0.56 -36.51 5.78
N PHE A 876 -1.77 -35.97 5.92
CA PHE A 876 -1.93 -34.66 6.53
C PHE A 876 -1.49 -34.66 7.98
N GLN A 877 -1.85 -35.71 8.72
CA GLN A 877 -1.45 -35.80 10.12
C GLN A 877 0.06 -35.90 10.27
N ALA A 878 0.70 -36.71 9.42
CA ALA A 878 2.15 -36.85 9.48
C ALA A 878 2.84 -35.53 9.11
N HIS A 879 2.31 -34.83 8.11
CA HIS A 879 2.87 -33.54 7.74
C HIS A 879 2.74 -32.54 8.88
N SER A 880 1.58 -32.49 9.53
CA SER A 880 1.38 -31.53 10.61
C SER A 880 2.23 -31.88 11.83
N MET A 881 2.42 -33.17 12.09
CA MET A 881 3.17 -33.57 13.29
C MET A 881 4.66 -33.33 13.12
N GLY A 882 5.17 -33.39 11.89
CA GLY A 882 6.56 -33.06 11.67
C GLY A 882 7.35 -34.08 10.89
N LEU A 883 6.68 -35.09 10.34
CA LEU A 883 7.33 -36.11 9.53
C LEU A 883 6.78 -36.17 8.12
N GLY A 884 6.59 -35.01 7.50
CA GLY A 884 6.10 -34.99 6.12
C GLY A 884 7.08 -35.59 5.13
N SER A 885 8.39 -35.36 5.34
CA SER A 885 9.38 -35.84 4.39
C SER A 885 9.53 -37.35 4.43
N LYS A 886 9.37 -37.96 5.60
CA LYS A 886 9.61 -39.38 5.79
C LYS A 886 8.35 -40.21 5.61
N PHE A 887 7.38 -39.71 4.83
CA PHE A 887 6.13 -40.45 4.66
C PHE A 887 6.36 -41.81 4.01
N LYS A 888 7.44 -41.96 3.24
CA LYS A 888 7.75 -43.25 2.65
C LYS A 888 8.06 -44.29 3.72
N GLU A 889 8.82 -43.90 4.75
CA GLU A 889 9.15 -44.81 5.82
C GLU A 889 7.99 -45.07 6.78
N VAL A 890 7.05 -44.14 6.88
CA VAL A 890 5.91 -44.32 7.78
C VAL A 890 5.11 -45.54 7.36
N LYS A 891 4.84 -45.69 6.07
CA LYS A 891 4.07 -46.84 5.60
C LYS A 891 4.86 -48.14 5.66
N LYS A 892 6.19 -48.06 5.79
CA LYS A 892 6.96 -49.27 6.00
C LYS A 892 6.73 -49.85 7.39
N ALA A 893 6.58 -48.99 8.39
CA ALA A 893 6.33 -49.45 9.75
C ALA A 893 4.88 -49.85 9.99
N TYR A 894 4.00 -49.62 9.01
CA TYR A 894 2.59 -49.98 9.19
C TYR A 894 2.42 -51.49 9.34
N VAL A 895 3.16 -52.27 8.56
CA VAL A 895 3.06 -53.72 8.66
C VAL A 895 3.58 -54.20 10.02
N GLU A 896 4.66 -53.58 10.51
CA GLU A 896 5.16 -53.95 11.84
C GLU A 896 4.14 -53.60 12.92
N ALA A 897 3.50 -52.43 12.78
CA ALA A 897 2.46 -52.05 13.74
C ALA A 897 1.31 -53.05 13.72
N ASN A 898 0.93 -53.51 12.52
CA ASN A 898 -0.09 -54.55 12.42
C ASN A 898 0.39 -55.82 13.11
N GLN A 899 1.67 -56.15 12.97
CA GLN A 899 2.20 -57.34 13.64
C GLN A 899 2.17 -57.19 15.16
N MET A 900 2.28 -55.96 15.66
CA MET A 900 2.29 -55.74 17.10
C MET A 900 1.02 -56.29 17.75
N LEU A 901 -0.13 -55.92 17.22
CA LEU A 901 -1.40 -56.26 17.84
C LEU A 901 -1.98 -57.57 17.33
N GLY A 902 -1.23 -58.29 16.49
CA GLY A 902 -1.78 -59.47 15.85
C GLY A 902 -2.50 -59.05 14.58
N ASP A 903 -2.68 -59.99 13.64
CA ASP A 903 -3.32 -59.68 12.37
C ASP A 903 -4.78 -59.37 12.62
N LEU A 904 -5.14 -58.09 12.63
CA LEU A 904 -6.49 -57.67 12.95
C LEU A 904 -7.07 -56.88 11.79
N ILE A 905 -8.40 -56.90 11.68
CA ILE A 905 -9.10 -56.15 10.64
C ILE A 905 -8.91 -54.67 10.90
N LYS A 906 -8.32 -53.97 9.94
CA LYS A 906 -7.97 -52.56 10.11
C LYS A 906 -9.08 -51.68 9.56
N VAL A 907 -9.90 -51.14 10.46
CA VAL A 907 -11.00 -50.25 10.11
C VAL A 907 -10.77 -48.96 10.90
N THR A 908 -11.62 -47.95 10.64
CA THR A 908 -11.40 -46.58 11.11
C THR A 908 -10.85 -46.49 12.53
N PRO A 909 -11.46 -47.07 13.58
CA PRO A 909 -10.84 -46.98 14.90
C PRO A 909 -9.52 -47.74 14.96
N SER A 910 -9.55 -48.98 14.49
CA SER A 910 -8.34 -49.79 14.46
C SER A 910 -7.28 -49.17 13.57
N SER A 911 -7.69 -48.64 12.41
CA SER A 911 -6.74 -47.99 11.52
C SER A 911 -6.10 -46.78 12.18
N LYS A 912 -6.89 -45.97 12.89
CA LYS A 912 -6.31 -44.83 13.60
C LYS A 912 -5.32 -45.28 14.66
N ILE A 913 -5.66 -46.33 15.41
CA ILE A 913 -4.75 -46.83 16.43
C ILE A 913 -3.45 -47.30 15.80
N VAL A 914 -3.54 -48.07 14.71
CA VAL A 914 -2.34 -48.57 14.04
C VAL A 914 -1.52 -47.43 13.49
N GLY A 915 -2.17 -46.42 12.92
CA GLY A 915 -1.44 -45.28 12.38
C GLY A 915 -0.72 -44.48 13.45
N ASP A 916 -1.37 -44.27 14.59
CA ASP A 916 -0.70 -43.58 15.70
C ASP A 916 0.49 -44.39 16.20
N LEU A 917 0.32 -45.70 16.34
CA LEU A 917 1.43 -46.53 16.78
C LEU A 917 2.57 -46.48 15.76
N ALA A 918 2.23 -46.45 14.47
CA ALA A 918 3.26 -46.38 13.43
C ALA A 918 4.00 -45.05 13.48
N GLN A 919 3.29 -43.95 13.71
CA GLN A 919 3.94 -42.65 13.81
C GLN A 919 4.91 -42.62 14.99
N PHE A 920 4.47 -43.13 16.15
CA PHE A 920 5.38 -43.26 17.28
C PHE A 920 6.56 -44.15 16.95
N MET A 921 6.28 -45.27 16.27
CA MET A 921 7.27 -46.26 15.89
C MET A 921 8.38 -45.66 15.04
N VAL A 922 7.99 -44.81 14.08
CA VAL A 922 8.97 -44.21 13.19
C VAL A 922 9.67 -43.02 13.86
N GLN A 923 8.93 -42.26 14.68
CA GLN A 923 9.54 -41.11 15.34
C GLN A 923 10.64 -41.53 16.29
N ASN A 924 10.43 -42.60 17.05
CA ASN A 924 11.44 -43.01 18.01
C ASN A 924 12.63 -43.71 17.37
N GLY A 925 12.57 -44.01 16.07
CA GLY A 925 13.71 -44.58 15.37
C GLY A 925 14.16 -45.92 15.91
N LEU A 926 13.20 -46.82 16.12
CA LEU A 926 13.48 -48.14 16.66
C LEU A 926 12.75 -49.19 15.82
N SER A 927 13.23 -50.42 15.88
CA SER A 927 12.68 -51.51 15.09
C SER A 927 11.77 -52.40 15.95
N ARG A 928 11.31 -53.50 15.36
CA ARG A 928 10.33 -54.35 16.02
C ARG A 928 10.88 -54.98 17.29
N ALA A 929 12.11 -55.49 17.23
CA ALA A 929 12.67 -56.20 18.38
C ALA A 929 12.80 -55.28 19.58
N GLU A 930 13.26 -54.06 19.37
CA GLU A 930 13.36 -53.09 20.45
C GLU A 930 11.98 -52.75 21.01
N ALA A 931 10.99 -52.63 20.12
CA ALA A 931 9.63 -52.33 20.57
C ALA A 931 9.09 -53.43 21.47
N GLU A 932 9.30 -54.69 21.09
CA GLU A 932 8.83 -55.79 21.91
C GLU A 932 9.71 -56.04 23.13
N ALA A 933 10.94 -55.52 23.13
CA ALA A 933 11.83 -55.75 24.27
C ALA A 933 11.50 -54.81 25.41
N GLN A 934 11.61 -53.51 25.19
CA GLN A 934 11.35 -52.50 26.21
C GLN A 934 9.96 -51.92 25.96
N ALA A 935 8.99 -52.39 26.74
CA ALA A 935 7.63 -51.88 26.69
C ALA A 935 7.20 -51.18 27.96
N GLU A 936 7.87 -51.45 29.08
CA GLU A 936 7.52 -50.80 30.34
C GLU A 936 8.01 -49.35 30.37
N GLU A 937 9.20 -49.12 29.81
CA GLU A 937 9.81 -47.80 29.90
C GLU A 937 9.15 -46.80 28.95
N LEU A 938 8.85 -47.23 27.72
CA LEU A 938 8.31 -46.32 26.73
C LEU A 938 6.89 -45.90 27.08
N SER A 939 6.55 -44.65 26.75
CA SER A 939 5.22 -44.12 26.95
C SER A 939 4.49 -44.06 25.61
N PHE A 940 3.48 -44.90 25.46
CA PHE A 940 2.73 -45.01 24.22
C PHE A 940 1.59 -44.00 24.18
N PRO A 941 1.11 -43.66 22.98
CA PRO A 941 -0.03 -42.75 22.88
C PRO A 941 -1.27 -43.34 23.53
N ARG A 942 -2.14 -42.44 24.00
CA ARG A 942 -3.30 -42.86 24.78
C ARG A 942 -4.23 -43.77 23.99
N SER A 943 -4.23 -43.66 22.66
CA SER A 943 -5.11 -44.51 21.86
C SER A 943 -4.76 -45.98 22.04
N VAL A 944 -3.45 -46.29 22.02
CA VAL A 944 -3.01 -47.67 22.19
C VAL A 944 -3.41 -48.19 23.57
N VAL A 945 -3.21 -47.37 24.60
CA VAL A 945 -3.55 -47.78 25.95
C VAL A 945 -5.06 -48.04 26.08
N GLU A 946 -5.86 -47.14 25.52
CA GLU A 946 -7.31 -47.30 25.59
C GLU A 946 -7.76 -48.57 24.87
N PHE A 947 -7.18 -48.85 23.71
CA PHE A 947 -7.57 -50.06 22.98
C PHE A 947 -7.14 -51.30 23.75
N LEU A 948 -5.91 -51.33 24.26
CA LEU A 948 -5.44 -52.47 25.04
C LEU A 948 -6.25 -52.65 26.32
N GLN A 949 -6.88 -51.57 26.81
CA GLN A 949 -7.77 -51.67 27.95
C GLN A 949 -9.05 -52.42 27.60
N GLY A 950 -9.28 -52.68 26.32
CA GLY A 950 -10.50 -53.33 25.88
C GLY A 950 -11.69 -52.42 25.72
N TYR A 951 -11.47 -51.13 25.49
CA TYR A 951 -12.58 -50.18 25.39
C TYR A 951 -13.43 -50.46 24.16
N ILE A 952 -12.82 -50.46 22.98
CA ILE A 952 -13.57 -50.66 21.74
C ILE A 952 -14.20 -52.04 21.70
N GLY A 953 -13.45 -53.06 22.11
CA GLY A 953 -13.96 -54.42 22.09
C GLY A 953 -12.81 -55.41 22.18
N VAL A 954 -13.17 -56.68 22.06
CA VAL A 954 -12.23 -57.79 22.13
C VAL A 954 -11.97 -58.28 20.71
N PRO A 955 -10.71 -58.49 20.32
CA PRO A 955 -10.44 -59.01 18.97
C PRO A 955 -10.82 -60.48 18.85
N HIS A 956 -10.94 -60.96 17.61
CA HIS A 956 -11.26 -62.36 17.39
C HIS A 956 -10.15 -63.27 17.90
N GLY A 957 -8.91 -62.98 17.51
CA GLY A 957 -7.80 -63.79 17.99
C GLY A 957 -7.53 -63.60 19.47
N GLY A 958 -7.62 -62.36 19.96
CA GLY A 958 -7.31 -62.08 21.34
C GLY A 958 -6.08 -61.20 21.50
N PHE A 959 -5.97 -60.50 22.62
CA PHE A 959 -4.85 -59.61 22.83
C PHE A 959 -3.55 -60.39 22.97
N PRO A 960 -2.42 -59.81 22.55
CA PRO A 960 -1.12 -60.45 22.82
C PRO A 960 -0.81 -60.38 24.32
N GLU A 961 -0.70 -61.55 24.94
CA GLU A 961 -0.54 -61.61 26.39
C GLU A 961 0.72 -60.90 26.88
N PRO A 962 1.92 -61.13 26.33
CA PRO A 962 3.08 -60.41 26.86
C PRO A 962 2.99 -58.91 26.67
N PHE A 963 2.56 -58.46 25.49
CA PHE A 963 2.43 -57.03 25.25
C PHE A 963 1.39 -56.40 26.17
N ARG A 964 0.24 -57.06 26.32
CA ARG A 964 -0.81 -56.54 27.19
C ARG A 964 -0.32 -56.45 28.63
N SER A 965 0.35 -57.50 29.11
CA SER A 965 0.85 -57.49 30.48
C SER A 965 1.89 -56.39 30.68
N LYS A 966 2.80 -56.21 29.72
CA LYS A 966 3.84 -55.21 29.87
C LYS A 966 3.29 -53.80 29.79
N VAL A 967 2.24 -53.58 28.99
CA VAL A 967 1.76 -52.22 28.76
C VAL A 967 0.76 -51.82 29.84
N LEU A 968 -0.24 -52.66 30.10
CA LEU A 968 -1.31 -52.28 31.02
C LEU A 968 -0.79 -52.05 32.43
N LYS A 969 0.09 -52.93 32.90
CA LYS A 969 0.60 -52.90 34.27
C LYS A 969 -0.60 -52.95 35.21
N ASP A 970 -0.83 -51.96 36.06
CA ASP A 970 -1.95 -51.98 37.01
C ASP A 970 -2.92 -50.86 36.64
N LEU A 971 -3.82 -51.16 35.71
CA LEU A 971 -4.94 -50.30 35.36
C LEU A 971 -6.17 -51.18 35.17
N PRO A 972 -7.36 -50.65 35.43
CA PRO A 972 -8.57 -51.47 35.30
C PRO A 972 -8.74 -51.98 33.87
N ARG A 973 -9.23 -53.21 33.77
CA ARG A 973 -9.49 -53.85 32.50
C ARG A 973 -10.99 -54.06 32.33
N VAL A 974 -11.48 -53.81 31.12
CA VAL A 974 -12.90 -53.90 30.81
C VAL A 974 -13.17 -55.28 30.19
N GLU A 975 -14.21 -55.94 30.69
CA GLU A 975 -14.60 -57.26 30.21
C GLU A 975 -15.97 -57.18 29.56
N GLY A 976 -16.18 -58.01 28.54
CA GLY A 976 -17.47 -58.05 27.88
C GLY A 976 -17.73 -56.77 27.10
N ARG A 977 -19.02 -56.46 26.94
CA ARG A 977 -19.41 -55.25 26.22
C ARG A 977 -19.31 -54.05 27.14
N PRO A 978 -18.44 -53.07 26.84
CA PRO A 978 -18.32 -51.90 27.72
C PRO A 978 -19.56 -51.02 27.72
N GLY A 979 -20.46 -51.16 26.74
CA GLY A 979 -21.61 -50.29 26.67
C GLY A 979 -22.50 -50.39 27.91
N ALA A 980 -22.75 -51.61 28.38
CA ALA A 980 -23.55 -51.77 29.59
C ALA A 980 -22.81 -51.27 30.82
N SER A 981 -21.48 -51.42 30.83
CA SER A 981 -20.70 -50.97 31.99
C SER A 981 -20.70 -49.47 32.13
N LEU A 982 -20.81 -48.74 31.03
CA LEU A 982 -20.73 -47.28 31.08
C LEU A 982 -21.93 -46.72 31.83
N PRO A 983 -21.73 -45.82 32.80
CA PRO A 983 -22.86 -45.16 33.45
C PRO A 983 -23.49 -44.14 32.53
N PRO A 984 -24.82 -44.13 32.41
CA PRO A 984 -25.47 -43.17 31.52
C PRO A 984 -25.33 -41.75 32.03
N LEU A 985 -25.34 -40.81 31.09
CA LEU A 985 -25.27 -39.38 31.40
C LEU A 985 -26.63 -38.74 31.18
N ASP A 986 -26.78 -37.53 31.73
CA ASP A 986 -28.03 -36.79 31.64
C ASP A 986 -27.92 -35.72 30.56
N LEU A 987 -28.86 -35.75 29.62
CA LEU A 987 -28.88 -34.73 28.57
C LEU A 987 -29.43 -33.40 29.10
N GLN A 988 -30.37 -33.46 30.05
CA GLN A 988 -30.98 -32.25 30.56
C GLN A 988 -29.98 -31.36 31.28
N ALA A 989 -29.12 -31.96 32.11
CA ALA A 989 -28.11 -31.18 32.82
C ALA A 989 -27.14 -30.52 31.86
N LEU A 990 -26.69 -31.26 30.84
CA LEU A 990 -25.77 -30.68 29.86
C LEU A 990 -26.45 -29.57 29.09
N GLU A 991 -27.72 -29.76 28.73
CA GLU A 991 -28.46 -28.71 28.02
C GLU A 991 -28.57 -27.45 28.86
N LYS A 992 -28.89 -27.59 30.14
CA LYS A 992 -28.99 -26.42 31.01
C LYS A 992 -27.64 -25.74 31.16
N GLU A 993 -26.57 -26.52 31.31
CA GLU A 993 -25.24 -25.92 31.41
C GLU A 993 -24.88 -25.15 30.16
N LEU A 994 -25.16 -25.71 28.98
CA LEU A 994 -24.86 -25.02 27.73
C LEU A 994 -25.68 -23.75 27.59
N VAL A 995 -26.97 -23.82 27.90
CA VAL A 995 -27.83 -22.65 27.72
C VAL A 995 -27.43 -21.54 28.69
N ASP A 996 -26.97 -21.90 29.89
CA ASP A 996 -26.50 -20.88 30.81
C ASP A 996 -25.12 -20.38 30.43
N ARG A 997 -24.33 -21.19 29.72
CA ARG A 997 -22.96 -20.81 29.41
C ARG A 997 -22.90 -19.89 28.19
N HIS A 998 -23.48 -20.29 27.08
CA HIS A 998 -23.29 -19.60 25.81
C HIS A 998 -24.63 -19.30 25.14
N GLY A 999 -25.57 -18.76 25.90
CA GLY A 999 -26.80 -18.23 25.33
C GLY A 999 -27.89 -19.27 25.15
N GLU A 1000 -29.03 -18.77 24.70
CA GLU A 1000 -30.25 -19.56 24.56
C GLU A 1000 -30.35 -20.27 23.21
N GLU A 1001 -29.51 -19.89 22.25
CA GLU A 1001 -29.58 -20.46 20.90
C GLU A 1001 -29.04 -21.89 20.89
N VAL A 1002 -29.78 -22.76 21.58
CA VAL A 1002 -29.43 -24.17 21.71
C VAL A 1002 -30.63 -25.01 21.31
N THR A 1003 -30.39 -26.01 20.48
CA THR A 1003 -31.40 -26.95 20.02
C THR A 1003 -30.98 -28.37 20.39
N PRO A 1004 -31.93 -29.31 20.45
CA PRO A 1004 -31.55 -30.68 20.86
C PRO A 1004 -30.43 -31.29 20.04
N GLU A 1005 -30.41 -31.04 18.73
CA GLU A 1005 -29.30 -31.53 17.91
C GLU A 1005 -27.97 -30.90 18.34
N ASP A 1006 -28.00 -29.61 18.70
CA ASP A 1006 -26.80 -29.00 19.26
C ASP A 1006 -26.40 -29.66 20.56
N VAL A 1007 -27.38 -30.05 21.38
CA VAL A 1007 -27.08 -30.75 22.62
C VAL A 1007 -26.37 -32.08 22.33
N LEU A 1008 -26.90 -32.82 21.35
CA LEU A 1008 -26.28 -34.09 20.99
C LEU A 1008 -24.87 -33.88 20.46
N SER A 1009 -24.67 -32.85 19.62
CA SER A 1009 -23.35 -32.57 19.09
C SER A 1009 -22.37 -32.21 20.20
N ALA A 1010 -22.80 -31.40 21.14
CA ALA A 1010 -21.94 -31.03 22.27
C ALA A 1010 -21.59 -32.25 23.10
N ALA A 1011 -22.55 -33.15 23.32
CA ALA A 1011 -22.26 -34.38 24.04
C ALA A 1011 -21.21 -35.20 23.29
N MET A 1012 -21.34 -35.27 21.96
CA MET A 1012 -20.40 -36.06 21.16
C MET A 1012 -19.00 -35.45 21.19
N TYR A 1013 -18.90 -34.13 21.12
CA TYR A 1013 -17.62 -33.47 20.88
C TYR A 1013 -17.60 -32.14 21.63
N PRO A 1014 -17.41 -32.16 22.94
CA PRO A 1014 -17.60 -30.94 23.75
C PRO A 1014 -16.63 -29.80 23.45
N ASP A 1015 -15.33 -30.08 23.52
CA ASP A 1015 -14.34 -28.99 23.44
C ASP A 1015 -14.34 -28.34 22.07
N VAL A 1016 -14.34 -29.15 21.01
CA VAL A 1016 -14.38 -28.57 19.67
C VAL A 1016 -15.71 -27.87 19.43
N PHE A 1017 -16.78 -28.35 20.08
CA PHE A 1017 -18.05 -27.65 19.99
C PHE A 1017 -17.95 -26.25 20.58
N ALA A 1018 -17.31 -26.12 21.75
CA ALA A 1018 -17.14 -24.81 22.34
C ALA A 1018 -16.27 -23.92 21.46
N HIS A 1019 -15.19 -24.47 20.90
CA HIS A 1019 -14.32 -23.70 20.03
C HIS A 1019 -15.09 -23.20 18.81
N PHE A 1020 -15.89 -24.08 18.20
CA PHE A 1020 -16.66 -23.71 17.03
C PHE A 1020 -17.69 -22.64 17.37
N LYS A 1021 -18.36 -22.77 18.51
CA LYS A 1021 -19.34 -21.76 18.90
C LYS A 1021 -18.69 -20.41 19.12
N ASP A 1022 -17.54 -20.39 19.80
CA ASP A 1022 -16.84 -19.13 20.02
C ASP A 1022 -16.40 -18.50 18.70
N PHE A 1023 -15.84 -19.32 17.81
CA PHE A 1023 -15.38 -18.80 16.53
C PHE A 1023 -16.54 -18.26 15.71
N THR A 1024 -17.66 -18.96 15.70
CA THR A 1024 -18.84 -18.47 14.98
C THR A 1024 -19.35 -17.18 15.59
N ALA A 1025 -19.38 -17.07 16.92
CA ALA A 1025 -19.85 -15.85 17.54
C ALA A 1025 -18.95 -14.66 17.21
N THR A 1026 -17.63 -14.87 17.24
CA THR A 1026 -16.73 -13.75 17.00
C THR A 1026 -16.61 -13.38 15.52
N PHE A 1027 -16.79 -14.33 14.61
CA PHE A 1027 -16.64 -14.05 13.19
C PHE A 1027 -17.94 -14.18 12.40
N GLY A 1028 -19.06 -14.43 13.07
CA GLY A 1028 -20.33 -14.50 12.40
C GLY A 1028 -20.55 -15.79 11.66
N PRO A 1029 -21.71 -15.94 11.03
CA PRO A 1029 -22.01 -17.17 10.30
C PRO A 1029 -21.12 -17.32 9.08
N LEU A 1030 -20.87 -18.57 8.72
CA LEU A 1030 -20.06 -18.90 7.56
C LEU A 1030 -20.84 -19.85 6.66
N ASP A 1031 -20.16 -20.47 5.69
CA ASP A 1031 -20.69 -21.43 4.72
C ASP A 1031 -21.45 -20.66 3.65
N SER A 1032 -21.59 -19.35 3.79
CA SER A 1032 -22.23 -18.53 2.78
C SER A 1032 -21.25 -17.99 1.77
N LEU A 1033 -19.97 -18.34 1.89
CA LEU A 1033 -18.91 -17.79 1.07
C LEU A 1033 -18.47 -18.79 0.02
N ASN A 1034 -17.84 -18.28 -1.03
CA ASN A 1034 -17.20 -19.16 -2.00
C ASN A 1034 -15.96 -19.79 -1.39
N THR A 1035 -15.51 -20.88 -2.01
CA THR A 1035 -14.31 -21.55 -1.54
C THR A 1035 -13.08 -20.65 -1.70
N ARG A 1036 -13.05 -19.85 -2.76
CA ARG A 1036 -11.95 -18.91 -2.96
C ARG A 1036 -11.84 -17.97 -1.77
N LEU A 1037 -12.95 -17.34 -1.39
CA LEU A 1037 -12.92 -16.39 -0.28
C LEU A 1037 -12.58 -17.10 1.03
N PHE A 1038 -13.12 -18.31 1.23
CA PHE A 1038 -12.86 -19.02 2.47
C PHE A 1038 -11.38 -19.37 2.62
N LEU A 1039 -10.74 -19.79 1.53
CA LEU A 1039 -9.35 -20.22 1.60
C LEU A 1039 -8.38 -19.09 1.29
N GLN A 1040 -8.48 -18.51 0.09
CA GLN A 1040 -7.53 -17.50 -0.36
C GLN A 1040 -7.85 -16.12 0.19
N GLY A 1041 -9.12 -15.73 0.14
CA GLY A 1041 -9.52 -14.40 0.52
C GLY A 1041 -9.72 -13.53 -0.71
N PRO A 1042 -10.33 -12.36 -0.52
CA PRO A 1042 -10.57 -11.48 -1.67
C PRO A 1042 -9.28 -10.90 -2.20
N LYS A 1043 -9.31 -10.52 -3.48
CA LYS A 1043 -8.17 -9.92 -4.14
C LYS A 1043 -8.45 -8.44 -4.41
N ILE A 1044 -7.43 -7.61 -4.23
CA ILE A 1044 -7.62 -6.17 -4.33
C ILE A 1044 -8.06 -5.80 -5.75
N ALA A 1045 -8.94 -4.79 -5.84
CA ALA A 1045 -9.46 -4.30 -7.12
C ALA A 1045 -10.25 -5.40 -7.84
N GLU A 1046 -11.15 -6.05 -7.11
CA GLU A 1046 -12.03 -7.05 -7.69
C GLU A 1046 -13.30 -7.12 -6.86
N GLU A 1047 -14.44 -7.16 -7.52
CA GLU A 1047 -15.74 -7.13 -6.85
C GLU A 1047 -16.34 -8.53 -6.78
N PHE A 1048 -16.97 -8.84 -5.65
CA PHE A 1048 -17.54 -10.16 -5.45
C PHE A 1048 -18.89 -10.07 -4.76
N GLU A 1049 -19.66 -11.15 -4.85
CA GLU A 1049 -21.02 -11.19 -4.32
C GLU A 1049 -21.12 -12.20 -3.19
N VAL A 1050 -22.00 -11.93 -2.23
CA VAL A 1050 -22.23 -12.80 -1.07
C VAL A 1050 -23.72 -12.95 -0.86
N GLU A 1051 -24.17 -14.16 -0.62
CA GLU A 1051 -25.56 -14.47 -0.31
C GLU A 1051 -25.74 -14.74 1.18
N LEU A 1052 -26.76 -14.13 1.77
CA LEU A 1052 -26.94 -14.26 3.21
C LEU A 1052 -28.28 -14.90 3.56
N GLU A 1053 -29.37 -14.42 2.98
CA GLU A 1053 -30.67 -15.06 3.12
C GLU A 1053 -31.44 -15.05 1.81
N ARG A 1054 -32.75 -15.31 1.86
CA ARG A 1054 -33.55 -15.57 0.67
C ARG A 1054 -33.44 -14.44 -0.35
N GLY A 1055 -33.95 -13.26 -0.03
CA GLY A 1055 -33.55 -12.10 -0.80
C GLY A 1055 -32.54 -11.28 -0.01
N LYS A 1056 -31.25 -11.55 -0.24
CA LYS A 1056 -30.16 -10.85 0.43
C LYS A 1056 -28.88 -11.01 -0.38
N THR A 1057 -28.49 -9.99 -1.13
CA THR A 1057 -27.27 -10.04 -1.93
C THR A 1057 -26.40 -8.87 -1.52
N LEU A 1058 -25.18 -9.16 -1.09
CA LEU A 1058 -24.22 -8.13 -0.69
C LEU A 1058 -23.13 -8.08 -1.75
N HIS A 1059 -22.92 -6.91 -2.32
CA HIS A 1059 -21.81 -6.72 -3.25
C HIS A 1059 -20.68 -6.00 -2.54
N ILE A 1060 -19.48 -6.60 -2.55
CA ILE A 1060 -18.37 -6.09 -1.79
C ILE A 1060 -17.17 -5.89 -2.71
N LYS A 1061 -16.49 -4.76 -2.50
CA LYS A 1061 -15.28 -4.41 -3.23
C LYS A 1061 -14.19 -4.09 -2.23
N ALA A 1062 -12.95 -4.49 -2.53
CA ALA A 1062 -11.82 -4.20 -1.66
C ALA A 1062 -10.96 -3.11 -2.31
N LEU A 1063 -10.85 -1.96 -1.65
CA LEU A 1063 -10.20 -0.82 -2.28
C LEU A 1063 -8.68 -0.88 -2.15
N ALA A 1064 -8.18 -0.86 -0.92
CA ALA A 1064 -6.75 -0.83 -0.67
C ALA A 1064 -6.47 -1.19 0.78
N VAL A 1065 -5.19 -1.34 1.10
CA VAL A 1065 -4.73 -1.72 2.42
C VAL A 1065 -3.73 -0.69 2.92
N SER A 1066 -3.89 -0.27 4.16
CA SER A 1066 -3.05 0.75 4.77
C SER A 1066 -1.82 0.11 5.40
N ASP A 1067 -1.10 0.90 6.20
CA ASP A 1067 0.13 0.45 6.85
C ASP A 1067 -0.12 0.24 8.34
N LEU A 1068 0.94 -0.12 9.07
CA LEU A 1068 0.82 -0.44 10.49
C LEU A 1068 0.82 0.87 11.26
N ASN A 1069 -0.23 1.10 12.05
CA ASN A 1069 -0.40 2.42 12.66
C ASN A 1069 -0.37 2.42 14.18
N ARG A 1070 -1.21 1.63 14.86
CA ARG A 1070 -1.27 1.60 16.32
C ARG A 1070 -0.81 0.23 16.82
N ALA A 1071 0.48 0.13 17.13
CA ALA A 1071 1.05 -1.06 17.74
C ALA A 1071 0.73 -2.31 16.94
N GLY A 1072 0.76 -2.18 15.62
CA GLY A 1072 0.47 -3.32 14.76
C GLY A 1072 -1.00 -3.53 14.52
N GLN A 1073 -1.72 -2.46 14.17
CA GLN A 1073 -3.15 -2.55 13.86
C GLN A 1073 -3.36 -1.92 12.49
N ARG A 1074 -3.21 -2.74 11.45
CA ARG A 1074 -3.33 -2.27 10.08
C ARG A 1074 -4.80 -2.09 9.71
N GLN A 1075 -5.05 -1.19 8.76
CA GLN A 1075 -6.40 -0.77 8.39
C GLN A 1075 -6.67 -1.08 6.93
N VAL A 1076 -7.89 -1.49 6.64
CA VAL A 1076 -8.29 -1.88 5.29
C VAL A 1076 -9.57 -1.15 4.92
N PHE A 1077 -9.77 -0.96 3.61
CA PHE A 1077 -10.84 -0.14 3.08
C PHE A 1077 -11.72 -0.97 2.16
N PHE A 1078 -13.03 -0.93 2.40
CA PHE A 1078 -14.00 -1.70 1.64
C PHE A 1078 -15.10 -0.79 1.12
N GLU A 1079 -15.72 -1.23 0.02
CA GLU A 1079 -16.92 -0.59 -0.49
C GLU A 1079 -18.06 -1.60 -0.46
N LEU A 1080 -19.12 -1.23 0.26
CA LEU A 1080 -20.38 -1.95 0.26
C LEU A 1080 -21.45 -1.02 -0.28
N ASN A 1081 -22.53 -1.62 -0.79
CA ASN A 1081 -23.59 -0.83 -1.42
C ASN A 1081 -24.11 0.23 -0.47
N GLY A 1082 -23.87 1.49 -0.81
CA GLY A 1082 -24.38 2.61 -0.05
C GLY A 1082 -23.44 3.33 0.89
N GLN A 1083 -22.42 2.64 1.38
CA GLN A 1083 -21.51 3.22 2.36
C GLN A 1083 -20.11 2.63 2.18
N LEU A 1084 -19.11 3.50 2.11
CA LEU A 1084 -17.72 3.09 2.21
C LEU A 1084 -17.38 2.77 3.66
N ARG A 1085 -16.61 1.70 3.87
CA ARG A 1085 -16.33 1.22 5.22
C ARG A 1085 -14.83 1.08 5.41
N SER A 1086 -14.41 1.23 6.67
CA SER A 1086 -13.03 1.03 7.06
C SER A 1086 -12.98 0.06 8.22
N ILE A 1087 -12.02 -0.86 8.18
CA ILE A 1087 -11.90 -1.91 9.17
C ILE A 1087 -10.50 -1.88 9.77
N LEU A 1088 -10.42 -1.98 11.09
CA LEU A 1088 -9.15 -2.09 11.80
C LEU A 1088 -8.87 -3.56 12.07
N VAL A 1089 -7.73 -4.04 11.59
CA VAL A 1089 -7.36 -5.44 11.70
C VAL A 1089 -6.14 -5.56 12.61
N LYS A 1090 -6.26 -6.34 13.66
CA LYS A 1090 -5.15 -6.58 14.58
C LYS A 1090 -4.17 -7.55 13.93
N ASP A 1091 -3.03 -7.04 13.50
CA ASP A 1091 -2.03 -7.87 12.85
C ASP A 1091 -1.33 -8.74 13.89
N THR A 1092 -1.32 -10.05 13.66
CA THR A 1092 -0.64 -10.99 14.54
C THR A 1092 0.84 -11.12 14.22
N GLN A 1093 1.31 -10.48 13.16
CA GLN A 1093 2.70 -10.57 12.74
C GLN A 1093 3.53 -9.40 13.26
N ALA A 1094 3.20 -8.87 14.43
CA ALA A 1094 4.01 -7.81 15.01
C ALA A 1094 5.35 -8.34 15.49
N MET A 1095 5.36 -9.46 16.21
CA MET A 1095 6.57 -10.02 16.83
C MET A 1095 7.33 -8.96 17.61
N LYS A 1096 6.68 -8.52 18.69
CA LYS A 1096 7.28 -7.53 19.58
C LYS A 1096 8.67 -7.99 20.03
N GLU A 1097 9.63 -7.09 19.96
CA GLU A 1097 11.03 -7.46 20.12
C GLU A 1097 11.45 -7.35 21.59
N MET A 1098 12.26 -8.31 22.02
CA MET A 1098 12.69 -8.42 23.41
C MET A 1098 14.08 -7.82 23.57
N HIS A 1099 14.32 -7.16 24.71
CA HIS A 1099 15.52 -6.38 24.91
C HIS A 1099 16.16 -6.47 26.29
N PHE A 1100 15.45 -6.99 27.30
CA PHE A 1100 15.87 -6.87 28.69
C PHE A 1100 16.22 -5.43 29.06
N HIS A 1101 17.48 -5.22 29.46
CA HIS A 1101 17.99 -3.92 29.89
C HIS A 1101 17.11 -3.34 30.99
N PRO A 1102 17.18 -3.90 32.20
CA PRO A 1102 16.31 -3.41 33.29
C PRO A 1102 16.59 -1.95 33.62
N LYS A 1103 15.60 -1.10 33.37
CA LYS A 1103 15.76 0.33 33.62
C LYS A 1103 15.74 0.61 35.11
N ALA A 1104 16.72 1.37 35.57
CA ALA A 1104 16.81 1.75 36.98
C ALA A 1104 15.98 3.00 37.23
N LEU A 1105 15.05 2.91 38.18
CA LEU A 1105 14.19 4.03 38.51
C LEU A 1105 14.96 5.09 39.29
N LYS A 1106 14.63 6.34 39.02
CA LYS A 1106 15.28 7.47 39.67
C LYS A 1106 14.75 7.72 41.07
N ASP A 1107 13.55 7.26 41.39
CA ASP A 1107 12.94 7.51 42.69
C ASP A 1107 13.73 6.85 43.82
N VAL A 1108 14.06 5.57 43.65
CA VAL A 1108 14.77 4.85 44.69
C VAL A 1108 16.23 5.22 44.68
N LYS A 1109 16.73 5.70 45.82
CA LYS A 1109 18.15 6.04 45.92
C LYS A 1109 19.01 4.80 45.92
N GLY A 1110 18.49 3.68 46.42
CA GLY A 1110 19.25 2.45 46.42
C GLY A 1110 19.61 1.97 45.03
N GLN A 1111 18.68 2.09 44.09
CA GLN A 1111 18.92 1.70 42.71
C GLN A 1111 20.01 2.55 42.08
N ILE A 1112 20.94 1.92 41.36
CA ILE A 1112 22.06 2.61 40.74
C ILE A 1112 21.94 2.46 39.22
N GLY A 1113 22.06 3.60 38.51
CA GLY A 1113 21.98 3.61 37.07
C GLY A 1113 23.28 4.10 36.44
N ALA A 1114 23.44 3.79 35.17
CA ALA A 1114 24.66 4.15 34.46
C ALA A 1114 24.63 5.63 34.09
N PRO A 1115 25.61 6.42 34.51
CA PRO A 1115 25.64 7.83 34.11
C PRO A 1115 26.00 8.03 32.65
N MET A 1116 26.82 7.14 32.11
CA MET A 1116 27.28 7.22 30.73
C MET A 1116 27.01 5.89 30.05
N PRO A 1117 26.81 5.89 28.73
CA PRO A 1117 26.92 4.64 27.96
C PRO A 1117 28.38 4.24 27.81
N GLY A 1118 28.61 2.94 27.71
CA GLY A 1118 29.96 2.46 27.55
C GLY A 1118 30.07 0.98 27.91
N LYS A 1119 31.31 0.56 28.15
CA LYS A 1119 31.61 -0.83 28.44
C LYS A 1119 32.32 -0.92 29.79
N VAL A 1120 31.99 -1.97 30.55
CA VAL A 1120 32.54 -2.11 31.89
C VAL A 1120 33.91 -2.75 31.80
N ILE A 1121 34.91 -2.10 32.41
CA ILE A 1121 36.27 -2.60 32.39
C ILE A 1121 36.44 -3.64 33.48
N ASP A 1122 36.20 -3.24 34.74
CA ASP A 1122 36.35 -4.13 35.88
C ASP A 1122 35.36 -3.72 36.96
N ILE A 1123 35.05 -4.67 37.84
CA ILE A 1123 34.16 -4.45 38.97
C ILE A 1123 34.88 -4.93 40.23
N LYS A 1124 34.94 -4.06 41.24
CA LYS A 1124 35.62 -4.38 42.49
C LYS A 1124 34.69 -4.94 43.56
N VAL A 1125 33.39 -5.02 43.29
CA VAL A 1125 32.41 -5.46 44.29
C VAL A 1125 31.75 -6.73 43.80
N VAL A 1126 31.70 -7.74 44.67
CA VAL A 1126 30.99 -8.98 44.39
C VAL A 1126 29.66 -8.93 45.11
N ALA A 1127 28.74 -9.81 44.73
CA ALA A 1127 27.40 -9.87 45.32
C ALA A 1127 27.51 -10.18 46.81
N GLY A 1128 26.71 -9.48 47.62
CA GLY A 1128 26.75 -9.65 49.05
C GLY A 1128 28.04 -9.17 49.67
N ALA A 1129 28.34 -7.89 49.49
CA ALA A 1129 29.57 -7.31 50.01
C ALA A 1129 29.27 -5.95 50.63
N LYS A 1130 30.14 -5.54 51.55
CA LYS A 1130 29.97 -4.28 52.26
C LYS A 1130 30.72 -3.16 51.54
N VAL A 1131 30.01 -2.08 51.25
CA VAL A 1131 30.59 -0.90 50.62
C VAL A 1131 30.25 0.32 51.45
N ALA A 1132 31.19 1.26 51.49
CA ALA A 1132 31.13 2.40 52.39
C ALA A 1132 30.88 3.69 51.62
N LYS A 1133 30.88 4.80 52.35
CA LYS A 1133 30.64 6.12 51.77
C LYS A 1133 31.76 6.49 50.81
N GLY A 1134 31.39 6.91 49.60
CA GLY A 1134 32.33 7.35 48.60
C GLY A 1134 33.47 6.41 48.33
N GLN A 1135 33.19 5.27 47.70
CA GLN A 1135 34.23 4.30 47.37
C GLN A 1135 34.05 3.86 45.94
N PRO A 1136 35.13 3.53 45.23
CA PRO A 1136 35.00 3.08 43.84
C PRO A 1136 34.53 1.63 43.78
N LEU A 1137 33.50 1.38 42.97
CA LEU A 1137 32.93 0.04 42.86
C LEU A 1137 32.89 -0.51 41.44
N CYS A 1138 32.76 0.35 40.43
CA CYS A 1138 32.73 -0.11 39.04
C CYS A 1138 33.46 0.88 38.15
N VAL A 1139 34.09 0.37 37.09
CA VAL A 1139 34.85 1.17 36.15
C VAL A 1139 34.15 1.07 34.80
N LEU A 1140 33.70 2.21 34.29
CA LEU A 1140 33.02 2.27 33.01
C LEU A 1140 33.84 3.10 32.03
N SER A 1141 33.94 2.63 30.79
CA SER A 1141 34.76 3.28 29.77
C SER A 1141 33.89 3.67 28.58
N ALA A 1142 34.19 4.85 28.05
CA ALA A 1142 33.54 5.35 26.83
C ALA A 1142 34.60 5.54 25.76
N MET A 1143 34.23 6.17 24.64
CA MET A 1143 35.15 6.30 23.51
C MET A 1143 36.44 7.00 23.93
N LYS A 1144 36.34 8.17 24.55
CA LYS A 1144 37.52 8.86 25.07
C LYS A 1144 37.25 9.50 26.41
N MET A 1145 36.52 8.81 27.30
CA MET A 1145 36.36 9.27 28.67
C MET A 1145 35.99 8.09 29.55
N GLU A 1146 36.47 8.09 30.79
CA GLU A 1146 36.21 7.03 31.74
C GLU A 1146 35.41 7.57 32.92
N THR A 1147 34.51 6.74 33.44
CA THR A 1147 33.69 7.09 34.60
C THR A 1147 33.91 6.06 35.69
N VAL A 1148 34.14 6.54 36.91
CA VAL A 1148 34.30 5.67 38.08
C VAL A 1148 33.04 5.81 38.92
N VAL A 1149 32.36 4.69 39.15
CA VAL A 1149 31.10 4.69 39.87
C VAL A 1149 31.38 4.80 41.37
N THR A 1150 30.60 5.65 42.04
CA THR A 1150 30.76 5.90 43.47
C THR A 1150 29.50 5.44 44.19
N SER A 1151 29.69 4.82 45.36
CA SER A 1151 28.57 4.31 46.12
C SER A 1151 27.72 5.45 46.67
N PRO A 1152 26.44 5.53 46.34
CA PRO A 1152 25.60 6.61 46.89
C PRO A 1152 25.51 6.59 48.41
N MET A 1153 25.49 5.40 49.00
CA MET A 1153 25.28 5.30 50.45
C MET A 1153 25.98 4.08 51.03
N GLU A 1154 25.84 3.87 52.34
CA GLU A 1154 26.59 2.88 53.08
C GLU A 1154 25.77 1.61 53.27
N GLY A 1155 26.40 0.46 53.04
CA GLY A 1155 25.69 -0.78 53.33
C GLY A 1155 26.17 -2.01 52.58
N THR A 1156 25.24 -2.85 52.17
CA THR A 1156 25.55 -4.12 51.53
C THR A 1156 24.90 -4.18 50.15
N VAL A 1157 25.63 -4.73 49.20
CA VAL A 1157 25.12 -4.87 47.83
C VAL A 1157 24.27 -6.13 47.76
N ARG A 1158 23.09 -6.00 47.15
CA ARG A 1158 22.16 -7.12 47.03
C ARG A 1158 22.51 -8.02 45.85
N LYS A 1159 22.51 -7.46 44.65
CA LYS A 1159 22.74 -8.25 43.45
C LYS A 1159 23.46 -7.40 42.43
N VAL A 1160 24.36 -8.03 41.68
CA VAL A 1160 25.13 -7.38 40.63
C VAL A 1160 24.64 -7.93 39.29
N HIS A 1161 24.14 -7.04 38.44
CA HIS A 1161 23.56 -7.48 37.17
C HIS A 1161 24.63 -7.58 36.09
N VAL A 1162 25.38 -6.50 35.88
CA VAL A 1162 26.45 -6.54 34.88
C VAL A 1162 27.66 -7.26 35.45
N THR A 1163 28.17 -8.23 34.70
CA THR A 1163 29.32 -8.99 35.15
C THR A 1163 30.63 -8.40 34.65
N LYS A 1164 30.82 -8.39 33.33
CA LYS A 1164 32.00 -7.79 32.71
C LYS A 1164 31.85 -7.81 31.20
N ASP A 1165 32.28 -6.71 30.58
CA ASP A 1165 32.42 -6.62 29.12
C ASP A 1165 31.07 -6.78 28.41
N MET A 1166 30.17 -5.84 28.68
CA MET A 1166 28.97 -5.64 27.87
C MET A 1166 28.81 -4.16 27.59
N THR A 1167 28.11 -3.85 26.50
CA THR A 1167 27.81 -2.47 26.16
C THR A 1167 26.56 -2.03 26.90
N LEU A 1168 26.67 -0.94 27.65
CA LEU A 1168 25.58 -0.42 28.46
C LEU A 1168 25.11 0.91 27.88
N GLU A 1169 23.80 1.14 27.94
CA GLU A 1169 23.25 2.40 27.46
C GLU A 1169 22.96 3.30 28.67
N GLY A 1170 22.36 4.46 28.42
CA GLY A 1170 22.16 5.44 29.47
C GLY A 1170 21.21 4.94 30.54
N ASP A 1171 21.60 5.12 31.81
CA ASP A 1171 20.77 4.82 32.97
C ASP A 1171 20.36 3.35 32.97
N ASP A 1172 21.36 2.48 33.05
CA ASP A 1172 21.15 1.05 33.17
C ASP A 1172 21.43 0.58 34.59
N LEU A 1173 20.54 -0.28 35.09
CA LEU A 1173 20.72 -0.84 36.42
C LEU A 1173 21.93 -1.77 36.43
N ILE A 1174 22.82 -1.58 37.39
CA ILE A 1174 24.04 -2.37 37.48
C ILE A 1174 24.15 -3.03 38.84
N LEU A 1175 23.99 -2.25 39.90
CA LEU A 1175 24.09 -2.75 41.26
C LEU A 1175 22.97 -2.16 42.10
N GLU A 1176 22.54 -2.91 43.11
CA GLU A 1176 21.54 -2.43 44.06
C GLU A 1176 22.15 -2.44 45.45
N ILE A 1177 22.00 -1.33 46.18
CA ILE A 1177 22.57 -1.18 47.50
C ILE A 1177 21.44 -1.18 48.53
N GLU A 1178 21.73 -1.67 49.73
CA GLU A 1178 20.74 -1.70 50.80
C GLU A 1178 21.34 -1.21 52.11
N LEU B 32 -67.17 -2.68 5.09
CA LEU B 32 -67.82 -3.86 5.64
C LEU B 32 -67.00 -5.12 5.33
N GLU B 33 -66.20 -5.05 4.26
CA GLU B 33 -65.34 -6.14 3.85
C GLU B 33 -63.93 -5.88 4.36
N TYR B 34 -63.41 -6.78 5.18
CA TYR B 34 -62.10 -6.62 5.80
C TYR B 34 -61.17 -7.70 5.27
N LYS B 35 -60.12 -7.30 4.57
CA LYS B 35 -59.14 -8.21 3.99
C LYS B 35 -57.73 -7.70 4.29
N PRO B 36 -57.18 -8.02 5.46
CA PRO B 36 -55.90 -7.43 5.86
C PRO B 36 -54.77 -7.85 4.93
N ILE B 37 -53.74 -7.00 4.87
CA ILE B 37 -52.61 -7.18 3.99
C ILE B 37 -51.43 -7.71 4.80
N LYS B 38 -50.75 -8.73 4.27
CA LYS B 38 -49.57 -9.24 4.95
C LYS B 38 -48.27 -8.67 4.39
N LYS B 39 -48.24 -8.33 3.10
CA LYS B 39 -47.04 -7.73 2.53
C LYS B 39 -47.41 -6.94 1.28
N VAL B 40 -46.54 -6.00 0.92
CA VAL B 40 -46.78 -5.09 -0.19
C VAL B 40 -45.53 -5.04 -1.05
N MET B 41 -45.72 -5.01 -2.38
CA MET B 41 -44.61 -4.98 -3.33
C MET B 41 -44.63 -3.66 -4.08
N VAL B 42 -43.45 -3.04 -4.21
CA VAL B 42 -43.30 -1.77 -4.92
C VAL B 42 -42.43 -1.99 -6.14
N ALA B 43 -42.83 -1.42 -7.27
CA ALA B 43 -42.16 -1.64 -8.55
C ALA B 43 -41.57 -0.35 -9.11
N ASN B 44 -40.91 0.45 -8.28
CA ASN B 44 -40.28 1.69 -8.71
C ASN B 44 -38.90 1.79 -8.07
N ARG B 45 -38.28 2.95 -8.23
CA ARG B 45 -36.96 3.20 -7.67
C ARG B 45 -36.89 4.67 -7.29
N GLY B 46 -36.08 4.97 -6.27
CA GLY B 46 -35.94 6.31 -5.78
C GLY B 46 -36.66 6.55 -4.46
N GLU B 47 -37.08 7.80 -4.23
CA GLU B 47 -37.64 8.18 -2.94
C GLU B 47 -39.02 7.60 -2.71
N ILE B 48 -39.82 7.40 -3.76
CA ILE B 48 -41.19 6.92 -3.56
C ILE B 48 -41.17 5.53 -2.93
N ALA B 49 -40.22 4.68 -3.34
CA ALA B 49 -40.10 3.37 -2.73
C ALA B 49 -39.76 3.48 -1.25
N ILE B 50 -38.86 4.40 -0.90
CA ILE B 50 -38.49 4.59 0.49
C ILE B 50 -39.69 5.05 1.31
N ARG B 51 -40.47 5.98 0.76
CA ARG B 51 -41.65 6.48 1.46
C ARG B 51 -42.67 5.36 1.69
N VAL B 52 -42.92 4.57 0.66
CA VAL B 52 -43.87 3.47 0.80
C VAL B 52 -43.37 2.44 1.80
N PHE B 53 -42.07 2.14 1.77
CA PHE B 53 -41.51 1.18 2.70
C PHE B 53 -41.61 1.66 4.14
N ARG B 54 -41.34 2.95 4.38
CA ARG B 54 -41.50 3.51 5.70
C ARG B 54 -42.95 3.41 6.17
N ALA B 55 -43.89 3.73 5.27
CA ALA B 55 -45.30 3.61 5.61
C ALA B 55 -45.66 2.19 5.99
N CYS B 56 -45.19 1.22 5.20
CA CYS B 56 -45.52 -0.18 5.45
C CYS B 56 -44.94 -0.66 6.78
N THR B 57 -43.66 -0.34 7.04
CA THR B 57 -43.04 -0.80 8.27
C THR B 57 -43.60 -0.07 9.49
N GLU B 58 -44.19 1.11 9.29
CA GLU B 58 -44.90 1.75 10.38
C GLU B 58 -46.13 0.95 10.80
N LEU B 59 -46.72 0.18 9.89
CA LEU B 59 -47.92 -0.58 10.15
C LEU B 59 -47.66 -2.06 10.39
N GLY B 60 -46.40 -2.46 10.55
CA GLY B 60 -46.07 -3.86 10.72
C GLY B 60 -46.38 -4.68 9.50
N ILE B 61 -45.98 -4.20 8.33
CA ILE B 61 -46.24 -4.86 7.06
C ILE B 61 -44.92 -5.23 6.41
N ARG B 62 -44.80 -6.48 5.98
CA ARG B 62 -43.58 -6.91 5.31
C ARG B 62 -43.45 -6.23 3.95
N THR B 63 -42.20 -5.96 3.57
CA THR B 63 -41.88 -5.18 2.38
C THR B 63 -41.10 -6.02 1.39
N VAL B 64 -41.36 -5.79 0.10
CA VAL B 64 -40.66 -6.47 -0.99
C VAL B 64 -40.16 -5.41 -1.96
N ALA B 65 -38.90 -5.51 -2.36
CA ALA B 65 -38.26 -4.53 -3.23
C ALA B 65 -37.66 -5.22 -4.44
N ILE B 66 -37.51 -4.46 -5.52
CA ILE B 66 -37.00 -4.97 -6.79
C ILE B 66 -35.94 -4.01 -7.29
N TYR B 67 -35.00 -4.53 -8.08
CA TYR B 67 -33.92 -3.73 -8.62
C TYR B 67 -33.41 -4.39 -9.90
N SER B 68 -32.75 -3.59 -10.72
CA SER B 68 -32.15 -4.07 -11.95
C SER B 68 -30.66 -4.32 -11.75
N GLU B 69 -30.01 -4.77 -12.82
CA GLU B 69 -28.58 -5.10 -12.73
C GLU B 69 -27.73 -3.85 -12.54
N GLN B 70 -28.02 -2.78 -13.29
CA GLN B 70 -27.22 -1.57 -13.17
C GLN B 70 -27.48 -0.86 -11.85
N ASP B 71 -28.74 -0.78 -11.44
CA ASP B 71 -29.12 -0.04 -10.24
C ASP B 71 -28.97 -0.93 -9.00
N THR B 72 -27.73 -1.40 -8.79
CA THR B 72 -27.42 -2.27 -7.67
C THR B 72 -26.81 -1.55 -6.49
N GLY B 73 -26.44 -0.28 -6.64
CA GLY B 73 -25.90 0.51 -5.56
C GLY B 73 -26.88 1.46 -4.91
N GLN B 74 -28.17 1.34 -5.21
CA GLN B 74 -29.15 2.27 -4.68
C GLN B 74 -29.52 1.91 -3.25
N MET B 75 -30.04 2.90 -2.52
CA MET B 75 -30.42 2.71 -1.12
C MET B 75 -31.67 1.84 -0.97
N HIS B 76 -32.59 1.90 -1.94
CA HIS B 76 -33.89 1.26 -1.75
C HIS B 76 -33.78 -0.24 -1.62
N ARG B 77 -32.88 -0.87 -2.39
CA ARG B 77 -32.78 -2.32 -2.39
C ARG B 77 -32.33 -2.84 -1.03
N GLN B 78 -31.42 -2.12 -0.38
CA GLN B 78 -30.96 -2.55 0.94
C GLN B 78 -31.82 -1.96 2.06
N LYS B 79 -32.71 -1.03 1.75
CA LYS B 79 -33.55 -0.45 2.79
C LYS B 79 -34.73 -1.35 3.15
N ALA B 80 -35.26 -2.08 2.18
CA ALA B 80 -36.43 -2.92 2.40
C ALA B 80 -36.06 -4.27 2.99
N ASP B 81 -37.00 -5.20 2.99
CA ASP B 81 -36.78 -6.53 3.56
C ASP B 81 -36.27 -7.53 2.52
N GLU B 82 -36.88 -7.58 1.34
CA GLU B 82 -36.50 -8.52 0.30
C GLU B 82 -36.18 -7.77 -0.98
N ALA B 83 -35.20 -8.28 -1.73
CA ALA B 83 -34.80 -7.68 -2.99
C ALA B 83 -34.60 -8.77 -4.03
N TYR B 84 -35.07 -8.53 -5.25
CA TYR B 84 -34.97 -9.51 -6.32
C TYR B 84 -34.58 -8.83 -7.63
N LEU B 85 -33.70 -9.49 -8.37
CA LEU B 85 -33.22 -9.01 -9.65
C LEU B 85 -34.21 -9.32 -10.76
N ILE B 86 -34.39 -8.36 -11.67
CA ILE B 86 -35.20 -8.53 -12.86
C ILE B 86 -34.47 -7.97 -14.07
N GLY B 87 -34.92 -8.39 -15.25
CA GLY B 87 -34.40 -7.87 -16.50
C GLY B 87 -32.91 -8.07 -16.69
N ARG B 88 -32.49 -9.32 -16.78
CA ARG B 88 -31.07 -9.64 -16.90
C ARG B 88 -30.51 -9.14 -18.24
N GLY B 89 -31.34 -9.14 -19.28
CA GLY B 89 -30.88 -8.73 -20.60
C GLY B 89 -31.57 -7.52 -21.19
N LEU B 90 -32.64 -7.03 -20.57
CA LEU B 90 -33.37 -5.91 -21.14
C LEU B 90 -32.59 -4.60 -20.93
N ALA B 91 -33.03 -3.56 -21.64
CA ALA B 91 -32.41 -2.25 -21.49
C ALA B 91 -32.67 -1.69 -20.10
N PRO B 92 -31.73 -0.91 -19.57
CA PRO B 92 -31.88 -0.43 -18.17
C PRO B 92 -33.14 0.40 -17.95
N VAL B 93 -33.55 1.19 -18.95
CA VAL B 93 -34.74 2.02 -18.77
C VAL B 93 -35.99 1.16 -18.77
N GLN B 94 -36.05 0.13 -19.62
CA GLN B 94 -37.22 -0.72 -19.74
C GLN B 94 -37.14 -1.96 -18.88
N ALA B 95 -36.06 -2.12 -18.10
CA ALA B 95 -35.95 -3.29 -17.25
C ALA B 95 -37.06 -3.33 -16.21
N TYR B 96 -37.46 -2.17 -15.71
CA TYR B 96 -38.58 -2.07 -14.77
C TYR B 96 -39.93 -2.09 -15.48
N LEU B 97 -39.97 -2.46 -16.76
CA LEU B 97 -41.20 -2.39 -17.55
C LEU B 97 -41.62 -3.74 -18.11
N HIS B 98 -41.02 -4.84 -17.65
CA HIS B 98 -41.42 -6.18 -18.10
C HIS B 98 -42.47 -6.71 -17.14
N ILE B 99 -43.73 -6.66 -17.54
CA ILE B 99 -44.82 -7.11 -16.67
C ILE B 99 -44.71 -8.59 -16.31
N PRO B 100 -44.46 -9.52 -17.26
CA PRO B 100 -44.45 -10.94 -16.86
C PRO B 100 -43.45 -11.26 -15.76
N ASP B 101 -42.27 -10.65 -15.78
CA ASP B 101 -41.26 -10.95 -14.77
C ASP B 101 -41.71 -10.50 -13.39
N ILE B 102 -42.26 -9.28 -13.29
CA ILE B 102 -42.70 -8.78 -11.99
C ILE B 102 -43.89 -9.57 -11.50
N ILE B 103 -44.78 -10.01 -12.41
CA ILE B 103 -45.89 -10.85 -11.99
C ILE B 103 -45.39 -12.18 -11.44
N LYS B 104 -44.42 -12.79 -12.11
CA LYS B 104 -43.85 -14.04 -11.59
C LYS B 104 -43.23 -13.82 -10.22
N VAL B 105 -42.44 -12.76 -10.08
CA VAL B 105 -41.78 -12.50 -8.80
C VAL B 105 -42.81 -12.29 -7.69
N ALA B 106 -43.86 -11.52 -7.97
CA ALA B 106 -44.88 -11.27 -6.95
C ALA B 106 -45.63 -12.55 -6.59
N LYS B 107 -45.93 -13.40 -7.58
CA LYS B 107 -46.74 -14.57 -7.31
C LYS B 107 -45.95 -15.65 -6.59
N GLU B 108 -44.64 -15.73 -6.83
CA GLU B 108 -43.84 -16.76 -6.17
C GLU B 108 -43.66 -16.45 -4.68
N ASN B 109 -43.57 -15.18 -4.31
CA ASN B 109 -43.24 -14.78 -2.96
C ASN B 109 -44.47 -14.49 -2.11
N ASN B 110 -45.66 -14.84 -2.59
CA ASN B 110 -46.91 -14.67 -1.84
C ASN B 110 -47.16 -13.21 -1.48
N VAL B 111 -47.06 -12.34 -2.49
CA VAL B 111 -47.32 -10.92 -2.31
C VAL B 111 -48.82 -10.68 -2.24
N ASP B 112 -49.23 -9.81 -1.32
CA ASP B 112 -50.64 -9.52 -1.09
C ASP B 112 -51.16 -8.37 -1.96
N ALA B 113 -50.42 -7.27 -2.06
CA ALA B 113 -50.86 -6.12 -2.83
C ALA B 113 -49.65 -5.44 -3.44
N VAL B 114 -49.90 -4.67 -4.51
CA VAL B 114 -48.82 -4.03 -5.24
C VAL B 114 -49.11 -2.53 -5.33
N HIS B 115 -48.09 -1.73 -5.01
CA HIS B 115 -48.14 -0.28 -5.14
C HIS B 115 -47.19 0.15 -6.24
N PRO B 116 -47.67 0.75 -7.34
CA PRO B 116 -46.77 1.10 -8.43
C PRO B 116 -46.18 2.51 -8.38
N GLY B 117 -46.56 3.34 -7.43
CA GLY B 117 -45.91 4.64 -7.25
C GLY B 117 -46.29 5.62 -8.36
N TYR B 118 -45.31 6.07 -9.12
CA TYR B 118 -45.55 6.97 -10.24
C TYR B 118 -44.40 6.87 -11.23
N GLY B 119 -44.63 7.36 -12.44
CA GLY B 119 -43.58 7.51 -13.43
C GLY B 119 -43.40 6.35 -14.38
N PHE B 120 -43.44 5.13 -13.87
CA PHE B 120 -43.13 3.95 -14.68
C PHE B 120 -44.35 3.17 -15.12
N LEU B 121 -45.21 2.75 -14.18
CA LEU B 121 -46.32 1.88 -14.54
C LEU B 121 -47.62 2.26 -13.84
N SER B 122 -47.77 3.51 -13.39
CA SER B 122 -49.01 3.91 -12.74
C SER B 122 -50.11 4.14 -13.77
N GLU B 123 -49.77 4.68 -14.94
CA GLU B 123 -50.76 4.99 -15.96
C GLU B 123 -51.08 3.80 -16.86
N ARG B 124 -50.30 2.73 -16.81
CA ARG B 124 -50.53 1.59 -17.68
C ARG B 124 -51.65 0.73 -17.11
N ALA B 125 -52.73 0.56 -17.89
CA ALA B 125 -53.86 -0.24 -17.44
C ALA B 125 -53.63 -1.73 -17.64
N ASP B 126 -52.77 -2.10 -18.60
CA ASP B 126 -52.48 -3.52 -18.81
C ASP B 126 -51.79 -4.11 -17.58
N PHE B 127 -50.89 -3.35 -16.96
CA PHE B 127 -50.26 -3.81 -15.73
C PHE B 127 -51.29 -4.02 -14.63
N ALA B 128 -52.24 -3.09 -14.51
CA ALA B 128 -53.27 -3.21 -13.48
C ALA B 128 -54.16 -4.43 -13.71
N GLN B 129 -54.55 -4.67 -14.97
CA GLN B 129 -55.42 -5.81 -15.24
C GLN B 129 -54.65 -7.13 -15.07
N ALA B 130 -53.37 -7.14 -15.42
CA ALA B 130 -52.56 -8.33 -15.16
C ALA B 130 -52.44 -8.58 -13.66
N CYS B 131 -52.30 -7.51 -12.88
CA CYS B 131 -52.31 -7.63 -11.42
C CYS B 131 -53.63 -8.23 -10.94
N GLN B 132 -54.75 -7.74 -11.46
CA GLN B 132 -56.04 -8.26 -11.03
C GLN B 132 -56.23 -9.71 -11.45
N ASP B 133 -55.62 -10.12 -12.57
CA ASP B 133 -55.76 -11.49 -13.03
C ASP B 133 -55.05 -12.47 -12.11
N ALA B 134 -53.93 -12.07 -11.51
CA ALA B 134 -53.12 -12.96 -10.69
C ALA B 134 -53.63 -13.09 -9.27
N GLY B 135 -54.70 -12.39 -8.91
CA GLY B 135 -55.24 -12.46 -7.58
C GLY B 135 -54.61 -11.53 -6.58
N VAL B 136 -53.57 -10.80 -6.95
CA VAL B 136 -52.95 -9.81 -6.09
C VAL B 136 -53.68 -8.48 -6.26
N ARG B 137 -53.84 -7.75 -5.17
CA ARG B 137 -54.55 -6.49 -5.23
C ARG B 137 -53.67 -5.40 -5.82
N PHE B 138 -54.31 -4.42 -6.47
CA PHE B 138 -53.65 -3.27 -7.05
C PHE B 138 -54.03 -2.04 -6.24
N ILE B 139 -53.03 -1.36 -5.68
CA ILE B 139 -53.27 -0.18 -4.86
C ILE B 139 -53.40 1.03 -5.79
N GLY B 140 -54.63 1.48 -5.97
CA GLY B 140 -54.91 2.59 -6.87
C GLY B 140 -56.28 2.46 -7.50
N PRO B 141 -56.58 3.33 -8.46
CA PRO B 141 -57.89 3.31 -9.11
C PRO B 141 -58.07 2.07 -9.97
N SER B 142 -59.33 1.72 -10.19
CA SER B 142 -59.65 0.55 -10.98
C SER B 142 -59.20 0.73 -12.42
N PRO B 143 -58.84 -0.35 -13.12
CA PRO B 143 -58.35 -0.21 -14.50
C PRO B 143 -59.34 0.45 -15.42
N GLU B 144 -60.64 0.28 -15.19
CA GLU B 144 -61.64 0.94 -16.04
C GLU B 144 -61.54 2.45 -15.92
N VAL B 145 -61.39 2.97 -14.70
CA VAL B 145 -61.24 4.41 -14.53
C VAL B 145 -59.94 4.89 -15.16
N VAL B 146 -58.88 4.08 -15.04
CA VAL B 146 -57.60 4.45 -15.65
C VAL B 146 -57.74 4.58 -17.16
N ARG B 147 -58.44 3.62 -17.79
CA ARG B 147 -58.68 3.73 -19.23
C ARG B 147 -59.60 4.91 -19.54
N LYS B 148 -60.56 5.19 -18.65
CA LYS B 148 -61.50 6.28 -18.87
C LYS B 148 -60.78 7.61 -18.92
N MET B 149 -59.78 7.80 -18.05
CA MET B 149 -58.90 8.96 -18.20
C MET B 149 -58.23 8.90 -19.57
N GLY B 150 -57.41 7.87 -19.78
CA GLY B 150 -56.81 7.58 -21.08
C GLY B 150 -56.26 8.77 -21.84
N ASP B 151 -56.81 9.00 -23.03
CA ASP B 151 -56.36 10.09 -23.89
C ASP B 151 -57.12 11.37 -23.55
N LYS B 152 -56.96 12.39 -24.40
CA LYS B 152 -57.55 13.69 -24.15
C LYS B 152 -58.99 13.81 -24.61
N VAL B 153 -59.38 13.06 -25.65
CA VAL B 153 -60.73 13.19 -26.21
C VAL B 153 -61.77 12.74 -25.20
N GLU B 154 -61.53 11.61 -24.52
CA GLU B 154 -62.48 11.14 -23.52
C GLU B 154 -62.60 12.11 -22.36
N ALA B 155 -61.47 12.67 -21.92
CA ALA B 155 -61.50 13.66 -20.85
C ALA B 155 -62.29 14.89 -21.26
N ARG B 156 -62.07 15.36 -22.49
CA ARG B 156 -62.85 16.50 -23.01
C ARG B 156 -64.33 16.18 -23.01
N ALA B 157 -64.70 15.00 -23.51
CA ALA B 157 -66.10 14.63 -23.58
C ALA B 157 -66.74 14.56 -22.20
N ILE B 158 -66.02 13.96 -21.24
CA ILE B 158 -66.56 13.85 -19.89
C ILE B 158 -66.71 15.22 -19.25
N ALA B 159 -65.71 16.08 -19.41
CA ALA B 159 -65.76 17.41 -18.81
C ALA B 159 -66.90 18.23 -19.38
N ILE B 160 -67.06 18.22 -20.71
CA ILE B 160 -68.12 18.99 -21.33
C ILE B 160 -69.48 18.42 -20.98
N ALA B 161 -69.61 17.09 -20.99
CA ALA B 161 -70.90 16.47 -20.71
C ALA B 161 -71.37 16.76 -19.29
N ALA B 162 -70.48 16.66 -18.32
CA ALA B 162 -70.82 16.94 -16.94
C ALA B 162 -69.55 17.36 -16.22
N GLY B 163 -69.40 18.65 -15.97
CA GLY B 163 -68.22 19.14 -15.28
C GLY B 163 -68.07 20.64 -15.45
N VAL B 164 -66.82 21.07 -15.36
CA VAL B 164 -66.45 22.48 -15.37
C VAL B 164 -66.31 22.98 -16.79
N PRO B 165 -66.38 24.29 -17.03
CA PRO B 165 -66.08 24.81 -18.37
C PRO B 165 -64.64 24.53 -18.74
N VAL B 166 -64.41 24.33 -20.05
CA VAL B 166 -63.12 23.98 -20.57
C VAL B 166 -62.66 25.07 -21.54
N VAL B 167 -61.35 25.20 -21.69
CA VAL B 167 -60.81 26.18 -22.63
C VAL B 167 -61.28 25.84 -24.04
N PRO B 168 -61.70 26.81 -24.85
CA PRO B 168 -62.14 26.49 -26.21
C PRO B 168 -61.03 25.85 -27.02
N GLY B 169 -61.41 24.89 -27.86
CA GLY B 169 -60.44 24.16 -28.66
C GLY B 169 -61.15 23.14 -29.52
N THR B 170 -60.35 22.41 -30.29
CA THR B 170 -60.87 21.41 -31.20
C THR B 170 -60.91 20.05 -30.53
N ASP B 171 -62.09 19.43 -30.49
CA ASP B 171 -62.20 18.09 -29.92
C ASP B 171 -61.50 17.06 -30.82
N ALA B 172 -61.69 17.17 -32.13
CA ALA B 172 -61.07 16.25 -33.06
C ALA B 172 -59.63 16.65 -33.36
N PRO B 173 -58.77 15.69 -33.70
CA PRO B 173 -57.40 16.03 -34.11
C PRO B 173 -57.40 16.82 -35.41
N ILE B 174 -56.37 17.65 -35.56
CA ILE B 174 -56.20 18.50 -36.73
C ILE B 174 -55.08 17.93 -37.60
N THR B 175 -55.39 17.63 -38.85
CA THR B 175 -54.41 17.16 -39.81
C THR B 175 -54.45 17.94 -41.13
N SER B 176 -55.33 18.93 -41.24
CA SER B 176 -55.47 19.73 -42.46
C SER B 176 -55.22 21.19 -42.14
N LEU B 177 -54.54 21.88 -43.07
CA LEU B 177 -54.29 23.31 -42.88
C LEU B 177 -55.59 24.10 -42.89
N HIS B 178 -56.61 23.61 -43.59
CA HIS B 178 -57.89 24.30 -43.65
C HIS B 178 -58.54 24.38 -42.28
N GLU B 179 -58.49 23.29 -41.51
CA GLU B 179 -59.06 23.31 -40.16
C GLU B 179 -58.37 24.33 -39.28
N ALA B 180 -57.04 24.37 -39.33
CA ALA B 180 -56.28 25.33 -38.53
C ALA B 180 -56.60 26.76 -38.94
N HIS B 181 -56.67 27.01 -40.25
CA HIS B 181 -56.99 28.35 -40.73
C HIS B 181 -58.38 28.78 -40.29
N GLU B 182 -59.37 27.87 -40.42
CA GLU B 182 -60.73 28.20 -40.02
C GLU B 182 -60.83 28.47 -38.51
N PHE B 183 -60.16 27.64 -37.71
CA PHE B 183 -60.24 27.82 -36.26
C PHE B 183 -59.47 29.04 -35.78
N SER B 184 -58.40 29.44 -36.50
CA SER B 184 -57.73 30.68 -36.18
C SER B 184 -58.57 31.89 -36.59
N ASN B 185 -59.29 31.78 -37.70
CA ASN B 185 -60.15 32.87 -38.15
C ASN B 185 -61.35 33.04 -37.22
N THR B 186 -61.86 31.93 -36.69
CA THR B 186 -63.06 32.00 -35.86
C THR B 186 -62.75 32.51 -34.45
N TYR B 187 -61.87 31.80 -33.73
CA TYR B 187 -61.63 32.12 -32.33
C TYR B 187 -60.65 33.27 -32.17
N GLY B 188 -59.40 33.09 -32.61
CA GLY B 188 -58.39 34.11 -32.43
C GLY B 188 -57.11 33.76 -33.14
N PHE B 189 -56.22 34.75 -33.21
CA PHE B 189 -54.95 34.60 -33.90
C PHE B 189 -53.92 33.81 -33.08
N PRO B 190 -53.64 34.18 -31.83
CA PRO B 190 -52.62 33.43 -31.07
C PRO B 190 -53.20 32.11 -30.57
N ILE B 191 -52.62 31.00 -31.03
CA ILE B 191 -53.08 29.68 -30.66
C ILE B 191 -51.88 28.81 -30.27
N ILE B 192 -52.17 27.64 -29.73
CA ILE B 192 -51.18 26.67 -29.30
C ILE B 192 -51.46 25.34 -29.96
N PHE B 193 -50.41 24.72 -30.48
CA PHE B 193 -50.47 23.37 -31.02
C PHE B 193 -50.05 22.38 -29.94
N LYS B 194 -50.89 21.39 -29.69
CA LYS B 194 -50.63 20.37 -28.67
C LYS B 194 -50.58 19.01 -29.33
N ALA B 195 -49.75 18.12 -28.78
CA ALA B 195 -49.58 16.77 -29.31
C ALA B 195 -50.32 15.77 -28.44
N ALA B 196 -51.15 14.94 -29.06
CA ALA B 196 -51.87 13.89 -28.37
C ALA B 196 -51.13 12.55 -28.50
N TYR B 197 -51.54 11.59 -27.67
CA TYR B 197 -50.91 10.27 -27.62
C TYR B 197 -49.41 10.38 -27.35
N GLY B 198 -49.03 11.31 -26.48
CA GLY B 198 -47.65 11.52 -26.15
C GLY B 198 -47.45 12.41 -24.94
N GLY B 199 -46.47 12.08 -24.10
CA GLY B 199 -46.21 12.84 -22.90
C GLY B 199 -45.07 13.83 -23.07
N GLY B 200 -44.39 13.78 -24.20
CA GLY B 200 -43.28 14.68 -24.44
C GLY B 200 -43.76 16.10 -24.67
N GLY B 201 -42.89 17.05 -24.34
CA GLY B 201 -43.16 18.46 -24.52
C GLY B 201 -42.75 19.03 -25.86
N ARG B 202 -42.32 18.19 -26.80
CA ARG B 202 -41.90 18.71 -28.10
C ARG B 202 -43.09 19.21 -28.92
N GLY B 203 -44.29 18.72 -28.60
CA GLY B 203 -45.48 19.14 -29.31
C GLY B 203 -46.20 20.31 -28.67
N MET B 204 -45.48 21.41 -28.48
CA MET B 204 -46.06 22.61 -27.88
C MET B 204 -45.49 23.85 -28.54
N ARG B 205 -46.20 24.41 -29.51
CA ARG B 205 -45.75 25.58 -30.24
C ARG B 205 -46.83 26.65 -30.26
N VAL B 206 -46.37 27.90 -30.41
CA VAL B 206 -47.22 29.08 -30.33
C VAL B 206 -47.36 29.69 -31.71
N VAL B 207 -48.53 30.26 -31.99
CA VAL B 207 -48.85 30.88 -33.27
C VAL B 207 -49.43 32.26 -33.00
N HIS B 208 -48.91 33.26 -33.71
CA HIS B 208 -49.39 34.64 -33.57
C HIS B 208 -49.89 35.27 -34.87
N SER B 209 -49.31 34.90 -36.01
CA SER B 209 -49.66 35.53 -37.29
C SER B 209 -49.76 34.47 -38.37
N TYR B 210 -50.41 34.83 -39.48
CA TYR B 210 -50.69 33.89 -40.56
C TYR B 210 -49.40 33.33 -41.16
N GLU B 211 -48.46 34.20 -41.51
CA GLU B 211 -47.18 33.75 -42.05
C GLU B 211 -46.45 32.88 -41.04
N GLU B 212 -46.47 33.27 -39.77
CA GLU B 212 -45.96 32.42 -38.70
C GLU B 212 -46.81 31.16 -38.54
N LEU B 213 -48.12 31.28 -38.74
CA LEU B 213 -49.02 30.14 -38.55
C LEU B 213 -48.68 29.00 -39.51
N GLU B 214 -48.47 29.34 -40.78
CA GLU B 214 -48.19 28.31 -41.78
C GLU B 214 -46.91 27.55 -41.44
N GLU B 215 -45.85 28.28 -41.10
CA GLU B 215 -44.59 27.63 -40.79
C GLU B 215 -44.68 26.78 -39.52
N ASN B 216 -45.32 27.31 -38.47
CA ASN B 216 -45.46 26.53 -37.25
C ASN B 216 -46.30 25.28 -37.49
N TYR B 217 -47.39 25.39 -38.24
CA TYR B 217 -48.21 24.21 -38.54
C TYR B 217 -47.40 23.17 -39.30
N THR B 218 -46.64 23.62 -40.32
CA THR B 218 -45.84 22.68 -41.10
C THR B 218 -44.82 21.96 -40.24
N ARG B 219 -44.04 22.72 -39.45
CA ARG B 219 -42.98 22.09 -38.67
C ARG B 219 -43.56 21.22 -37.55
N ALA B 220 -44.67 21.65 -36.92
CA ALA B 220 -45.28 20.85 -35.88
C ALA B 220 -45.82 19.53 -36.44
N TYR B 221 -46.49 19.59 -37.60
CA TYR B 221 -46.97 18.36 -38.21
C TYR B 221 -45.82 17.45 -38.59
N SER B 222 -44.75 18.01 -39.15
CA SER B 222 -43.60 17.19 -39.54
C SER B 222 -42.96 16.52 -38.33
N GLU B 223 -42.75 17.27 -37.25
CA GLU B 223 -42.11 16.69 -36.08
C GLU B 223 -43.02 15.67 -35.39
N ALA B 224 -44.33 15.92 -35.35
CA ALA B 224 -45.25 14.96 -34.76
C ALA B 224 -45.27 13.67 -35.56
N LEU B 225 -45.25 13.76 -36.89
CA LEU B 225 -45.28 12.56 -37.71
C LEU B 225 -43.94 11.83 -37.71
N ALA B 226 -42.84 12.55 -37.48
CA ALA B 226 -41.53 11.92 -37.53
C ALA B 226 -41.14 11.31 -36.19
N ALA B 227 -41.12 12.12 -35.12
CA ALA B 227 -40.66 11.63 -33.84
C ALA B 227 -41.58 10.54 -33.29
N PHE B 228 -42.88 10.71 -33.43
CA PHE B 228 -43.86 9.75 -32.94
C PHE B 228 -44.70 9.22 -34.11
N GLY B 229 -45.80 8.55 -33.77
CA GLY B 229 -46.64 7.93 -34.77
C GLY B 229 -47.77 8.83 -35.22
N ASN B 230 -49.00 8.50 -34.82
CA ASN B 230 -50.16 9.30 -35.23
C ASN B 230 -50.00 10.74 -34.76
N GLY B 231 -50.16 11.67 -35.71
CA GLY B 231 -50.00 13.08 -35.42
C GLY B 231 -51.29 13.78 -35.07
N ALA B 232 -51.93 13.34 -33.99
CA ALA B 232 -53.20 13.92 -33.54
C ALA B 232 -52.91 15.26 -32.88
N LEU B 233 -52.81 16.30 -33.71
CA LEU B 233 -52.55 17.64 -33.24
C LEU B 233 -53.83 18.34 -32.83
N PHE B 234 -53.75 19.10 -31.75
CA PHE B 234 -54.87 19.87 -31.23
C PHE B 234 -54.55 21.36 -31.28
N VAL B 235 -55.56 22.16 -31.58
CA VAL B 235 -55.44 23.61 -31.63
C VAL B 235 -56.24 24.18 -30.47
N GLU B 236 -55.57 24.97 -29.62
CA GLU B 236 -56.25 25.55 -28.47
C GLU B 236 -55.92 27.03 -28.37
N LYS B 237 -56.82 27.78 -27.73
CA LYS B 237 -56.59 29.20 -27.55
C LYS B 237 -55.57 29.45 -26.44
N PHE B 238 -54.59 30.30 -26.72
CA PHE B 238 -53.53 30.60 -25.77
C PHE B 238 -54.00 31.63 -24.75
N ILE B 239 -53.58 31.44 -23.51
CA ILE B 239 -53.84 32.36 -22.42
C ILE B 239 -52.53 33.09 -22.10
N GLU B 240 -52.58 34.43 -22.09
CA GLU B 240 -51.38 35.25 -21.97
C GLU B 240 -50.64 34.99 -20.67
N LYS B 241 -51.36 34.94 -19.55
CA LYS B 241 -50.77 34.73 -18.23
C LYS B 241 -51.47 33.53 -17.60
N PRO B 242 -50.96 32.33 -17.83
CA PRO B 242 -51.56 31.14 -17.21
C PRO B 242 -51.12 30.98 -15.77
N ARG B 243 -52.03 30.41 -14.96
CA ARG B 243 -51.77 30.16 -13.55
C ARG B 243 -52.56 28.91 -13.18
N HIS B 244 -51.92 27.75 -13.24
CA HIS B 244 -52.61 26.47 -13.06
C HIS B 244 -52.60 26.05 -11.59
N ILE B 245 -53.75 25.59 -11.12
CA ILE B 245 -53.98 25.24 -9.73
C ILE B 245 -54.27 23.74 -9.64
N GLU B 246 -53.59 23.06 -8.73
CA GLU B 246 -53.75 21.63 -8.54
C GLU B 246 -54.56 21.38 -7.27
N VAL B 247 -55.47 20.40 -7.35
CA VAL B 247 -56.28 20.01 -6.20
C VAL B 247 -56.14 18.50 -5.99
N GLN B 248 -55.94 18.10 -4.74
CA GLN B 248 -55.76 16.70 -4.39
C GLN B 248 -57.06 16.15 -3.81
N ILE B 249 -57.43 14.94 -4.23
CA ILE B 249 -58.71 14.32 -3.90
C ILE B 249 -58.44 12.91 -3.38
N LEU B 250 -59.21 12.49 -2.38
CA LEU B 250 -59.16 11.13 -1.89
C LEU B 250 -60.57 10.54 -1.97
N GLY B 251 -60.64 9.27 -2.32
CA GLY B 251 -61.92 8.59 -2.41
C GLY B 251 -61.81 7.18 -1.86
N ASP B 252 -62.94 6.62 -1.48
CA ASP B 252 -62.99 5.25 -0.99
C ASP B 252 -63.84 4.41 -1.93
N GLN B 253 -64.04 3.15 -1.57
CA GLN B 253 -64.86 2.23 -2.33
C GLN B 253 -66.35 2.33 -1.99
N TYR B 254 -66.71 3.19 -1.05
CA TYR B 254 -68.10 3.37 -0.64
C TYR B 254 -68.65 4.72 -1.09
N GLY B 255 -68.02 5.33 -2.09
CA GLY B 255 -68.49 6.59 -2.62
C GLY B 255 -68.42 7.76 -1.67
N ASN B 256 -67.39 7.81 -0.83
CA ASN B 256 -67.14 8.96 0.04
C ASN B 256 -65.88 9.66 -0.45
N ILE B 257 -66.04 10.89 -0.92
CA ILE B 257 -64.96 11.63 -1.57
C ILE B 257 -64.65 12.87 -0.74
N LEU B 258 -63.36 13.05 -0.43
CA LEU B 258 -62.90 14.16 0.39
C LEU B 258 -61.80 14.90 -0.38
N HIS B 259 -62.00 16.19 -0.61
CA HIS B 259 -60.96 17.02 -1.19
C HIS B 259 -59.93 17.37 -0.13
N LEU B 260 -58.67 17.49 -0.52
CA LEU B 260 -57.64 17.79 0.46
C LEU B 260 -57.56 19.28 0.75
N TYR B 261 -57.08 20.06 -0.23
CA TYR B 261 -57.05 21.53 -0.34
C TYR B 261 -56.30 21.88 -1.62
N GLU B 262 -56.21 23.17 -1.89
CA GLU B 262 -55.64 23.70 -3.11
C GLU B 262 -54.10 23.55 -3.10
N ARG B 263 -53.51 23.73 -4.27
CA ARG B 263 -52.06 23.81 -4.41
C ARG B 263 -51.74 24.78 -5.54
N ASP B 264 -50.54 25.34 -5.50
CA ASP B 264 -50.10 26.30 -6.52
C ASP B 264 -48.84 25.76 -7.18
N CYS B 265 -48.75 25.98 -8.49
CA CYS B 265 -47.63 25.46 -9.29
C CYS B 265 -47.13 26.54 -10.22
N SER B 266 -47.18 27.80 -9.77
CA SER B 266 -46.94 28.93 -10.65
C SER B 266 -45.53 28.92 -11.25
N ILE B 267 -44.54 28.37 -10.55
CA ILE B 267 -43.17 28.38 -11.05
C ILE B 267 -43.04 27.27 -12.08
N GLN B 268 -42.60 27.62 -13.28
CA GLN B 268 -42.49 26.67 -14.40
C GLN B 268 -41.26 27.03 -15.21
N ARG B 269 -40.33 26.09 -15.35
CA ARG B 269 -39.13 26.36 -16.14
C ARG B 269 -39.51 26.64 -17.59
N ARG B 270 -39.94 25.59 -18.30
CA ARG B 270 -40.74 25.76 -19.51
C ARG B 270 -42.07 25.03 -19.38
N HIS B 271 -42.05 23.74 -19.03
CA HIS B 271 -43.26 23.01 -18.69
C HIS B 271 -43.02 22.00 -17.56
N GLN B 272 -41.86 22.04 -16.90
CA GLN B 272 -41.50 21.07 -15.87
C GLN B 272 -41.42 21.77 -14.52
N LYS B 273 -41.86 21.08 -13.48
CA LYS B 273 -41.96 21.65 -12.14
C LYS B 273 -40.58 21.80 -11.51
N VAL B 274 -40.39 22.91 -10.81
CA VAL B 274 -39.14 23.12 -10.06
C VAL B 274 -39.42 23.47 -8.59
N VAL B 275 -40.24 24.49 -8.33
CA VAL B 275 -40.50 24.97 -6.99
C VAL B 275 -42.00 25.08 -6.77
N GLU B 276 -42.49 24.54 -5.67
CA GLU B 276 -43.94 24.45 -5.44
C GLU B 276 -44.33 25.09 -4.11
N ILE B 277 -45.53 25.65 -4.07
CA ILE B 277 -46.12 26.23 -2.86
C ILE B 277 -47.56 25.73 -2.76
N ALA B 278 -47.93 25.21 -1.57
CA ALA B 278 -49.29 24.68 -1.42
C ALA B 278 -50.33 25.76 -1.24
N PRO B 279 -50.27 26.61 -0.21
CA PRO B 279 -51.41 27.51 0.06
C PRO B 279 -51.57 28.55 -1.03
N ALA B 280 -52.81 29.01 -1.19
CA ALA B 280 -53.12 29.99 -2.22
C ALA B 280 -52.49 31.33 -1.91
N ALA B 281 -51.64 31.81 -2.82
CA ALA B 281 -50.99 33.10 -2.65
C ALA B 281 -52.01 34.23 -2.62
N HIS B 282 -52.72 34.42 -3.73
CA HIS B 282 -53.76 35.45 -3.84
C HIS B 282 -54.94 34.83 -4.59
N LEU B 283 -55.85 34.21 -3.85
CA LEU B 283 -57.04 33.59 -4.43
C LEU B 283 -58.28 34.02 -3.66
N ASP B 284 -59.34 34.31 -4.39
CA ASP B 284 -60.62 34.62 -3.76
C ASP B 284 -61.15 33.38 -3.05
N PRO B 285 -61.53 33.50 -1.77
CA PRO B 285 -62.15 32.35 -1.09
C PRO B 285 -63.37 31.81 -1.81
N GLN B 286 -64.14 32.68 -2.46
CA GLN B 286 -65.25 32.18 -3.29
C GLN B 286 -64.72 31.35 -4.46
N LEU B 287 -63.64 31.80 -5.09
CA LEU B 287 -63.07 31.04 -6.19
C LEU B 287 -62.54 29.69 -5.74
N ARG B 288 -61.88 29.63 -4.58
CA ARG B 288 -61.38 28.36 -4.09
C ARG B 288 -62.52 27.43 -3.68
N THR B 289 -63.60 27.99 -3.12
CA THR B 289 -64.77 27.18 -2.82
C THR B 289 -65.38 26.63 -4.10
N ARG B 290 -65.44 27.45 -5.14
CA ARG B 290 -65.90 26.97 -6.44
C ARG B 290 -65.04 25.84 -6.95
N LEU B 291 -63.72 25.99 -6.86
CA LEU B 291 -62.81 24.95 -7.33
C LEU B 291 -63.01 23.66 -6.55
N THR B 292 -63.16 23.77 -5.23
CA THR B 292 -63.38 22.60 -4.38
C THR B 292 -64.67 21.87 -4.76
N SER B 293 -65.77 22.62 -4.85
CA SER B 293 -67.05 21.99 -5.19
C SER B 293 -67.01 21.37 -6.58
N ASP B 294 -66.37 22.05 -7.53
CA ASP B 294 -66.24 21.52 -8.88
C ASP B 294 -65.44 20.23 -8.89
N SER B 295 -64.33 20.19 -8.18
CA SER B 295 -63.52 18.98 -8.14
C SER B 295 -64.27 17.84 -7.48
N VAL B 296 -65.01 18.13 -6.40
CA VAL B 296 -65.80 17.10 -5.73
C VAL B 296 -66.85 16.55 -6.67
N LYS B 297 -67.56 17.42 -7.39
CA LYS B 297 -68.59 16.95 -8.31
C LYS B 297 -67.99 16.14 -9.45
N LEU B 298 -66.82 16.55 -9.95
CA LEU B 298 -66.17 15.82 -11.02
C LEU B 298 -65.75 14.43 -10.56
N ALA B 299 -65.17 14.35 -9.35
CA ALA B 299 -64.78 13.06 -8.82
C ALA B 299 -65.99 12.15 -8.59
N LYS B 300 -67.10 12.72 -8.10
CA LYS B 300 -68.30 11.93 -7.90
C LYS B 300 -68.85 11.43 -9.23
N GLN B 301 -68.84 12.29 -10.25
CA GLN B 301 -69.30 11.87 -11.57
C GLN B 301 -68.44 10.76 -12.14
N VAL B 302 -67.12 10.89 -12.03
CA VAL B 302 -66.24 9.85 -12.57
C VAL B 302 -66.36 8.57 -11.75
N GLY B 303 -66.43 8.69 -10.44
CA GLY B 303 -66.49 7.52 -9.57
C GLY B 303 -65.12 7.04 -9.15
N TYR B 304 -64.31 7.95 -8.61
CA TYR B 304 -62.94 7.62 -8.24
C TYR B 304 -62.91 6.86 -6.93
N GLU B 305 -61.80 6.14 -6.71
CA GLU B 305 -61.69 5.20 -5.60
C GLU B 305 -60.47 5.40 -4.71
N ASN B 306 -59.54 6.28 -5.07
CA ASN B 306 -58.26 6.42 -4.37
C ASN B 306 -57.82 7.87 -4.47
N ALA B 307 -56.52 8.12 -4.25
CA ALA B 307 -55.96 9.45 -4.36
C ALA B 307 -55.77 9.86 -5.83
N GLY B 308 -56.20 11.07 -6.17
CA GLY B 308 -56.03 11.62 -7.50
C GLY B 308 -55.82 13.11 -7.48
N THR B 309 -55.47 13.70 -8.62
CA THR B 309 -55.24 15.14 -8.69
C THR B 309 -55.98 15.71 -9.89
N VAL B 310 -56.48 16.93 -9.74
CA VAL B 310 -57.12 17.67 -10.83
C VAL B 310 -56.34 18.95 -11.07
N GLU B 311 -55.98 19.20 -12.33
CA GLU B 311 -55.24 20.39 -12.71
C GLU B 311 -56.22 21.41 -13.30
N PHE B 312 -56.14 22.64 -12.82
CA PHE B 312 -56.99 23.72 -13.28
C PHE B 312 -56.15 24.72 -14.06
N LEU B 313 -56.78 25.83 -14.45
CA LEU B 313 -56.07 26.92 -15.12
C LEU B 313 -56.92 28.17 -14.99
N VAL B 314 -56.41 29.17 -14.25
CA VAL B 314 -57.16 30.38 -13.94
C VAL B 314 -56.56 31.55 -14.69
N ASP B 315 -57.39 32.54 -14.98
CA ASP B 315 -56.99 33.75 -15.70
C ASP B 315 -56.96 34.94 -14.76
N ARG B 316 -56.51 36.07 -15.29
CA ARG B 316 -56.44 37.30 -14.49
C ARG B 316 -57.81 37.73 -14.00
N HIS B 317 -58.81 37.64 -14.87
CA HIS B 317 -60.16 38.10 -14.52
C HIS B 317 -60.86 37.20 -13.52
N GLY B 318 -60.35 35.99 -13.29
CA GLY B 318 -60.96 35.10 -12.31
C GLY B 318 -61.83 34.02 -12.93
N LYS B 319 -61.46 33.57 -14.13
CA LYS B 319 -62.15 32.49 -14.82
C LYS B 319 -61.23 31.30 -14.91
N HIS B 320 -61.70 30.14 -14.46
CA HIS B 320 -60.91 28.92 -14.40
C HIS B 320 -61.21 28.02 -15.59
N TYR B 321 -60.20 27.26 -16.00
CA TYR B 321 -60.32 26.33 -17.11
C TYR B 321 -59.72 24.99 -16.71
N PHE B 322 -60.43 23.92 -17.06
CA PHE B 322 -59.94 22.57 -16.79
C PHE B 322 -58.78 22.24 -17.72
N ILE B 323 -57.87 21.39 -17.22
CA ILE B 323 -56.74 20.96 -18.04
C ILE B 323 -56.75 19.44 -18.17
N GLU B 324 -56.62 18.74 -17.04
CA GLU B 324 -56.62 17.28 -17.04
C GLU B 324 -56.66 16.78 -15.60
N VAL B 325 -56.67 15.46 -15.47
CA VAL B 325 -56.72 14.79 -14.18
C VAL B 325 -55.68 13.68 -14.18
N ASN B 326 -54.87 13.63 -13.12
CA ASN B 326 -53.87 12.58 -12.96
C ASN B 326 -54.34 11.57 -11.93
N SER B 327 -54.21 10.29 -12.28
CA SER B 327 -54.78 9.21 -11.50
C SER B 327 -53.80 8.59 -10.50
N ARG B 328 -52.55 9.05 -10.47
CA ARG B 328 -51.56 8.50 -9.56
C ARG B 328 -51.30 9.50 -8.42
N LEU B 329 -50.49 9.09 -7.47
CA LEU B 329 -50.09 9.96 -6.37
C LEU B 329 -48.93 10.84 -6.83
N GLN B 330 -49.19 12.14 -6.95
CA GLN B 330 -48.20 13.04 -7.53
C GLN B 330 -47.08 13.32 -6.54
N VAL B 331 -45.96 13.80 -7.08
CA VAL B 331 -44.75 14.00 -6.27
C VAL B 331 -45.00 15.00 -5.15
N GLU B 332 -45.76 16.06 -5.45
CA GLU B 332 -45.90 17.19 -4.53
C GLU B 332 -46.93 16.96 -3.45
N HIS B 333 -47.59 15.80 -3.45
CA HIS B 333 -48.60 15.49 -2.45
C HIS B 333 -48.09 15.73 -1.03
N THR B 334 -46.82 15.38 -0.77
CA THR B 334 -46.27 15.51 0.57
C THR B 334 -46.45 16.92 1.11
N VAL B 335 -46.40 17.93 0.24
CA VAL B 335 -46.54 19.30 0.70
C VAL B 335 -47.89 19.50 1.36
N THR B 336 -48.97 19.08 0.68
CA THR B 336 -50.29 19.10 1.29
C THR B 336 -50.30 18.31 2.58
N GLU B 337 -49.56 17.20 2.61
CA GLU B 337 -49.46 16.36 3.78
C GLU B 337 -49.04 17.13 5.01
N GLU B 338 -48.27 18.20 4.84
CA GLU B 338 -47.84 19.01 5.98
C GLU B 338 -48.82 20.11 6.34
N ILE B 339 -49.56 20.64 5.38
CA ILE B 339 -50.55 21.67 5.71
C ILE B 339 -51.73 21.05 6.47
N THR B 340 -52.21 19.91 5.99
CA THR B 340 -53.33 19.22 6.61
C THR B 340 -52.91 18.31 7.75
N ASP B 341 -51.62 17.99 7.87
CA ASP B 341 -51.12 17.09 8.89
C ASP B 341 -51.83 15.74 8.84
N VAL B 342 -52.11 15.28 7.63
CA VAL B 342 -52.77 14.00 7.39
C VAL B 342 -51.91 13.19 6.43
N ASP B 343 -51.62 11.95 6.79
CA ASP B 343 -50.71 11.12 6.01
C ASP B 343 -51.46 10.51 4.82
N LEU B 344 -50.92 10.71 3.62
CA LEU B 344 -51.56 10.21 2.41
C LEU B 344 -51.42 8.70 2.27
N VAL B 345 -50.22 8.16 2.52
CA VAL B 345 -49.97 6.76 2.20
C VAL B 345 -50.73 5.83 3.14
N HIS B 346 -50.87 6.22 4.41
CA HIS B 346 -51.68 5.41 5.32
C HIS B 346 -53.13 5.34 4.86
N ALA B 347 -53.68 6.47 4.43
CA ALA B 347 -55.03 6.48 3.89
C ALA B 347 -55.13 5.62 2.63
N GLN B 348 -54.12 5.68 1.77
CA GLN B 348 -54.12 4.87 0.56
C GLN B 348 -54.13 3.37 0.89
N ILE B 349 -53.30 2.97 1.85
CA ILE B 349 -53.27 1.57 2.25
C ILE B 349 -54.60 1.17 2.87
N HIS B 350 -55.19 2.04 3.70
CA HIS B 350 -56.45 1.72 4.33
C HIS B 350 -57.57 1.55 3.30
N VAL B 351 -57.62 2.44 2.30
CA VAL B 351 -58.67 2.33 1.28
C VAL B 351 -58.42 1.11 0.41
N ALA B 352 -57.16 0.79 0.10
CA ALA B 352 -56.87 -0.43 -0.64
C ALA B 352 -57.31 -1.66 0.15
N GLU B 353 -57.19 -1.61 1.47
CA GLU B 353 -57.61 -2.74 2.29
C GLU B 353 -59.13 -2.81 2.39
N GLY B 354 -59.79 -1.67 2.53
CA GLY B 354 -61.24 -1.63 2.56
C GLY B 354 -61.86 -0.90 3.73
N ARG B 355 -61.12 -0.18 4.56
CA ARG B 355 -61.75 0.61 5.60
C ARG B 355 -62.36 1.88 5.01
N SER B 356 -63.50 2.28 5.55
CA SER B 356 -64.16 3.50 5.09
C SER B 356 -63.55 4.72 5.76
N LEU B 357 -63.71 5.87 5.11
CA LEU B 357 -63.14 7.11 5.63
C LEU B 357 -63.66 7.49 7.01
N PRO B 358 -64.97 7.45 7.31
CA PRO B 358 -65.41 7.83 8.66
C PRO B 358 -64.79 7.00 9.77
N ASP B 359 -64.49 5.74 9.51
CA ASP B 359 -63.81 4.92 10.52
C ASP B 359 -62.43 5.45 10.85
N LEU B 360 -61.76 6.10 9.90
CA LEU B 360 -60.45 6.69 10.12
C LEU B 360 -60.52 8.06 10.76
N GLY B 361 -61.72 8.60 10.96
CA GLY B 361 -61.87 9.94 11.52
C GLY B 361 -61.37 11.04 10.61
N LEU B 362 -61.58 10.90 9.31
CA LEU B 362 -61.16 11.90 8.33
C LEU B 362 -62.42 12.50 7.71
N ARG B 363 -62.68 13.77 7.99
CA ARG B 363 -63.87 14.45 7.51
C ARG B 363 -63.51 15.86 7.06
N GLN B 364 -64.49 16.53 6.46
CA GLN B 364 -64.30 17.91 6.02
C GLN B 364 -64.02 18.83 7.20
N GLU B 365 -64.75 18.66 8.30
CA GLU B 365 -64.63 19.59 9.41
C GLU B 365 -63.34 19.42 10.18
N ASN B 366 -62.74 18.23 10.13
CA ASN B 366 -61.52 17.95 10.88
C ASN B 366 -60.26 18.35 10.13
N ILE B 367 -60.39 18.90 8.91
CA ILE B 367 -59.26 19.32 8.11
C ILE B 367 -59.20 20.84 8.16
N ARG B 368 -58.02 21.38 8.48
CA ARG B 368 -57.86 22.82 8.59
C ARG B 368 -56.47 23.23 8.11
N ILE B 369 -56.40 24.42 7.53
CA ILE B 369 -55.15 25.03 7.08
C ILE B 369 -54.31 25.37 8.31
N ASN B 370 -53.01 25.07 8.23
CA ASN B 370 -52.09 25.42 9.31
C ASN B 370 -50.73 25.75 8.67
N GLY B 371 -50.50 27.04 8.44
CA GLY B 371 -49.21 27.48 7.94
C GLY B 371 -49.07 27.37 6.43
N CYS B 372 -47.84 27.54 5.98
CA CYS B 372 -47.50 27.50 4.55
C CYS B 372 -46.29 26.59 4.36
N ALA B 373 -46.11 26.12 3.14
CA ALA B 373 -45.05 25.18 2.83
C ALA B 373 -44.43 25.50 1.47
N ILE B 374 -43.15 25.15 1.34
CA ILE B 374 -42.41 25.31 0.09
C ILE B 374 -41.66 24.02 -0.20
N GLN B 375 -41.69 23.59 -1.46
CA GLN B 375 -41.10 22.34 -1.90
C GLN B 375 -40.07 22.60 -3.00
N CYS B 376 -38.90 21.99 -2.86
CA CYS B 376 -37.84 22.10 -3.86
C CYS B 376 -37.16 20.75 -4.04
N ARG B 377 -36.58 20.56 -5.22
CA ARG B 377 -35.85 19.34 -5.56
C ARG B 377 -34.50 19.72 -6.13
N VAL B 378 -33.44 19.03 -5.70
CA VAL B 378 -32.10 19.30 -6.20
C VAL B 378 -31.81 18.33 -7.35
N THR B 379 -31.18 18.85 -8.41
CA THR B 379 -30.91 18.07 -9.61
C THR B 379 -29.52 18.40 -10.13
N THR B 380 -28.89 17.39 -10.74
CA THR B 380 -27.54 17.54 -11.29
C THR B 380 -27.58 18.06 -12.74
N GLU B 381 -28.14 19.24 -12.89
CA GLU B 381 -28.23 19.91 -14.19
C GLU B 381 -27.48 21.23 -14.15
N ASP B 382 -26.95 21.63 -15.30
CA ASP B 382 -26.18 22.87 -15.43
C ASP B 382 -27.09 24.04 -15.77
N PRO B 383 -27.39 24.92 -14.80
CA PRO B 383 -28.25 26.08 -15.11
C PRO B 383 -27.58 27.09 -16.02
N ALA B 384 -26.31 26.89 -16.37
CA ALA B 384 -25.58 27.89 -17.17
C ALA B 384 -25.90 27.76 -18.65
N ARG B 385 -25.57 26.61 -19.26
CA ARG B 385 -25.65 26.49 -20.70
C ARG B 385 -27.05 26.16 -21.20
N SER B 386 -27.56 24.97 -20.88
CA SER B 386 -28.84 24.54 -21.43
C SER B 386 -29.68 23.73 -20.45
N PHE B 387 -29.44 23.85 -19.14
CA PHE B 387 -30.03 22.94 -18.15
C PHE B 387 -29.68 21.49 -18.49
N GLN B 388 -28.48 21.29 -19.01
CA GLN B 388 -28.03 19.96 -19.41
C GLN B 388 -27.69 19.14 -18.16
N PRO B 389 -28.15 17.89 -18.07
CA PRO B 389 -27.80 17.06 -16.92
C PRO B 389 -26.31 16.72 -16.93
N ASP B 390 -25.77 16.54 -15.73
CA ASP B 390 -24.36 16.20 -15.55
C ASP B 390 -24.24 14.88 -14.81
N THR B 391 -23.19 14.12 -15.14
CA THR B 391 -22.94 12.83 -14.53
C THR B 391 -21.52 12.79 -13.97
N GLY B 392 -21.33 11.94 -12.97
CA GLY B 392 -20.03 11.84 -12.33
C GLY B 392 -20.15 11.12 -11.00
N ARG B 393 -19.16 11.38 -10.13
CA ARG B 393 -19.11 10.79 -8.80
C ARG B 393 -19.09 11.91 -7.76
N ILE B 394 -19.91 11.78 -6.74
CA ILE B 394 -19.96 12.77 -5.66
C ILE B 394 -18.82 12.48 -4.68
N GLU B 395 -18.15 13.54 -4.25
CA GLU B 395 -17.01 13.43 -3.34
C GLU B 395 -17.32 13.88 -1.92
N VAL B 396 -18.39 14.65 -1.72
CA VAL B 396 -18.80 15.07 -0.39
C VAL B 396 -20.29 15.36 -0.39
N PHE B 397 -20.96 14.93 0.67
CA PHE B 397 -22.38 15.18 0.87
C PHE B 397 -22.63 15.50 2.33
N ARG B 398 -23.48 16.49 2.59
CA ARG B 398 -23.81 16.87 3.95
C ARG B 398 -25.30 17.22 4.01
N SER B 399 -25.87 17.04 5.20
CA SER B 399 -27.29 17.29 5.42
C SER B 399 -27.50 18.66 6.04
N GLY B 400 -28.72 19.17 5.90
CA GLY B 400 -29.06 20.48 6.42
C GLY B 400 -30.40 20.54 7.09
N GLU B 401 -30.82 19.44 7.72
CA GLU B 401 -32.11 19.41 8.39
C GLU B 401 -32.12 20.34 9.59
N GLY B 402 -33.23 21.03 9.79
CA GLY B 402 -33.33 22.05 10.82
C GLY B 402 -34.65 21.99 11.58
N MET B 403 -35.17 23.17 11.94
CA MET B 403 -36.34 23.24 12.81
C MET B 403 -37.59 22.76 12.10
N GLY B 404 -38.00 23.44 11.04
CA GLY B 404 -39.17 23.06 10.30
C GLY B 404 -38.83 22.56 8.93
N ILE B 405 -37.72 21.82 8.83
CA ILE B 405 -37.17 21.37 7.56
C ILE B 405 -37.38 19.87 7.48
N ARG B 406 -38.00 19.41 6.39
CA ARG B 406 -38.15 17.99 6.14
C ARG B 406 -37.36 17.60 4.90
N LEU B 407 -36.63 16.50 5.00
CA LEU B 407 -35.70 16.05 3.97
C LEU B 407 -36.06 14.64 3.55
N ASP B 408 -36.02 14.38 2.23
CA ASP B 408 -36.22 13.05 1.67
C ASP B 408 -35.04 12.77 0.74
N ASN B 409 -34.20 11.81 1.13
CA ASN B 409 -32.99 11.48 0.40
C ASN B 409 -33.23 10.25 -0.47
N ALA B 410 -33.17 10.41 -1.78
CA ALA B 410 -33.36 9.30 -2.70
C ALA B 410 -32.08 8.47 -2.83
N SER B 411 -31.03 9.08 -3.35
CA SER B 411 -29.73 8.42 -3.46
C SER B 411 -28.65 9.49 -3.35
N ALA B 412 -28.14 9.68 -2.13
CA ALA B 412 -27.07 10.64 -1.89
C ALA B 412 -26.23 10.15 -0.73
N PHE B 413 -25.03 9.69 -1.03
CA PHE B 413 -24.09 9.26 -0.01
C PHE B 413 -22.69 9.50 -0.53
N GLN B 414 -21.73 9.50 0.38
CA GLN B 414 -20.34 9.74 0.02
C GLN B 414 -19.87 8.69 -1.00
N GLY B 415 -19.29 9.18 -2.09
CA GLY B 415 -18.78 8.29 -3.11
C GLY B 415 -19.81 7.65 -4.01
N ALA B 416 -21.03 8.20 -4.04
CA ALA B 416 -22.06 7.67 -4.92
C ALA B 416 -21.74 8.00 -6.37
N VAL B 417 -22.34 7.22 -7.28
CA VAL B 417 -22.16 7.38 -8.71
C VAL B 417 -23.53 7.65 -9.33
N ILE B 418 -23.60 8.66 -10.18
CA ILE B 418 -24.85 9.06 -10.82
C ILE B 418 -24.91 8.39 -12.20
N SER B 419 -25.95 7.59 -12.41
CA SER B 419 -26.13 6.93 -13.69
C SER B 419 -26.53 7.95 -14.75
N PRO B 420 -25.98 7.84 -15.97
CA PRO B 420 -26.31 8.81 -17.03
C PRO B 420 -27.59 8.51 -17.79
N HIS B 421 -28.36 7.49 -17.38
CA HIS B 421 -29.57 7.12 -18.11
C HIS B 421 -30.84 7.15 -17.27
N TYR B 422 -30.74 7.19 -15.95
CA TYR B 422 -31.91 7.21 -15.10
C TYR B 422 -32.24 8.66 -14.71
N ASP B 423 -33.18 8.80 -13.77
CA ASP B 423 -33.55 10.11 -13.25
C ASP B 423 -32.37 10.74 -12.50
N SER B 424 -32.35 12.07 -12.48
CA SER B 424 -31.24 12.84 -11.93
C SER B 424 -31.63 13.57 -10.67
N LEU B 425 -32.62 13.04 -9.94
CA LEU B 425 -33.07 13.64 -8.70
C LEU B 425 -32.24 13.10 -7.55
N LEU B 426 -31.73 14.01 -6.71
CA LEU B 426 -30.95 13.62 -5.54
C LEU B 426 -31.76 13.72 -4.25
N VAL B 427 -32.27 14.91 -3.94
CA VAL B 427 -32.89 15.18 -2.64
C VAL B 427 -34.12 16.05 -2.84
N LYS B 428 -35.16 15.78 -2.03
CA LYS B 428 -36.36 16.60 -1.99
C LYS B 428 -36.42 17.29 -0.63
N VAL B 429 -36.45 18.61 -0.62
CA VAL B 429 -36.43 19.40 0.60
C VAL B 429 -37.74 20.17 0.71
N ILE B 430 -38.29 20.27 1.92
CA ILE B 430 -39.55 20.94 2.16
C ILE B 430 -39.44 21.79 3.42
N ALA B 431 -40.07 22.96 3.39
CA ALA B 431 -40.16 23.84 4.55
C ALA B 431 -41.62 24.06 4.91
N HIS B 432 -41.93 23.95 6.20
CA HIS B 432 -43.21 24.38 6.74
C HIS B 432 -42.96 25.52 7.71
N GLY B 433 -43.74 26.60 7.56
CA GLY B 433 -43.56 27.76 8.39
C GLY B 433 -44.88 28.47 8.62
N LYS B 434 -44.83 29.49 9.46
CA LYS B 434 -46.03 30.25 9.77
C LYS B 434 -46.43 31.19 8.63
N ASP B 435 -45.47 31.64 7.82
CA ASP B 435 -45.76 32.58 6.76
C ASP B 435 -44.86 32.31 5.57
N HIS B 436 -45.24 32.86 4.42
CA HIS B 436 -44.46 32.69 3.20
C HIS B 436 -43.03 33.18 3.32
N PRO B 437 -42.76 34.41 3.79
CA PRO B 437 -41.35 34.84 3.91
C PRO B 437 -40.54 33.98 4.86
N THR B 438 -41.16 33.48 5.92
CA THR B 438 -40.45 32.62 6.87
C THR B 438 -39.94 31.37 6.18
N ALA B 439 -40.82 30.65 5.48
CA ALA B 439 -40.41 29.44 4.78
C ALA B 439 -39.42 29.74 3.67
N ALA B 440 -39.58 30.88 3.00
CA ALA B 440 -38.59 31.27 1.98
C ALA B 440 -37.21 31.43 2.59
N THR B 441 -37.14 32.06 3.77
CA THR B 441 -35.86 32.21 4.44
C THR B 441 -35.31 30.87 4.89
N LYS B 442 -36.18 29.96 5.34
CA LYS B 442 -35.71 28.64 5.76
C LYS B 442 -35.11 27.87 4.60
N MET B 443 -35.76 27.90 3.43
CA MET B 443 -35.14 27.35 2.22
C MET B 443 -33.83 28.05 1.86
N SER B 444 -33.77 29.39 1.99
CA SER B 444 -32.51 30.07 1.73
C SER B 444 -31.39 29.50 2.59
N ARG B 445 -31.62 29.43 3.91
CA ARG B 445 -30.59 28.96 4.83
C ARG B 445 -30.26 27.49 4.60
N ALA B 446 -31.28 26.65 4.41
CA ALA B 446 -31.02 25.23 4.20
C ALA B 446 -30.24 24.97 2.92
N LEU B 447 -30.60 25.67 1.84
CA LEU B 447 -29.85 25.51 0.60
C LEU B 447 -28.43 26.04 0.72
N ALA B 448 -28.24 27.10 1.51
CA ALA B 448 -26.88 27.55 1.78
C ALA B 448 -26.09 26.52 2.57
N GLU B 449 -26.75 25.81 3.50
CA GLU B 449 -26.05 24.84 4.33
C GLU B 449 -25.62 23.60 3.55
N PHE B 450 -26.42 23.19 2.56
CA PHE B 450 -26.10 22.01 1.78
C PHE B 450 -24.76 22.18 1.05
N ARG B 451 -24.01 21.10 0.94
CA ARG B 451 -22.71 21.10 0.25
C ARG B 451 -22.59 19.82 -0.56
N VAL B 452 -22.65 19.96 -1.89
CA VAL B 452 -22.43 18.84 -2.79
C VAL B 452 -21.39 19.26 -3.82
N ARG B 453 -20.17 18.77 -3.66
CA ARG B 453 -19.08 19.22 -4.51
C ARG B 453 -18.65 18.12 -5.47
N GLY B 454 -17.92 18.52 -6.50
CA GLY B 454 -17.49 17.59 -7.54
C GLY B 454 -18.43 17.45 -8.70
N VAL B 455 -19.70 17.18 -8.44
CA VAL B 455 -20.71 17.11 -9.49
C VAL B 455 -21.44 18.44 -9.54
N LYS B 456 -21.74 18.90 -10.74
CA LYS B 456 -22.42 20.19 -10.91
C LYS B 456 -23.86 20.10 -10.44
N THR B 457 -24.36 21.20 -9.89
CA THR B 457 -25.69 21.23 -9.32
C THR B 457 -26.38 22.53 -9.73
N ASN B 458 -27.50 22.80 -9.08
CA ASN B 458 -28.33 23.96 -9.38
C ASN B 458 -28.75 24.72 -8.12
N ILE B 459 -27.91 24.68 -7.09
CA ILE B 459 -28.25 25.38 -5.85
C ILE B 459 -28.25 26.88 -6.07
N ALA B 460 -27.32 27.39 -6.89
CA ALA B 460 -27.26 28.82 -7.15
C ALA B 460 -28.52 29.30 -7.84
N PHE B 461 -29.03 28.53 -8.80
CA PHE B 461 -30.27 28.90 -9.48
C PHE B 461 -31.44 28.98 -8.50
N LEU B 462 -31.56 27.98 -7.63
CA LEU B 462 -32.65 27.97 -6.65
C LEU B 462 -32.53 29.13 -5.68
N GLN B 463 -31.31 29.47 -5.26
CA GLN B 463 -31.12 30.59 -4.37
C GLN B 463 -31.45 31.91 -5.06
N ASN B 464 -31.09 32.02 -6.34
CA ASN B 464 -31.46 33.21 -7.11
C ASN B 464 -32.98 33.35 -7.18
N VAL B 465 -33.68 32.24 -7.42
CA VAL B 465 -35.14 32.28 -7.45
C VAL B 465 -35.69 32.69 -6.10
N LEU B 466 -35.16 32.11 -5.02
CA LEU B 466 -35.69 32.38 -3.69
C LEU B 466 -35.41 33.79 -3.22
N ASN B 467 -34.34 34.41 -3.74
CA ASN B 467 -33.97 35.75 -3.27
C ASN B 467 -34.69 36.86 -4.00
N ASN B 468 -35.40 36.57 -5.08
CA ASN B 468 -36.07 37.63 -5.84
C ASN B 468 -37.23 38.20 -5.04
N GLN B 469 -37.37 39.53 -5.07
CA GLN B 469 -38.47 40.19 -4.38
C GLN B 469 -39.81 39.82 -5.00
N GLN B 470 -39.83 39.48 -6.30
CA GLN B 470 -41.07 39.09 -6.94
C GLN B 470 -41.65 37.83 -6.30
N PHE B 471 -40.80 36.87 -5.97
CA PHE B 471 -41.25 35.63 -5.34
C PHE B 471 -41.88 35.92 -3.97
N LEU B 472 -41.24 36.79 -3.18
CA LEU B 472 -41.78 37.12 -1.87
C LEU B 472 -43.00 38.01 -1.95
N ALA B 473 -43.19 38.71 -3.08
CA ALA B 473 -44.36 39.57 -3.22
C ALA B 473 -45.65 38.74 -3.17
N GLY B 474 -45.66 37.59 -3.83
CA GLY B 474 -46.82 36.73 -3.81
C GLY B 474 -47.36 36.37 -5.18
N THR B 475 -47.32 37.32 -6.11
CA THR B 475 -47.85 37.12 -7.45
C THR B 475 -46.73 36.68 -8.40
N VAL B 476 -46.93 35.53 -9.05
CA VAL B 476 -45.99 35.01 -10.02
C VAL B 476 -46.76 34.44 -11.20
N ASP B 477 -46.27 34.73 -12.41
CA ASP B 477 -46.84 34.20 -13.65
C ASP B 477 -45.99 33.04 -14.15
N THR B 478 -46.52 32.33 -15.16
CA THR B 478 -45.79 31.22 -15.74
C THR B 478 -44.52 31.69 -16.45
N GLN B 479 -44.60 32.82 -17.14
CA GLN B 479 -43.46 33.36 -17.88
C GLN B 479 -42.45 34.08 -17.00
N PHE B 480 -42.52 33.89 -15.68
CA PHE B 480 -41.64 34.62 -14.77
C PHE B 480 -40.17 34.33 -15.06
N ILE B 481 -39.84 33.07 -15.29
CA ILE B 481 -38.47 32.72 -15.66
C ILE B 481 -38.13 33.25 -17.04
N ASP B 482 -39.05 33.17 -17.99
CA ASP B 482 -38.77 33.61 -19.35
C ASP B 482 -38.55 35.11 -19.43
N GLU B 483 -39.13 35.88 -18.52
CA GLU B 483 -39.04 37.34 -18.55
C GLU B 483 -37.97 37.88 -17.63
N ASN B 484 -37.14 37.02 -17.05
CA ASN B 484 -36.07 37.43 -16.13
C ASN B 484 -34.74 36.84 -16.60
N PRO B 485 -34.17 37.38 -17.67
CA PRO B 485 -32.85 36.91 -18.11
C PRO B 485 -31.74 37.19 -17.10
N GLU B 486 -31.94 38.14 -16.20
CA GLU B 486 -30.96 38.46 -15.17
C GLU B 486 -30.92 37.44 -14.04
N LEU B 487 -31.88 36.50 -14.00
CA LEU B 487 -31.91 35.50 -12.95
C LEU B 487 -30.75 34.52 -13.06
N PHE B 488 -30.08 34.47 -14.22
CA PHE B 488 -28.91 33.63 -14.40
C PHE B 488 -27.67 34.33 -13.85
N GLN B 489 -27.73 34.61 -12.55
CA GLN B 489 -26.62 35.31 -11.89
C GLN B 489 -25.35 34.49 -11.93
N LEU B 490 -25.46 33.17 -11.70
CA LEU B 490 -24.33 32.25 -11.71
C LEU B 490 -23.25 32.70 -10.72
N ARG B 491 -23.63 32.74 -9.45
CA ARG B 491 -22.70 33.14 -8.41
C ARG B 491 -21.66 32.03 -8.21
N PRO B 492 -20.37 32.31 -8.38
CA PRO B 492 -19.37 31.24 -8.29
C PRO B 492 -18.89 31.00 -6.87
N ALA B 493 -18.13 29.92 -6.67
CA ALA B 493 -17.56 29.59 -5.38
C ALA B 493 -16.06 29.40 -5.51
N GLN B 494 -15.39 29.03 -4.42
CA GLN B 494 -13.95 28.91 -4.46
C GLN B 494 -13.47 27.46 -4.36
N ASN B 495 -14.08 26.64 -3.49
CA ASN B 495 -13.73 25.23 -3.35
C ASN B 495 -12.25 25.07 -3.06
N ARG B 496 -11.76 25.82 -2.08
CA ARG B 496 -10.33 25.85 -1.79
C ARG B 496 -9.83 24.49 -1.30
N ALA B 497 -10.58 23.86 -0.39
CA ALA B 497 -10.10 22.63 0.24
C ALA B 497 -9.95 21.51 -0.79
N GLN B 498 -10.92 21.37 -1.69
CA GLN B 498 -10.83 20.32 -2.70
C GLN B 498 -9.63 20.54 -3.61
N LYS B 499 -9.37 21.78 -4.00
CA LYS B 499 -8.22 22.08 -4.84
C LYS B 499 -6.92 21.76 -4.11
N LEU B 500 -6.83 22.13 -2.83
CA LEU B 500 -5.62 21.82 -2.06
C LEU B 500 -5.40 20.32 -1.95
N LEU B 501 -6.47 19.56 -1.68
CA LEU B 501 -6.34 18.12 -1.59
C LEU B 501 -5.92 17.53 -2.94
N HIS B 502 -6.48 18.03 -4.03
CA HIS B 502 -6.10 17.55 -5.35
C HIS B 502 -4.62 17.81 -5.61
N TYR B 503 -4.14 19.00 -5.25
CA TYR B 503 -2.73 19.31 -5.45
C TYR B 503 -1.84 18.40 -4.61
N LEU B 504 -2.21 18.17 -3.35
CA LEU B 504 -1.41 17.31 -2.49
C LEU B 504 -1.36 15.89 -3.02
N GLY B 505 -2.49 15.38 -3.51
CA GLY B 505 -2.49 14.07 -4.11
C GLY B 505 -1.62 13.99 -5.36
N HIS B 506 -1.67 15.02 -6.20
CA HIS B 506 -0.80 15.05 -7.37
C HIS B 506 0.66 15.07 -6.96
N VAL B 507 1.00 15.78 -5.89
CA VAL B 507 2.37 15.78 -5.39
C VAL B 507 2.79 14.40 -4.88
N MET B 508 1.92 13.70 -4.16
CA MET B 508 2.27 12.36 -3.72
C MET B 508 2.41 11.35 -4.85
N VAL B 509 1.46 11.29 -5.77
CA VAL B 509 1.54 10.31 -6.84
C VAL B 509 2.72 10.63 -7.77
N ASN B 510 2.81 11.88 -8.20
CA ASN B 510 3.92 12.32 -9.05
C ASN B 510 5.05 12.87 -8.20
N GLY B 511 6.00 13.56 -8.83
CA GLY B 511 7.05 14.23 -8.10
C GLY B 511 6.74 15.71 -7.93
N PRO B 512 7.60 16.43 -7.24
CA PRO B 512 7.41 17.87 -7.08
C PRO B 512 7.45 18.59 -8.42
N THR B 513 6.64 19.65 -8.52
CA THR B 513 6.53 20.37 -9.79
C THR B 513 7.80 21.17 -10.10
N THR B 514 8.32 21.90 -9.13
CA THR B 514 9.48 22.76 -9.38
C THR B 514 10.73 21.91 -9.58
N PRO B 515 11.63 22.32 -10.47
CA PRO B 515 12.88 21.56 -10.65
C PRO B 515 13.71 21.53 -9.36
N ILE B 516 14.37 20.41 -9.13
CA ILE B 516 15.20 20.20 -7.94
C ILE B 516 16.59 19.78 -8.42
N PRO B 517 17.58 20.67 -8.39
CA PRO B 517 18.93 20.30 -8.83
C PRO B 517 19.59 19.27 -7.91
N VAL B 518 19.61 19.56 -6.61
CA VAL B 518 20.28 18.72 -5.64
C VAL B 518 19.24 17.83 -4.97
N LYS B 519 19.43 16.51 -5.06
CA LYS B 519 18.49 15.54 -4.48
C LYS B 519 18.77 15.44 -2.99
N ALA B 520 18.18 16.37 -2.24
CA ALA B 520 18.26 16.37 -0.79
C ALA B 520 16.85 16.48 -0.21
N SER B 521 16.75 16.36 1.10
CA SER B 521 15.46 16.43 1.75
C SER B 521 15.46 17.51 2.83
N PRO B 522 14.33 18.18 3.03
CA PRO B 522 14.26 19.21 4.09
C PRO B 522 14.37 18.57 5.47
N SER B 523 15.12 19.22 6.35
CA SER B 523 15.30 18.71 7.69
C SER B 523 13.98 18.73 8.45
N PRO B 524 13.61 17.66 9.13
CA PRO B 524 12.32 17.62 9.86
C PRO B 524 12.40 18.34 11.21
N THR B 525 12.76 19.62 11.16
CA THR B 525 12.87 20.44 12.36
C THR B 525 12.20 21.78 12.09
N ASP B 526 11.20 22.11 12.91
CA ASP B 526 10.52 23.38 12.76
C ASP B 526 11.41 24.53 13.24
N PRO B 527 11.47 25.62 12.49
CA PRO B 527 12.24 26.79 12.94
C PRO B 527 11.68 27.33 14.26
N VAL B 528 12.59 27.84 15.09
CA VAL B 528 12.22 28.34 16.41
C VAL B 528 11.83 29.81 16.34
N VAL B 529 10.56 30.10 16.55
CA VAL B 529 10.10 31.49 16.53
C VAL B 529 10.31 32.10 17.92
N PRO B 530 11.02 33.21 18.03
CA PRO B 530 11.21 33.84 19.34
C PRO B 530 9.96 34.58 19.81
N ALA B 531 9.98 34.94 21.09
CA ALA B 531 8.86 35.61 21.71
C ALA B 531 8.77 37.07 21.25
N VAL B 532 7.57 37.63 21.36
CA VAL B 532 7.31 39.01 20.96
C VAL B 532 6.54 39.73 22.06
N PRO B 533 6.59 41.06 22.15
CA PRO B 533 5.79 41.76 23.16
C PRO B 533 4.31 41.79 22.81
N ILE B 534 3.51 42.49 23.61
CA ILE B 534 2.06 42.39 23.56
C ILE B 534 1.43 43.47 22.67
N GLY B 535 1.92 44.70 22.75
CA GLY B 535 1.19 45.80 22.16
C GLY B 535 1.85 46.43 20.94
N PRO B 536 1.57 47.71 20.71
CA PRO B 536 2.08 48.39 19.53
C PRO B 536 3.59 48.49 19.55
N PRO B 537 4.23 48.49 18.38
CA PRO B 537 5.69 48.61 18.33
C PRO B 537 6.13 50.04 18.59
N PRO B 538 7.41 50.25 18.90
CA PRO B 538 7.91 51.63 19.03
C PRO B 538 8.02 52.31 17.69
N ALA B 539 8.57 53.52 17.66
CA ALA B 539 8.58 54.32 16.45
C ALA B 539 10.00 54.37 15.88
N GLY B 540 10.08 54.22 14.56
CA GLY B 540 11.35 54.29 13.86
C GLY B 540 11.50 55.56 13.06
N PHE B 541 11.74 55.43 11.76
CA PHE B 541 11.86 56.58 10.87
C PHE B 541 10.63 56.80 10.01
N ARG B 542 9.69 55.84 9.97
CA ARG B 542 8.49 56.04 9.18
C ARG B 542 7.66 57.20 9.72
N ASP B 543 7.61 57.35 11.04
CA ASP B 543 6.91 58.50 11.62
C ASP B 543 7.54 59.81 11.16
N ILE B 544 8.86 59.84 11.02
CA ILE B 544 9.53 61.04 10.54
C ILE B 544 9.14 61.32 9.09
N LEU B 545 9.11 60.30 8.24
CA LEU B 545 8.72 60.49 6.85
C LEU B 545 7.27 60.96 6.74
N LEU B 546 6.39 60.45 7.60
CA LEU B 546 5.01 60.89 7.59
C LEU B 546 4.83 62.28 8.19
N ARG B 547 5.72 62.68 9.09
CA ARG B 547 5.64 63.97 9.75
C ARG B 547 6.41 65.06 9.01
N GLU B 548 7.27 64.67 8.07
CA GLU B 548 8.07 65.63 7.33
C GLU B 548 8.15 65.24 5.86
N GLY B 549 9.07 65.85 5.12
CA GLY B 549 9.29 65.47 3.74
C GLY B 549 10.51 64.58 3.62
N PRO B 550 10.76 64.08 2.41
CA PRO B 550 11.98 63.28 2.20
C PRO B 550 13.26 64.05 2.53
N GLU B 551 13.27 65.35 2.27
CA GLU B 551 14.45 66.15 2.59
C GLU B 551 14.70 66.17 4.09
N GLY B 552 13.64 66.27 4.89
CA GLY B 552 13.81 66.19 6.32
C GLY B 552 14.34 64.84 6.76
N PHE B 553 13.89 63.76 6.12
CA PHE B 553 14.41 62.43 6.44
C PHE B 553 15.90 62.35 6.13
N ALA B 554 16.32 62.88 4.99
CA ALA B 554 17.74 62.88 4.64
C ALA B 554 18.55 63.72 5.62
N ARG B 555 18.02 64.89 6.01
CA ARG B 555 18.72 65.72 6.99
C ARG B 555 18.87 65.00 8.32
N ALA B 556 17.81 64.32 8.76
CA ALA B 556 17.89 63.55 10.00
C ALA B 556 18.90 62.43 9.90
N VAL B 557 18.95 61.75 8.75
CA VAL B 557 19.91 60.67 8.58
C VAL B 557 21.33 61.21 8.65
N ARG B 558 21.60 62.31 7.93
CA ARG B 558 22.94 62.89 7.95
C ARG B 558 23.33 63.41 9.33
N ASN B 559 22.40 64.06 10.03
CA ASN B 559 22.72 64.67 11.32
C ASN B 559 22.95 63.62 12.40
N HIS B 560 22.50 62.40 12.18
CA HIS B 560 22.64 61.34 13.17
C HIS B 560 24.11 61.06 13.46
N PRO B 561 24.52 61.15 14.72
CA PRO B 561 25.91 60.83 15.06
C PRO B 561 26.13 59.33 15.19
N GLY B 562 26.83 58.74 14.23
CA GLY B 562 27.14 57.33 14.32
C GLY B 562 26.99 56.56 13.02
N LEU B 563 26.65 55.28 13.14
CA LEU B 563 26.54 54.39 11.98
C LEU B 563 25.15 53.78 11.94
N LEU B 564 24.60 53.65 10.74
CA LEU B 564 23.30 53.05 10.53
C LEU B 564 23.45 51.80 9.68
N LEU B 565 22.72 50.75 10.03
CA LEU B 565 22.77 49.49 9.31
C LEU B 565 21.46 49.27 8.56
N MET B 566 21.56 48.74 7.34
CA MET B 566 20.38 48.39 6.57
C MET B 566 20.49 46.92 6.19
N ASP B 567 19.48 46.14 6.56
CA ASP B 567 19.48 44.70 6.38
C ASP B 567 19.02 44.33 4.98
N THR B 568 19.59 43.28 4.42
CA THR B 568 19.24 42.79 3.09
C THR B 568 18.99 41.29 3.08
N THR B 569 18.45 40.76 4.17
CA THR B 569 18.19 39.33 4.31
C THR B 569 16.84 38.97 3.71
N PHE B 570 16.14 39.97 3.17
CA PHE B 570 14.88 39.70 2.50
C PHE B 570 14.98 39.87 0.99
N ARG B 571 16.06 40.42 0.44
CA ARG B 571 16.17 40.53 -1.01
C ARG B 571 17.44 39.89 -1.56
N ASP B 572 18.58 40.15 -0.93
CA ASP B 572 19.84 39.80 -1.60
C ASP B 572 20.45 38.53 -1.03
N ALA B 573 20.23 38.25 0.26
CA ALA B 573 20.70 37.00 0.83
C ALA B 573 20.00 35.82 0.19
N HIS B 574 18.88 36.07 -0.51
CA HIS B 574 18.22 35.02 -1.25
C HIS B 574 19.11 34.46 -2.35
N GLN B 575 19.43 35.29 -3.35
CA GLN B 575 20.18 34.79 -4.49
C GLN B 575 21.67 34.69 -4.18
N SER B 576 22.14 35.38 -3.14
CA SER B 576 23.54 35.24 -2.79
C SER B 576 23.87 33.82 -2.36
N LEU B 577 23.00 33.19 -1.58
CA LEU B 577 23.22 31.85 -1.08
C LEU B 577 22.28 30.81 -1.66
N LEU B 578 21.06 31.20 -2.02
CA LEU B 578 20.08 30.28 -2.57
C LEU B 578 19.78 30.76 -3.99
N ALA B 579 18.76 30.17 -4.62
CA ALA B 579 18.30 30.61 -5.93
C ALA B 579 17.09 31.52 -5.83
N THR B 580 16.97 32.25 -4.73
CA THR B 580 15.80 33.09 -4.44
C THR B 580 14.53 32.24 -4.49
N ARG B 581 14.48 31.26 -3.59
CA ARG B 581 13.38 30.30 -3.53
C ARG B 581 12.79 30.28 -2.12
N VAL B 582 12.70 31.44 -1.49
CA VAL B 582 12.18 31.54 -0.13
C VAL B 582 10.71 31.94 -0.20
N ARG B 583 9.87 31.13 0.43
CA ARG B 583 8.43 31.30 0.35
C ARG B 583 7.97 32.44 1.26
N THR B 584 6.78 32.95 0.95
CA THR B 584 6.20 34.02 1.77
C THR B 584 5.80 33.50 3.15
N HIS B 585 5.37 32.24 3.23
CA HIS B 585 4.82 31.71 4.47
C HIS B 585 5.84 31.79 5.61
N ASP B 586 7.04 31.25 5.38
CA ASP B 586 8.07 31.34 6.41
C ASP B 586 8.63 32.75 6.51
N LEU B 587 8.45 33.55 5.47
CA LEU B 587 8.86 34.95 5.51
C LEU B 587 7.98 35.79 6.43
N LYS B 588 6.84 35.26 6.85
CA LYS B 588 5.84 36.02 7.60
C LYS B 588 5.78 35.55 9.06
N LYS B 589 6.92 35.15 9.61
CA LYS B 589 6.93 34.64 10.98
C LYS B 589 7.97 35.33 11.84
N ILE B 590 8.64 36.35 11.32
CA ILE B 590 9.65 37.07 12.08
C ILE B 590 9.31 38.56 12.02
N ALA B 591 8.45 38.92 11.07
CA ALA B 591 8.01 40.30 10.95
C ALA B 591 7.49 40.89 12.26
N PRO B 592 6.65 40.18 13.04
CA PRO B 592 6.30 40.72 14.37
C PRO B 592 7.51 40.94 15.26
N TYR B 593 8.51 40.05 15.18
CA TYR B 593 9.69 40.21 16.02
C TYR B 593 10.57 41.35 15.53
N VAL B 594 10.75 41.49 14.21
CA VAL B 594 11.59 42.55 13.68
C VAL B 594 11.02 43.93 13.97
N ALA B 595 9.73 44.13 13.77
CA ALA B 595 9.09 45.42 13.99
C ALA B 595 9.05 45.81 15.46
N HIS B 596 9.35 44.87 16.35
CA HIS B 596 9.32 45.15 17.79
C HIS B 596 10.73 45.32 18.33
N ASN B 597 11.66 44.53 17.83
CA ASN B 597 13.02 44.52 18.34
C ASN B 597 13.94 45.46 17.55
N PHE B 598 13.92 45.34 16.23
CA PHE B 598 14.77 46.17 15.38
C PHE B 598 14.01 47.42 14.97
N SER B 599 14.35 48.56 15.58
CA SER B 599 13.72 49.82 15.22
C SER B 599 14.72 50.90 14.83
N LYS B 600 16.00 50.76 15.17
CA LYS B 600 17.02 51.72 14.81
C LYS B 600 17.57 51.49 13.41
N LEU B 601 17.11 50.45 12.72
CA LEU B 601 17.59 50.16 11.38
C LEU B 601 17.21 51.29 10.43
N PHE B 602 18.10 51.54 9.47
CA PHE B 602 17.86 52.56 8.47
C PHE B 602 16.61 52.23 7.65
N SER B 603 16.51 50.99 7.19
CA SER B 603 15.37 50.53 6.41
C SER B 603 15.53 49.04 6.15
N MET B 604 14.51 48.45 5.54
CA MET B 604 14.60 47.08 5.07
C MET B 604 14.31 46.99 3.58
N GLU B 605 15.12 46.23 2.87
CA GLU B 605 14.98 46.05 1.44
C GLU B 605 14.08 44.85 1.19
N ASN B 606 13.01 45.05 0.42
CA ASN B 606 12.05 43.96 0.22
C ASN B 606 12.07 43.40 -1.19
N TRP B 607 11.89 44.25 -2.20
CA TRP B 607 11.65 43.77 -3.55
C TRP B 607 12.91 43.82 -4.40
N GLY B 608 12.83 43.15 -5.54
CA GLY B 608 13.91 43.12 -6.50
C GLY B 608 13.46 42.36 -7.73
N GLY B 609 14.23 42.53 -8.80
CA GLY B 609 13.88 41.89 -10.06
C GLY B 609 13.86 40.38 -9.96
N ALA B 610 14.85 39.82 -9.27
CA ALA B 610 14.95 38.37 -9.14
C ALA B 610 13.73 37.81 -8.41
N THR B 611 13.32 38.46 -7.32
CA THR B 611 12.18 37.99 -6.54
C THR B 611 10.91 38.01 -7.38
N PHE B 612 10.70 39.10 -8.12
CA PHE B 612 9.51 39.21 -8.95
C PHE B 612 9.48 38.12 -10.01
N ASP B 613 10.61 37.93 -10.70
CA ASP B 613 10.67 36.93 -11.75
C ASP B 613 10.43 35.53 -11.21
N VAL B 614 11.05 35.20 -10.07
CA VAL B 614 10.92 33.84 -9.54
C VAL B 614 9.52 33.60 -9.00
N ALA B 615 8.89 34.64 -8.43
CA ALA B 615 7.52 34.52 -7.99
C ALA B 615 6.60 34.26 -9.17
N MET B 616 6.90 34.90 -10.30
CA MET B 616 6.17 34.58 -11.52
C MET B 616 6.38 33.13 -11.94
N ARG B 617 7.64 32.69 -11.98
CA ARG B 617 7.96 31.41 -12.60
C ARG B 617 7.73 30.21 -11.69
N PHE B 618 8.47 30.12 -10.59
CA PHE B 618 8.54 28.88 -9.81
C PHE B 618 7.64 28.90 -8.59
N LEU B 619 7.84 29.85 -7.68
CA LEU B 619 6.99 29.96 -6.49
C LEU B 619 5.70 30.68 -6.88
N TYR B 620 4.64 29.92 -7.09
CA TYR B 620 3.40 30.46 -7.65
C TYR B 620 2.72 31.34 -6.60
N GLU B 621 3.17 32.59 -6.53
CA GLU B 621 2.66 33.55 -5.58
C GLU B 621 2.47 34.88 -6.30
N CYS B 622 1.90 35.86 -5.62
CA CYS B 622 1.72 37.20 -6.16
C CYS B 622 2.65 38.15 -5.42
N PRO B 623 3.66 38.71 -6.11
CA PRO B 623 4.58 39.62 -5.42
C PRO B 623 3.86 40.80 -4.79
N TRP B 624 2.84 41.32 -5.46
CA TRP B 624 2.07 42.42 -4.88
C TRP B 624 1.41 41.98 -3.59
N ARG B 625 0.87 40.77 -3.56
CA ARG B 625 0.32 40.25 -2.32
C ARG B 625 1.39 40.13 -1.26
N ARG B 626 2.56 39.58 -1.62
CA ARG B 626 3.66 39.46 -0.67
C ARG B 626 3.99 40.80 -0.04
N LEU B 627 3.99 41.86 -0.83
CA LEU B 627 4.19 43.19 -0.29
C LEU B 627 2.99 43.63 0.55
N GLN B 628 1.79 43.13 0.23
CA GLN B 628 0.59 43.61 0.91
C GLN B 628 0.48 43.10 2.34
N GLU B 629 0.72 41.82 2.61
CA GLU B 629 0.68 41.36 3.99
C GLU B 629 1.89 41.78 4.80
N LEU B 630 2.94 42.30 4.16
CA LEU B 630 4.13 42.73 4.87
C LEU B 630 4.04 44.16 5.38
N ARG B 631 3.19 44.99 4.78
CA ARG B 631 3.11 46.39 5.19
C ARG B 631 2.50 46.54 6.58
N GLU B 632 1.53 45.69 6.94
CA GLU B 632 0.82 45.81 8.21
C GLU B 632 1.45 44.97 9.31
N LEU B 633 2.57 44.32 9.03
CA LEU B 633 3.32 43.65 10.08
C LEU B 633 4.52 44.50 10.49
N ILE B 634 4.93 45.41 9.61
CA ILE B 634 6.02 46.33 9.94
C ILE B 634 5.57 47.76 9.60
N PRO B 635 4.63 48.35 10.34
CA PRO B 635 4.35 49.78 10.12
C PRO B 635 5.28 50.66 10.94
N ASN B 636 6.56 50.28 10.97
CA ASN B 636 7.53 51.01 11.77
C ASN B 636 8.77 51.34 10.95
N ILE B 637 9.17 50.42 10.08
CA ILE B 637 10.45 50.55 9.37
C ILE B 637 10.18 50.82 7.89
N PRO B 638 10.85 51.79 7.28
CA PRO B 638 10.68 52.01 5.84
C PRO B 638 11.20 50.84 5.03
N PHE B 639 10.57 50.63 3.88
CA PHE B 639 10.97 49.58 2.96
C PHE B 639 11.69 50.18 1.76
N GLN B 640 12.41 49.33 1.04
CA GLN B 640 13.32 49.75 -0.01
C GLN B 640 13.22 48.81 -1.21
N MET B 641 13.15 49.40 -2.40
CA MET B 641 13.05 48.66 -3.66
C MET B 641 14.28 48.92 -4.51
N LEU B 642 14.91 47.86 -4.99
CA LEU B 642 15.98 47.99 -5.98
C LEU B 642 15.33 48.05 -7.36
N LEU B 643 15.19 49.27 -7.87
CA LEU B 643 14.61 49.47 -9.19
C LEU B 643 15.69 49.80 -10.20
N ARG B 644 15.54 49.26 -11.40
CA ARG B 644 16.50 49.47 -12.47
C ARG B 644 15.98 50.58 -13.38
N GLY B 645 16.91 51.24 -14.08
CA GLY B 645 16.57 52.44 -14.80
C GLY B 645 15.65 52.26 -15.98
N ALA B 646 16.12 51.61 -17.04
CA ALA B 646 15.31 51.43 -18.23
C ALA B 646 14.28 50.34 -18.00
N ASN B 647 14.75 49.12 -17.75
CA ASN B 647 13.88 48.00 -17.41
C ASN B 647 13.46 48.07 -15.96
N ALA B 648 12.15 48.01 -15.69
CA ALA B 648 11.67 48.09 -14.31
C ALA B 648 12.19 46.91 -13.49
N VAL B 649 11.72 45.71 -13.83
CA VAL B 649 12.15 44.50 -13.13
C VAL B 649 12.55 43.46 -14.16
N GLY B 650 12.47 43.82 -15.43
CA GLY B 650 12.79 42.93 -16.52
C GLY B 650 14.23 43.05 -16.96
N TYR B 651 14.52 42.58 -18.17
CA TYR B 651 15.86 42.61 -18.72
C TYR B 651 16.01 43.47 -19.96
N THR B 652 14.92 43.95 -20.55
CA THR B 652 14.95 44.79 -21.73
C THR B 652 14.21 46.09 -21.47
N ASN B 653 14.57 47.12 -22.26
CA ASN B 653 13.97 48.43 -22.09
C ASN B 653 12.47 48.38 -22.32
N TYR B 654 11.73 49.17 -21.55
CA TYR B 654 10.28 49.20 -21.58
C TYR B 654 9.78 50.63 -21.76
N PRO B 655 8.55 50.80 -22.22
CA PRO B 655 8.01 52.16 -22.38
C PRO B 655 8.00 52.90 -21.05
N ASP B 656 8.28 54.20 -21.11
CA ASP B 656 8.44 54.99 -19.89
C ASP B 656 7.11 55.16 -19.16
N ASN B 657 6.00 55.17 -19.90
CA ASN B 657 4.69 55.33 -19.28
C ASN B 657 4.42 54.20 -18.30
N VAL B 658 4.74 52.97 -18.71
CA VAL B 658 4.60 51.82 -17.83
C VAL B 658 5.48 51.99 -16.60
N VAL B 659 6.68 52.55 -16.78
CA VAL B 659 7.59 52.76 -15.65
C VAL B 659 6.98 53.73 -14.64
N PHE B 660 6.43 54.85 -15.14
CA PHE B 660 5.80 55.82 -14.25
C PHE B 660 4.62 55.20 -13.50
N LYS B 661 3.80 54.44 -14.23
CA LYS B 661 2.64 53.81 -13.59
C LYS B 661 3.07 52.81 -12.54
N PHE B 662 4.12 52.03 -12.84
CA PHE B 662 4.65 51.08 -11.89
C PHE B 662 5.15 51.77 -10.63
N CYS B 663 5.88 52.87 -10.80
CA CYS B 663 6.37 53.61 -9.65
C CYS B 663 5.23 54.14 -8.80
N GLU B 664 4.20 54.69 -9.45
CA GLU B 664 3.07 55.22 -8.69
C GLU B 664 2.35 54.13 -7.93
N VAL B 665 2.12 52.98 -8.58
CA VAL B 665 1.43 51.88 -7.93
C VAL B 665 2.24 51.36 -6.75
N ALA B 666 3.55 51.20 -6.94
CA ALA B 666 4.39 50.74 -5.85
C ALA B 666 4.35 51.70 -4.68
N LYS B 667 4.45 52.99 -4.95
CA LYS B 667 4.41 53.98 -3.87
C LYS B 667 3.10 53.94 -3.12
N GLU B 668 1.97 53.91 -3.85
CA GLU B 668 0.69 53.94 -3.17
C GLU B 668 0.42 52.64 -2.43
N ASN B 669 1.08 51.56 -2.83
CA ASN B 669 0.92 50.30 -2.13
C ASN B 669 1.55 50.35 -0.74
N GLY B 670 2.57 51.19 -0.57
CA GLY B 670 3.24 51.29 0.71
C GLY B 670 4.74 51.41 0.61
N MET B 671 5.26 51.49 -0.61
CA MET B 671 6.70 51.57 -0.81
C MET B 671 7.22 52.90 -0.26
N ASP B 672 8.48 52.88 0.20
CA ASP B 672 9.07 54.07 0.82
C ASP B 672 10.30 54.58 0.08
N VAL B 673 11.29 53.72 -0.19
CA VAL B 673 12.59 54.15 -0.69
C VAL B 673 12.87 53.44 -2.00
N PHE B 674 13.45 54.16 -2.96
CA PHE B 674 13.76 53.63 -4.29
C PHE B 674 15.25 53.76 -4.54
N ARG B 675 15.94 52.63 -4.68
CA ARG B 675 17.33 52.60 -5.12
C ARG B 675 17.35 52.51 -6.65
N VAL B 676 17.83 53.58 -7.28
CA VAL B 676 17.78 53.72 -8.73
C VAL B 676 19.16 53.44 -9.28
N PHE B 677 19.23 52.50 -10.22
CA PHE B 677 20.49 52.02 -10.78
C PHE B 677 20.24 51.47 -12.18
N ASP B 678 21.30 51.44 -12.99
CA ASP B 678 21.24 50.86 -14.32
C ASP B 678 22.50 50.03 -14.56
N SER B 679 22.38 49.06 -15.48
CA SER B 679 23.47 48.13 -15.74
C SER B 679 24.76 48.87 -16.08
N LEU B 680 24.69 49.78 -17.04
CA LEU B 680 25.81 50.60 -17.43
C LEU B 680 25.73 51.90 -16.63
N ASN B 681 26.57 52.87 -17.00
CA ASN B 681 26.53 54.16 -16.35
C ASN B 681 25.91 55.17 -17.30
N TYR B 682 24.89 54.73 -18.04
CA TYR B 682 24.28 55.56 -19.08
C TYR B 682 23.40 56.61 -18.41
N LEU B 683 23.78 57.88 -18.57
CA LEU B 683 23.17 58.95 -17.80
C LEU B 683 21.67 59.10 -18.02
N PRO B 684 21.13 59.06 -19.24
CA PRO B 684 19.68 59.24 -19.39
C PRO B 684 18.85 58.19 -18.67
N ASN B 685 19.34 56.96 -18.55
CA ASN B 685 18.60 55.94 -17.81
C ASN B 685 18.50 56.32 -16.33
N MET B 686 19.60 56.76 -15.74
CA MET B 686 19.56 57.28 -14.38
C MET B 686 18.57 58.42 -14.28
N LEU B 687 18.60 59.34 -15.25
CA LEU B 687 17.73 60.50 -15.21
C LEU B 687 16.26 60.09 -15.24
N LEU B 688 15.91 59.17 -16.13
CA LEU B 688 14.53 58.72 -16.26
C LEU B 688 14.08 58.02 -14.98
N GLY B 689 14.92 57.16 -14.42
CA GLY B 689 14.57 56.50 -13.18
C GLY B 689 14.34 57.47 -12.04
N MET B 690 15.25 58.43 -11.89
CA MET B 690 15.13 59.41 -10.82
C MET B 690 13.90 60.28 -11.02
N GLU B 691 13.60 60.62 -12.28
CA GLU B 691 12.41 61.41 -12.57
C GLU B 691 11.13 60.65 -12.20
N ALA B 692 11.08 59.36 -12.54
CA ALA B 692 9.90 58.57 -12.19
C ALA B 692 9.75 58.46 -10.69
N ALA B 693 10.86 58.23 -9.98
CA ALA B 693 10.79 58.14 -8.53
C ALA B 693 10.32 59.44 -7.91
N GLY B 694 10.80 60.57 -8.42
CA GLY B 694 10.33 61.86 -7.93
C GLY B 694 8.87 62.11 -8.25
N SER B 695 8.44 61.71 -9.45
CA SER B 695 7.05 61.88 -9.84
C SER B 695 6.12 61.11 -8.91
N ALA B 696 6.50 59.87 -8.60
CA ALA B 696 5.75 59.12 -7.59
C ALA B 696 5.84 59.81 -6.23
N GLY B 697 7.03 60.28 -5.88
CA GLY B 697 7.23 61.00 -4.65
C GLY B 697 7.75 60.13 -3.55
N GLY B 698 9.05 60.24 -3.24
CA GLY B 698 9.62 59.42 -2.20
C GLY B 698 11.11 59.58 -2.14
N VAL B 699 11.73 58.81 -1.24
CA VAL B 699 13.18 58.86 -1.09
C VAL B 699 13.84 58.19 -2.29
N VAL B 700 14.79 58.89 -2.89
CA VAL B 700 15.49 58.41 -4.08
C VAL B 700 16.96 58.27 -3.72
N GLU B 701 17.51 57.07 -3.95
CA GLU B 701 18.90 56.78 -3.68
C GLU B 701 19.56 56.39 -4.98
N ALA B 702 20.41 57.26 -5.51
CA ALA B 702 21.10 56.96 -6.76
C ALA B 702 22.24 56.00 -6.47
N ALA B 703 22.48 55.08 -7.40
CA ALA B 703 23.53 54.08 -7.23
C ALA B 703 24.54 54.16 -8.38
N ILE B 704 25.80 53.93 -8.04
CA ILE B 704 26.90 53.92 -9.00
C ILE B 704 27.65 52.60 -8.83
N SER B 705 27.76 51.84 -9.92
CA SER B 705 28.51 50.59 -9.86
C SER B 705 30.00 50.87 -9.74
N TYR B 706 30.71 49.98 -9.06
CA TYR B 706 32.16 50.08 -8.88
C TYR B 706 32.81 48.82 -9.43
N THR B 707 33.74 48.99 -10.36
CA THR B 707 34.49 47.89 -10.95
C THR B 707 35.93 48.32 -11.15
N GLY B 708 36.87 47.40 -10.92
CA GLY B 708 38.27 47.70 -11.04
C GLY B 708 38.82 48.33 -9.76
N ASP B 709 40.14 48.49 -9.75
CA ASP B 709 40.84 49.06 -8.61
C ASP B 709 41.10 50.54 -8.86
N VAL B 710 40.85 51.37 -7.84
CA VAL B 710 41.02 52.80 -7.97
C VAL B 710 42.37 53.18 -7.37
N ALA B 711 43.12 52.18 -6.94
CA ALA B 711 44.43 52.41 -6.33
C ALA B 711 45.59 52.02 -7.25
N ASP B 712 45.37 51.11 -8.19
CA ASP B 712 46.44 50.71 -9.08
C ASP B 712 46.68 51.78 -10.14
N PRO B 713 47.89 52.34 -10.22
CA PRO B 713 48.16 53.31 -11.30
C PRO B 713 48.02 52.72 -12.70
N SER B 714 48.24 51.42 -12.84
CA SER B 714 48.09 50.79 -14.15
C SER B 714 46.66 50.89 -14.66
N ARG B 715 45.69 50.70 -13.76
CA ARG B 715 44.28 50.86 -14.11
C ARG B 715 44.00 52.26 -14.62
N THR B 716 43.56 52.37 -15.87
CA THR B 716 43.26 53.65 -16.49
C THR B 716 41.84 53.74 -17.02
N LYS B 717 41.24 52.60 -17.37
CA LYS B 717 39.89 52.61 -17.91
C LYS B 717 38.90 53.20 -16.93
N TYR B 718 39.03 52.85 -15.66
CA TYR B 718 38.15 53.34 -14.60
C TYR B 718 39.03 53.97 -13.52
N SER B 719 39.33 55.25 -13.68
CA SER B 719 40.16 55.97 -12.73
C SER B 719 39.29 56.70 -11.71
N LEU B 720 39.92 57.34 -10.74
CA LEU B 720 39.20 58.09 -9.72
C LEU B 720 38.41 59.25 -10.29
N GLN B 721 38.97 60.00 -11.23
CA GLN B 721 38.26 61.11 -11.85
C GLN B 721 37.01 60.65 -12.59
N TYR B 722 37.05 59.47 -13.21
CA TYR B 722 35.87 58.93 -13.86
C TYR B 722 34.71 58.75 -12.90
N TYR B 723 34.95 58.24 -11.71
CA TYR B 723 33.90 58.12 -10.71
C TYR B 723 33.48 59.46 -10.13
N MET B 724 34.41 60.41 -9.99
CA MET B 724 34.07 61.71 -9.43
C MET B 724 33.18 62.51 -10.37
N GLY B 725 33.46 62.48 -11.67
CA GLY B 725 32.62 63.21 -12.61
C GLY B 725 31.20 62.69 -12.66
N LEU B 726 31.03 61.37 -12.63
CA LEU B 726 29.70 60.79 -12.61
C LEU B 726 28.95 61.19 -11.34
N ALA B 727 29.61 61.17 -10.18
CA ALA B 727 28.96 61.62 -8.96
C ALA B 727 28.57 63.09 -9.05
N GLU B 728 29.43 63.91 -9.64
CA GLU B 728 29.12 65.32 -9.81
C GLU B 728 27.86 65.50 -10.65
N GLU B 729 27.79 64.81 -11.79
CA GLU B 729 26.59 64.91 -12.62
C GLU B 729 25.35 64.37 -11.91
N LEU B 730 25.49 63.27 -11.18
CA LEU B 730 24.34 62.70 -10.47
C LEU B 730 23.80 63.65 -9.42
N VAL B 731 24.67 64.30 -8.64
CA VAL B 731 24.19 65.29 -7.68
C VAL B 731 23.65 66.52 -8.38
N ARG B 732 24.18 66.87 -9.56
CA ARG B 732 23.60 67.95 -10.34
C ARG B 732 22.16 67.63 -10.73
N ALA B 733 21.91 66.37 -11.12
CA ALA B 733 20.56 65.97 -11.47
C ALA B 733 19.62 66.14 -10.29
N GLY B 734 20.12 65.96 -9.07
CA GLY B 734 19.29 66.09 -7.89
C GLY B 734 18.96 64.76 -7.26
N THR B 735 19.59 64.47 -6.13
CA THR B 735 19.40 63.20 -5.43
C THR B 735 19.15 63.45 -3.95
N HIS B 736 18.86 62.37 -3.24
CA HIS B 736 18.75 62.40 -1.79
C HIS B 736 19.91 61.68 -1.12
N ILE B 737 20.27 60.49 -1.61
CA ILE B 737 21.38 59.72 -1.07
C ILE B 737 22.19 59.16 -2.24
N LEU B 738 23.51 59.13 -2.07
CA LEU B 738 24.42 58.56 -3.06
C LEU B 738 24.93 57.23 -2.55
N CYS B 739 24.93 56.22 -3.42
CA CYS B 739 25.26 54.86 -3.05
C CYS B 739 26.35 54.30 -3.94
N ILE B 740 27.10 53.35 -3.40
CA ILE B 740 28.18 52.69 -4.12
C ILE B 740 27.89 51.19 -4.11
N LYS B 741 27.60 50.66 -5.30
CA LYS B 741 27.37 49.25 -5.50
C LYS B 741 28.68 48.52 -5.75
N ASP B 742 28.85 47.35 -5.13
CA ASP B 742 30.01 46.51 -5.35
C ASP B 742 29.52 45.06 -5.37
N MET B 743 29.19 44.57 -6.56
CA MET B 743 28.66 43.23 -6.68
C MET B 743 29.76 42.18 -6.59
N ALA B 744 30.95 42.49 -7.13
CA ALA B 744 32.05 41.52 -7.08
C ALA B 744 32.70 41.51 -5.70
N GLY B 745 32.78 42.66 -5.05
CA GLY B 745 33.43 42.74 -3.76
C GLY B 745 34.92 42.99 -3.84
N LEU B 746 35.36 43.90 -4.72
CA LEU B 746 36.77 44.19 -4.91
C LEU B 746 37.18 45.48 -4.22
N LEU B 747 36.53 45.84 -3.12
CA LEU B 747 36.80 47.10 -2.45
C LEU B 747 37.89 46.87 -1.41
N LYS B 748 39.12 47.20 -1.79
CA LYS B 748 40.23 47.12 -0.86
C LYS B 748 40.14 48.23 0.17
N PRO B 749 40.66 48.01 1.39
CA PRO B 749 40.60 49.07 2.41
C PRO B 749 41.25 50.38 2.00
N THR B 750 42.39 50.31 1.29
CA THR B 750 43.01 51.54 0.81
C THR B 750 42.13 52.22 -0.22
N ALA B 751 41.56 51.44 -1.15
CA ALA B 751 40.62 52.00 -2.11
C ALA B 751 39.39 52.58 -1.40
N CYS B 752 38.88 51.87 -0.40
CA CYS B 752 37.82 52.40 0.45
C CYS B 752 38.16 53.78 0.97
N THR B 753 39.27 53.90 1.71
CA THR B 753 39.55 55.19 2.35
C THR B 753 39.79 56.28 1.32
N MET B 754 40.49 55.97 0.22
CA MET B 754 40.73 56.97 -0.81
C MET B 754 39.43 57.46 -1.43
N LEU B 755 38.57 56.54 -1.88
CA LEU B 755 37.33 56.93 -2.52
C LEU B 755 36.41 57.69 -1.57
N VAL B 756 36.27 57.22 -0.33
CA VAL B 756 35.37 57.88 0.59
C VAL B 756 35.89 59.25 0.98
N SER B 757 37.20 59.39 1.16
CA SER B 757 37.76 60.71 1.41
C SER B 757 37.53 61.65 0.23
N SER B 758 37.66 61.14 -0.99
CA SER B 758 37.40 61.96 -2.16
C SER B 758 35.95 62.39 -2.29
N LEU B 759 35.00 61.52 -1.95
CA LEU B 759 33.58 61.87 -2.04
C LEU B 759 33.12 62.85 -0.99
N ARG B 760 33.57 62.70 0.26
CA ARG B 760 33.19 63.61 1.33
C ARG B 760 34.01 64.90 1.27
N ASP B 761 34.98 64.96 0.36
CA ASP B 761 35.82 66.15 0.23
C ASP B 761 34.98 67.38 -0.13
N ARG B 762 34.05 67.23 -1.06
CA ARG B 762 33.29 68.36 -1.57
C ARG B 762 31.79 68.08 -1.50
N PHE B 763 31.41 67.18 -0.59
CA PHE B 763 29.98 66.92 -0.41
C PHE B 763 29.65 66.66 1.05
N PRO B 764 29.81 67.65 1.94
CA PRO B 764 29.47 67.39 3.35
C PRO B 764 27.99 67.60 3.63
N ASP B 765 27.15 67.18 2.68
CA ASP B 765 25.71 67.21 2.87
C ASP B 765 25.08 65.87 2.51
N LEU B 766 25.59 65.24 1.46
CA LEU B 766 24.97 64.05 0.89
C LEU B 766 25.15 62.83 1.77
N PRO B 767 24.08 62.14 2.10
CA PRO B 767 24.22 60.83 2.75
C PRO B 767 24.90 59.82 1.82
N LEU B 768 25.78 59.00 2.40
CA LEU B 768 26.52 58.00 1.66
C LEU B 768 26.06 56.61 2.05
N HIS B 769 25.94 55.74 1.04
CA HIS B 769 25.49 54.38 1.22
C HIS B 769 26.50 53.45 0.54
N ILE B 770 26.83 52.36 1.20
CA ILE B 770 27.79 51.41 0.67
C ILE B 770 27.16 50.03 0.67
N HIS B 771 27.40 49.28 -0.41
CA HIS B 771 26.78 47.96 -0.54
C HIS B 771 27.77 47.03 -1.23
N THR B 772 28.46 46.20 -0.45
CA THR B 772 29.44 45.27 -1.00
C THR B 772 29.06 43.84 -0.62
N HIS B 773 29.71 42.89 -1.27
CA HIS B 773 29.52 41.47 -1.01
C HIS B 773 30.83 40.85 -0.52
N ASP B 774 30.71 40.03 0.51
CA ASP B 774 31.88 39.42 1.16
C ASP B 774 32.24 38.12 0.45
N THR B 775 32.73 38.27 -0.78
CA THR B 775 33.18 37.13 -1.58
C THR B 775 34.67 36.90 -1.46
N SER B 776 35.47 37.96 -1.62
CA SER B 776 36.92 37.83 -1.54
C SER B 776 37.34 37.40 -0.14
N GLY B 777 36.70 37.96 0.88
CA GLY B 777 37.04 37.67 2.27
C GLY B 777 37.42 38.88 3.09
N ALA B 778 37.59 40.04 2.48
CA ALA B 778 37.94 41.27 3.20
C ALA B 778 36.77 42.22 3.28
N GLY B 779 35.54 41.69 3.28
CA GLY B 779 34.38 42.56 3.33
C GLY B 779 34.29 43.38 4.60
N VAL B 780 34.49 42.74 5.74
CA VAL B 780 34.38 43.46 7.01
C VAL B 780 35.46 44.51 7.20
N ALA B 781 36.69 44.24 6.75
CA ALA B 781 37.74 45.26 6.86
C ALA B 781 37.43 46.48 6.00
N ALA B 782 36.95 46.25 4.78
CA ALA B 782 36.57 47.37 3.92
C ALA B 782 35.41 48.14 4.52
N MET B 783 34.43 47.44 5.09
CA MET B 783 33.31 48.11 5.73
C MET B 783 33.81 48.99 6.89
N LEU B 784 34.72 48.45 7.70
CA LEU B 784 35.23 49.22 8.82
C LEU B 784 35.98 50.45 8.34
N ALA B 785 36.82 50.30 7.31
CA ALA B 785 37.56 51.44 6.79
C ALA B 785 36.63 52.51 6.23
N CYS B 786 35.62 52.09 5.47
CA CYS B 786 34.68 53.06 4.91
C CYS B 786 33.90 53.77 6.01
N ALA B 787 33.46 53.03 7.04
CA ALA B 787 32.76 53.67 8.15
C ALA B 787 33.68 54.66 8.87
N GLN B 788 34.95 54.30 9.03
CA GLN B 788 35.89 55.22 9.65
C GLN B 788 36.04 56.49 8.85
N ALA B 789 36.22 56.39 7.53
CA ALA B 789 36.48 57.59 6.75
C ALA B 789 35.29 58.56 6.72
N GLY B 790 34.20 58.17 6.05
CA GLY B 790 33.05 59.06 5.97
C GLY B 790 31.69 58.43 5.82
N ALA B 791 31.57 57.12 5.98
CA ALA B 791 30.35 56.42 5.59
C ALA B 791 29.20 56.76 6.52
N ASP B 792 27.98 56.57 6.02
CA ASP B 792 26.77 56.83 6.78
C ASP B 792 25.93 55.59 7.01
N VAL B 793 25.61 54.87 5.94
CA VAL B 793 24.78 53.66 6.02
C VAL B 793 25.55 52.49 5.44
N VAL B 794 25.49 51.36 6.13
CA VAL B 794 26.22 50.16 5.75
C VAL B 794 25.23 49.02 5.56
N ASP B 795 25.41 48.26 4.49
CA ASP B 795 24.50 47.16 4.18
C ASP B 795 25.01 45.88 4.81
N VAL B 796 24.19 45.26 5.65
CA VAL B 796 24.62 44.12 6.46
C VAL B 796 23.51 43.09 6.50
N ALA B 797 23.87 41.81 6.32
CA ALA B 797 22.95 40.70 6.37
C ALA B 797 23.07 39.99 7.72
N ALA B 798 22.21 39.00 7.94
CA ALA B 798 22.22 38.26 9.20
C ALA B 798 23.38 37.27 9.23
N ASP B 799 23.75 36.86 10.45
CA ASP B 799 24.94 36.05 10.64
C ASP B 799 24.84 34.70 9.93
N SER B 800 23.70 34.03 10.04
CA SER B 800 23.55 32.71 9.45
C SER B 800 23.39 32.73 7.94
N MET B 801 23.24 33.91 7.34
CA MET B 801 23.09 34.06 5.89
C MET B 801 24.12 35.09 5.42
N SER B 802 25.35 34.95 5.90
CA SER B 802 26.39 35.94 5.63
C SER B 802 27.63 35.25 5.09
N GLY B 803 28.58 36.07 4.66
CA GLY B 803 29.84 35.56 4.17
C GLY B 803 29.70 34.83 2.85
N MET B 804 30.73 34.05 2.53
CA MET B 804 30.75 33.24 1.33
C MET B 804 30.58 34.12 0.10
N THR B 805 29.34 34.26 -0.37
CA THR B 805 29.02 35.21 -1.44
C THR B 805 27.99 36.22 -0.98
N SER B 806 27.58 36.17 0.27
CA SER B 806 26.60 37.06 0.85
C SER B 806 27.33 38.26 1.46
N GLN B 807 26.64 39.01 2.29
CA GLN B 807 27.10 40.28 2.84
C GLN B 807 27.72 40.07 4.21
N PRO B 808 28.47 41.05 4.71
CA PRO B 808 29.03 40.93 6.06
C PRO B 808 27.94 40.77 7.11
N SER B 809 28.26 40.01 8.15
CA SER B 809 27.28 39.67 9.17
C SER B 809 27.06 40.82 10.14
N MET B 810 25.89 40.80 10.79
CA MET B 810 25.61 41.79 11.85
C MET B 810 26.58 41.63 13.01
N GLY B 811 26.90 40.39 13.37
CA GLY B 811 27.70 40.16 14.56
C GLY B 811 29.04 40.86 14.52
N ALA B 812 29.74 40.76 13.39
CA ALA B 812 31.06 41.37 13.29
C ALA B 812 30.98 42.88 13.43
N LEU B 813 30.07 43.52 12.68
CA LEU B 813 29.98 44.97 12.73
C LEU B 813 29.55 45.46 14.11
N VAL B 814 28.59 44.78 14.74
CA VAL B 814 28.12 45.20 16.05
C VAL B 814 29.22 45.04 17.09
N ALA B 815 29.92 43.91 17.08
CA ALA B 815 30.93 43.64 18.09
C ALA B 815 32.15 44.53 17.92
N CYS B 816 32.60 44.72 16.67
CA CYS B 816 33.81 45.49 16.42
C CYS B 816 33.62 46.94 16.84
N THR B 817 32.44 47.50 16.59
CA THR B 817 32.15 48.89 16.94
C THR B 817 31.41 48.92 18.28
N ARG B 818 32.08 48.44 19.31
CA ARG B 818 31.50 48.47 20.64
C ARG B 818 31.97 49.68 21.43
N GLY B 819 33.27 49.77 21.69
CA GLY B 819 33.85 50.92 22.34
C GLY B 819 34.42 51.92 21.36
N THR B 820 33.58 52.41 20.46
CA THR B 820 34.06 53.24 19.36
C THR B 820 33.19 54.49 19.28
N PRO B 821 33.73 55.61 18.82
CA PRO B 821 32.88 56.80 18.63
C PRO B 821 31.71 56.57 17.69
N LEU B 822 31.83 55.59 16.78
CA LEU B 822 30.73 55.32 15.85
C LEU B 822 29.48 54.87 16.58
N ASP B 823 29.62 53.98 17.55
CA ASP B 823 28.56 53.68 18.53
C ASP B 823 27.27 53.23 17.84
N THR B 824 27.34 52.05 17.23
CA THR B 824 26.16 51.47 16.58
C THR B 824 24.99 51.37 17.56
N GLU B 825 25.27 50.88 18.77
CA GLU B 825 24.29 50.83 19.86
C GLU B 825 23.06 50.03 19.48
N VAL B 826 23.28 48.75 19.18
CA VAL B 826 22.21 47.80 18.95
C VAL B 826 22.47 46.58 19.83
N PRO B 827 21.58 46.23 20.76
CA PRO B 827 21.82 45.09 21.63
C PRO B 827 22.01 43.80 20.84
N MET B 828 23.16 43.17 21.03
CA MET B 828 23.51 41.97 20.30
C MET B 828 22.80 40.72 20.82
N GLU B 829 22.14 40.82 21.96
CA GLU B 829 21.42 39.66 22.50
C GLU B 829 20.31 39.22 21.56
N ARG B 830 19.57 40.18 21.01
CA ARG B 830 18.47 39.85 20.12
C ARG B 830 18.97 39.43 18.74
N VAL B 831 20.13 39.95 18.32
CA VAL B 831 20.71 39.52 17.05
C VAL B 831 21.00 38.03 17.08
N PHE B 832 21.39 37.51 18.24
CA PHE B 832 21.70 36.09 18.35
C PHE B 832 20.50 35.23 18.01
N ASP B 833 19.35 35.51 18.62
CA ASP B 833 18.16 34.72 18.32
C ASP B 833 17.63 35.00 16.93
N TYR B 834 17.81 36.23 16.44
CA TYR B 834 17.40 36.55 15.07
C TYR B 834 18.13 35.66 14.07
N SER B 835 19.45 35.54 14.23
CA SER B 835 20.23 34.65 13.38
C SER B 835 19.95 33.18 13.68
N GLU B 836 19.61 32.85 14.92
CA GLU B 836 19.28 31.48 15.27
C GLU B 836 18.05 30.99 14.52
N TYR B 837 17.02 31.84 14.38
CA TYR B 837 15.86 31.42 13.61
C TYR B 837 16.24 31.13 12.16
N TRP B 838 17.04 32.00 11.54
CA TRP B 838 17.42 31.79 10.16
C TRP B 838 18.28 30.55 10.01
N GLU B 839 19.05 30.22 11.05
CA GLU B 839 19.86 29.00 11.01
C GLU B 839 18.97 27.78 10.82
N GLY B 840 17.88 27.70 11.58
CA GLY B 840 16.93 26.63 11.38
C GLY B 840 16.18 26.72 10.07
N ALA B 841 15.78 27.93 9.68
CA ALA B 841 14.98 28.12 8.48
C ALA B 841 15.73 27.74 7.20
N ARG B 842 17.03 28.03 7.13
CA ARG B 842 17.81 27.69 5.96
C ARG B 842 17.86 26.19 5.69
N GLY B 843 17.75 25.36 6.74
CA GLY B 843 17.80 23.94 6.54
C GLY B 843 16.63 23.39 5.76
N LEU B 844 15.53 24.14 5.69
CA LEU B 844 14.37 23.71 4.92
C LEU B 844 14.71 23.63 3.44
N TYR B 845 15.45 24.60 2.93
CA TYR B 845 15.79 24.66 1.51
C TYR B 845 17.12 23.96 1.25
N ALA B 846 17.20 22.70 1.69
CA ALA B 846 18.43 21.93 1.50
C ALA B 846 18.74 21.67 0.04
N ALA B 847 17.72 21.43 -0.79
CA ALA B 847 17.96 21.17 -2.20
C ALA B 847 18.53 22.40 -2.89
N PHE B 848 18.18 23.58 -2.39
CA PHE B 848 18.60 24.85 -2.98
C PHE B 848 19.67 25.44 -2.07
N ASP B 849 20.94 25.11 -2.33
CA ASP B 849 22.01 25.57 -1.46
C ASP B 849 23.31 25.56 -2.24
N CYS B 850 24.33 26.23 -1.66
CA CYS B 850 25.64 26.29 -2.26
C CYS B 850 26.30 24.93 -2.38
N THR B 851 26.21 24.09 -1.34
CA THR B 851 26.67 22.72 -1.37
C THR B 851 28.10 22.58 -1.87
N ALA B 852 28.35 21.54 -2.67
CA ALA B 852 29.71 21.20 -3.09
C ALA B 852 30.41 22.32 -3.83
N THR B 853 29.66 23.19 -4.52
CA THR B 853 30.29 24.27 -5.27
C THR B 853 31.00 25.25 -4.35
N MET B 854 30.40 25.54 -3.20
CA MET B 854 30.87 26.63 -2.36
C MET B 854 31.12 26.21 -0.91
N LYS B 855 31.94 25.19 -0.67
CA LYS B 855 32.29 24.84 0.71
C LYS B 855 32.98 25.96 1.46
N SER B 856 33.97 26.61 0.84
CA SER B 856 34.74 27.65 1.51
C SER B 856 34.74 28.92 0.66
N GLY B 857 34.87 30.06 1.33
CA GLY B 857 34.91 31.33 0.64
C GLY B 857 36.01 31.39 -0.39
N ASN B 858 35.63 31.46 -1.66
CA ASN B 858 36.56 31.29 -2.76
C ASN B 858 37.21 32.62 -3.13
N SER B 859 38.54 32.59 -3.26
CA SER B 859 39.29 33.74 -3.74
C SER B 859 39.33 33.71 -5.26
N ASP B 860 40.22 34.50 -5.85
CA ASP B 860 40.36 34.57 -7.31
C ASP B 860 39.08 35.11 -7.94
N VAL B 861 38.59 36.20 -7.38
CA VAL B 861 37.49 36.94 -7.99
C VAL B 861 37.97 38.02 -8.93
N TYR B 862 39.19 38.52 -8.74
CA TYR B 862 39.77 39.52 -9.63
C TYR B 862 39.91 38.98 -11.05
N GLU B 863 40.34 37.74 -11.20
CA GLU B 863 40.39 37.13 -12.52
C GLU B 863 39.00 36.72 -13.00
N ASN B 864 38.11 36.33 -12.08
CA ASN B 864 36.81 35.84 -12.47
C ASN B 864 35.84 36.99 -12.73
N GLU B 865 35.79 37.96 -11.83
CA GLU B 865 34.88 39.10 -11.94
C GLU B 865 33.43 38.66 -12.08
N ILE B 866 33.07 37.66 -11.29
CA ILE B 866 31.73 37.09 -11.29
C ILE B 866 30.95 37.73 -10.14
N PRO B 867 29.85 38.43 -10.41
CA PRO B 867 29.06 39.00 -9.32
C PRO B 867 28.55 37.91 -8.38
N GLY B 868 28.56 38.22 -7.08
CA GLY B 868 28.12 37.24 -6.11
C GLY B 868 26.63 36.94 -6.23
N GLY B 869 25.84 37.94 -6.58
CA GLY B 869 24.40 37.75 -6.63
C GLY B 869 23.95 36.73 -7.64
N GLN B 870 24.65 36.61 -8.76
CA GLN B 870 24.23 35.75 -9.86
C GLN B 870 25.00 34.44 -9.93
N TYR B 871 25.88 34.16 -8.98
CA TYR B 871 26.71 32.95 -9.08
C TYR B 871 25.88 31.68 -9.00
N THR B 872 25.03 31.57 -7.97
CA THR B 872 24.21 30.37 -7.82
C THR B 872 23.19 30.26 -8.94
N ASN B 873 22.63 31.38 -9.39
CA ASN B 873 21.69 31.35 -10.49
C ASN B 873 22.37 30.86 -11.77
N LEU B 874 23.61 31.30 -12.01
CA LEU B 874 24.36 30.83 -13.15
C LEU B 874 24.62 29.33 -13.05
N HIS B 875 24.96 28.86 -11.85
CA HIS B 875 25.17 27.43 -11.66
C HIS B 875 23.89 26.65 -11.95
N PHE B 876 22.75 27.16 -11.48
CA PHE B 876 21.47 26.50 -11.73
C PHE B 876 21.16 26.45 -13.22
N GLN B 877 21.39 27.55 -13.92
CA GLN B 877 21.12 27.58 -15.34
C GLN B 877 22.02 26.61 -16.09
N ALA B 878 23.30 26.57 -15.73
CA ALA B 878 24.23 25.64 -16.38
C ALA B 878 23.83 24.19 -16.13
N HIS B 879 23.37 23.89 -14.91
CA HIS B 879 22.91 22.53 -14.63
C HIS B 879 21.65 22.21 -15.42
N SER B 880 20.76 23.19 -15.56
CA SER B 880 19.53 22.98 -16.33
C SER B 880 19.84 22.69 -17.80
N MET B 881 20.81 23.42 -18.37
CA MET B 881 21.22 23.14 -19.74
C MET B 881 21.78 21.72 -19.87
N GLY B 882 22.54 21.29 -18.87
CA GLY B 882 23.16 19.98 -18.91
C GLY B 882 24.67 20.06 -18.88
N LEU B 883 25.19 21.12 -18.27
CA LEU B 883 26.64 21.35 -18.19
C LEU B 883 27.10 21.35 -16.73
N GLY B 884 26.38 20.64 -15.87
CA GLY B 884 26.73 20.65 -14.45
C GLY B 884 28.09 20.04 -14.17
N SER B 885 28.48 19.02 -14.93
CA SER B 885 29.76 18.36 -14.70
C SER B 885 30.92 19.32 -14.93
N LYS B 886 30.95 19.97 -16.09
CA LYS B 886 32.03 20.88 -16.45
C LYS B 886 31.65 22.31 -16.05
N PHE B 887 31.25 22.47 -14.80
CA PHE B 887 30.91 23.80 -14.30
C PHE B 887 32.12 24.66 -14.05
N LYS B 888 33.24 24.06 -13.64
CA LYS B 888 34.46 24.83 -13.39
C LYS B 888 34.97 25.46 -14.69
N GLU B 889 34.94 24.71 -15.78
CA GLU B 889 35.39 25.23 -17.06
C GLU B 889 34.49 26.34 -17.60
N VAL B 890 33.24 26.40 -17.14
CA VAL B 890 32.35 27.48 -17.57
C VAL B 890 32.88 28.82 -17.11
N LYS B 891 33.22 28.95 -15.84
CA LYS B 891 33.80 30.19 -15.31
C LYS B 891 35.23 30.39 -15.77
N LYS B 892 35.88 29.35 -16.29
CA LYS B 892 37.22 29.52 -16.83
C LYS B 892 37.22 30.39 -18.08
N ALA B 893 36.13 30.35 -18.86
CA ALA B 893 36.02 31.10 -20.09
C ALA B 893 35.32 32.45 -19.90
N TYR B 894 35.03 32.82 -18.66
CA TYR B 894 34.28 34.05 -18.40
C TYR B 894 35.11 35.29 -18.74
N VAL B 895 36.37 35.32 -18.29
CA VAL B 895 37.19 36.50 -18.52
C VAL B 895 37.50 36.67 -19.99
N GLU B 896 37.63 35.58 -20.75
CA GLU B 896 37.83 35.70 -22.19
C GLU B 896 36.63 36.39 -22.85
N ALA B 897 35.42 36.00 -22.47
CA ALA B 897 34.23 36.68 -23.01
C ALA B 897 34.22 38.15 -22.62
N ASN B 898 34.53 38.45 -21.36
CA ASN B 898 34.59 39.85 -20.95
C ASN B 898 35.61 40.63 -21.78
N GLN B 899 36.78 40.03 -22.02
CA GLN B 899 37.81 40.73 -22.78
C GLN B 899 37.41 40.92 -24.24
N MET B 900 36.81 39.91 -24.86
CA MET B 900 36.43 40.04 -26.27
C MET B 900 35.37 41.12 -26.42
N LEU B 901 34.42 41.19 -25.48
CA LEU B 901 33.49 42.32 -25.51
C LEU B 901 34.12 43.58 -24.96
N GLY B 902 35.26 43.45 -24.29
CA GLY B 902 35.93 44.60 -23.71
C GLY B 902 35.55 44.77 -22.26
N ASP B 903 36.43 45.36 -21.45
CA ASP B 903 36.17 45.47 -20.02
C ASP B 903 34.98 46.40 -19.77
N LEU B 904 33.86 45.81 -19.34
CA LEU B 904 32.65 46.58 -19.04
C LEU B 904 32.12 46.16 -17.67
N ILE B 905 31.44 47.08 -17.01
CA ILE B 905 30.79 46.80 -15.74
C ILE B 905 29.63 45.85 -16.00
N LYS B 906 29.37 44.96 -15.05
CA LYS B 906 28.35 43.91 -15.20
C LYS B 906 27.55 43.82 -13.92
N VAL B 907 26.24 44.09 -13.99
CA VAL B 907 25.48 43.87 -12.77
C VAL B 907 24.32 42.91 -12.96
N THR B 908 23.17 43.37 -13.49
CA THR B 908 22.13 42.40 -13.77
C THR B 908 22.09 41.94 -15.23
N PRO B 909 21.84 42.84 -16.19
CA PRO B 909 21.65 42.39 -17.57
C PRO B 909 22.92 41.94 -18.25
N SER B 910 23.96 42.78 -18.21
CA SER B 910 25.21 42.45 -18.87
C SER B 910 25.83 41.21 -18.27
N SER B 911 25.63 40.99 -16.97
CA SER B 911 26.08 39.75 -16.34
C SER B 911 25.39 38.55 -16.99
N LYS B 912 24.08 38.64 -17.20
CA LYS B 912 23.35 37.57 -17.85
C LYS B 912 23.84 37.35 -19.29
N ILE B 913 24.10 38.45 -20.00
CA ILE B 913 24.55 38.35 -21.38
C ILE B 913 25.90 37.64 -21.45
N VAL B 914 26.83 38.04 -20.58
CA VAL B 914 28.16 37.43 -20.58
C VAL B 914 28.06 35.97 -20.16
N GLY B 915 27.17 35.67 -19.21
CA GLY B 915 26.98 34.28 -18.81
C GLY B 915 26.46 33.41 -19.93
N ASP B 916 25.46 33.91 -20.66
CA ASP B 916 24.93 33.16 -21.79
C ASP B 916 25.98 32.96 -22.87
N LEU B 917 26.74 34.01 -23.16
CA LEU B 917 27.80 33.89 -24.16
C LEU B 917 28.84 32.88 -23.74
N ALA B 918 29.24 32.89 -22.47
CA ALA B 918 30.21 31.92 -21.98
C ALA B 918 29.65 30.49 -22.02
N GLN B 919 28.36 30.34 -21.71
CA GLN B 919 27.75 29.02 -21.78
C GLN B 919 27.79 28.47 -23.20
N PHE B 920 27.41 29.30 -24.18
CA PHE B 920 27.53 28.87 -25.57
C PHE B 920 28.97 28.63 -25.96
N MET B 921 29.88 29.47 -25.46
CA MET B 921 31.29 29.39 -25.78
C MET B 921 31.88 28.06 -25.35
N VAL B 922 31.50 27.58 -24.16
CA VAL B 922 32.01 26.31 -23.69
C VAL B 922 31.24 25.13 -24.30
N GLN B 923 29.94 25.29 -24.53
CA GLN B 923 29.16 24.21 -25.13
C GLN B 923 29.67 23.86 -26.51
N ASN B 924 29.94 24.88 -27.33
CA ASN B 924 30.45 24.62 -28.68
C ASN B 924 31.91 24.21 -28.63
N GLY B 925 32.67 24.71 -27.65
CA GLY B 925 34.03 24.27 -27.47
C GLY B 925 35.04 25.03 -28.30
N LEU B 926 35.07 26.34 -28.17
CA LEU B 926 35.93 27.21 -28.98
C LEU B 926 36.90 27.96 -28.08
N SER B 927 37.89 28.59 -28.72
CA SER B 927 38.77 29.53 -28.06
C SER B 927 38.46 30.95 -28.54
N ARG B 928 38.98 31.94 -27.83
CA ARG B 928 38.62 33.33 -28.12
C ARG B 928 39.02 33.72 -29.54
N ALA B 929 40.27 33.46 -29.90
CA ALA B 929 40.72 33.77 -31.26
C ALA B 929 39.95 32.96 -32.30
N GLU B 930 39.72 31.68 -32.01
CA GLU B 930 38.97 30.83 -32.93
C GLU B 930 37.53 31.32 -33.08
N ALA B 931 36.91 31.72 -31.97
CA ALA B 931 35.54 32.23 -32.03
C ALA B 931 35.48 33.53 -32.83
N GLU B 932 36.45 34.42 -32.62
CA GLU B 932 36.47 35.68 -33.35
C GLU B 932 36.82 35.46 -34.82
N ALA B 933 37.46 34.34 -35.15
CA ALA B 933 37.82 34.06 -36.53
C ALA B 933 36.59 33.97 -37.41
N GLN B 934 35.67 33.06 -37.09
CA GLN B 934 34.41 32.91 -37.82
C GLN B 934 33.27 33.36 -36.91
N ALA B 935 33.00 34.66 -36.94
CA ALA B 935 31.86 35.22 -36.23
C ALA B 935 30.65 35.45 -37.11
N GLU B 936 30.78 35.22 -38.43
CA GLU B 936 29.67 35.46 -39.33
C GLU B 936 28.79 34.23 -39.50
N GLU B 937 29.40 33.09 -39.84
CA GLU B 937 28.63 31.86 -40.05
C GLU B 937 28.10 31.32 -38.73
N LEU B 938 28.87 31.49 -37.66
CA LEU B 938 28.46 30.99 -36.35
C LEU B 938 27.24 31.74 -35.85
N SER B 939 26.28 30.99 -35.30
CA SER B 939 25.07 31.59 -34.76
C SER B 939 25.25 31.93 -33.28
N PHE B 940 24.85 33.13 -32.91
CA PHE B 940 25.05 33.61 -31.55
C PHE B 940 23.71 33.67 -30.80
N PRO B 941 23.74 33.61 -29.48
CA PRO B 941 22.50 33.70 -28.70
C PRO B 941 21.81 35.04 -28.93
N ARG B 942 20.48 35.02 -28.85
CA ARG B 942 19.66 36.17 -29.23
C ARG B 942 19.94 37.37 -28.34
N SER B 943 20.13 37.13 -27.04
CA SER B 943 20.35 38.23 -26.11
C SER B 943 21.62 39.00 -26.44
N VAL B 944 22.66 38.28 -26.86
CA VAL B 944 23.89 38.95 -27.27
C VAL B 944 23.63 39.86 -28.46
N VAL B 945 22.85 39.38 -29.42
CA VAL B 945 22.50 40.19 -30.58
C VAL B 945 21.72 41.43 -30.15
N GLU B 946 20.77 41.27 -29.23
CA GLU B 946 20.00 42.42 -28.76
C GLU B 946 20.90 43.45 -28.10
N PHE B 947 21.85 42.99 -27.27
CA PHE B 947 22.77 43.93 -26.63
C PHE B 947 23.63 44.64 -27.66
N LEU B 948 24.15 43.90 -28.64
CA LEU B 948 24.98 44.51 -29.67
C LEU B 948 24.18 45.52 -30.49
N GLN B 949 22.88 45.29 -30.63
CA GLN B 949 22.02 46.23 -31.34
C GLN B 949 21.98 47.57 -30.63
N GLY B 950 21.95 47.54 -29.30
CA GLY B 950 21.98 48.77 -28.52
C GLY B 950 20.72 48.99 -27.71
N TYR B 951 20.00 47.90 -27.40
CA TYR B 951 18.76 48.02 -26.65
C TYR B 951 19.01 48.53 -25.24
N ILE B 952 20.04 47.99 -24.58
CA ILE B 952 20.32 48.39 -23.20
C ILE B 952 20.88 49.81 -23.16
N GLY B 953 21.82 50.12 -24.03
CA GLY B 953 22.43 51.43 -24.06
C GLY B 953 23.86 51.35 -24.57
N VAL B 954 24.48 52.52 -24.63
CA VAL B 954 25.85 52.65 -25.14
C VAL B 954 26.83 52.44 -23.99
N PRO B 955 27.92 51.69 -24.19
CA PRO B 955 28.94 51.57 -23.15
C PRO B 955 29.81 52.81 -23.02
N HIS B 956 30.82 52.75 -22.15
CA HIS B 956 31.66 53.91 -21.88
C HIS B 956 32.63 54.20 -23.02
N GLY B 957 33.54 53.26 -23.28
CA GLY B 957 34.55 53.47 -24.29
C GLY B 957 34.16 52.90 -25.64
N GLY B 958 32.89 52.53 -25.79
CA GLY B 958 32.44 51.87 -26.98
C GLY B 958 32.80 50.39 -26.98
N PHE B 959 32.43 49.73 -28.07
CA PHE B 959 32.65 48.29 -28.18
C PHE B 959 33.21 47.95 -29.56
N PRO B 960 33.91 46.82 -29.69
CA PRO B 960 34.70 46.57 -30.92
C PRO B 960 33.84 46.61 -32.18
N GLU B 961 34.40 47.24 -33.22
CA GLU B 961 33.71 47.39 -34.49
C GLU B 961 33.74 46.14 -35.38
N PRO B 962 34.87 45.37 -35.48
CA PRO B 962 34.84 44.21 -36.37
C PRO B 962 33.82 43.18 -35.92
N PHE B 963 33.68 43.04 -34.60
CA PHE B 963 32.78 42.02 -34.06
C PHE B 963 31.33 42.38 -34.32
N ARG B 964 30.95 43.63 -34.04
CA ARG B 964 29.58 44.06 -34.31
C ARG B 964 29.28 44.02 -35.81
N SER B 965 30.28 44.39 -36.63
CA SER B 965 30.08 44.34 -38.07
C SER B 965 29.83 42.92 -38.55
N LYS B 966 30.60 41.96 -38.04
CA LYS B 966 30.48 40.59 -38.50
C LYS B 966 29.32 39.84 -37.83
N VAL B 967 28.75 40.37 -36.76
CA VAL B 967 27.64 39.70 -36.09
C VAL B 967 26.30 40.28 -36.53
N LEU B 968 26.18 41.61 -36.48
CA LEU B 968 24.89 42.26 -36.73
C LEU B 968 24.44 42.06 -38.17
N LYS B 969 25.38 41.82 -39.09
CA LYS B 969 25.07 41.70 -40.50
C LYS B 969 24.31 42.91 -41.02
N ASP B 970 22.99 42.80 -41.11
CA ASP B 970 22.16 43.85 -41.67
C ASP B 970 20.91 44.11 -40.84
N LEU B 971 21.06 44.12 -39.52
CA LEU B 971 19.93 44.31 -38.62
C LEU B 971 19.78 45.79 -38.29
N PRO B 972 18.56 46.24 -37.99
CA PRO B 972 18.37 47.64 -37.61
C PRO B 972 19.11 47.97 -36.32
N ARG B 973 19.57 49.22 -36.23
CA ARG B 973 20.35 49.69 -35.09
C ARG B 973 19.63 50.85 -34.43
N VAL B 974 19.66 50.86 -33.10
CA VAL B 974 19.01 51.90 -32.31
C VAL B 974 20.05 52.92 -31.87
N GLU B 975 19.75 54.19 -32.07
CA GLU B 975 20.66 55.28 -31.72
C GLU B 975 20.07 56.09 -30.58
N GLY B 976 20.91 56.45 -29.62
CA GLY B 976 20.49 57.26 -28.50
C GLY B 976 19.81 56.42 -27.44
N ARG B 977 18.77 56.99 -26.83
CA ARG B 977 18.03 56.29 -25.77
C ARG B 977 16.90 55.49 -26.40
N PRO B 978 16.94 54.15 -26.29
CA PRO B 978 15.86 53.34 -26.89
C PRO B 978 14.49 53.62 -26.30
N GLY B 979 14.43 54.06 -25.04
CA GLY B 979 13.14 54.25 -24.40
C GLY B 979 12.28 55.31 -25.09
N ALA B 980 12.89 56.42 -25.47
CA ALA B 980 12.14 57.48 -26.13
C ALA B 980 11.63 57.03 -27.49
N SER B 981 12.46 56.34 -28.26
CA SER B 981 12.05 55.89 -29.59
C SER B 981 11.00 54.79 -29.51
N LEU B 982 10.94 54.08 -28.38
CA LEU B 982 10.04 52.95 -28.22
C LEU B 982 8.59 53.42 -28.24
N PRO B 983 7.74 52.86 -29.09
CA PRO B 983 6.35 53.29 -29.17
C PRO B 983 5.60 52.95 -27.89
N PRO B 984 5.00 53.95 -27.24
CA PRO B 984 4.22 53.67 -26.03
C PRO B 984 3.05 52.74 -26.31
N LEU B 985 2.76 51.88 -25.35
CA LEU B 985 1.66 50.93 -25.45
C LEU B 985 0.52 51.31 -24.51
N ASP B 986 -0.69 50.91 -24.88
CA ASP B 986 -1.87 51.18 -24.08
C ASP B 986 -2.16 50.01 -23.16
N LEU B 987 -2.37 50.32 -21.87
CA LEU B 987 -2.67 49.32 -20.87
C LEU B 987 -4.15 49.23 -20.58
N GLN B 988 -4.97 49.91 -21.37
CA GLN B 988 -6.42 49.89 -21.20
C GLN B 988 -7.08 48.75 -21.96
N ALA B 989 -6.69 48.54 -23.22
CA ALA B 989 -7.23 47.42 -23.98
C ALA B 989 -6.79 46.08 -23.42
N LEU B 990 -5.56 45.98 -22.95
CA LEU B 990 -5.05 44.74 -22.38
C LEU B 990 -5.84 44.30 -21.14
N GLU B 991 -6.28 45.26 -20.33
CA GLU B 991 -7.06 44.89 -19.14
C GLU B 991 -8.35 44.20 -19.52
N LYS B 992 -9.12 44.77 -20.45
CA LYS B 992 -10.36 44.12 -20.87
C LYS B 992 -10.08 42.84 -21.65
N GLU B 993 -8.94 42.78 -22.34
CA GLU B 993 -8.57 41.54 -23.02
C GLU B 993 -8.37 40.40 -22.02
N LEU B 994 -7.57 40.63 -20.98
CA LEU B 994 -7.36 39.59 -19.99
C LEU B 994 -8.63 39.32 -19.19
N VAL B 995 -9.47 40.33 -19.00
CA VAL B 995 -10.75 40.10 -18.33
C VAL B 995 -11.61 39.15 -19.15
N ASP B 996 -11.68 39.37 -20.45
CA ASP B 996 -12.43 38.45 -21.32
C ASP B 996 -11.80 37.07 -21.36
N ARG B 997 -10.47 36.98 -21.29
CA ARG B 997 -9.80 35.68 -21.43
C ARG B 997 -9.92 34.86 -20.14
N HIS B 998 -9.30 35.34 -19.06
CA HIS B 998 -9.33 34.62 -17.78
C HIS B 998 -9.52 35.58 -16.61
N GLY B 999 -10.22 36.69 -16.86
CA GLY B 999 -10.36 37.73 -15.86
C GLY B 999 -11.75 37.77 -15.26
N GLU B 1000 -11.79 37.72 -13.94
CA GLU B 1000 -13.07 37.78 -13.22
C GLU B 1000 -13.04 38.82 -12.10
N GLU B 1001 -11.88 39.03 -11.47
CA GLU B 1001 -11.73 40.14 -10.53
C GLU B 1001 -10.35 40.79 -10.63
N VAL B 1002 -9.75 40.81 -11.81
CA VAL B 1002 -8.38 41.29 -11.96
C VAL B 1002 -8.28 42.75 -11.52
N THR B 1003 -7.25 43.06 -10.76
CA THR B 1003 -6.99 44.39 -10.22
C THR B 1003 -5.90 45.07 -11.03
N PRO B 1004 -5.72 46.39 -10.91
CA PRO B 1004 -4.67 47.05 -11.69
C PRO B 1004 -3.27 46.49 -11.44
N GLU B 1005 -3.00 45.99 -10.23
CA GLU B 1005 -1.69 45.41 -9.95
C GLU B 1005 -1.41 44.24 -10.88
N ASP B 1006 -2.39 43.36 -11.06
CA ASP B 1006 -2.21 42.25 -11.99
C ASP B 1006 -2.13 42.75 -13.42
N VAL B 1007 -2.83 43.84 -13.73
CA VAL B 1007 -2.75 44.41 -15.07
C VAL B 1007 -1.33 44.85 -15.38
N LEU B 1008 -0.69 45.54 -14.43
CA LEU B 1008 0.70 45.93 -14.60
C LEU B 1008 1.65 44.73 -14.61
N SER B 1009 1.37 43.70 -13.80
CA SER B 1009 2.20 42.51 -13.80
C SER B 1009 2.16 41.78 -15.13
N ALA B 1010 0.98 41.70 -15.76
CA ALA B 1010 0.84 41.07 -17.06
C ALA B 1010 1.67 41.75 -18.15
N ALA B 1011 1.78 43.07 -18.10
CA ALA B 1011 2.59 43.78 -19.09
C ALA B 1011 4.06 43.47 -18.92
N MET B 1012 4.46 43.00 -17.74
CA MET B 1012 5.86 42.69 -17.47
C MET B 1012 6.24 41.40 -18.18
N TYR B 1013 5.57 40.30 -17.82
CA TYR B 1013 5.78 39.00 -18.44
C TYR B 1013 4.42 38.37 -18.70
N PRO B 1014 3.86 38.52 -19.90
CA PRO B 1014 2.50 38.01 -20.15
C PRO B 1014 2.43 36.49 -20.15
N ASP B 1015 3.42 35.83 -20.75
CA ASP B 1015 3.36 34.37 -20.87
C ASP B 1015 3.37 33.69 -19.51
N VAL B 1016 4.33 34.04 -18.67
CA VAL B 1016 4.40 33.40 -17.36
C VAL B 1016 3.23 33.83 -16.50
N PHE B 1017 2.70 35.04 -16.71
CA PHE B 1017 1.50 35.43 -15.96
C PHE B 1017 0.32 34.55 -16.33
N ALA B 1018 0.12 34.29 -17.62
CA ALA B 1018 -0.96 33.41 -18.03
C ALA B 1018 -0.76 32.00 -17.48
N HIS B 1019 0.46 31.49 -17.56
CA HIS B 1019 0.73 30.16 -17.02
C HIS B 1019 0.47 30.10 -15.51
N PHE B 1020 0.92 31.12 -14.78
CA PHE B 1020 0.71 31.16 -13.34
C PHE B 1020 -0.77 31.24 -12.98
N LYS B 1021 -1.54 32.06 -13.71
CA LYS B 1021 -2.97 32.13 -13.44
C LYS B 1021 -3.67 30.82 -13.75
N ASP B 1022 -3.30 30.17 -14.86
CA ASP B 1022 -3.90 28.87 -15.19
C ASP B 1022 -3.58 27.83 -14.14
N PHE B 1023 -2.33 27.78 -13.67
CA PHE B 1023 -1.96 26.84 -12.62
C PHE B 1023 -2.66 27.13 -11.31
N THR B 1024 -2.78 28.39 -10.93
CA THR B 1024 -3.45 28.75 -9.68
C THR B 1024 -4.94 28.47 -9.72
N ALA B 1025 -5.59 28.64 -10.88
CA ALA B 1025 -7.01 28.36 -10.96
C ALA B 1025 -7.32 26.90 -10.70
N THR B 1026 -6.46 25.99 -11.17
CA THR B 1026 -6.73 24.55 -11.06
C THR B 1026 -6.42 24.04 -9.66
N PHE B 1027 -5.15 24.14 -9.25
CA PHE B 1027 -4.71 23.48 -8.02
C PHE B 1027 -5.11 24.27 -6.77
N GLY B 1028 -5.42 25.55 -6.94
CA GLY B 1028 -5.98 26.32 -5.85
C GLY B 1028 -5.02 27.34 -5.26
N PRO B 1029 -5.43 27.95 -4.15
CA PRO B 1029 -4.60 28.99 -3.52
C PRO B 1029 -3.43 28.37 -2.77
N LEU B 1030 -2.22 28.77 -3.16
CA LEU B 1030 -1.00 28.31 -2.51
C LEU B 1030 -0.60 29.25 -1.38
N ASP B 1031 0.65 29.14 -0.93
CA ASP B 1031 1.25 29.99 0.10
C ASP B 1031 0.37 30.06 1.34
N SER B 1032 -0.25 28.92 1.66
CA SER B 1032 -0.87 28.70 2.95
C SER B 1032 -0.29 27.43 3.53
N LEU B 1033 0.55 26.78 2.73
CA LEU B 1033 1.16 25.51 3.07
C LEU B 1033 2.54 25.71 3.69
N ASN B 1034 2.99 24.71 4.43
CA ASN B 1034 4.37 24.71 4.90
C ASN B 1034 5.33 24.50 3.74
N THR B 1035 6.52 25.07 3.85
CA THR B 1035 7.50 24.97 2.77
C THR B 1035 7.89 23.51 2.54
N ARG B 1036 8.16 22.77 3.62
CA ARG B 1036 8.47 21.35 3.45
C ARG B 1036 7.26 20.59 2.95
N LEU B 1037 6.06 21.00 3.35
CA LEU B 1037 4.84 20.43 2.82
C LEU B 1037 4.65 20.75 1.35
N PHE B 1038 4.99 21.95 0.91
CA PHE B 1038 4.86 22.36 -0.48
C PHE B 1038 5.90 21.68 -1.38
N LEU B 1039 7.08 21.39 -0.84
CA LEU B 1039 8.12 20.76 -1.64
C LEU B 1039 8.01 19.24 -1.61
N GLN B 1040 8.00 18.67 -0.40
CA GLN B 1040 7.99 17.22 -0.25
C GLN B 1040 6.59 16.65 -0.34
N GLY B 1041 5.71 17.05 0.56
CA GLY B 1041 4.35 16.54 0.58
C GLY B 1041 4.00 15.87 1.90
N PRO B 1042 2.72 15.57 2.08
CA PRO B 1042 2.27 14.96 3.35
C PRO B 1042 2.73 13.52 3.49
N LYS B 1043 3.62 13.24 4.44
CA LYS B 1043 4.03 11.87 4.65
C LYS B 1043 2.88 11.05 5.24
N ILE B 1044 2.82 9.77 4.84
CA ILE B 1044 1.70 8.91 5.16
C ILE B 1044 1.61 8.71 6.67
N ALA B 1045 0.38 8.52 7.15
CA ALA B 1045 0.10 8.27 8.56
C ALA B 1045 0.61 9.42 9.44
N GLU B 1046 0.40 10.63 8.97
CA GLU B 1046 0.83 11.83 9.67
C GLU B 1046 -0.20 12.92 9.46
N GLU B 1047 -0.44 13.70 10.51
CA GLU B 1047 -1.47 14.73 10.49
C GLU B 1047 -0.81 16.10 10.58
N PHE B 1048 -1.28 17.01 9.74
CA PHE B 1048 -0.73 18.36 9.70
C PHE B 1048 -1.87 19.36 9.66
N GLU B 1049 -1.51 20.64 9.68
CA GLU B 1049 -2.47 21.73 9.83
C GLU B 1049 -2.22 22.78 8.77
N VAL B 1050 -3.29 23.35 8.23
CA VAL B 1050 -3.20 24.39 7.20
C VAL B 1050 -4.08 25.55 7.61
N GLU B 1051 -3.52 26.75 7.63
CA GLU B 1051 -4.23 27.95 8.05
C GLU B 1051 -4.62 28.76 6.83
N LEU B 1052 -5.92 29.11 6.75
CA LEU B 1052 -6.45 29.73 5.54
C LEU B 1052 -6.88 31.17 5.80
N GLU B 1053 -7.74 31.42 6.77
CA GLU B 1053 -8.14 32.76 7.14
C GLU B 1053 -8.02 32.93 8.66
N ARG B 1054 -8.48 34.06 9.19
CA ARG B 1054 -8.36 34.30 10.62
C ARG B 1054 -9.07 33.24 11.46
N GLY B 1055 -10.17 32.69 10.95
CA GLY B 1055 -10.86 31.64 11.65
C GLY B 1055 -10.88 30.33 10.90
N LYS B 1056 -10.76 30.40 9.57
CA LYS B 1056 -10.76 29.20 8.76
C LYS B 1056 -9.47 28.42 8.95
N THR B 1057 -9.52 27.41 9.82
CA THR B 1057 -8.34 26.59 10.11
C THR B 1057 -8.75 25.13 9.99
N LEU B 1058 -7.89 24.33 9.37
CA LEU B 1058 -8.26 22.97 9.01
C LEU B 1058 -7.07 22.03 9.15
N HIS B 1059 -7.37 20.74 9.22
CA HIS B 1059 -6.38 19.70 9.45
C HIS B 1059 -6.52 18.62 8.40
N ILE B 1060 -5.41 17.98 8.04
CA ILE B 1060 -5.41 16.91 7.06
C ILE B 1060 -4.58 15.75 7.59
N LYS B 1061 -5.07 14.55 7.32
CA LYS B 1061 -4.35 13.32 7.60
C LYS B 1061 -4.41 12.44 6.36
N ALA B 1062 -3.26 11.92 5.96
CA ALA B 1062 -3.16 11.06 4.77
C ALA B 1062 -3.20 9.61 5.21
N LEU B 1063 -4.03 8.81 4.53
CA LEU B 1063 -4.26 7.44 4.97
C LEU B 1063 -3.50 6.41 4.13
N ALA B 1064 -3.75 6.39 2.82
CA ALA B 1064 -3.15 5.36 1.97
C ALA B 1064 -3.33 5.75 0.51
N VAL B 1065 -2.68 4.97 -0.36
CA VAL B 1065 -2.71 5.18 -1.80
C VAL B 1065 -3.02 3.85 -2.47
N SER B 1066 -3.97 3.87 -3.41
CA SER B 1066 -4.33 2.66 -4.13
C SER B 1066 -3.38 2.41 -5.30
N ASP B 1067 -3.73 1.42 -6.12
CA ASP B 1067 -2.96 1.10 -7.30
C ASP B 1067 -3.67 1.55 -8.57
N LEU B 1068 -2.98 1.42 -9.69
CA LEU B 1068 -3.56 1.80 -10.98
C LEU B 1068 -4.79 0.94 -11.28
N ASN B 1069 -5.89 1.59 -11.61
CA ASN B 1069 -7.11 0.82 -11.82
C ASN B 1069 -7.20 0.24 -13.23
N ARG B 1070 -7.40 1.08 -14.24
CA ARG B 1070 -7.33 0.66 -15.63
C ARG B 1070 -6.60 1.69 -16.49
N ALA B 1071 -6.69 2.95 -16.10
CA ALA B 1071 -6.25 4.06 -16.95
C ALA B 1071 -5.14 4.88 -16.31
N GLY B 1072 -4.24 4.22 -15.58
CA GLY B 1072 -3.15 4.93 -14.93
C GLY B 1072 -3.67 5.94 -13.91
N GLN B 1073 -4.65 5.54 -13.12
CA GLN B 1073 -5.27 6.41 -12.13
C GLN B 1073 -5.12 5.81 -10.74
N ARG B 1074 -4.76 6.65 -9.78
CA ARG B 1074 -4.63 6.24 -8.39
C ARG B 1074 -5.72 6.90 -7.57
N GLN B 1075 -6.06 6.27 -6.45
CA GLN B 1075 -7.06 6.80 -5.52
C GLN B 1075 -6.38 7.06 -4.19
N VAL B 1076 -6.61 8.23 -3.63
CA VAL B 1076 -5.97 8.66 -2.39
C VAL B 1076 -7.07 9.00 -1.38
N PHE B 1077 -6.90 8.52 -0.15
CA PHE B 1077 -7.89 8.71 0.91
C PHE B 1077 -7.36 9.73 1.91
N PHE B 1078 -8.00 10.89 1.96
CA PHE B 1078 -7.67 11.93 2.93
C PHE B 1078 -8.70 11.94 4.04
N GLU B 1079 -8.24 12.25 5.26
CA GLU B 1079 -9.10 12.39 6.42
C GLU B 1079 -9.12 13.85 6.83
N LEU B 1080 -10.26 14.51 6.63
CA LEU B 1080 -10.41 15.92 6.98
C LEU B 1080 -10.81 15.98 8.46
N ASN B 1081 -11.30 17.13 8.93
CA ASN B 1081 -11.59 17.32 10.34
C ASN B 1081 -12.21 16.08 10.98
N GLY B 1082 -13.25 15.53 10.36
CA GLY B 1082 -13.82 14.28 10.86
C GLY B 1082 -14.32 13.35 9.79
N GLN B 1083 -14.00 13.62 8.53
CA GLN B 1083 -14.60 12.92 7.42
C GLN B 1083 -13.53 12.30 6.52
N LEU B 1084 -14.00 11.54 5.54
CA LEU B 1084 -13.14 10.85 4.59
C LEU B 1084 -13.47 11.34 3.19
N ARG B 1085 -12.44 11.65 2.42
CA ARG B 1085 -12.60 12.02 1.02
C ARG B 1085 -11.66 11.19 0.16
N SER B 1086 -12.13 10.80 -1.01
CA SER B 1086 -11.31 10.08 -1.97
C SER B 1086 -11.07 10.95 -3.18
N ILE B 1087 -9.82 11.03 -3.62
CA ILE B 1087 -9.46 11.82 -4.79
C ILE B 1087 -8.77 10.91 -5.80
N LEU B 1088 -8.94 11.24 -7.07
CA LEU B 1088 -8.35 10.48 -8.16
C LEU B 1088 -7.23 11.29 -8.81
N VAL B 1089 -6.10 10.64 -9.04
CA VAL B 1089 -4.92 11.28 -9.60
C VAL B 1089 -4.51 10.54 -10.86
N LYS B 1090 -4.29 11.30 -11.93
CA LYS B 1090 -3.87 10.76 -13.21
C LYS B 1090 -2.35 10.62 -13.18
N ASP B 1091 -1.88 9.37 -13.15
CA ASP B 1091 -0.45 9.12 -13.14
C ASP B 1091 0.18 9.54 -14.47
N THR B 1092 1.38 10.11 -14.39
CA THR B 1092 2.12 10.52 -15.57
C THR B 1092 3.17 9.51 -16.00
N GLN B 1093 3.58 8.60 -15.10
CA GLN B 1093 4.58 7.60 -15.43
C GLN B 1093 3.99 6.37 -16.12
N ALA B 1094 2.70 6.40 -16.45
CA ALA B 1094 2.10 5.33 -17.24
C ALA B 1094 2.07 5.71 -18.72
N MET B 1095 3.05 5.25 -19.49
CA MET B 1095 3.08 5.47 -20.93
C MET B 1095 2.64 4.18 -21.61
N LYS B 1096 1.44 4.20 -22.21
CA LYS B 1096 0.92 3.07 -22.97
C LYS B 1096 0.99 3.43 -24.45
N GLU B 1097 1.93 2.81 -25.17
CA GLU B 1097 2.09 3.00 -26.60
C GLU B 1097 1.72 1.71 -27.31
N MET B 1098 0.82 1.80 -28.28
CA MET B 1098 0.28 0.65 -29.00
C MET B 1098 0.91 0.63 -30.39
N HIS B 1099 1.29 -0.56 -30.85
CA HIS B 1099 2.15 -0.64 -32.02
C HIS B 1099 1.93 -1.89 -32.86
N PHE B 1100 2.93 -2.21 -33.69
CA PHE B 1100 3.11 -3.44 -34.45
C PHE B 1100 2.05 -3.63 -35.53
N HIS B 1101 2.16 -4.75 -36.25
CA HIS B 1101 1.45 -4.94 -37.50
C HIS B 1101 -0.06 -4.85 -37.28
N PRO B 1102 -0.79 -4.15 -38.16
CA PRO B 1102 -2.24 -4.08 -38.01
C PRO B 1102 -2.91 -5.40 -38.31
N LYS B 1103 -4.10 -5.57 -37.75
CA LYS B 1103 -4.87 -6.79 -37.94
C LYS B 1103 -5.75 -6.69 -39.18
N ALA B 1104 -5.88 -7.81 -39.88
CA ALA B 1104 -6.74 -7.87 -41.05
C ALA B 1104 -8.21 -7.71 -40.65
N LEU B 1105 -8.98 -7.09 -41.53
CA LEU B 1105 -10.39 -6.79 -41.26
C LEU B 1105 -11.28 -7.80 -41.98
N LYS B 1106 -12.21 -8.39 -41.23
CA LYS B 1106 -13.14 -9.35 -41.82
C LYS B 1106 -14.09 -8.68 -42.80
N ASP B 1107 -14.42 -7.40 -42.57
CA ASP B 1107 -15.29 -6.69 -43.49
C ASP B 1107 -14.68 -6.57 -44.88
N VAL B 1108 -13.38 -6.31 -44.94
CA VAL B 1108 -12.68 -6.20 -46.22
C VAL B 1108 -12.37 -7.61 -46.71
N LYS B 1109 -13.10 -8.06 -47.73
CA LYS B 1109 -12.85 -9.37 -48.30
C LYS B 1109 -11.49 -9.44 -48.97
N GLY B 1110 -11.02 -8.33 -49.53
CA GLY B 1110 -9.71 -8.33 -50.17
C GLY B 1110 -8.57 -8.53 -49.19
N GLN B 1111 -8.71 -8.00 -47.98
CA GLN B 1111 -7.67 -8.16 -46.97
C GLN B 1111 -7.51 -9.63 -46.60
N ILE B 1112 -6.26 -10.08 -46.47
CA ILE B 1112 -5.95 -11.46 -46.16
C ILE B 1112 -5.26 -11.51 -44.80
N GLY B 1113 -5.76 -12.37 -43.91
CA GLY B 1113 -5.19 -12.52 -42.59
C GLY B 1113 -4.50 -13.86 -42.40
N ALA B 1114 -3.53 -13.90 -41.50
CA ALA B 1114 -2.79 -15.13 -41.27
C ALA B 1114 -3.67 -16.13 -40.51
N PRO B 1115 -3.95 -17.31 -41.08
CA PRO B 1115 -4.77 -18.28 -40.35
C PRO B 1115 -4.11 -18.79 -39.08
N MET B 1116 -2.79 -18.90 -39.07
CA MET B 1116 -2.06 -19.40 -37.92
C MET B 1116 -0.87 -18.50 -37.65
N PRO B 1117 -0.53 -18.28 -36.38
CA PRO B 1117 0.75 -17.63 -36.06
C PRO B 1117 1.92 -18.50 -36.53
N GLY B 1118 2.98 -17.84 -36.96
CA GLY B 1118 4.14 -18.57 -37.44
C GLY B 1118 5.20 -17.63 -37.97
N LYS B 1119 6.23 -18.23 -38.55
CA LYS B 1119 7.35 -17.50 -39.12
C LYS B 1119 7.25 -17.55 -40.64
N VAL B 1120 7.37 -16.39 -41.29
CA VAL B 1120 7.26 -16.32 -42.73
C VAL B 1120 8.54 -16.87 -43.35
N ILE B 1121 8.39 -17.85 -44.24
CA ILE B 1121 9.54 -18.43 -44.93
C ILE B 1121 9.77 -17.69 -46.24
N ASP B 1122 8.77 -17.71 -47.11
CA ASP B 1122 8.87 -17.08 -48.43
C ASP B 1122 7.52 -16.49 -48.81
N ILE B 1123 7.56 -15.49 -49.68
CA ILE B 1123 6.37 -14.89 -50.27
C ILE B 1123 6.37 -15.23 -51.76
N LYS B 1124 5.24 -15.75 -52.24
CA LYS B 1124 5.19 -16.24 -53.61
C LYS B 1124 5.13 -15.10 -54.62
N VAL B 1125 4.39 -14.04 -54.31
CA VAL B 1125 4.09 -12.98 -55.27
C VAL B 1125 4.68 -11.67 -54.76
N VAL B 1126 5.44 -11.00 -55.61
CA VAL B 1126 6.00 -9.68 -55.33
C VAL B 1126 5.00 -8.63 -55.81
N ALA B 1127 5.05 -7.45 -55.20
CA ALA B 1127 4.07 -6.41 -55.47
C ALA B 1127 4.04 -6.03 -56.96
N GLY B 1128 2.84 -5.87 -57.49
CA GLY B 1128 2.66 -5.48 -58.88
C GLY B 1128 2.52 -6.63 -59.86
N ALA B 1129 2.18 -7.83 -59.40
CA ALA B 1129 2.09 -9.01 -60.25
C ALA B 1129 0.67 -9.55 -60.27
N LYS B 1130 0.32 -10.24 -61.35
CA LYS B 1130 -0.97 -10.88 -61.45
C LYS B 1130 -1.09 -12.04 -60.47
N VAL B 1131 -2.26 -12.16 -59.85
CA VAL B 1131 -2.56 -13.27 -58.96
C VAL B 1131 -3.89 -13.88 -59.38
N ALA B 1132 -3.91 -15.20 -59.56
CA ALA B 1132 -5.11 -15.92 -59.94
C ALA B 1132 -5.83 -16.46 -58.71
N LYS B 1133 -7.07 -16.90 -58.91
CA LYS B 1133 -7.84 -17.47 -57.82
C LYS B 1133 -7.23 -18.79 -57.36
N GLY B 1134 -7.16 -18.97 -56.05
CA GLY B 1134 -6.56 -20.17 -55.49
C GLY B 1134 -5.10 -20.35 -55.85
N GLN B 1135 -4.31 -19.28 -55.80
CA GLN B 1135 -2.91 -19.33 -56.17
C GLN B 1135 -2.04 -19.01 -54.95
N PRO B 1136 -0.95 -19.75 -54.76
CA PRO B 1136 -0.13 -19.56 -53.55
C PRO B 1136 0.40 -18.13 -53.46
N LEU B 1137 0.40 -17.60 -52.23
CA LEU B 1137 0.84 -16.24 -51.98
C LEU B 1137 2.02 -16.16 -51.01
N CYS B 1138 2.00 -16.93 -49.92
CA CYS B 1138 3.08 -16.92 -48.95
C CYS B 1138 3.03 -18.21 -48.15
N VAL B 1139 4.13 -18.49 -47.47
CA VAL B 1139 4.28 -19.70 -46.66
C VAL B 1139 4.50 -19.29 -45.21
N LEU B 1140 3.66 -19.82 -44.32
CA LEU B 1140 3.76 -19.57 -42.89
C LEU B 1140 4.19 -20.86 -42.20
N SER B 1141 5.25 -20.78 -41.40
CA SER B 1141 5.85 -21.95 -40.75
C SER B 1141 5.62 -21.86 -39.26
N ALA B 1142 4.82 -22.79 -38.73
CA ALA B 1142 4.61 -22.92 -37.30
C ALA B 1142 5.50 -24.03 -36.77
N MET B 1143 5.20 -24.50 -35.55
CA MET B 1143 6.11 -25.43 -34.87
C MET B 1143 6.04 -26.83 -35.46
N LYS B 1144 4.83 -27.22 -35.92
CA LYS B 1144 4.69 -28.58 -36.50
C LYS B 1144 3.84 -28.60 -37.76
N MET B 1145 3.08 -27.55 -38.07
CA MET B 1145 2.20 -27.57 -39.23
C MET B 1145 2.52 -26.40 -40.15
N GLU B 1146 2.38 -26.64 -41.45
CA GLU B 1146 2.72 -25.67 -42.48
C GLU B 1146 1.46 -25.26 -43.21
N THR B 1147 1.32 -23.96 -43.45
CA THR B 1147 0.16 -23.41 -44.12
C THR B 1147 0.62 -22.52 -45.26
N VAL B 1148 0.10 -22.77 -46.46
CA VAL B 1148 0.36 -21.94 -47.63
C VAL B 1148 -0.94 -21.18 -47.94
N VAL B 1149 -0.84 -19.86 -48.03
CA VAL B 1149 -2.03 -19.04 -48.24
C VAL B 1149 -2.42 -19.07 -49.71
N THR B 1150 -3.71 -19.31 -49.96
CA THR B 1150 -4.24 -19.30 -51.32
C THR B 1150 -4.98 -18.00 -51.58
N SER B 1151 -4.95 -17.55 -52.82
CA SER B 1151 -5.58 -16.28 -53.17
C SER B 1151 -7.09 -16.43 -53.18
N PRO B 1152 -7.82 -15.65 -52.37
CA PRO B 1152 -9.29 -15.73 -52.39
C PRO B 1152 -9.89 -15.38 -53.74
N MET B 1153 -9.28 -14.46 -54.48
CA MET B 1153 -9.85 -13.96 -55.73
C MET B 1153 -8.72 -13.60 -56.69
N GLU B 1154 -9.10 -13.27 -57.92
CA GLU B 1154 -8.16 -13.00 -59.00
C GLU B 1154 -7.94 -11.48 -59.05
N GLY B 1155 -6.72 -11.05 -58.75
CA GLY B 1155 -6.40 -9.64 -58.78
C GLY B 1155 -4.93 -9.34 -58.65
N THR B 1156 -4.54 -8.10 -58.94
CA THR B 1156 -3.15 -7.70 -58.81
C THR B 1156 -2.80 -7.47 -57.35
N VAL B 1157 -1.55 -7.72 -57.00
CA VAL B 1157 -1.06 -7.35 -55.67
C VAL B 1157 -0.56 -5.91 -55.72
N ARG B 1158 -1.02 -5.10 -54.78
CA ARG B 1158 -0.62 -3.71 -54.68
C ARG B 1158 0.25 -3.38 -53.48
N LYS B 1159 0.11 -4.09 -52.36
CA LYS B 1159 1.00 -3.82 -51.22
C LYS B 1159 1.28 -5.12 -50.48
N VAL B 1160 2.54 -5.32 -50.11
CA VAL B 1160 2.97 -6.48 -49.34
C VAL B 1160 3.34 -6.00 -47.94
N HIS B 1161 2.40 -6.13 -47.01
CA HIS B 1161 2.63 -5.68 -45.65
C HIS B 1161 3.49 -6.66 -44.86
N VAL B 1162 3.37 -7.96 -45.15
CA VAL B 1162 4.03 -8.99 -44.35
C VAL B 1162 5.54 -8.94 -44.51
N THR B 1163 6.04 -8.36 -45.61
CA THR B 1163 7.47 -8.30 -45.93
C THR B 1163 8.00 -9.73 -45.99
N LYS B 1164 9.04 -10.09 -45.27
CA LYS B 1164 9.62 -11.43 -45.37
C LYS B 1164 10.45 -11.72 -44.12
N ASP B 1165 10.44 -12.98 -43.71
CA ASP B 1165 11.23 -13.47 -42.57
C ASP B 1165 10.89 -12.68 -41.30
N MET B 1166 9.61 -12.71 -40.94
CA MET B 1166 9.11 -12.00 -39.77
C MET B 1166 8.12 -12.87 -39.01
N THR B 1167 8.22 -12.86 -37.69
CA THR B 1167 7.26 -13.56 -36.86
C THR B 1167 5.93 -12.81 -36.85
N LEU B 1168 4.83 -13.58 -36.86
CA LEU B 1168 3.50 -13.00 -36.89
C LEU B 1168 2.56 -13.86 -36.05
N GLU B 1169 1.51 -13.23 -35.54
CA GLU B 1169 0.48 -13.93 -34.79
C GLU B 1169 -0.76 -14.11 -35.67
N GLY B 1170 -1.75 -14.80 -35.14
CA GLY B 1170 -2.92 -15.16 -35.95
C GLY B 1170 -3.76 -13.93 -36.28
N ASP B 1171 -4.39 -13.99 -37.46
CA ASP B 1171 -5.30 -12.95 -37.93
C ASP B 1171 -4.60 -11.59 -38.00
N ASP B 1172 -3.58 -11.51 -38.84
CA ASP B 1172 -2.89 -10.27 -39.13
C ASP B 1172 -2.83 -10.05 -40.64
N LEU B 1173 -2.90 -8.78 -41.03
CA LEU B 1173 -2.97 -8.44 -42.45
C LEU B 1173 -1.68 -8.82 -43.16
N ILE B 1174 -1.72 -9.88 -43.96
CA ILE B 1174 -0.56 -10.32 -44.72
C ILE B 1174 -0.56 -9.77 -46.14
N LEU B 1175 -1.72 -9.53 -46.74
CA LEU B 1175 -1.80 -9.00 -48.09
C LEU B 1175 -3.07 -8.17 -48.22
N GLU B 1176 -2.96 -7.09 -48.99
CA GLU B 1176 -4.05 -6.16 -49.21
C GLU B 1176 -4.56 -6.28 -50.64
N ILE B 1177 -5.87 -6.45 -50.79
CA ILE B 1177 -6.52 -6.47 -52.09
C ILE B 1177 -7.69 -5.51 -52.04
N GLU B 1178 -7.80 -4.65 -53.03
CA GLU B 1178 -8.89 -3.69 -53.12
C GLU B 1178 -10.19 -4.38 -53.52
N ASN C 495 54.09 -11.60 -0.12
CA ASN C 495 52.71 -11.89 0.37
C ASN C 495 52.04 -10.57 0.78
N ARG C 496 52.76 -9.45 0.67
CA ARG C 496 52.20 -8.13 1.04
C ARG C 496 50.99 -7.83 0.13
N ALA C 497 51.12 -8.14 -1.16
CA ALA C 497 50.00 -7.92 -2.11
C ALA C 497 48.80 -8.78 -1.71
N GLN C 498 49.06 -10.03 -1.31
CA GLN C 498 47.96 -10.95 -0.88
C GLN C 498 47.28 -10.38 0.36
N LYS C 499 48.06 -9.85 1.31
CA LYS C 499 47.48 -9.25 2.54
C LYS C 499 46.63 -8.04 2.16
N LEU C 500 47.12 -7.22 1.23
CA LEU C 500 46.35 -6.03 0.77
C LEU C 500 45.05 -6.48 0.09
N LEU C 501 45.12 -7.54 -0.70
CA LEU C 501 43.90 -8.07 -1.40
C LEU C 501 42.91 -8.54 -0.34
N HIS C 502 43.39 -9.21 0.71
CA HIS C 502 42.50 -9.68 1.80
C HIS C 502 41.88 -8.47 2.50
N TYR C 503 42.66 -7.42 2.73
CA TYR C 503 42.16 -6.20 3.40
C TYR C 503 41.06 -5.55 2.54
N LEU C 504 41.28 -5.46 1.23
CA LEU C 504 40.29 -4.81 0.33
C LEU C 504 38.99 -5.63 0.34
N GLY C 505 39.12 -6.96 0.28
CA GLY C 505 37.93 -7.82 0.31
C GLY C 505 37.20 -7.67 1.64
N HIS C 506 37.95 -7.60 2.74
CA HIS C 506 37.34 -7.48 4.09
C HIS C 506 36.55 -6.17 4.16
N VAL C 507 37.11 -5.07 3.63
CA VAL C 507 36.42 -3.76 3.72
C VAL C 507 35.11 -3.82 2.95
N MET C 508 35.27 -4.43 1.67
CA MET C 508 34.09 -4.50 0.76
C MET C 508 32.99 -5.37 1.39
N VAL C 509 33.37 -6.55 1.90
CA VAL C 509 32.38 -7.48 2.52
C VAL C 509 31.82 -6.86 3.82
N ASN C 510 32.69 -6.22 4.61
CA ASN C 510 32.26 -5.67 5.92
C ASN C 510 32.04 -4.15 5.80
N GLY C 511 32.90 -3.36 6.45
CA GLY C 511 32.73 -1.89 6.45
C GLY C 511 34.04 -1.18 6.70
N PRO C 512 34.13 0.16 6.50
CA PRO C 512 35.36 0.90 6.80
C PRO C 512 35.70 0.79 8.29
N THR C 513 36.98 0.56 8.60
CA THR C 513 37.41 0.41 10.02
C THR C 513 37.15 1.70 10.79
N THR C 514 37.44 2.85 10.18
CA THR C 514 37.27 4.16 10.88
C THR C 514 35.78 4.48 11.06
N PRO C 515 35.34 4.97 12.24
CA PRO C 515 33.95 5.39 12.43
C PRO C 515 33.59 6.54 11.49
N ILE C 516 32.37 6.53 10.94
CA ILE C 516 31.96 7.53 9.96
C ILE C 516 30.79 8.31 10.55
N PRO C 517 30.96 9.57 10.90
CA PRO C 517 29.84 10.34 11.47
C PRO C 517 28.69 10.53 10.50
N VAL C 518 28.96 11.06 9.31
CA VAL C 518 27.93 11.41 8.35
C VAL C 518 28.01 10.44 7.18
N LYS C 519 26.89 9.79 6.86
CA LYS C 519 26.88 8.79 5.76
C LYS C 519 27.00 9.49 4.40
N ALA C 520 28.23 9.77 3.97
CA ALA C 520 28.46 10.41 2.66
C ALA C 520 29.56 9.66 1.91
N SER C 521 29.50 9.65 0.58
CA SER C 521 30.51 8.94 -0.24
C SER C 521 31.33 9.96 -1.04
N PRO C 522 32.68 9.89 -1.04
CA PRO C 522 33.51 10.88 -1.73
C PRO C 522 33.24 10.87 -3.24
N SER C 523 33.18 12.04 -3.86
CA SER C 523 33.00 12.13 -5.34
C SER C 523 34.22 11.52 -6.02
N PRO C 524 34.07 10.78 -7.14
CA PRO C 524 35.21 10.12 -7.79
C PRO C 524 35.96 11.09 -8.71
N THR C 525 36.56 12.14 -8.15
CA THR C 525 37.37 13.09 -8.97
C THR C 525 38.76 13.21 -8.35
N ASP C 526 39.81 13.00 -9.15
CA ASP C 526 41.20 13.16 -8.63
C ASP C 526 41.48 14.66 -8.46
N PRO C 527 42.06 15.11 -7.33
CA PRO C 527 42.42 16.52 -7.17
C PRO C 527 43.49 16.89 -8.21
N VAL C 528 43.33 18.03 -8.88
CA VAL C 528 44.32 18.47 -9.90
C VAL C 528 45.61 18.88 -9.19
N VAL C 529 46.77 18.43 -9.69
CA VAL C 529 48.06 18.74 -9.03
C VAL C 529 48.83 19.75 -9.91
N PRO C 530 49.22 20.92 -9.37
CA PRO C 530 50.00 21.90 -10.14
C PRO C 530 51.43 21.42 -10.46
N ALA C 531 51.95 21.78 -11.64
CA ALA C 531 53.28 21.31 -12.09
C ALA C 531 54.42 21.95 -11.28
N VAL C 532 55.56 21.26 -11.17
CA VAL C 532 56.74 21.79 -10.43
C VAL C 532 57.95 21.78 -11.38
N PRO C 533 58.99 22.62 -11.19
CA PRO C 533 60.16 22.69 -12.08
C PRO C 533 61.05 21.43 -12.19
N ILE C 534 62.31 21.60 -12.63
CA ILE C 534 63.14 20.42 -12.87
C ILE C 534 64.17 20.22 -11.75
N GLY C 535 64.99 21.24 -11.48
CA GLY C 535 66.16 21.05 -10.67
C GLY C 535 65.98 21.35 -9.19
N PRO C 536 67.06 21.68 -8.52
CA PRO C 536 67.02 21.91 -7.07
C PRO C 536 66.15 23.12 -6.74
N PRO C 537 65.52 23.12 -5.57
CA PRO C 537 64.70 24.26 -5.18
C PRO C 537 65.56 25.45 -4.79
N PRO C 538 64.99 26.64 -4.75
CA PRO C 538 65.76 27.81 -4.29
C PRO C 538 66.00 27.77 -2.79
N ALA C 539 66.60 28.82 -2.23
CA ALA C 539 66.99 28.80 -0.83
C ALA C 539 66.08 29.74 -0.04
N GLY C 540 65.72 29.31 1.17
CA GLY C 540 64.89 30.09 2.04
C GLY C 540 65.62 30.54 3.29
N PHE C 541 65.04 30.24 4.46
CA PHE C 541 65.67 30.58 5.73
C PHE C 541 66.42 29.42 6.36
N ARG C 542 66.22 28.19 5.88
CA ARG C 542 66.93 27.06 6.47
C ARG C 542 68.44 27.19 6.30
N ASP C 543 68.89 27.62 5.12
CA ASP C 543 70.32 27.79 4.91
C ASP C 543 70.91 28.82 5.87
N ILE C 544 70.13 29.87 6.17
CA ILE C 544 70.58 30.86 7.13
C ILE C 544 70.74 30.25 8.52
N LEU C 545 69.78 29.44 8.95
CA LEU C 545 69.88 28.80 10.25
C LEU C 545 71.02 27.80 10.29
N LEU C 546 71.34 27.19 9.15
CA LEU C 546 72.46 26.26 9.08
C LEU C 546 73.80 26.96 9.11
N ARG C 547 73.93 28.10 8.43
CA ARG C 547 75.19 28.84 8.41
C ARG C 547 75.38 29.71 9.64
N GLU C 548 74.36 29.82 10.48
CA GLU C 548 74.43 30.69 11.65
C GLU C 548 73.79 30.02 12.86
N GLY C 549 73.53 30.79 13.90
CA GLY C 549 72.84 30.27 15.06
C GLY C 549 71.40 30.73 15.11
N PRO C 550 70.64 30.21 16.08
CA PRO C 550 69.25 30.69 16.23
C PRO C 550 69.16 32.18 16.46
N GLU C 551 70.15 32.76 17.17
CA GLU C 551 70.15 34.21 17.38
C GLU C 551 70.25 34.95 16.06
N GLY C 552 71.11 34.46 15.15
CA GLY C 552 71.19 35.07 13.83
C GLY C 552 69.90 34.95 13.06
N PHE C 553 69.22 33.81 13.17
CA PHE C 553 67.93 33.64 12.49
C PHE C 553 66.90 34.62 13.02
N ALA C 554 66.84 34.79 14.34
CA ALA C 554 65.91 35.76 14.92
C ALA C 554 66.26 37.19 14.50
N ARG C 555 67.56 37.52 14.47
CA ARG C 555 67.98 38.84 14.04
C ARG C 555 67.58 39.10 12.59
N ALA C 556 67.76 38.10 11.72
CA ALA C 556 67.36 38.24 10.33
C ALA C 556 65.86 38.40 10.20
N VAL C 557 65.09 37.67 11.01
CA VAL C 557 63.64 37.81 10.98
C VAL C 557 63.23 39.22 11.38
N ARG C 558 63.81 39.74 12.46
CA ARG C 558 63.49 41.09 12.92
C ARG C 558 63.90 42.14 11.91
N ASN C 559 65.08 42.02 11.30
CA ASN C 559 65.59 43.04 10.41
C ASN C 559 64.82 43.09 9.10
N HIS C 560 64.13 42.01 8.75
CA HIS C 560 63.42 41.93 7.48
C HIS C 560 62.34 43.00 7.40
N PRO C 561 62.38 43.85 6.38
CA PRO C 561 61.34 44.88 6.24
C PRO C 561 60.07 44.33 5.60
N GLY C 562 59.00 44.22 6.38
CA GLY C 562 57.74 43.73 5.84
C GLY C 562 57.00 42.79 6.76
N LEU C 563 56.29 41.83 6.16
CA LEU C 563 55.46 40.89 6.92
C LEU C 563 55.79 39.47 6.47
N LEU C 564 55.83 38.55 7.42
CA LEU C 564 56.16 37.16 7.15
C LEU C 564 54.94 36.28 7.39
N LEU C 565 54.81 35.24 6.59
CA LEU C 565 53.62 34.40 6.61
C LEU C 565 53.98 32.99 7.07
N MET C 566 53.10 32.39 7.88
CA MET C 566 53.24 31.00 8.29
C MET C 566 52.06 30.21 7.76
N ASP C 567 52.31 29.29 6.84
CA ASP C 567 51.25 28.42 6.36
C ASP C 567 50.95 27.39 7.44
N THR C 568 49.67 27.25 7.79
CA THR C 568 49.22 26.31 8.81
C THR C 568 48.10 25.42 8.29
N THR C 569 48.20 25.00 7.03
CA THR C 569 47.25 24.09 6.43
C THR C 569 47.68 22.65 6.62
N PHE C 570 48.67 22.43 7.48
CA PHE C 570 49.14 21.09 7.73
C PHE C 570 48.90 20.63 9.17
N ARG C 571 48.56 21.52 10.10
CA ARG C 571 48.25 21.08 11.45
C ARG C 571 46.90 21.61 11.93
N ASP C 572 46.60 22.88 11.68
CA ASP C 572 45.46 23.50 12.33
C ASP C 572 44.19 23.39 11.50
N ALA C 573 44.30 23.52 10.18
CA ALA C 573 43.13 23.39 9.33
C ALA C 573 42.55 21.98 9.41
N HIS C 574 43.32 21.03 9.92
CA HIS C 574 42.82 19.67 10.08
C HIS C 574 41.64 19.64 11.05
N GLN C 575 41.90 19.93 12.34
CA GLN C 575 40.83 19.88 13.32
C GLN C 575 39.95 21.11 13.26
N SER C 576 40.40 22.15 12.57
CA SER C 576 39.54 23.33 12.45
C SER C 576 38.32 23.03 11.58
N LEU C 577 38.52 22.36 10.45
CA LEU C 577 37.43 22.06 9.53
C LEU C 577 37.05 20.59 9.50
N LEU C 578 38.02 19.70 9.61
CA LEU C 578 37.77 18.27 9.56
C LEU C 578 38.02 17.72 10.96
N ALA C 579 37.91 16.40 11.12
CA ALA C 579 38.18 15.76 12.41
C ALA C 579 39.65 15.35 12.52
N THR C 580 40.52 16.04 11.80
CA THR C 580 41.94 15.69 11.68
C THR C 580 42.07 14.27 11.14
N ARG C 581 41.61 14.10 9.90
CA ARG C 581 41.67 12.80 9.26
C ARG C 581 42.28 12.91 7.87
N VAL C 582 43.28 13.76 7.70
CA VAL C 582 43.95 13.92 6.42
C VAL C 582 45.12 12.94 6.37
N ARG C 583 45.09 12.06 5.37
CA ARG C 583 46.09 11.01 5.26
C ARG C 583 47.43 11.58 4.81
N THR C 584 48.48 10.77 4.93
CA THR C 584 49.79 11.20 4.46
C THR C 584 49.89 11.11 2.94
N HIS C 585 49.19 10.15 2.34
CA HIS C 585 49.33 9.90 0.91
C HIS C 585 48.98 11.12 0.09
N ASP C 586 47.79 11.69 0.31
CA ASP C 586 47.40 12.87 -0.45
C ASP C 586 48.16 14.11 0.02
N LEU C 587 48.73 14.06 1.21
CA LEU C 587 49.57 15.15 1.68
C LEU C 587 50.91 15.19 0.99
N LYS C 588 51.37 14.07 0.46
CA LYS C 588 52.67 13.96 -0.19
C LYS C 588 52.58 14.19 -1.70
N LYS C 589 51.89 15.26 -2.10
CA LYS C 589 51.76 15.56 -3.53
C LYS C 589 51.87 17.05 -3.81
N ILE C 590 52.15 17.85 -2.78
CA ILE C 590 52.28 19.29 -2.93
C ILE C 590 53.63 19.71 -2.36
N ALA C 591 54.23 18.82 -1.57
CA ALA C 591 55.55 19.10 -1.02
C ALA C 591 56.57 19.49 -2.08
N PRO C 592 56.68 18.81 -3.23
CA PRO C 592 57.54 19.34 -4.29
C PRO C 592 57.13 20.73 -4.75
N TYR C 593 55.82 21.00 -4.81
CA TYR C 593 55.35 22.29 -5.28
C TYR C 593 55.60 23.39 -4.25
N VAL C 594 55.37 23.09 -2.97
CA VAL C 594 55.61 24.09 -1.93
C VAL C 594 57.08 24.45 -1.81
N ALA C 595 57.97 23.45 -1.85
CA ALA C 595 59.41 23.67 -1.70
C ALA C 595 60.01 24.37 -2.92
N HIS C 596 59.25 24.49 -4.01
CA HIS C 596 59.77 25.11 -5.21
C HIS C 596 59.20 26.53 -5.38
N ASN C 597 57.91 26.69 -5.10
CA ASN C 597 57.25 27.97 -5.32
C ASN C 597 57.25 28.84 -4.07
N PHE C 598 56.93 28.25 -2.92
CA PHE C 598 56.92 29.00 -1.66
C PHE C 598 58.30 28.92 -1.02
N SER C 599 59.07 29.99 -1.18
CA SER C 599 60.40 30.06 -0.57
C SER C 599 60.58 31.24 0.36
N LYS C 600 59.82 32.32 0.19
CA LYS C 600 59.83 33.44 1.12
C LYS C 600 59.03 33.15 2.37
N LEU C 601 58.36 31.99 2.41
CA LEU C 601 57.53 31.64 3.54
C LEU C 601 58.38 31.43 4.80
N PHE C 602 57.83 31.82 5.93
CA PHE C 602 58.55 31.78 7.20
C PHE C 602 58.81 30.35 7.66
N SER C 603 57.74 29.60 7.92
CA SER C 603 57.85 28.22 8.36
C SER C 603 56.50 27.55 8.20
N MET C 604 56.50 26.22 8.12
CA MET C 604 55.28 25.45 7.97
C MET C 604 55.08 24.57 9.20
N GLU C 605 53.82 24.41 9.60
CA GLU C 605 53.48 23.71 10.84
C GLU C 605 53.06 22.28 10.51
N ASN C 606 54.01 21.36 10.60
CA ASN C 606 53.74 19.97 10.26
C ASN C 606 53.13 19.17 11.40
N TRP C 607 53.83 19.04 12.52
CA TRP C 607 53.31 18.24 13.63
C TRP C 607 52.38 19.02 14.54
N GLY C 608 51.67 18.26 15.37
CA GLY C 608 50.80 18.81 16.40
C GLY C 608 50.26 17.68 17.23
N GLY C 609 49.75 18.03 18.40
CA GLY C 609 49.26 17.01 19.32
C GLY C 609 48.15 16.16 18.76
N ALA C 610 47.14 16.82 18.18
CA ALA C 610 45.99 16.11 17.65
C ALA C 610 46.38 15.17 16.52
N THR C 611 47.28 15.61 15.64
CA THR C 611 47.73 14.79 14.53
C THR C 611 48.40 13.52 15.03
N PHE C 612 49.28 13.67 16.01
CA PHE C 612 49.97 12.52 16.60
C PHE C 612 48.97 11.55 17.20
N ASP C 613 48.04 12.08 18.00
CA ASP C 613 47.02 11.24 18.63
C ASP C 613 46.21 10.47 17.59
N VAL C 614 45.71 11.17 16.57
CA VAL C 614 44.81 10.51 15.62
C VAL C 614 45.58 9.52 14.76
N ALA C 615 46.82 9.85 14.39
CA ALA C 615 47.63 8.91 13.61
C ALA C 615 47.89 7.65 14.41
N MET C 616 48.03 7.77 15.72
CA MET C 616 48.07 6.58 16.54
C MET C 616 46.72 5.89 16.59
N ARG C 617 45.63 6.66 16.49
CA ARG C 617 44.30 6.12 16.82
C ARG C 617 43.57 5.61 15.58
N PHE C 618 43.27 6.50 14.63
CA PHE C 618 42.37 6.17 13.53
C PHE C 618 43.13 5.91 12.24
N LEU C 619 43.93 6.86 11.77
CA LEU C 619 44.71 6.66 10.56
C LEU C 619 45.95 5.84 10.90
N TYR C 620 45.93 4.56 10.59
CA TYR C 620 46.98 3.67 11.08
C TYR C 620 48.30 3.99 10.38
N GLU C 621 49.08 4.87 10.98
CA GLU C 621 50.33 5.34 10.40
C GLU C 621 51.32 5.57 11.53
N CYS C 622 52.55 5.93 11.16
CA CYS C 622 53.57 6.27 12.14
C CYS C 622 53.91 7.74 12.03
N PRO C 623 53.61 8.56 13.06
CA PRO C 623 53.90 9.99 12.95
C PRO C 623 55.37 10.30 12.68
N TRP C 624 56.28 9.55 13.30
CA TRP C 624 57.69 9.75 13.06
C TRP C 624 58.04 9.51 11.60
N ARG C 625 57.43 8.48 11.01
CA ARG C 625 57.55 8.31 9.58
C ARG C 625 57.01 9.52 8.84
N ARG C 626 55.82 9.98 9.22
CA ARG C 626 55.21 11.11 8.52
C ARG C 626 56.18 12.29 8.48
N LEU C 627 56.88 12.54 9.58
CA LEU C 627 57.93 13.55 9.54
C LEU C 627 59.07 13.12 8.63
N GLN C 628 59.45 11.83 8.64
CA GLN C 628 60.71 11.42 8.03
C GLN C 628 60.75 11.59 6.52
N GLU C 629 59.76 11.10 5.77
CA GLU C 629 59.81 11.31 4.32
C GLU C 629 59.23 12.65 3.92
N LEU C 630 58.86 13.50 4.87
CA LEU C 630 58.56 14.89 4.56
C LEU C 630 59.78 15.79 4.60
N ARG C 631 60.85 15.36 5.26
CA ARG C 631 62.09 16.13 5.24
C ARG C 631 62.75 16.14 3.87
N GLU C 632 62.75 15.00 3.17
CA GLU C 632 63.44 14.87 1.89
C GLU C 632 62.62 15.43 0.74
N LEU C 633 61.43 15.95 1.03
CA LEU C 633 60.62 16.58 0.00
C LEU C 633 60.73 18.10 0.12
N ILE C 634 60.96 18.60 1.32
CA ILE C 634 61.09 20.03 1.55
C ILE C 634 62.36 20.31 2.35
N PRO C 635 63.54 20.17 1.77
CA PRO C 635 64.75 20.57 2.50
C PRO C 635 65.08 22.04 2.31
N ASN C 636 64.04 22.88 2.39
CA ASN C 636 64.21 24.31 2.14
C ASN C 636 63.59 25.14 3.26
N ILE C 637 62.46 24.69 3.79
CA ILE C 637 61.67 25.52 4.71
C ILE C 637 61.73 24.91 6.11
N PRO C 638 61.97 25.69 7.15
CA PRO C 638 61.92 25.15 8.50
C PRO C 638 60.51 24.73 8.91
N PHE C 639 60.44 23.73 9.77
CA PHE C 639 59.18 23.18 10.23
C PHE C 639 58.88 23.66 11.65
N GLN C 640 57.59 23.72 11.97
CA GLN C 640 57.10 24.23 13.24
C GLN C 640 56.11 23.25 13.85
N MET C 641 56.19 23.05 15.16
CA MET C 641 55.32 22.09 15.84
C MET C 641 54.73 22.72 17.10
N LEU C 642 53.55 22.24 17.48
CA LEU C 642 52.88 22.71 18.70
C LEU C 642 53.24 21.76 19.84
N LEU C 643 54.22 22.18 20.63
CA LEU C 643 54.60 21.45 21.83
C LEU C 643 54.00 22.10 23.07
N ARG C 644 53.60 21.26 24.02
CA ARG C 644 53.02 21.72 25.26
C ARG C 644 54.07 21.60 26.37
N GLY C 645 53.88 22.35 27.44
CA GLY C 645 54.89 22.45 28.48
C GLY C 645 55.11 21.18 29.27
N ALA C 646 54.13 20.80 30.09
CA ALA C 646 54.28 19.63 30.93
C ALA C 646 54.00 18.35 30.15
N ASN C 647 52.77 18.22 29.65
CA ASN C 647 52.39 17.09 28.82
C ASN C 647 52.88 17.29 27.39
N ALA C 648 53.80 16.45 26.93
CA ALA C 648 54.44 16.66 25.64
C ALA C 648 53.41 16.65 24.51
N VAL C 649 52.75 15.52 24.31
CA VAL C 649 51.77 15.38 23.24
C VAL C 649 50.46 14.91 23.86
N GLY C 650 50.53 14.38 25.07
CA GLY C 650 49.39 13.83 25.75
C GLY C 650 48.55 14.89 26.44
N TYR C 651 47.72 14.46 27.37
CA TYR C 651 46.85 15.36 28.11
C TYR C 651 47.17 15.45 29.60
N THR C 652 48.02 14.58 30.13
CA THR C 652 48.44 14.62 31.52
C THR C 652 49.95 14.77 31.62
N ASN C 653 50.41 15.32 32.73
CA ASN C 653 51.82 15.63 32.91
C ASN C 653 52.66 14.35 32.85
N TYR C 654 53.84 14.48 32.27
CA TYR C 654 54.75 13.37 32.01
C TYR C 654 56.09 13.60 32.69
N PRO C 655 56.88 12.55 32.89
CA PRO C 655 58.22 12.72 33.47
C PRO C 655 59.06 13.67 32.63
N ASP C 656 59.86 14.49 33.31
CA ASP C 656 60.66 15.50 32.62
C ASP C 656 61.71 14.86 31.72
N ASN C 657 62.34 13.78 32.17
CA ASN C 657 63.39 13.13 31.40
C ASN C 657 62.86 12.64 30.06
N VAL C 658 61.64 12.08 30.08
CA VAL C 658 61.00 11.65 28.84
C VAL C 658 60.82 12.86 27.93
N VAL C 659 60.44 14.00 28.48
CA VAL C 659 60.25 15.21 27.67
C VAL C 659 61.57 15.63 27.03
N PHE C 660 62.65 15.61 27.80
CA PHE C 660 63.97 15.98 27.28
C PHE C 660 64.36 15.07 26.13
N LYS C 661 64.22 13.76 26.33
CA LYS C 661 64.62 12.81 25.29
C LYS C 661 63.74 12.95 24.06
N PHE C 662 62.44 13.21 24.27
CA PHE C 662 61.53 13.42 23.15
C PHE C 662 61.96 14.63 22.33
N CYS C 663 62.28 15.73 23.00
CA CYS C 663 62.72 16.93 22.29
C CYS C 663 64.01 16.68 21.54
N GLU C 664 64.96 15.96 22.17
CA GLU C 664 66.22 15.67 21.50
C GLU C 664 66.02 14.83 20.26
N VAL C 665 65.19 13.79 20.35
CA VAL C 665 64.93 12.93 19.21
C VAL C 665 64.23 13.70 18.10
N ALA C 666 63.26 14.54 18.47
CA ALA C 666 62.55 15.34 17.48
C ALA C 666 63.52 16.25 16.74
N LYS C 667 64.41 16.91 17.48
CA LYS C 667 65.40 17.77 16.84
C LYS C 667 66.32 16.97 15.93
N GLU C 668 66.72 15.77 16.37
CA GLU C 668 67.60 14.94 15.56
C GLU C 668 66.92 14.54 14.26
N ASN C 669 65.62 14.26 14.30
CA ASN C 669 64.92 13.80 13.11
C ASN C 669 64.97 14.85 11.99
N GLY C 670 65.10 16.11 12.37
CA GLY C 670 65.15 17.18 11.39
C GLY C 670 64.26 18.34 11.74
N MET C 671 63.66 18.29 12.93
CA MET C 671 62.76 19.35 13.35
C MET C 671 63.53 20.65 13.57
N ASP C 672 62.88 21.78 13.30
CA ASP C 672 63.57 23.07 13.28
C ASP C 672 63.06 24.03 14.36
N VAL C 673 61.76 24.29 14.42
CA VAL C 673 61.22 25.33 15.29
C VAL C 673 60.34 24.68 16.36
N PHE C 674 60.50 25.12 17.60
CA PHE C 674 59.77 24.58 18.74
C PHE C 674 58.86 25.67 19.30
N ARG C 675 57.58 25.38 19.42
CA ARG C 675 56.65 26.26 20.11
C ARG C 675 56.38 25.72 21.50
N VAL C 676 56.62 26.55 22.51
CA VAL C 676 56.44 26.18 23.90
C VAL C 676 55.18 26.85 24.41
N PHE C 677 54.24 26.05 24.91
CA PHE C 677 52.95 26.56 25.32
C PHE C 677 52.42 25.75 26.49
N ASP C 678 51.61 26.37 27.33
CA ASP C 678 50.95 25.69 28.43
C ASP C 678 49.45 26.00 28.40
N SER C 679 48.66 25.00 28.81
CA SER C 679 47.21 25.18 28.89
C SER C 679 46.85 26.37 29.76
N LEU C 680 47.41 26.40 30.96
CA LEU C 680 47.29 27.55 31.85
C LEU C 680 48.49 28.45 31.59
N ASN C 681 48.69 29.43 32.47
CA ASN C 681 49.87 30.27 32.36
C ASN C 681 50.82 29.96 33.50
N TYR C 682 50.88 28.70 33.91
CA TYR C 682 51.73 28.29 35.00
C TYR C 682 53.19 28.37 34.57
N LEU C 683 53.91 29.34 35.14
CA LEU C 683 55.27 29.64 34.68
C LEU C 683 56.23 28.46 34.74
N PRO C 684 56.31 27.67 35.80
CA PRO C 684 57.32 26.59 35.82
C PRO C 684 57.17 25.57 34.70
N ASN C 685 55.93 25.28 34.27
CA ASN C 685 55.74 24.32 33.19
C ASN C 685 56.38 24.81 31.90
N MET C 686 56.07 26.03 31.50
CA MET C 686 56.65 26.57 30.27
C MET C 686 58.13 26.85 30.44
N LEU C 687 58.56 27.13 31.67
CA LEU C 687 60.00 27.23 31.95
C LEU C 687 60.69 25.93 31.61
N LEU C 688 60.12 24.81 32.06
CA LEU C 688 60.66 23.50 31.73
C LEU C 688 60.63 23.25 30.23
N GLY C 689 59.54 23.67 29.58
CA GLY C 689 59.42 23.48 28.14
C GLY C 689 60.53 24.18 27.36
N MET C 690 60.78 25.45 27.66
CA MET C 690 61.84 26.16 26.95
C MET C 690 63.22 25.65 27.38
N GLU C 691 63.35 25.21 28.63
CA GLU C 691 64.61 24.63 29.07
C GLU C 691 64.95 23.40 28.23
N ALA C 692 63.95 22.53 28.03
CA ALA C 692 64.15 21.35 27.20
C ALA C 692 64.44 21.73 25.75
N ALA C 693 63.73 22.72 25.24
CA ALA C 693 63.95 23.14 23.85
C ALA C 693 65.37 23.65 23.66
N GLY C 694 65.86 24.47 24.61
CA GLY C 694 67.23 24.95 24.51
C GLY C 694 68.24 23.83 24.70
N SER C 695 67.95 22.88 25.58
CA SER C 695 68.83 21.75 25.76
C SER C 695 68.97 20.94 24.47
N ALA C 696 67.85 20.73 23.78
CA ALA C 696 67.91 20.07 22.47
C ALA C 696 68.68 20.92 21.48
N GLY C 697 68.44 22.23 21.48
CA GLY C 697 69.16 23.13 20.60
C GLY C 697 68.33 23.50 19.38
N GLY C 698 67.77 24.70 19.38
CA GLY C 698 66.96 25.13 18.27
C GLY C 698 66.20 26.39 18.60
N VAL C 699 65.31 26.77 17.67
CA VAL C 699 64.49 27.94 17.87
C VAL C 699 63.47 27.67 18.96
N VAL C 700 63.38 28.57 19.94
CA VAL C 700 62.46 28.45 21.06
C VAL C 700 61.46 29.58 20.97
N GLU C 701 60.18 29.24 20.92
CA GLU C 701 59.11 30.22 20.79
C GLU C 701 58.11 29.99 21.93
N ALA C 702 57.91 31.01 22.75
CA ALA C 702 56.94 30.94 23.82
C ALA C 702 55.66 31.66 23.43
N ALA C 703 54.53 31.12 23.86
CA ALA C 703 53.23 31.65 23.51
C ALA C 703 52.45 32.01 24.76
N ILE C 704 51.66 33.07 24.65
CA ILE C 704 50.82 33.56 25.75
C ILE C 704 49.38 33.44 25.29
N SER C 705 48.61 32.58 25.96
CA SER C 705 47.20 32.44 25.60
C SER C 705 46.44 33.71 25.92
N TYR C 706 45.48 34.05 25.07
CA TYR C 706 44.69 35.26 25.20
C TYR C 706 43.22 34.90 25.36
N THR C 707 42.60 35.42 26.41
CA THR C 707 41.18 35.20 26.67
C THR C 707 40.57 36.47 27.22
N GLY C 708 39.34 36.77 26.81
CA GLY C 708 38.63 37.94 27.27
C GLY C 708 39.02 39.20 26.52
N ASP C 709 38.30 40.28 26.82
CA ASP C 709 38.54 41.57 26.20
C ASP C 709 39.50 42.38 27.06
N VAL C 710 40.50 42.99 26.43
CA VAL C 710 41.47 43.81 27.14
C VAL C 710 41.12 45.28 26.90
N ALA C 711 40.01 45.51 26.24
CA ALA C 711 39.55 46.87 25.94
C ALA C 711 38.37 47.29 26.79
N ASP C 712 37.54 46.35 27.23
CA ASP C 712 36.41 46.70 28.07
C ASP C 712 36.89 46.98 29.49
N PRO C 713 36.64 48.18 30.03
CA PRO C 713 37.06 48.45 31.42
C PRO C 713 36.40 47.53 32.43
N SER C 714 35.20 47.03 32.13
CA SER C 714 34.53 46.11 33.04
C SER C 714 35.35 44.84 33.23
N ARG C 715 35.99 44.37 32.16
CA ARG C 715 36.90 43.24 32.25
C ARG C 715 38.06 43.54 33.17
N THR C 716 38.15 42.81 34.29
CA THR C 716 39.20 43.03 35.28
C THR C 716 40.04 41.79 35.55
N LYS C 717 39.49 40.61 35.30
CA LYS C 717 40.22 39.37 35.58
C LYS C 717 41.50 39.29 34.78
N TYR C 718 41.44 39.67 33.51
CA TYR C 718 42.59 39.63 32.60
C TYR C 718 42.78 41.01 32.01
N SER C 719 43.55 41.85 32.70
CA SER C 719 43.81 43.21 32.26
C SER C 719 45.11 43.26 31.47
N LEU C 720 45.46 44.45 31.00
CA LEU C 720 46.69 44.63 30.22
C LEU C 720 47.95 44.34 31.03
N GLN C 721 48.00 44.80 32.28
CA GLN C 721 49.17 44.53 33.12
C GLN C 721 49.36 43.05 33.40
N TYR C 722 48.27 42.30 33.51
CA TYR C 722 48.35 40.85 33.65
C TYR C 722 49.10 40.19 32.52
N TYR C 723 48.83 40.58 31.28
CA TYR C 723 49.55 40.03 30.14
C TYR C 723 50.96 40.61 30.03
N MET C 724 51.23 41.75 30.66
CA MET C 724 52.54 42.35 30.56
C MET C 724 53.54 41.73 31.52
N GLY C 725 53.10 41.42 32.75
CA GLY C 725 53.99 40.78 33.69
C GLY C 725 54.48 39.43 33.20
N LEU C 726 53.57 38.65 32.60
CA LEU C 726 53.94 37.35 32.06
C LEU C 726 54.96 37.47 30.93
N ALA C 727 54.75 38.43 30.03
CA ALA C 727 55.71 38.62 28.93
C ALA C 727 57.06 39.09 29.46
N GLU C 728 57.04 39.96 30.47
CA GLU C 728 58.29 40.41 31.09
C GLU C 728 59.04 39.23 31.68
N GLU C 729 58.33 38.35 32.39
CA GLU C 729 58.96 37.15 32.94
C GLU C 729 59.50 36.22 31.87
N LEU C 730 58.73 36.00 30.79
CA LEU C 730 59.20 35.12 29.73
C LEU C 730 60.44 35.67 29.05
N VAL C 731 60.47 36.97 28.77
CA VAL C 731 61.67 37.55 28.15
C VAL C 731 62.85 37.56 29.12
N ARG C 732 62.61 37.73 30.42
CA ARG C 732 63.68 37.60 31.39
C ARG C 732 64.23 36.17 31.40
N ALA C 733 63.36 35.18 31.28
CA ALA C 733 63.79 33.80 31.24
C ALA C 733 64.70 33.53 30.05
N GLY C 734 64.41 34.17 28.91
CA GLY C 734 65.25 34.03 27.75
C GLY C 734 64.61 33.22 26.63
N THR C 735 64.08 33.90 25.64
CA THR C 735 63.46 33.26 24.49
C THR C 735 63.99 33.89 23.20
N HIS C 736 63.45 33.41 22.08
CA HIS C 736 63.78 33.97 20.77
C HIS C 736 62.60 34.68 20.14
N ILE C 737 61.42 34.06 20.18
CA ILE C 737 60.22 34.60 19.56
C ILE C 737 59.09 34.56 20.60
N LEU C 738 58.24 35.58 20.55
CA LEU C 738 57.06 35.68 21.42
C LEU C 738 55.81 35.49 20.57
N CYS C 739 54.90 34.65 21.06
CA CYS C 739 53.67 34.33 20.35
C CYS C 739 52.45 34.65 21.20
N ILE C 740 51.34 34.88 20.53
CA ILE C 740 50.07 35.21 21.20
C ILE C 740 49.02 34.26 20.64
N LYS C 741 48.70 33.22 21.40
CA LYS C 741 47.69 32.27 20.99
C LYS C 741 46.30 32.87 21.17
N ASP C 742 45.48 32.76 20.12
CA ASP C 742 44.08 33.19 20.17
C ASP C 742 43.23 32.11 19.50
N MET C 743 42.74 31.18 20.32
CA MET C 743 42.02 30.03 19.79
C MET C 743 40.56 30.33 19.54
N ALA C 744 39.99 31.25 20.33
CA ALA C 744 38.57 31.59 20.15
C ALA C 744 38.38 32.63 19.06
N GLY C 745 39.40 33.43 18.80
CA GLY C 745 39.27 34.51 17.83
C GLY C 745 38.55 35.73 18.36
N LEU C 746 38.77 36.06 19.64
CA LEU C 746 38.11 37.20 20.27
C LEU C 746 38.97 38.46 20.23
N LEU C 747 39.81 38.60 19.21
CA LEU C 747 40.75 39.72 19.13
C LEU C 747 40.12 40.82 18.28
N LYS C 748 39.63 41.86 18.95
CA LYS C 748 39.10 43.01 18.24
C LYS C 748 40.23 43.84 17.65
N PRO C 749 39.96 44.61 16.59
CA PRO C 749 41.01 45.49 16.05
C PRO C 749 41.54 46.49 17.06
N THR C 750 40.69 47.03 17.92
CA THR C 750 41.16 47.96 18.95
C THR C 750 42.06 47.25 19.95
N ALA C 751 41.65 46.07 20.40
CA ALA C 751 42.51 45.29 21.29
C ALA C 751 43.81 44.93 20.60
N CYS C 752 43.73 44.48 19.34
CA CYS C 752 44.92 44.34 18.51
C CYS C 752 45.86 45.54 18.64
N THR C 753 45.41 46.72 18.23
CA THR C 753 46.33 47.85 18.12
C THR C 753 46.87 48.24 19.49
N MET C 754 46.02 48.28 20.52
CA MET C 754 46.49 48.71 21.82
C MET C 754 47.47 47.71 22.42
N LEU C 755 47.17 46.41 22.37
CA LEU C 755 48.07 45.40 22.89
C LEU C 755 49.40 45.39 22.16
N VAL C 756 49.37 45.44 20.82
CA VAL C 756 50.63 45.36 20.08
C VAL C 756 51.45 46.62 20.31
N SER C 757 50.82 47.80 20.31
CA SER C 757 51.55 49.02 20.55
C SER C 757 52.17 49.04 21.93
N SER C 758 51.43 48.59 22.95
CA SER C 758 51.97 48.52 24.30
C SER C 758 53.06 47.47 24.45
N LEU C 759 53.01 46.40 23.66
CA LEU C 759 53.98 45.31 23.78
C LEU C 759 55.28 45.59 23.02
N ARG C 760 55.21 46.31 21.90
CA ARG C 760 56.40 46.74 21.19
C ARG C 760 57.02 47.98 21.83
N ASP C 761 56.36 48.52 22.86
CA ASP C 761 56.82 49.74 23.50
C ASP C 761 58.21 49.56 24.10
N ARG C 762 58.43 48.47 24.81
CA ARG C 762 59.68 48.26 25.54
C ARG C 762 60.34 46.96 25.07
N PHE C 763 60.01 46.53 23.87
CA PHE C 763 60.67 45.35 23.33
C PHE C 763 60.93 45.51 21.83
N PRO C 764 61.74 46.49 21.42
CA PRO C 764 61.99 46.64 19.98
C PRO C 764 63.13 45.73 19.50
N ASP C 765 63.16 44.51 20.02
CA ASP C 765 64.12 43.52 19.58
C ASP C 765 63.44 42.20 19.25
N LEU C 766 62.42 41.86 20.03
CA LEU C 766 61.73 40.58 19.88
C LEU C 766 60.76 40.63 18.71
N PRO C 767 60.86 39.71 17.75
CA PRO C 767 59.81 39.59 16.74
C PRO C 767 58.50 39.16 17.38
N LEU C 768 57.40 39.62 16.80
CA LEU C 768 56.08 39.32 17.33
C LEU C 768 55.37 38.29 16.45
N HIS C 769 54.70 37.35 17.09
CA HIS C 769 54.00 36.27 16.41
C HIS C 769 52.57 36.21 16.92
N ILE C 770 51.61 36.15 16.00
CA ILE C 770 50.20 36.18 16.35
C ILE C 770 49.48 35.02 15.68
N HIS C 771 48.59 34.39 16.45
CA HIS C 771 47.85 33.23 15.97
C HIS C 771 46.39 33.41 16.37
N THR C 772 45.50 33.44 15.39
CA THR C 772 44.08 33.64 15.64
C THR C 772 43.26 32.64 14.83
N HIS C 773 41.97 32.60 15.13
CA HIS C 773 41.02 31.81 14.36
C HIS C 773 39.90 32.70 13.87
N ASP C 774 39.57 32.57 12.58
CA ASP C 774 38.56 33.41 11.95
C ASP C 774 37.18 32.78 12.12
N THR C 775 36.70 32.81 13.37
CA THR C 775 35.41 32.23 13.71
C THR C 775 34.30 33.27 13.74
N SER C 776 34.53 34.39 14.44
CA SER C 776 33.52 35.44 14.50
C SER C 776 33.28 36.07 13.13
N GLY C 777 34.34 36.23 12.35
CA GLY C 777 34.25 36.83 11.03
C GLY C 777 35.11 38.06 10.83
N ALA C 778 35.76 38.56 11.88
CA ALA C 778 36.59 39.76 11.78
C ALA C 778 38.07 39.45 11.96
N GLY C 779 38.48 38.22 11.66
CA GLY C 779 39.88 37.85 11.84
C GLY C 779 40.82 38.63 10.92
N VAL C 780 40.43 38.80 9.67
CA VAL C 780 41.29 39.49 8.72
C VAL C 780 41.50 40.96 9.09
N ALA C 781 40.48 41.65 9.57
CA ALA C 781 40.66 43.03 10.00
C ALA C 781 41.61 43.10 11.19
N ALA C 782 41.48 42.17 12.13
CA ALA C 782 42.37 42.14 13.28
C ALA C 782 43.81 41.90 12.84
N MET C 783 44.02 40.99 11.90
CA MET C 783 45.36 40.73 11.40
C MET C 783 45.95 41.93 10.69
N LEU C 784 45.13 42.64 9.89
CA LEU C 784 45.61 43.85 9.25
C LEU C 784 46.01 44.89 10.29
N ALA C 785 45.19 45.08 11.32
CA ALA C 785 45.52 46.06 12.35
C ALA C 785 46.80 45.67 13.07
N CYS C 786 46.95 44.39 13.44
CA CYS C 786 48.13 43.94 14.14
C CYS C 786 49.38 44.11 13.28
N ALA C 787 49.29 43.75 12.00
CA ALA C 787 50.43 43.95 11.11
C ALA C 787 50.79 45.42 10.99
N GLN C 788 49.77 46.29 10.93
CA GLN C 788 50.05 47.72 10.90
C GLN C 788 50.78 48.18 12.16
N ALA C 789 50.33 47.74 13.33
CA ALA C 789 50.92 48.24 14.57
C ALA C 789 52.37 47.83 14.74
N GLY C 790 52.63 46.56 15.00
CA GLY C 790 54.00 46.11 15.18
C GLY C 790 54.33 44.68 14.78
N ALA C 791 53.40 43.98 14.16
CA ALA C 791 53.54 42.54 13.96
C ALA C 791 54.59 42.23 12.89
N ASP C 792 55.14 41.02 12.97
CA ASP C 792 56.12 40.53 12.02
C ASP C 792 55.68 39.27 11.29
N VAL C 793 55.13 38.31 12.02
CA VAL C 793 54.75 37.02 11.45
C VAL C 793 53.28 36.77 11.73
N VAL C 794 52.55 36.32 10.71
CA VAL C 794 51.12 36.08 10.81
C VAL C 794 50.82 34.67 10.30
N ASP C 795 49.98 33.94 11.03
CA ASP C 795 49.56 32.61 10.62
C ASP C 795 48.41 32.71 9.63
N VAL C 796 48.50 31.97 8.52
CA VAL C 796 47.51 32.01 7.46
C VAL C 796 47.38 30.61 6.86
N ALA C 797 46.15 30.22 6.51
CA ALA C 797 45.88 28.96 5.85
C ALA C 797 45.53 29.21 4.38
N ALA C 798 45.26 28.12 3.65
CA ALA C 798 44.90 28.23 2.25
C ALA C 798 43.49 28.77 2.10
N ASP C 799 43.20 29.31 0.91
CA ASP C 799 41.91 29.95 0.67
C ASP C 799 40.75 28.97 0.77
N SER C 800 40.91 27.78 0.21
CA SER C 800 39.83 26.80 0.23
C SER C 800 39.75 26.05 1.55
N MET C 801 40.67 26.29 2.48
CA MET C 801 40.67 25.66 3.79
C MET C 801 40.70 26.76 4.86
N SER C 802 39.89 27.79 4.66
CA SER C 802 39.86 28.93 5.56
C SER C 802 38.41 29.24 5.92
N GLY C 803 38.25 30.29 6.71
CA GLY C 803 36.92 30.71 7.11
C GLY C 803 36.32 29.79 8.15
N MET C 804 35.01 29.94 8.34
CA MET C 804 34.26 29.13 9.31
C MET C 804 34.92 29.22 10.68
N THR C 805 35.73 28.22 11.02
CA THR C 805 36.48 28.21 12.26
C THR C 805 37.98 28.18 12.03
N SER C 806 38.42 28.36 10.79
CA SER C 806 39.82 28.25 10.44
C SER C 806 40.49 29.62 10.52
N GLN C 807 41.71 29.72 10.03
CA GLN C 807 42.49 30.94 10.01
C GLN C 807 42.20 31.74 8.75
N PRO C 808 42.51 33.04 8.75
CA PRO C 808 42.20 33.86 7.58
C PRO C 808 42.88 33.35 6.32
N SER C 809 42.23 33.58 5.19
CA SER C 809 42.72 33.06 3.92
C SER C 809 43.97 33.80 3.46
N MET C 810 44.76 33.14 2.63
CA MET C 810 45.99 33.73 2.11
C MET C 810 45.68 34.79 1.06
N GLY C 811 44.67 34.54 0.23
CA GLY C 811 44.33 35.49 -0.82
C GLY C 811 44.00 36.85 -0.26
N ALA C 812 43.24 36.90 0.83
CA ALA C 812 42.86 38.18 1.41
C ALA C 812 44.08 38.96 1.89
N LEU C 813 44.97 38.30 2.65
CA LEU C 813 46.14 38.99 3.17
C LEU C 813 47.06 39.45 2.04
N VAL C 814 47.26 38.61 1.03
CA VAL C 814 48.12 39.00 -0.08
C VAL C 814 47.52 40.18 -0.84
N ALA C 815 46.21 40.12 -1.12
CA ALA C 815 45.58 41.14 -1.93
C ALA C 815 45.53 42.49 -1.21
N CYS C 816 45.14 42.46 0.08
CA CYS C 816 45.03 43.71 0.83
C CYS C 816 46.39 44.36 0.99
N THR C 817 47.43 43.56 1.17
CA THR C 817 48.79 44.08 1.36
C THR C 817 49.52 44.08 0.01
N ARG C 818 48.91 44.76 -0.95
CA ARG C 818 49.50 44.85 -2.28
C ARG C 818 50.31 46.13 -2.46
N GLY C 819 49.62 47.27 -2.41
CA GLY C 819 50.28 48.55 -2.55
C GLY C 819 50.57 49.23 -1.23
N THR C 820 51.25 48.54 -0.32
CA THR C 820 51.45 49.06 1.02
C THR C 820 52.93 48.95 1.40
N PRO C 821 53.37 49.70 2.42
CA PRO C 821 54.77 49.56 2.86
C PRO C 821 55.12 48.16 3.32
N LEU C 822 54.12 47.38 3.76
CA LEU C 822 54.39 46.03 4.26
C LEU C 822 54.96 45.14 3.16
N ASP C 823 54.30 45.10 2.00
CA ASP C 823 54.85 44.47 0.79
C ASP C 823 55.19 42.99 1.04
N THR C 824 54.13 42.21 1.26
CA THR C 824 54.31 40.76 1.39
C THR C 824 55.12 40.18 0.24
N GLU C 825 54.82 40.63 -0.98
CA GLU C 825 55.58 40.27 -2.18
C GLU C 825 55.60 38.76 -2.40
N VAL C 826 54.40 38.22 -2.61
CA VAL C 826 54.23 36.82 -2.99
C VAL C 826 53.23 36.76 -4.14
N PRO C 827 53.62 36.27 -5.31
CA PRO C 827 52.68 36.21 -6.44
C PRO C 827 51.45 35.38 -6.10
N MET C 828 50.28 35.92 -6.41
CA MET C 828 49.02 35.25 -6.10
C MET C 828 48.63 34.22 -7.15
N GLU C 829 49.34 34.18 -8.28
CA GLU C 829 49.02 33.20 -9.31
C GLU C 829 49.21 31.78 -8.80
N ARG C 830 50.31 31.55 -8.07
CA ARG C 830 50.54 30.23 -7.51
C ARG C 830 49.59 29.95 -6.35
N VAL C 831 49.19 31.00 -5.62
CA VAL C 831 48.23 30.81 -4.53
C VAL C 831 46.92 30.25 -5.06
N PHE C 832 46.51 30.70 -6.24
CA PHE C 832 45.24 30.25 -6.80
C PHE C 832 45.24 28.75 -7.04
N ASP C 833 46.28 28.23 -7.69
CA ASP C 833 46.32 26.80 -7.96
C ASP C 833 46.57 26.01 -6.68
N TYR C 834 47.35 26.57 -5.75
CA TYR C 834 47.57 25.89 -4.48
C TYR C 834 46.26 25.70 -3.72
N SER C 835 45.42 26.72 -3.70
CA SER C 835 44.09 26.60 -3.13
C SER C 835 43.18 25.69 -3.94
N GLU C 836 43.29 25.72 -5.27
CA GLU C 836 42.46 24.86 -6.11
C GLU C 836 42.73 23.39 -5.85
N TYR C 837 43.99 23.01 -5.63
CA TYR C 837 44.27 21.62 -5.30
C TYR C 837 43.57 21.20 -4.01
N TRP C 838 43.67 22.04 -2.97
CA TRP C 838 43.05 21.69 -1.69
C TRP C 838 41.53 21.68 -1.82
N GLU C 839 40.98 22.49 -2.71
CA GLU C 839 39.54 22.47 -2.94
C GLU C 839 39.09 21.09 -3.42
N GLY C 840 39.82 20.52 -4.38
CA GLY C 840 39.51 19.17 -4.82
C GLY C 840 39.79 18.11 -3.77
N ALA C 841 40.90 18.25 -3.06
CA ALA C 841 41.28 17.26 -2.05
C ALA C 841 40.31 17.22 -0.89
N ARG C 842 39.69 18.36 -0.54
CA ARG C 842 38.72 18.40 0.55
C ARG C 842 37.50 17.56 0.27
N GLY C 843 37.10 17.42 -1.00
CA GLY C 843 35.92 16.64 -1.31
C GLY C 843 36.09 15.16 -1.03
N LEU C 844 37.34 14.70 -0.90
CA LEU C 844 37.59 13.30 -0.61
C LEU C 844 37.09 12.92 0.77
N TYR C 845 37.14 13.85 1.72
CA TYR C 845 36.77 13.59 3.10
C TYR C 845 35.36 14.07 3.40
N ALA C 846 34.47 14.01 2.42
CA ALA C 846 33.11 14.52 2.62
C ALA C 846 32.33 13.71 3.64
N ALA C 847 32.81 12.52 4.00
CA ALA C 847 32.08 11.70 4.96
C ALA C 847 31.98 12.37 6.32
N PHE C 848 32.94 13.23 6.64
CA PHE C 848 32.95 14.00 7.88
C PHE C 848 33.45 15.42 7.60
N ASP C 849 32.50 16.30 7.30
CA ASP C 849 32.76 17.70 7.00
C ASP C 849 31.89 18.52 7.95
N CYS C 850 32.54 19.36 8.76
CA CYS C 850 31.79 20.19 9.69
C CYS C 850 30.87 21.16 8.97
N THR C 851 31.15 21.48 7.70
CA THR C 851 30.39 22.48 6.98
C THR C 851 28.94 22.05 6.78
N ALA C 852 28.67 20.74 6.86
CA ALA C 852 27.32 20.24 6.71
C ALA C 852 26.40 20.82 7.76
N THR C 853 26.87 20.88 9.01
CA THR C 853 26.09 21.45 10.10
C THR C 853 26.37 22.93 10.26
N MET C 854 27.64 23.32 10.12
CA MET C 854 28.07 24.69 10.43
C MET C 854 27.45 25.69 9.45
N LYS C 855 27.74 25.52 8.16
CA LYS C 855 27.00 26.14 7.07
C LYS C 855 27.14 27.66 6.96
N SER C 856 27.83 28.30 7.91
CA SER C 856 27.89 29.75 7.90
C SER C 856 29.03 30.22 8.80
N GLY C 857 29.08 31.52 9.02
CA GLY C 857 30.07 32.08 9.93
C GLY C 857 29.83 31.68 11.38
N ASN C 858 28.56 31.62 11.77
CA ASN C 858 28.16 31.18 13.11
C ASN C 858 28.78 32.04 14.20
N SER C 859 28.38 33.31 14.29
CA SER C 859 28.86 34.18 15.34
C SER C 859 28.17 33.83 16.65
N ASP C 860 28.27 34.72 17.64
CA ASP C 860 27.89 34.42 19.03
C ASP C 860 28.86 33.41 19.63
N VAL C 861 30.15 33.69 19.44
CA VAL C 861 31.21 32.93 20.08
C VAL C 861 31.61 33.54 21.41
N TYR C 862 31.29 34.82 21.65
CA TYR C 862 31.67 35.49 22.89
C TYR C 862 31.02 34.83 24.10
N GLU C 863 29.76 34.41 23.96
CA GLU C 863 29.14 33.65 25.05
C GLU C 863 29.69 32.24 25.15
N ASN C 864 29.82 31.55 24.02
CA ASN C 864 30.26 30.16 24.03
C ASN C 864 31.74 30.03 24.39
N GLU C 865 32.57 30.85 23.75
CA GLU C 865 34.02 30.81 23.93
C GLU C 865 34.57 29.40 23.69
N ILE C 866 34.06 28.78 22.63
CA ILE C 866 34.49 27.44 22.26
C ILE C 866 35.68 27.55 21.31
N PRO C 867 36.83 26.96 21.65
CA PRO C 867 37.98 27.03 20.75
C PRO C 867 37.68 26.42 19.39
N GLY C 868 38.23 27.02 18.35
CA GLY C 868 37.99 26.52 17.01
C GLY C 868 38.54 25.13 16.80
N GLY C 869 39.70 24.83 17.37
CA GLY C 869 40.32 23.54 17.17
C GLY C 869 39.58 22.40 17.85
N GLN C 870 38.56 22.72 18.63
CA GLN C 870 37.86 21.73 19.44
C GLN C 870 36.42 21.49 18.99
N TYR C 871 35.88 22.35 18.13
CA TYR C 871 34.44 22.32 17.86
C TYR C 871 34.02 21.02 17.19
N THR C 872 34.58 20.71 16.03
CA THR C 872 34.13 19.54 15.29
C THR C 872 34.53 18.24 15.99
N ASN C 873 35.66 18.24 16.71
CA ASN C 873 36.02 17.07 17.50
C ASN C 873 35.01 16.83 18.61
N LEU C 874 34.56 17.90 19.26
CA LEU C 874 33.52 17.78 20.28
C LEU C 874 32.23 17.26 19.66
N HIS C 875 31.91 17.73 18.45
CA HIS C 875 30.72 17.24 17.76
C HIS C 875 30.83 15.74 17.49
N PHE C 876 32.00 15.30 17.04
CA PHE C 876 32.23 13.88 16.78
C PHE C 876 32.08 13.06 18.06
N GLN C 877 32.67 13.54 19.15
CA GLN C 877 32.57 12.82 20.41
C GLN C 877 31.14 12.74 20.91
N ALA C 878 30.39 13.85 20.82
CA ALA C 878 29.01 13.85 21.25
C ALA C 878 28.17 12.91 20.41
N HIS C 879 28.43 12.87 19.10
CA HIS C 879 27.74 11.92 18.25
C HIS C 879 28.07 10.49 18.64
N SER C 880 29.34 10.24 19.00
CA SER C 880 29.75 8.91 19.42
C SER C 880 29.02 8.48 20.70
N MET C 881 28.90 9.40 21.66
CA MET C 881 28.17 9.06 22.89
C MET C 881 26.71 8.78 22.60
N GLY C 882 26.10 9.55 21.70
CA GLY C 882 24.70 9.36 21.37
C GLY C 882 23.86 10.60 21.59
N LEU C 883 24.50 11.77 21.57
CA LEU C 883 23.82 13.05 21.74
C LEU C 883 23.91 13.90 20.48
N GLY C 884 23.93 13.25 19.32
CA GLY C 884 24.00 13.99 18.07
C GLY C 884 22.78 14.86 17.83
N SER C 885 21.60 14.36 18.21
CA SER C 885 20.37 15.12 17.99
C SER C 885 20.35 16.41 18.80
N LYS C 886 20.61 16.31 20.10
CA LYS C 886 20.56 17.46 21.00
C LYS C 886 21.95 18.07 21.13
N PHE C 887 22.58 18.34 19.99
CA PHE C 887 23.92 18.89 20.01
C PHE C 887 23.95 20.38 20.37
N LYS C 888 22.92 21.13 19.97
CA LYS C 888 22.89 22.55 20.32
C LYS C 888 22.73 22.76 21.82
N GLU C 889 21.92 21.93 22.48
CA GLU C 889 21.78 22.03 23.91
C GLU C 889 23.06 21.68 24.65
N VAL C 890 23.96 20.94 24.01
CA VAL C 890 25.25 20.63 24.63
C VAL C 890 26.04 21.90 24.87
N LYS C 891 26.14 22.77 23.87
CA LYS C 891 26.88 24.01 24.00
C LYS C 891 26.09 25.10 24.67
N LYS C 892 24.81 24.88 24.96
CA LYS C 892 24.07 25.83 25.78
C LYS C 892 24.46 25.72 27.24
N ALA C 893 24.87 24.53 27.69
CA ALA C 893 25.32 24.31 29.06
C ALA C 893 26.82 24.49 29.21
N TYR C 894 27.52 24.78 28.12
CA TYR C 894 28.97 24.98 28.18
C TYR C 894 29.31 26.19 29.04
N VAL C 895 28.53 27.27 28.91
CA VAL C 895 28.78 28.47 29.68
C VAL C 895 28.59 28.23 31.18
N GLU C 896 27.57 27.47 31.55
CA GLU C 896 27.34 27.18 32.97
C GLU C 896 28.51 26.40 33.55
N ALA C 897 29.00 25.40 32.83
CA ALA C 897 30.17 24.66 33.31
C ALA C 897 31.39 25.55 33.44
N ASN C 898 31.64 26.40 32.44
CA ASN C 898 32.79 27.31 32.51
C ASN C 898 32.66 28.23 33.72
N GLN C 899 31.47 28.75 33.96
CA GLN C 899 31.25 29.61 35.12
C GLN C 899 31.46 28.85 36.42
N MET C 900 30.97 27.61 36.48
CA MET C 900 31.05 26.84 37.71
C MET C 900 32.50 26.54 38.07
N LEU C 901 33.33 26.21 37.08
CA LEU C 901 34.75 26.12 37.34
C LEU C 901 35.37 27.50 37.52
N GLY C 902 34.67 28.54 37.07
CA GLY C 902 35.22 29.88 37.08
C GLY C 902 35.83 30.20 35.73
N ASP C 903 35.90 31.49 35.38
CA ASP C 903 36.43 31.87 34.08
C ASP C 903 37.90 31.50 33.96
N LEU C 904 38.20 30.47 33.18
CA LEU C 904 39.57 30.00 33.00
C LEU C 904 39.89 29.91 31.53
N ILE C 905 41.15 30.16 31.20
CA ILE C 905 41.66 30.00 29.84
C ILE C 905 41.65 28.53 29.47
N LYS C 906 41.17 28.22 28.27
CA LYS C 906 40.93 26.85 27.83
C LYS C 906 41.61 26.62 26.49
N VAL C 907 42.49 25.63 26.41
CA VAL C 907 43.15 25.29 25.11
C VAL C 907 42.93 23.80 24.80
N THR C 908 43.66 22.92 25.48
CA THR C 908 43.55 21.46 25.20
C THR C 908 43.31 20.68 26.50
N PRO C 909 44.23 20.64 27.51
CA PRO C 909 43.97 19.98 28.78
C PRO C 909 43.22 20.95 29.71
N SER C 910 42.33 21.76 29.14
CA SER C 910 41.51 22.73 29.92
C SER C 910 40.19 22.86 29.17
N SER C 911 40.17 22.42 27.91
CA SER C 911 38.92 22.45 27.11
C SER C 911 38.27 21.07 27.12
N LYS C 912 39.06 19.99 26.94
CA LYS C 912 38.52 18.64 27.06
C LYS C 912 37.77 18.46 28.36
N ILE C 913 38.32 19.01 29.45
CA ILE C 913 37.68 18.87 30.75
C ILE C 913 36.30 19.50 30.73
N VAL C 914 36.20 20.73 30.23
CA VAL C 914 34.93 21.44 30.19
C VAL C 914 33.97 20.72 29.25
N GLY C 915 34.47 20.22 28.12
CA GLY C 915 33.60 19.51 27.19
C GLY C 915 33.03 18.25 27.78
N ASP C 916 33.86 17.46 28.46
CA ASP C 916 33.39 16.24 29.09
C ASP C 916 32.39 16.54 30.20
N LEU C 917 32.67 17.57 31.00
CA LEU C 917 31.73 17.93 32.04
C LEU C 917 30.40 18.39 31.44
N ALA C 918 30.44 19.14 30.35
CA ALA C 918 29.21 19.55 29.69
C ALA C 918 28.45 18.37 29.12
N GLN C 919 29.17 17.39 28.57
CA GLN C 919 28.51 16.21 28.03
C GLN C 919 27.79 15.44 29.14
N PHE C 920 28.44 15.25 30.29
CA PHE C 920 27.79 14.65 31.44
C PHE C 920 26.61 15.49 31.91
N MET C 921 26.81 16.81 31.96
CA MET C 921 25.81 17.76 32.44
C MET C 921 24.54 17.69 31.61
N VAL C 922 24.68 17.54 30.30
CA VAL C 922 23.51 17.47 29.43
C VAL C 922 22.93 16.05 29.41
N GLN C 923 23.78 15.03 29.53
CA GLN C 923 23.30 13.66 29.56
C GLN C 923 22.36 13.42 30.73
N ASN C 924 22.73 13.90 31.91
CA ASN C 924 21.84 13.72 33.06
C ASN C 924 20.67 14.69 33.00
N GLY C 925 20.83 15.79 32.26
CA GLY C 925 19.75 16.74 32.10
C GLY C 925 19.44 17.50 33.37
N LEU C 926 20.48 18.05 33.99
CA LEU C 926 20.37 18.74 35.25
C LEU C 926 20.85 20.18 35.10
N SER C 927 20.54 21.02 36.08
CA SER C 927 20.90 22.43 36.04
C SER C 927 22.08 22.73 36.94
N ARG C 928 22.66 23.92 36.78
CA ARG C 928 23.93 24.25 37.40
C ARG C 928 23.83 24.30 38.92
N ALA C 929 22.85 25.05 39.44
CA ALA C 929 22.82 25.34 40.88
C ALA C 929 22.66 24.06 41.69
N GLU C 930 21.66 23.25 41.36
CA GLU C 930 21.45 22.01 42.09
C GLU C 930 22.53 20.98 41.78
N ALA C 931 23.19 21.11 40.61
CA ALA C 931 24.36 20.28 40.37
C ALA C 931 25.45 20.59 41.39
N GLU C 932 25.68 21.87 41.66
CA GLU C 932 26.60 22.24 42.73
C GLU C 932 26.07 21.80 44.09
N ALA C 933 24.75 21.78 44.26
CA ALA C 933 24.16 21.37 45.53
C ALA C 933 24.51 19.93 45.87
N GLN C 934 24.05 18.97 45.07
CA GLN C 934 24.30 17.56 45.31
C GLN C 934 25.47 17.11 44.44
N ALA C 935 26.68 17.48 44.87
CA ALA C 935 27.90 17.10 44.19
C ALA C 935 28.69 16.03 44.95
N GLU C 936 28.23 15.62 46.12
CA GLU C 936 28.94 14.60 46.87
C GLU C 936 28.65 13.19 46.34
N GLU C 937 27.37 12.80 46.33
CA GLU C 937 27.02 11.44 45.92
C GLU C 937 27.10 11.27 44.41
N LEU C 938 26.88 12.35 43.67
CA LEU C 938 26.90 12.27 42.21
C LEU C 938 28.31 12.03 41.71
N SER C 939 28.45 11.06 40.82
CA SER C 939 29.76 10.71 40.27
C SER C 939 30.09 11.60 39.07
N PHE C 940 31.35 11.97 38.94
CA PHE C 940 31.80 12.86 37.89
C PHE C 940 32.79 12.16 36.96
N PRO C 941 32.96 12.66 35.74
CA PRO C 941 33.96 12.08 34.84
C PRO C 941 35.36 12.17 35.45
N ARG C 942 36.17 11.14 35.16
CA ARG C 942 37.44 10.98 35.84
C ARG C 942 38.40 12.12 35.54
N SER C 943 38.33 12.68 34.33
CA SER C 943 39.23 13.76 33.96
C SER C 943 38.99 14.99 34.82
N VAL C 944 37.73 15.26 35.15
CA VAL C 944 37.42 16.39 36.03
C VAL C 944 38.07 16.20 37.39
N VAL C 945 38.01 14.97 37.92
CA VAL C 945 38.66 14.68 39.20
C VAL C 945 40.16 14.86 39.10
N GLU C 946 40.77 14.40 37.99
CA GLU C 946 42.20 14.58 37.82
C GLU C 946 42.59 16.05 37.81
N PHE C 947 41.80 16.87 37.11
CA PHE C 947 42.08 18.30 37.10
C PHE C 947 41.93 18.91 38.49
N LEU C 948 40.87 18.54 39.20
CA LEU C 948 40.66 19.08 40.54
C LEU C 948 41.79 18.68 41.48
N GLN C 949 42.37 17.51 41.26
CA GLN C 949 43.52 17.10 42.06
C GLN C 949 44.71 18.02 41.83
N GLY C 950 44.88 18.49 40.59
CA GLY C 950 45.89 19.49 40.31
C GLY C 950 47.02 18.96 39.45
N TYR C 951 46.73 17.95 38.63
CA TYR C 951 47.77 17.34 37.80
C TYR C 951 48.31 18.33 36.77
N ILE C 952 47.42 19.08 36.13
CA ILE C 952 47.85 20.02 35.10
C ILE C 952 48.59 21.20 35.72
N GLY C 953 48.05 21.76 36.79
CA GLY C 953 48.68 22.90 37.44
C GLY C 953 47.65 23.70 38.21
N VAL C 954 48.13 24.81 38.77
CA VAL C 954 47.30 25.71 39.57
C VAL C 954 46.79 26.84 38.68
N PRO C 955 45.51 27.20 38.77
CA PRO C 955 45.01 28.34 37.97
C PRO C 955 45.45 29.68 38.51
N HIS C 956 44.99 30.75 37.87
CA HIS C 956 45.40 32.11 38.25
C HIS C 956 44.76 32.55 39.56
N GLY C 957 43.43 32.63 39.59
CA GLY C 957 42.75 33.11 40.77
C GLY C 957 42.23 31.99 41.66
N GLY C 958 42.70 30.78 41.44
CA GLY C 958 42.20 29.64 42.17
C GLY C 958 40.86 29.18 41.66
N PHE C 959 40.29 28.21 42.37
CA PHE C 959 39.02 27.63 41.98
C PHE C 959 38.16 27.38 43.22
N PRO C 960 36.83 27.29 43.08
CA PRO C 960 35.96 27.28 44.26
C PRO C 960 36.30 26.15 45.22
N GLU C 961 36.32 26.49 46.51
CA GLU C 961 36.64 25.55 47.57
C GLU C 961 35.49 24.60 47.92
N PRO C 962 34.20 25.02 47.96
CA PRO C 962 33.16 24.05 48.31
C PRO C 962 33.07 22.91 47.30
N PHE C 963 33.27 23.24 46.03
CA PHE C 963 33.14 22.25 44.97
C PHE C 963 34.26 21.21 45.07
N ARG C 964 35.51 21.67 45.19
CA ARG C 964 36.62 20.74 45.31
C ARG C 964 36.52 19.94 46.61
N SER C 965 36.05 20.57 47.68
CA SER C 965 35.88 19.85 48.93
C SER C 965 34.86 18.74 48.79
N LYS C 966 33.72 19.02 48.15
CA LYS C 966 32.68 18.01 48.00
C LYS C 966 33.01 16.96 46.95
N VAL C 967 33.90 17.25 46.00
CA VAL C 967 34.21 16.27 44.95
C VAL C 967 35.45 15.46 45.32
N LEU C 968 36.59 16.13 45.50
CA LEU C 968 37.82 15.42 45.83
C LEU C 968 37.68 14.69 47.15
N LYS C 969 37.00 15.29 48.12
CA LYS C 969 36.60 14.61 49.35
C LYS C 969 37.80 14.08 50.11
N ASP C 970 38.14 12.81 49.90
CA ASP C 970 39.23 12.18 50.64
C ASP C 970 40.27 11.60 49.71
N LEU C 971 40.69 12.36 48.71
CA LEU C 971 41.67 11.91 47.73
C LEU C 971 42.96 12.68 47.88
N PRO C 972 44.10 12.07 47.54
CA PRO C 972 45.37 12.79 47.65
C PRO C 972 45.41 14.00 46.73
N ARG C 973 46.08 15.05 47.20
CA ARG C 973 46.17 16.31 46.49
C ARG C 973 47.62 16.65 46.22
N VAL C 974 47.91 17.10 45.00
CA VAL C 974 49.26 17.43 44.58
C VAL C 974 49.49 18.93 44.79
N GLU C 975 50.63 19.25 45.39
CA GLU C 975 50.98 20.64 45.68
C GLU C 975 52.20 21.04 44.85
N GLY C 976 52.13 22.23 44.27
CA GLY C 976 53.24 22.73 43.46
C GLY C 976 53.21 22.15 42.07
N ARG C 977 54.39 21.91 41.50
CA ARG C 977 54.50 21.37 40.16
C ARG C 977 54.47 19.84 40.22
N PRO C 978 53.44 19.20 39.65
CA PRO C 978 53.41 17.73 39.68
C PRO C 978 54.58 17.07 38.98
N GLY C 979 55.16 17.74 37.98
CA GLY C 979 56.21 17.13 37.19
C GLY C 979 57.44 16.77 38.02
N ALA C 980 57.88 17.70 38.85
CA ALA C 980 59.05 17.43 39.70
C ALA C 980 58.77 16.31 40.70
N SER C 981 57.58 16.33 41.30
CA SER C 981 57.24 15.31 42.29
C SER C 981 57.05 13.94 41.65
N LEU C 982 56.75 13.90 40.36
CA LEU C 982 56.43 12.67 39.67
C LEU C 982 57.65 11.77 39.59
N PRO C 983 57.53 10.50 39.96
CA PRO C 983 58.68 9.59 39.93
C PRO C 983 59.10 9.30 38.50
N PRO C 984 60.35 9.58 38.16
CA PRO C 984 60.83 9.30 36.78
C PRO C 984 60.74 7.82 36.46
N LEU C 985 60.42 7.52 35.21
CA LEU C 985 60.34 6.15 34.74
C LEU C 985 61.50 5.84 33.80
N ASP C 986 61.94 4.59 33.82
CA ASP C 986 63.00 4.12 32.95
C ASP C 986 62.42 3.58 31.65
N LEU C 987 63.09 3.91 30.54
CA LEU C 987 62.65 3.48 29.21
C LEU C 987 63.58 2.43 28.61
N GLN C 988 64.54 1.94 29.39
CA GLN C 988 65.44 0.90 28.91
C GLN C 988 64.81 -0.49 29.01
N ALA C 989 64.18 -0.80 30.14
CA ALA C 989 63.49 -2.08 30.28
C ALA C 989 62.27 -2.16 29.37
N LEU C 990 61.61 -1.03 29.11
CA LEU C 990 60.48 -1.02 28.20
C LEU C 990 60.87 -1.41 26.79
N GLU C 991 62.08 -1.05 26.36
CA GLU C 991 62.56 -1.51 25.06
C GLU C 991 62.57 -3.03 24.99
N LYS C 992 63.13 -3.68 26.01
CA LYS C 992 63.19 -5.13 26.04
C LYS C 992 61.80 -5.75 26.14
N GLU C 993 60.91 -5.16 26.93
CA GLU C 993 59.54 -5.66 27.02
C GLU C 993 58.87 -5.64 25.66
N LEU C 994 58.99 -4.52 24.94
CA LEU C 994 58.45 -4.44 23.59
C LEU C 994 59.08 -5.49 22.69
N VAL C 995 60.41 -5.64 22.79
CA VAL C 995 61.11 -6.56 21.90
C VAL C 995 60.59 -7.98 22.07
N ASP C 996 60.57 -8.50 23.30
CA ASP C 996 60.19 -9.89 23.48
C ASP C 996 58.68 -10.08 23.40
N ARG C 997 57.89 -9.02 23.52
CA ARG C 997 56.44 -9.16 23.32
C ARG C 997 56.10 -9.18 21.83
N HIS C 998 56.38 -8.08 21.13
CA HIS C 998 56.02 -7.95 19.72
C HIS C 998 57.13 -7.23 18.93
N GLY C 999 58.35 -7.30 19.43
CA GLY C 999 59.44 -6.51 18.88
C GLY C 999 60.44 -7.34 18.11
N GLU C 1000 60.73 -6.89 16.89
CA GLU C 1000 61.78 -7.51 16.08
C GLU C 1000 62.71 -6.44 15.54
N GLU C 1001 62.18 -5.23 15.33
CA GLU C 1001 62.95 -4.14 14.74
C GLU C 1001 62.63 -2.80 15.38
N VAL C 1002 62.13 -2.81 16.62
CA VAL C 1002 61.68 -1.59 17.29
C VAL C 1002 62.82 -0.58 17.37
N THR C 1003 62.51 0.67 17.04
CA THR C 1003 63.47 1.76 17.01
C THR C 1003 63.18 2.71 18.17
N PRO C 1004 64.15 3.56 18.55
CA PRO C 1004 63.89 4.48 19.67
C PRO C 1004 62.68 5.39 19.47
N GLU C 1005 62.37 5.74 18.22
CA GLU C 1005 61.16 6.51 17.96
C GLU C 1005 59.92 5.74 18.41
N ASP C 1006 59.88 4.44 18.09
CA ASP C 1006 58.78 3.60 18.56
C ASP C 1006 58.81 3.50 20.07
N VAL C 1007 60.00 3.49 20.67
CA VAL C 1007 60.11 3.42 22.13
C VAL C 1007 59.46 4.65 22.76
N LEU C 1008 59.75 5.83 22.24
CA LEU C 1008 59.13 7.04 22.74
C LEU C 1008 57.63 7.07 22.47
N SER C 1009 57.19 6.61 21.31
CA SER C 1009 55.76 6.57 21.02
C SER C 1009 55.01 5.65 21.98
N ALA C 1010 55.58 4.50 22.31
CA ALA C 1010 54.95 3.57 23.24
C ALA C 1010 54.89 4.12 24.66
N ALA C 1011 55.90 4.87 25.10
CA ALA C 1011 55.86 5.44 26.44
C ALA C 1011 54.73 6.45 26.59
N MET C 1012 54.35 7.12 25.51
CA MET C 1012 53.26 8.09 25.55
C MET C 1012 51.93 7.37 25.70
N TYR C 1013 51.57 6.57 24.70
CA TYR C 1013 50.28 5.89 24.62
C TYR C 1013 50.49 4.41 24.39
N PRO C 1014 50.79 3.63 25.43
CA PRO C 1014 51.12 2.22 25.21
C PRO C 1014 49.97 1.39 24.66
N ASP C 1015 48.74 1.64 25.13
CA ASP C 1015 47.61 0.82 24.73
C ASP C 1015 47.33 0.94 23.24
N VAL C 1016 47.16 2.17 22.76
CA VAL C 1016 46.87 2.34 21.34
C VAL C 1016 48.11 2.01 20.53
N PHE C 1017 49.30 2.11 21.12
CA PHE C 1017 50.50 1.67 20.42
C PHE C 1017 50.44 0.17 20.12
N ALA C 1018 50.12 -0.64 21.13
CA ALA C 1018 50.01 -2.07 20.91
C ALA C 1018 48.88 -2.40 19.95
N HIS C 1019 47.75 -1.71 20.08
CA HIS C 1019 46.64 -1.97 19.17
C HIS C 1019 47.01 -1.64 17.73
N PHE C 1020 47.64 -0.49 17.50
CA PHE C 1020 48.10 -0.14 16.17
C PHE C 1020 49.11 -1.15 15.64
N LYS C 1021 50.04 -1.58 16.48
CA LYS C 1021 51.05 -2.53 16.01
C LYS C 1021 50.45 -3.86 15.62
N ASP C 1022 49.54 -4.41 16.43
CA ASP C 1022 48.98 -5.71 16.07
C ASP C 1022 47.99 -5.61 14.92
N PHE C 1023 47.31 -4.47 14.78
CA PHE C 1023 46.50 -4.24 13.59
C PHE C 1023 47.35 -4.15 12.33
N THR C 1024 48.51 -3.49 12.40
CA THR C 1024 49.39 -3.40 11.26
C THR C 1024 50.04 -4.73 10.91
N ALA C 1025 50.36 -5.55 11.90
CA ALA C 1025 51.02 -6.82 11.62
C ALA C 1025 50.16 -7.73 10.75
N THR C 1026 48.86 -7.76 10.99
CA THR C 1026 47.96 -8.67 10.24
C THR C 1026 47.59 -8.08 8.89
N PHE C 1027 46.95 -6.91 8.89
CA PHE C 1027 46.41 -6.36 7.66
C PHE C 1027 47.51 -5.80 6.76
N GLY C 1028 48.68 -5.51 7.34
CA GLY C 1028 49.83 -5.14 6.56
C GLY C 1028 50.12 -3.65 6.59
N PRO C 1029 51.06 -3.21 5.75
CA PRO C 1029 51.42 -1.79 5.73
C PRO C 1029 50.39 -0.96 4.97
N LEU C 1030 49.79 -0.01 5.69
CA LEU C 1030 48.83 0.93 5.12
C LEU C 1030 49.56 2.16 4.59
N ASP C 1031 48.83 3.25 4.41
CA ASP C 1031 49.32 4.53 3.89
C ASP C 1031 50.25 4.34 2.70
N SER C 1032 49.79 3.52 1.77
CA SER C 1032 50.43 3.39 0.47
C SER C 1032 49.35 3.46 -0.60
N LEU C 1033 48.10 3.31 -0.17
CA LEU C 1033 46.96 3.27 -1.07
C LEU C 1033 46.15 4.56 -1.00
N ASN C 1034 45.55 4.89 -2.15
CA ASN C 1034 44.88 6.21 -2.29
C ASN C 1034 43.89 6.47 -1.16
N THR C 1035 43.90 7.69 -0.62
CA THR C 1035 42.90 8.03 0.38
C THR C 1035 41.54 7.86 -0.29
N ARG C 1036 41.42 8.43 -1.50
CA ARG C 1036 40.13 8.37 -2.23
C ARG C 1036 39.77 6.92 -2.49
N LEU C 1037 40.79 6.16 -2.94
CA LEU C 1037 40.47 4.78 -3.34
C LEU C 1037 39.91 4.08 -2.12
N PHE C 1038 40.58 4.12 -0.98
CA PHE C 1038 40.04 3.31 0.16
C PHE C 1038 38.68 3.87 0.58
N LEU C 1039 38.58 5.19 0.70
CA LEU C 1039 37.35 5.82 1.26
C LEU C 1039 36.13 5.37 0.46
N GLN C 1040 36.24 5.26 -0.87
CA GLN C 1040 35.01 4.71 -1.51
C GLN C 1040 35.16 3.19 -1.51
N GLY C 1041 36.09 2.66 -2.29
CA GLY C 1041 36.43 1.23 -2.44
C GLY C 1041 35.47 0.07 -2.25
N PRO C 1042 34.18 0.04 -2.67
CA PRO C 1042 33.51 -1.25 -2.49
C PRO C 1042 32.89 -1.82 -3.77
N LYS C 1043 33.29 -1.33 -4.94
CA LYS C 1043 32.67 -1.79 -6.21
C LYS C 1043 33.47 -2.94 -6.81
N ILE C 1044 32.85 -3.73 -7.68
CA ILE C 1044 33.57 -4.86 -8.35
C ILE C 1044 33.81 -4.44 -9.81
N ALA C 1045 34.60 -5.24 -10.55
CA ALA C 1045 34.91 -4.94 -11.97
C ALA C 1045 35.53 -3.54 -12.08
N GLU C 1046 36.38 -3.18 -11.10
CA GLU C 1046 37.05 -1.85 -11.11
C GLU C 1046 38.56 -2.06 -11.00
N GLU C 1047 39.35 -1.38 -11.83
CA GLU C 1047 40.82 -1.59 -11.83
C GLU C 1047 41.49 -0.47 -11.04
N PHE C 1048 42.13 -0.82 -9.92
CA PHE C 1048 42.89 0.18 -9.12
C PHE C 1048 44.30 -0.38 -8.85
N GLU C 1049 45.33 0.43 -9.08
CA GLU C 1049 46.72 -0.07 -8.91
C GLU C 1049 47.35 0.55 -7.67
N VAL C 1050 47.88 -0.28 -6.77
CA VAL C 1050 48.57 0.24 -5.55
C VAL C 1050 50.06 -0.08 -5.67
N GLU C 1051 50.92 0.94 -5.60
CA GLU C 1051 52.38 0.68 -5.64
C GLU C 1051 52.91 0.69 -4.20
N LEU C 1052 53.11 -0.48 -3.60
CA LEU C 1052 53.74 -0.52 -2.24
C LEU C 1052 55.17 -0.01 -2.39
N GLU C 1053 55.86 -0.43 -3.46
CA GLU C 1053 57.25 0.01 -3.72
C GLU C 1053 57.41 0.21 -5.23
N ARG C 1054 58.44 0.94 -5.66
CA ARG C 1054 58.63 1.22 -7.10
C ARG C 1054 58.89 -0.09 -7.85
N GLY C 1055 58.37 -0.22 -9.08
CA GLY C 1055 58.54 -1.46 -9.85
C GLY C 1055 57.50 -2.51 -9.48
N LYS C 1056 56.53 -2.14 -8.64
CA LYS C 1056 55.47 -3.09 -8.22
C LYS C 1056 54.10 -2.43 -8.42
N THR C 1057 53.63 -2.38 -9.67
CA THR C 1057 52.33 -1.71 -9.98
C THR C 1057 51.19 -2.44 -9.24
N LEU C 1058 51.22 -3.78 -9.21
CA LEU C 1058 50.21 -4.55 -8.43
C LEU C 1058 48.80 -4.11 -8.82
N HIS C 1059 48.48 -4.08 -10.12
CA HIS C 1059 47.11 -3.72 -10.55
C HIS C 1059 46.12 -4.68 -9.87
N ILE C 1060 45.03 -4.15 -9.32
CA ILE C 1060 44.06 -5.02 -8.58
C ILE C 1060 42.66 -4.84 -9.16
N LYS C 1061 42.01 -5.93 -9.56
CA LYS C 1061 40.61 -5.86 -10.06
C LYS C 1061 39.77 -6.87 -9.29
N ALA C 1062 38.62 -6.44 -8.75
CA ALA C 1062 37.73 -7.41 -8.05
C ALA C 1062 36.79 -8.03 -9.08
N LEU C 1063 37.16 -9.19 -9.64
CA LEU C 1063 36.35 -9.81 -10.72
C LEU C 1063 34.96 -10.20 -10.19
N ALA C 1064 34.90 -10.83 -9.01
CA ALA C 1064 33.59 -11.32 -8.50
C ALA C 1064 33.63 -11.55 -6.99
N VAL C 1065 32.47 -11.61 -6.34
CA VAL C 1065 32.39 -11.92 -4.88
C VAL C 1065 31.39 -13.07 -4.73
N SER C 1066 31.77 -14.16 -4.05
CA SER C 1066 30.88 -15.35 -3.95
C SER C 1066 29.89 -15.17 -2.79
N ASP C 1067 29.27 -16.27 -2.34
CA ASP C 1067 28.26 -16.18 -1.25
C ASP C 1067 28.76 -16.95 -0.02
N LEU C 1068 28.02 -16.89 1.09
CA LEU C 1068 28.39 -17.58 2.30
C LEU C 1068 28.34 -19.09 2.08
N ASN C 1069 29.45 -19.77 2.36
CA ASN C 1069 29.50 -21.18 2.02
C ASN C 1069 28.86 -22.06 3.08
N ARG C 1070 29.52 -22.22 4.24
CA ARG C 1070 28.95 -22.93 5.38
C ARG C 1070 29.24 -22.20 6.67
N ALA C 1071 30.30 -21.39 6.68
CA ALA C 1071 30.86 -20.84 7.90
C ALA C 1071 30.81 -19.31 7.92
N GLY C 1072 29.82 -18.72 7.25
CA GLY C 1072 29.72 -17.27 7.20
C GLY C 1072 30.98 -16.67 6.59
N GLN C 1073 31.42 -17.25 5.49
CA GLN C 1073 32.69 -16.88 4.87
C GLN C 1073 32.49 -16.69 3.36
N ARG C 1074 33.07 -15.62 2.84
CA ARG C 1074 32.95 -15.26 1.44
C ARG C 1074 34.27 -15.51 0.73
N GLN C 1075 34.19 -15.71 -0.59
CA GLN C 1075 35.37 -15.83 -1.44
C GLN C 1075 35.34 -14.72 -2.47
N VAL C 1076 36.44 -14.01 -2.60
CA VAL C 1076 36.54 -12.87 -3.51
C VAL C 1076 37.67 -13.15 -4.49
N PHE C 1077 37.41 -12.91 -5.77
CA PHE C 1077 38.37 -13.17 -6.84
C PHE C 1077 39.01 -11.86 -7.27
N PHE C 1078 40.31 -11.72 -7.02
CA PHE C 1078 41.05 -10.55 -7.44
C PHE C 1078 41.95 -10.88 -8.61
N GLU C 1079 42.22 -9.88 -9.45
CA GLU C 1079 43.11 -10.04 -10.59
C GLU C 1079 44.32 -9.14 -10.41
N LEU C 1080 45.49 -9.76 -10.25
CA LEU C 1080 46.75 -9.03 -10.14
C LEU C 1080 47.26 -8.63 -11.51
N ASN C 1081 48.55 -8.30 -11.59
CA ASN C 1081 49.18 -7.98 -12.86
C ASN C 1081 48.65 -8.86 -13.98
N GLY C 1082 48.71 -10.17 -13.82
CA GLY C 1082 47.99 -11.07 -14.70
C GLY C 1082 47.46 -12.30 -13.99
N GLN C 1083 47.62 -12.35 -12.68
CA GLN C 1083 47.33 -13.54 -11.89
C GLN C 1083 45.97 -13.40 -11.22
N LEU C 1084 45.24 -14.51 -11.17
CA LEU C 1084 43.96 -14.58 -10.49
C LEU C 1084 44.16 -15.22 -9.13
N ARG C 1085 43.77 -14.51 -8.08
CA ARG C 1085 43.90 -15.00 -6.72
C ARG C 1085 42.54 -15.03 -6.04
N SER C 1086 42.31 -16.08 -5.27
CA SER C 1086 41.09 -16.22 -4.49
C SER C 1086 41.39 -15.95 -3.03
N ILE C 1087 40.66 -15.02 -2.42
CA ILE C 1087 40.86 -14.67 -1.03
C ILE C 1087 39.59 -15.01 -0.26
N LEU C 1088 39.77 -15.31 1.02
CA LEU C 1088 38.67 -15.70 1.90
C LEU C 1088 38.46 -14.64 2.96
N VAL C 1089 37.20 -14.23 3.13
CA VAL C 1089 36.84 -13.16 4.05
C VAL C 1089 35.87 -13.71 5.08
N LYS C 1090 36.17 -13.49 6.35
CA LYS C 1090 35.32 -13.91 7.46
C LYS C 1090 34.25 -12.85 7.67
N ASP C 1091 33.02 -13.16 7.29
CA ASP C 1091 31.92 -12.22 7.46
C ASP C 1091 31.61 -12.03 8.93
N THR C 1092 31.26 -10.80 9.31
CA THR C 1092 30.95 -10.47 10.69
C THR C 1092 29.47 -10.28 10.96
N GLN C 1093 28.64 -10.14 9.92
CA GLN C 1093 27.22 -9.92 10.13
C GLN C 1093 26.48 -11.24 10.35
N ALA C 1094 27.18 -12.37 10.27
CA ALA C 1094 26.56 -13.67 10.49
C ALA C 1094 26.71 -14.04 11.96
N MET C 1095 25.63 -13.88 12.73
CA MET C 1095 25.66 -14.20 14.15
C MET C 1095 24.83 -15.44 14.45
N LYS C 1096 23.54 -15.37 14.14
CA LYS C 1096 22.59 -16.49 14.23
C LYS C 1096 22.77 -17.29 15.53
N GLU C 1097 22.59 -16.59 16.64
CA GLU C 1097 22.62 -17.24 17.95
C GLU C 1097 21.20 -17.71 18.29
N MET C 1098 20.90 -18.94 17.89
CA MET C 1098 19.61 -19.55 18.16
C MET C 1098 19.77 -20.57 19.29
N HIS C 1099 19.12 -20.31 20.41
CA HIS C 1099 19.16 -21.17 21.58
C HIS C 1099 17.79 -21.80 21.79
N PHE C 1100 17.78 -23.09 22.12
CA PHE C 1100 16.53 -23.82 22.27
C PHE C 1100 16.53 -24.63 23.57
N HIS C 1101 15.44 -25.34 23.82
CA HIS C 1101 15.29 -26.07 25.07
C HIS C 1101 16.39 -27.11 25.21
N PRO C 1102 16.95 -27.30 26.41
CA PRO C 1102 18.03 -28.28 26.58
C PRO C 1102 17.66 -29.66 26.07
N LYS C 1103 18.39 -30.12 25.06
CA LYS C 1103 18.10 -31.41 24.45
C LYS C 1103 18.36 -32.53 25.45
N ALA C 1104 17.39 -33.42 25.61
CA ALA C 1104 17.57 -34.56 26.49
C ALA C 1104 18.62 -35.50 25.91
N LEU C 1105 19.50 -36.00 26.78
CA LEU C 1105 20.58 -36.89 26.37
C LEU C 1105 20.14 -38.33 26.60
N LYS C 1106 20.19 -39.14 25.54
CA LYS C 1106 19.77 -40.54 25.63
C LYS C 1106 20.73 -41.38 26.45
N ASP C 1107 21.99 -40.95 26.60
CA ASP C 1107 22.95 -41.73 27.38
C ASP C 1107 22.56 -41.80 28.86
N VAL C 1108 22.05 -40.69 29.41
CA VAL C 1108 21.61 -40.67 30.80
C VAL C 1108 20.23 -41.33 30.89
N LYS C 1109 20.18 -42.48 31.55
CA LYS C 1109 18.90 -43.18 31.70
C LYS C 1109 17.97 -42.40 32.63
N GLY C 1110 18.52 -41.64 33.56
CA GLY C 1110 17.69 -40.85 34.46
C GLY C 1110 16.92 -39.76 33.74
N GLN C 1111 17.55 -39.12 32.75
CA GLN C 1111 16.90 -38.03 32.05
C GLN C 1111 15.71 -38.54 31.24
N ILE C 1112 14.69 -37.69 31.11
CA ILE C 1112 13.47 -38.01 30.39
C ILE C 1112 13.32 -37.04 29.23
N GLY C 1113 13.08 -37.58 28.04
CA GLY C 1113 12.92 -36.79 26.84
C GLY C 1113 11.50 -36.85 26.32
N ALA C 1114 11.11 -35.82 25.57
CA ALA C 1114 9.75 -35.75 25.05
C ALA C 1114 9.63 -36.66 23.83
N PRO C 1115 8.74 -37.65 23.85
CA PRO C 1115 8.62 -38.55 22.69
C PRO C 1115 7.91 -37.91 21.52
N MET C 1116 6.81 -37.19 21.79
CA MET C 1116 5.96 -36.62 20.77
C MET C 1116 5.89 -35.11 20.92
N PRO C 1117 6.17 -34.33 19.88
CA PRO C 1117 6.00 -32.88 19.98
C PRO C 1117 4.54 -32.52 20.26
N GLY C 1118 4.34 -31.48 21.05
CA GLY C 1118 3.00 -31.05 21.39
C GLY C 1118 3.00 -30.01 22.48
N LYS C 1119 1.79 -29.63 22.88
CA LYS C 1119 1.61 -28.65 23.93
C LYS C 1119 1.35 -29.35 25.27
N VAL C 1120 1.90 -28.76 26.34
CA VAL C 1120 1.75 -29.33 27.68
C VAL C 1120 0.38 -28.92 28.22
N ILE C 1121 -0.41 -29.91 28.63
CA ILE C 1121 -1.71 -29.61 29.22
C ILE C 1121 -1.58 -29.33 30.70
N ASP C 1122 -1.05 -30.29 31.45
CA ASP C 1122 -0.91 -30.15 32.90
C ASP C 1122 0.36 -30.85 33.33
N ILE C 1123 0.95 -30.34 34.41
CA ILE C 1123 2.09 -30.96 35.06
C ILE C 1123 1.65 -31.44 36.43
N LYS C 1124 1.84 -32.72 36.71
CA LYS C 1124 1.39 -33.33 37.95
C LYS C 1124 2.51 -33.60 38.93
N VAL C 1125 3.73 -33.13 38.64
CA VAL C 1125 4.88 -33.35 39.52
C VAL C 1125 5.51 -32.00 39.82
N VAL C 1126 5.69 -31.71 41.10
CA VAL C 1126 6.40 -30.52 41.55
C VAL C 1126 7.85 -30.89 41.77
N ALA C 1127 8.73 -29.89 41.75
CA ALA C 1127 10.16 -30.15 41.92
C ALA C 1127 10.43 -30.74 43.30
N GLY C 1128 11.36 -31.69 43.34
CA GLY C 1128 11.72 -32.35 44.58
C GLY C 1128 10.59 -33.15 45.20
N ALA C 1129 9.88 -33.95 44.41
CA ALA C 1129 8.77 -34.75 44.90
C ALA C 1129 9.04 -36.22 44.62
N LYS C 1130 8.49 -37.08 45.48
CA LYS C 1130 8.63 -38.52 45.31
C LYS C 1130 7.77 -39.01 44.17
N VAL C 1131 8.38 -39.71 43.22
CA VAL C 1131 7.71 -40.23 42.04
C VAL C 1131 7.92 -41.74 41.96
N ALA C 1132 6.84 -42.47 41.77
CA ALA C 1132 6.89 -43.92 41.66
C ALA C 1132 7.11 -44.32 40.19
N LYS C 1133 7.68 -45.51 40.01
CA LYS C 1133 7.96 -46.02 38.68
C LYS C 1133 6.66 -46.24 37.91
N GLY C 1134 6.65 -45.84 36.65
CA GLY C 1134 5.45 -46.01 35.84
C GLY C 1134 4.26 -45.21 36.33
N GLN C 1135 4.49 -43.96 36.74
CA GLN C 1135 3.43 -43.12 37.26
C GLN C 1135 3.32 -41.87 36.40
N PRO C 1136 2.11 -41.46 36.00
CA PRO C 1136 1.97 -40.32 35.10
C PRO C 1136 2.53 -39.04 35.71
N LEU C 1137 3.21 -38.25 34.89
CA LEU C 1137 3.84 -37.04 35.39
C LEU C 1137 3.52 -35.81 34.53
N CYS C 1138 3.25 -36.03 33.25
CA CYS C 1138 2.94 -34.91 32.36
C CYS C 1138 2.07 -35.41 31.21
N VAL C 1139 1.32 -34.47 30.62
CA VAL C 1139 0.40 -34.77 29.53
C VAL C 1139 0.71 -33.84 28.36
N LEU C 1140 0.92 -34.41 27.18
CA LEU C 1140 1.24 -33.67 25.97
C LEU C 1140 0.17 -33.93 24.92
N SER C 1141 -0.21 -32.87 24.19
CA SER C 1141 -1.26 -32.93 23.20
C SER C 1141 -0.67 -32.62 21.82
N ALA C 1142 -0.95 -33.47 20.86
CA ALA C 1142 -0.73 -33.18 19.46
C ALA C 1142 -2.07 -32.74 18.84
N MET C 1143 -2.11 -32.62 17.51
CA MET C 1143 -3.35 -32.26 16.85
C MET C 1143 -4.37 -33.39 16.94
N LYS C 1144 -3.91 -34.63 16.92
CA LYS C 1144 -4.78 -35.79 17.04
C LYS C 1144 -4.29 -36.83 18.04
N MET C 1145 -3.14 -36.61 18.66
CA MET C 1145 -2.53 -37.59 19.56
C MET C 1145 -2.37 -36.98 20.95
N GLU C 1146 -2.73 -37.78 21.97
CA GLU C 1146 -2.55 -37.40 23.36
C GLU C 1146 -1.62 -38.41 24.02
N THR C 1147 -0.54 -37.91 24.62
CA THR C 1147 0.48 -38.76 25.21
C THR C 1147 0.67 -38.40 26.67
N VAL C 1148 0.77 -39.41 27.52
CA VAL C 1148 1.00 -39.23 28.95
C VAL C 1148 2.40 -39.76 29.27
N VAL C 1149 3.23 -38.91 29.83
CA VAL C 1149 4.60 -39.30 30.17
C VAL C 1149 4.58 -40.06 31.49
N THR C 1150 5.31 -41.17 31.54
CA THR C 1150 5.37 -42.03 32.71
C THR C 1150 6.79 -42.09 33.24
N SER C 1151 6.92 -42.25 34.55
CA SER C 1151 8.23 -42.29 35.19
C SER C 1151 8.90 -43.64 34.93
N PRO C 1152 10.07 -43.67 34.29
CA PRO C 1152 10.69 -44.97 33.99
C PRO C 1152 11.16 -45.74 35.22
N MET C 1153 11.47 -45.04 36.32
CA MET C 1153 12.10 -45.67 37.47
C MET C 1153 11.52 -45.09 38.76
N GLU C 1154 11.81 -45.80 39.86
CA GLU C 1154 11.54 -45.27 41.20
C GLU C 1154 12.57 -44.22 41.58
N GLY C 1155 12.10 -43.19 42.28
CA GLY C 1155 13.01 -42.17 42.77
C GLY C 1155 12.27 -40.89 43.08
N THR C 1156 12.99 -39.78 42.94
CA THR C 1156 12.43 -38.45 43.10
C THR C 1156 12.98 -37.53 42.03
N VAL C 1157 12.21 -36.50 41.70
CA VAL C 1157 12.56 -35.55 40.66
C VAL C 1157 13.52 -34.52 41.22
N ARG C 1158 14.39 -33.98 40.36
CA ARG C 1158 15.33 -32.96 40.80
C ARG C 1158 14.87 -31.56 40.37
N LYS C 1159 14.62 -31.37 39.08
CA LYS C 1159 14.19 -30.09 38.56
C LYS C 1159 13.20 -30.31 37.43
N VAL C 1160 12.37 -29.29 37.19
CA VAL C 1160 11.36 -29.32 36.14
C VAL C 1160 11.65 -28.19 35.17
N HIS C 1161 11.48 -28.48 33.88
CA HIS C 1161 11.75 -27.52 32.81
C HIS C 1161 10.51 -27.21 32.00
N VAL C 1162 9.34 -27.20 32.64
CA VAL C 1162 8.07 -27.00 31.96
C VAL C 1162 7.35 -25.80 32.56
N THR C 1163 6.79 -24.97 31.69
CA THR C 1163 5.94 -23.86 32.09
C THR C 1163 4.46 -24.18 31.97
N LYS C 1164 4.13 -25.44 31.66
CA LYS C 1164 2.76 -25.95 31.65
C LYS C 1164 1.96 -25.41 30.47
N ASP C 1165 2.53 -24.46 29.71
CA ASP C 1165 1.75 -23.81 28.67
C ASP C 1165 2.52 -23.53 27.39
N MET C 1166 3.76 -24.00 27.23
CA MET C 1166 4.49 -23.74 26.00
C MET C 1166 4.47 -24.98 25.11
N THR C 1167 4.66 -24.75 23.82
CA THR C 1167 4.79 -25.84 22.86
C THR C 1167 6.19 -26.41 22.90
N LEU C 1168 6.28 -27.73 22.99
CA LEU C 1168 7.54 -28.43 23.11
C LEU C 1168 7.73 -29.38 21.93
N GLU C 1169 8.95 -29.42 21.40
CA GLU C 1169 9.26 -30.32 20.30
C GLU C 1169 9.69 -31.68 20.83
N GLY C 1170 10.05 -32.58 19.93
CA GLY C 1170 10.43 -33.91 20.33
C GLY C 1170 11.82 -33.97 20.93
N ASP C 1171 12.00 -34.90 21.86
CA ASP C 1171 13.31 -35.22 22.45
C ASP C 1171 13.92 -34.00 23.14
N ASP C 1172 13.24 -33.50 24.16
CA ASP C 1172 13.73 -32.41 24.97
C ASP C 1172 13.64 -32.78 26.45
N LEU C 1173 14.49 -32.14 27.26
CA LEU C 1173 14.56 -32.47 28.68
C LEU C 1173 13.34 -31.95 29.42
N ILE C 1174 12.30 -32.78 29.48
CA ILE C 1174 11.06 -32.38 30.15
C ILE C 1174 11.27 -32.28 31.66
N LEU C 1175 12.03 -33.21 32.25
CA LEU C 1175 12.39 -33.12 33.66
C LEU C 1175 13.60 -34.02 33.90
N GLU C 1176 14.18 -33.90 35.09
CA GLU C 1176 15.41 -34.60 35.43
C GLU C 1176 15.18 -35.49 36.64
N ILE C 1177 15.68 -36.72 36.56
CA ILE C 1177 15.53 -37.72 37.61
C ILE C 1177 16.91 -38.07 38.17
N GLU C 1178 16.97 -38.23 39.48
CA GLU C 1178 18.19 -38.63 40.17
C GLU C 1178 18.78 -39.90 39.57
N ASN D 495 40.70 -30.94 -24.22
CA ASN D 495 39.98 -29.63 -24.23
C ASN D 495 38.47 -29.89 -24.29
N ARG D 496 38.08 -31.15 -24.50
CA ARG D 496 36.63 -31.48 -24.61
C ARG D 496 35.93 -31.15 -23.29
N ALA D 497 36.57 -31.48 -22.16
CA ALA D 497 35.98 -31.20 -20.83
C ALA D 497 35.81 -29.69 -20.65
N GLN D 498 36.81 -28.91 -21.06
CA GLN D 498 36.74 -27.43 -20.93
C GLN D 498 35.59 -26.91 -21.80
N LYS D 499 35.42 -27.48 -23.01
CA LYS D 499 34.33 -27.06 -23.91
C LYS D 499 32.99 -27.37 -23.26
N LEU D 500 32.87 -28.54 -22.62
CA LEU D 500 31.61 -28.91 -21.92
C LEU D 500 31.37 -27.95 -20.75
N LEU D 501 32.41 -27.53 -20.04
CA LEU D 501 32.26 -26.56 -18.93
C LEU D 501 31.75 -25.23 -19.49
N HIS D 502 32.28 -24.83 -20.65
CA HIS D 502 31.80 -23.58 -21.29
C HIS D 502 30.32 -23.77 -21.60
N TYR D 503 29.96 -24.94 -22.12
CA TYR D 503 28.54 -25.20 -22.50
C TYR D 503 27.68 -25.08 -21.24
N LEU D 504 28.13 -25.66 -20.12
CA LEU D 504 27.33 -25.66 -18.86
C LEU D 504 27.15 -24.24 -18.35
N GLY D 505 28.20 -23.42 -18.35
CA GLY D 505 28.00 -22.03 -17.89
C GLY D 505 27.05 -21.29 -18.80
N HIS D 506 27.19 -21.53 -20.10
CA HIS D 506 26.33 -20.82 -21.07
C HIS D 506 24.90 -21.22 -20.74
N VAL D 507 24.67 -22.51 -20.50
CA VAL D 507 23.28 -22.98 -20.25
C VAL D 507 22.79 -22.31 -18.96
N MET D 508 23.57 -22.32 -17.89
CA MET D 508 22.95 -21.72 -16.70
C MET D 508 22.54 -20.28 -17.03
N VAL D 509 23.47 -19.48 -17.57
CA VAL D 509 23.11 -18.04 -17.74
C VAL D 509 21.94 -17.84 -18.71
N ASN D 510 21.93 -18.52 -19.86
CA ASN D 510 20.87 -18.33 -20.89
C ASN D 510 19.51 -18.82 -20.38
N GLY D 511 19.48 -19.96 -19.69
CA GLY D 511 18.17 -20.51 -19.31
C GLY D 511 17.83 -21.71 -20.19
N PRO D 512 17.19 -22.81 -19.71
CA PRO D 512 17.12 -24.07 -20.46
C PRO D 512 16.82 -23.83 -21.93
N THR D 513 17.45 -24.65 -22.78
CA THR D 513 17.24 -24.50 -24.23
C THR D 513 15.89 -25.07 -24.66
N THR D 514 15.53 -26.25 -24.16
CA THR D 514 14.31 -26.90 -24.60
C THR D 514 13.09 -26.16 -24.07
N PRO D 515 11.99 -26.14 -24.81
CA PRO D 515 10.77 -25.50 -24.30
C PRO D 515 10.22 -26.24 -23.08
N ILE D 516 9.59 -25.48 -22.20
CA ILE D 516 9.00 -26.04 -20.98
C ILE D 516 7.52 -25.70 -20.94
N PRO D 517 6.63 -26.70 -21.03
CA PRO D 517 5.19 -26.37 -21.07
C PRO D 517 4.68 -25.74 -19.79
N VAL D 518 4.93 -26.37 -18.64
CA VAL D 518 4.39 -25.89 -17.37
C VAL D 518 5.54 -25.55 -16.45
N LYS D 519 5.36 -24.47 -15.69
CA LYS D 519 6.39 -23.97 -14.80
C LYS D 519 6.50 -24.88 -13.59
N ALA D 520 7.60 -25.62 -13.49
CA ALA D 520 7.85 -26.50 -12.37
C ALA D 520 9.33 -26.81 -12.31
N SER D 521 9.75 -27.45 -11.23
CA SER D 521 11.15 -27.78 -11.05
C SER D 521 11.30 -29.27 -10.72
N PRO D 522 12.38 -29.90 -11.14
CA PRO D 522 12.59 -31.31 -10.80
C PRO D 522 12.77 -31.51 -9.31
N SER D 523 12.30 -32.66 -8.83
CA SER D 523 12.44 -32.96 -7.42
C SER D 523 13.91 -33.17 -7.06
N PRO D 524 14.36 -32.63 -5.94
CA PRO D 524 15.77 -32.80 -5.56
C PRO D 524 16.17 -34.24 -5.31
N THR D 525 15.23 -35.09 -4.91
CA THR D 525 15.57 -36.45 -4.52
C THR D 525 16.08 -37.26 -5.71
N ASP D 526 17.08 -38.10 -5.44
CA ASP D 526 17.67 -39.00 -6.42
C ASP D 526 16.94 -40.35 -6.40
N PRO D 527 16.43 -40.80 -7.54
CA PRO D 527 15.80 -42.12 -7.58
C PRO D 527 16.76 -43.22 -7.17
N VAL D 528 16.22 -44.20 -6.44
CA VAL D 528 17.01 -45.28 -5.86
C VAL D 528 17.06 -46.44 -6.85
N VAL D 529 18.24 -47.05 -6.97
CA VAL D 529 18.48 -48.15 -7.90
C VAL D 529 18.57 -49.44 -7.10
N PRO D 530 17.76 -50.44 -7.41
CA PRO D 530 17.86 -51.71 -6.69
C PRO D 530 19.16 -52.44 -7.03
N ALA D 531 19.58 -53.30 -6.11
CA ALA D 531 20.78 -54.09 -6.31
C ALA D 531 20.54 -55.20 -7.33
N VAL D 532 21.63 -55.66 -7.95
CA VAL D 532 21.56 -56.69 -8.98
C VAL D 532 22.50 -57.83 -8.62
N PRO D 533 22.21 -59.06 -9.04
CA PRO D 533 23.13 -60.17 -8.77
C PRO D 533 24.42 -60.00 -9.56
N ILE D 534 25.50 -60.55 -8.99
CA ILE D 534 26.81 -60.44 -9.62
C ILE D 534 26.91 -61.33 -10.86
N GLY D 535 26.22 -62.47 -10.84
CA GLY D 535 26.34 -63.44 -11.90
C GLY D 535 25.77 -62.97 -13.22
N PRO D 536 26.14 -63.66 -14.31
CA PRO D 536 25.60 -63.31 -15.61
C PRO D 536 24.10 -63.60 -15.65
N PRO D 537 23.35 -62.85 -16.47
CA PRO D 537 21.91 -63.04 -16.50
C PRO D 537 21.55 -64.40 -17.04
N PRO D 538 20.43 -64.99 -16.61
CA PRO D 538 20.01 -66.28 -17.15
C PRO D 538 19.52 -66.17 -18.59
N ALA D 539 19.10 -67.29 -19.17
CA ALA D 539 18.74 -67.36 -20.58
C ALA D 539 17.25 -67.09 -20.75
N GLY D 540 16.92 -66.16 -21.64
CA GLY D 540 15.56 -65.83 -21.98
C GLY D 540 15.11 -66.47 -23.27
N PHE D 541 14.20 -65.79 -23.96
CA PHE D 541 13.69 -66.30 -25.25
C PHE D 541 14.62 -65.98 -26.41
N ARG D 542 15.58 -65.08 -26.22
CA ARG D 542 16.42 -64.67 -27.34
C ARG D 542 17.32 -65.81 -27.82
N ASP D 543 17.69 -66.73 -26.91
CA ASP D 543 18.51 -67.86 -27.31
C ASP D 543 17.79 -68.73 -28.34
N ILE D 544 16.47 -68.83 -28.25
CA ILE D 544 15.71 -69.61 -29.22
C ILE D 544 15.83 -69.00 -30.60
N LEU D 545 15.71 -67.68 -30.69
CA LEU D 545 15.91 -67.01 -31.98
C LEU D 545 17.34 -67.17 -32.47
N LEU D 546 18.31 -67.11 -31.57
CA LEU D 546 19.71 -67.31 -31.97
C LEU D 546 19.95 -68.72 -32.48
N ARG D 547 19.23 -69.70 -31.96
CA ARG D 547 19.40 -71.10 -32.34
C ARG D 547 18.43 -71.53 -33.44
N GLU D 548 17.13 -71.37 -33.21
CA GLU D 548 16.12 -71.75 -34.19
C GLU D 548 15.63 -70.52 -34.93
N GLY D 549 14.89 -70.75 -36.01
CA GLY D 549 14.34 -69.69 -36.79
C GLY D 549 13.14 -69.05 -36.13
N PRO D 550 12.58 -68.03 -36.77
CA PRO D 550 11.38 -67.39 -36.21
C PRO D 550 10.21 -68.34 -36.03
N GLU D 551 10.08 -69.34 -36.91
CA GLU D 551 8.98 -70.29 -36.79
C GLU D 551 9.08 -71.09 -35.49
N GLY D 552 10.29 -71.49 -35.11
CA GLY D 552 10.45 -72.20 -33.85
C GLY D 552 10.07 -71.34 -32.66
N PHE D 553 10.46 -70.07 -32.69
CA PHE D 553 10.09 -69.16 -31.60
C PHE D 553 8.58 -68.97 -31.52
N ALA D 554 7.92 -68.83 -32.68
CA ALA D 554 6.47 -68.69 -32.70
C ALA D 554 5.80 -69.96 -32.16
N ARG D 555 6.30 -71.13 -32.55
CA ARG D 555 5.74 -72.38 -32.04
C ARG D 555 5.93 -72.49 -30.53
N ALA D 556 7.10 -72.09 -30.03
CA ALA D 556 7.32 -72.11 -28.59
C ALA D 556 6.37 -71.18 -27.86
N VAL D 557 6.13 -69.99 -28.44
CA VAL D 557 5.18 -69.06 -27.83
C VAL D 557 3.78 -69.66 -27.81
N ARG D 558 3.37 -70.27 -28.92
CA ARG D 558 2.04 -70.86 -29.00
C ARG D 558 1.88 -72.01 -28.01
N ASN D 559 2.92 -72.83 -27.85
CA ASN D 559 2.83 -74.01 -27.02
C ASN D 559 2.99 -73.73 -25.53
N HIS D 560 3.35 -72.51 -25.17
CA HIS D 560 3.56 -72.19 -23.76
C HIS D 560 2.24 -72.25 -23.01
N PRO D 561 2.14 -73.01 -21.92
CA PRO D 561 0.92 -73.03 -21.11
C PRO D 561 0.87 -71.85 -20.17
N GLY D 562 -0.08 -70.96 -20.39
CA GLY D 562 -0.23 -69.79 -19.55
C GLY D 562 -0.37 -68.49 -20.31
N LEU D 563 0.04 -67.39 -19.69
CA LEU D 563 -0.09 -66.06 -20.27
C LEU D 563 1.26 -65.37 -20.29
N LEU D 564 1.49 -64.53 -21.29
CA LEU D 564 2.75 -63.84 -21.46
C LEU D 564 2.53 -62.33 -21.52
N LEU D 565 3.51 -61.60 -20.97
CA LEU D 565 3.44 -60.16 -20.85
C LEU D 565 4.54 -59.53 -21.68
N MET D 566 4.25 -58.34 -22.23
CA MET D 566 5.27 -57.50 -22.84
C MET D 566 5.27 -56.15 -22.14
N ASP D 567 6.40 -55.78 -21.57
CA ASP D 567 6.50 -54.50 -20.88
C ASP D 567 6.71 -53.38 -21.89
N THR D 568 5.87 -52.36 -21.81
CA THR D 568 5.93 -51.22 -22.72
C THR D 568 6.36 -49.94 -22.02
N THR D 569 6.97 -50.05 -20.84
CA THR D 569 7.38 -48.86 -20.10
C THR D 569 8.39 -48.03 -20.88
N PHE D 570 9.16 -48.67 -21.74
CA PHE D 570 10.27 -47.97 -22.39
C PHE D 570 9.80 -47.16 -23.59
N ARG D 571 8.68 -47.53 -24.21
CA ARG D 571 8.24 -46.82 -25.42
C ARG D 571 6.91 -46.11 -25.23
N ASP D 572 5.84 -46.80 -24.86
CA ASP D 572 4.52 -46.18 -24.88
C ASP D 572 4.20 -45.45 -23.60
N ALA D 573 4.81 -45.83 -22.48
CA ALA D 573 4.55 -45.12 -21.23
C ALA D 573 4.99 -43.67 -21.31
N HIS D 574 6.17 -43.42 -21.89
CA HIS D 574 6.62 -42.03 -22.06
C HIS D 574 5.69 -41.27 -22.98
N GLN D 575 5.31 -41.87 -24.10
CA GLN D 575 4.49 -41.17 -25.08
C GLN D 575 3.11 -40.86 -24.53
N SER D 576 2.55 -41.75 -23.73
CA SER D 576 1.19 -41.54 -23.23
C SER D 576 1.16 -40.55 -22.07
N LEU D 577 1.91 -40.82 -21.01
CA LEU D 577 1.86 -40.00 -19.81
C LEU D 577 2.61 -38.68 -20.01
N LEU D 578 3.91 -38.77 -20.27
CA LEU D 578 4.71 -37.58 -20.52
C LEU D 578 4.64 -37.22 -22.00
N ALA D 579 5.50 -36.31 -22.44
CA ALA D 579 5.66 -36.00 -23.85
C ALA D 579 6.89 -36.69 -24.43
N THR D 580 7.14 -37.91 -23.95
CA THR D 580 8.29 -38.75 -24.30
C THR D 580 9.58 -37.94 -24.44
N ARG D 581 9.94 -37.26 -23.35
CA ARG D 581 11.25 -36.64 -23.22
C ARG D 581 12.23 -37.46 -22.40
N VAL D 582 11.89 -38.72 -22.08
CA VAL D 582 12.75 -39.51 -21.21
C VAL D 582 14.05 -39.82 -21.93
N ARG D 583 15.17 -39.58 -21.25
CA ARG D 583 16.49 -39.69 -21.85
C ARG D 583 17.11 -41.05 -21.57
N THR D 584 18.15 -41.37 -22.33
CA THR D 584 18.81 -42.67 -22.23
C THR D 584 19.52 -42.87 -20.90
N HIS D 585 19.95 -41.79 -20.26
CA HIS D 585 20.70 -41.90 -19.01
C HIS D 585 19.90 -42.63 -17.95
N ASP D 586 18.61 -42.32 -17.84
CA ASP D 586 17.76 -43.01 -16.88
C ASP D 586 17.51 -44.47 -17.24
N LEU D 587 17.40 -44.77 -18.54
CA LEU D 587 17.18 -46.15 -18.95
C LEU D 587 18.38 -47.03 -18.61
N LYS D 588 19.59 -46.52 -18.84
CA LYS D 588 20.79 -47.29 -18.55
C LYS D 588 20.95 -47.59 -17.07
N LYS D 589 20.37 -46.76 -16.20
CA LYS D 589 20.48 -47.02 -14.77
C LYS D 589 19.75 -48.30 -14.38
N ILE D 590 18.61 -48.57 -15.00
CA ILE D 590 17.76 -49.69 -14.59
C ILE D 590 17.87 -50.89 -15.53
N ALA D 591 18.54 -50.76 -16.66
CA ALA D 591 18.63 -51.90 -17.59
C ALA D 591 19.14 -53.18 -16.94
N PRO D 592 20.25 -53.19 -16.17
CA PRO D 592 20.75 -54.46 -15.63
C PRO D 592 19.76 -55.19 -14.73
N TYR D 593 19.00 -54.46 -13.92
CA TYR D 593 18.03 -55.10 -13.05
C TYR D 593 16.96 -55.83 -13.86
N VAL D 594 16.46 -55.18 -14.92
CA VAL D 594 15.50 -55.83 -15.80
C VAL D 594 16.12 -57.05 -16.46
N ALA D 595 17.38 -56.93 -16.90
CA ALA D 595 18.03 -58.06 -17.55
C ALA D 595 18.12 -59.26 -16.62
N HIS D 596 18.49 -59.02 -15.36
CA HIS D 596 18.66 -60.14 -14.44
C HIS D 596 17.34 -60.71 -13.93
N ASN D 597 16.31 -59.87 -13.75
CA ASN D 597 15.10 -60.32 -13.08
C ASN D 597 14.00 -60.76 -14.05
N PHE D 598 13.57 -59.88 -14.94
CA PHE D 598 12.46 -60.19 -15.85
C PHE D 598 13.01 -60.94 -17.08
N SER D 599 13.40 -62.18 -16.84
CA SER D 599 13.88 -63.04 -17.91
C SER D 599 12.75 -63.83 -18.57
N LYS D 600 11.60 -63.95 -17.92
CA LYS D 600 10.46 -64.67 -18.48
C LYS D 600 9.59 -63.77 -19.34
N LEU D 601 9.92 -62.49 -19.46
CA LEU D 601 9.13 -61.57 -20.25
C LEU D 601 9.17 -61.98 -21.72
N PHE D 602 8.03 -61.81 -22.40
CA PHE D 602 7.96 -62.23 -23.80
C PHE D 602 8.88 -61.40 -24.67
N SER D 603 8.84 -60.08 -24.53
CA SER D 603 9.69 -59.21 -25.32
C SER D 603 9.73 -57.84 -24.66
N MET D 604 10.63 -57.00 -25.16
CA MET D 604 10.82 -55.65 -24.67
C MET D 604 10.62 -54.68 -25.82
N GLU D 605 9.81 -53.65 -25.60
CA GLU D 605 9.58 -52.62 -26.62
C GLU D 605 10.41 -51.39 -26.28
N ASN D 606 11.24 -50.96 -27.22
CA ASN D 606 12.11 -49.80 -27.03
C ASN D 606 11.84 -48.71 -28.06
N TRP D 607 11.61 -49.08 -29.31
CA TRP D 607 11.48 -48.13 -30.40
C TRP D 607 10.03 -47.87 -30.80
N GLY D 608 9.81 -46.66 -31.30
CA GLY D 608 8.58 -46.22 -31.91
C GLY D 608 8.94 -44.96 -32.67
N GLY D 609 8.13 -44.55 -33.65
CA GLY D 609 8.50 -43.39 -34.45
C GLY D 609 8.67 -42.15 -33.60
N ALA D 610 7.77 -41.97 -32.62
CA ALA D 610 7.75 -40.75 -31.82
C ALA D 610 9.06 -40.54 -31.07
N THR D 611 9.59 -41.61 -30.48
CA THR D 611 10.82 -41.49 -29.70
C THR D 611 11.97 -41.02 -30.58
N PHE D 612 12.09 -41.60 -31.76
CA PHE D 612 13.14 -41.25 -32.70
C PHE D 612 13.02 -39.79 -33.10
N ASP D 613 11.80 -39.36 -33.45
CA ASP D 613 11.59 -37.99 -33.89
C ASP D 613 11.92 -37.00 -32.77
N VAL D 614 11.49 -37.29 -31.55
CA VAL D 614 11.70 -36.35 -30.45
C VAL D 614 13.18 -36.32 -30.06
N ALA D 615 13.86 -37.47 -30.14
CA ALA D 615 15.29 -37.49 -29.88
C ALA D 615 16.03 -36.62 -30.89
N MET D 616 15.56 -36.62 -32.13
CA MET D 616 16.07 -35.65 -33.09
C MET D 616 15.77 -34.20 -32.71
N ARG D 617 14.51 -33.89 -32.43
CA ARG D 617 14.11 -32.48 -32.37
C ARG D 617 14.47 -31.84 -31.03
N PHE D 618 13.89 -32.33 -29.94
CA PHE D 618 14.03 -31.65 -28.66
C PHE D 618 15.24 -32.14 -27.87
N LEU D 619 15.39 -33.45 -27.72
CA LEU D 619 16.61 -33.98 -27.14
C LEU D 619 17.73 -33.95 -28.18
N TYR D 620 18.93 -34.34 -27.75
CA TYR D 620 20.12 -34.24 -28.59
C TYR D 620 20.94 -35.53 -28.50
N GLU D 621 20.28 -36.66 -28.67
CA GLU D 621 20.94 -37.96 -28.60
C GLU D 621 20.84 -38.67 -29.94
N CYS D 622 21.80 -39.57 -30.18
CA CYS D 622 21.77 -40.39 -31.39
C CYS D 622 21.00 -41.66 -31.12
N PRO D 623 19.84 -41.85 -31.73
CA PRO D 623 18.98 -42.97 -31.35
C PRO D 623 19.66 -44.31 -31.51
N TRP D 624 20.46 -44.46 -32.57
CA TRP D 624 21.18 -45.71 -32.79
C TRP D 624 22.14 -45.99 -31.64
N ARG D 625 22.77 -44.94 -31.11
CA ARG D 625 23.62 -45.10 -29.94
C ARG D 625 22.81 -45.71 -28.80
N ARG D 626 21.68 -45.08 -28.48
CA ARG D 626 20.79 -45.56 -27.43
C ARG D 626 20.47 -47.03 -27.60
N LEU D 627 20.18 -47.45 -28.85
CA LEU D 627 19.96 -48.87 -29.10
C LEU D 627 21.21 -49.68 -28.82
N GLN D 628 22.39 -49.13 -29.15
CA GLN D 628 23.62 -49.90 -29.05
C GLN D 628 23.99 -50.20 -27.60
N GLU D 629 23.94 -49.20 -26.72
CA GLU D 629 24.17 -49.53 -25.30
C GLU D 629 23.11 -50.48 -24.75
N LEU D 630 21.84 -50.25 -25.09
CA LEU D 630 20.80 -51.10 -24.54
C LEU D 630 20.96 -52.56 -24.97
N ARG D 631 21.30 -52.79 -26.24
CA ARG D 631 21.50 -54.16 -26.70
C ARG D 631 22.63 -54.84 -25.93
N GLU D 632 23.70 -54.12 -25.65
CA GLU D 632 24.78 -54.67 -24.84
C GLU D 632 24.38 -54.93 -23.41
N LEU D 633 23.51 -54.10 -22.83
CA LEU D 633 23.06 -54.32 -21.47
C LEU D 633 21.94 -55.34 -21.36
N ILE D 634 21.27 -55.67 -22.46
CA ILE D 634 20.15 -56.61 -22.44
C ILE D 634 20.40 -57.70 -23.47
N PRO D 635 21.12 -58.78 -23.12
CA PRO D 635 21.46 -59.81 -24.10
C PRO D 635 20.50 -60.97 -24.20
N ASN D 636 19.46 -61.03 -23.35
CA ASN D 636 18.59 -62.21 -23.31
C ASN D 636 17.09 -61.93 -23.37
N ILE D 637 16.66 -60.69 -23.61
CA ILE D 637 15.28 -60.39 -23.93
C ILE D 637 15.23 -59.85 -25.35
N PRO D 638 14.37 -60.37 -26.22
CA PRO D 638 14.24 -59.81 -27.57
C PRO D 638 13.68 -58.40 -27.53
N PHE D 639 14.08 -57.60 -28.52
CA PHE D 639 13.65 -56.22 -28.64
C PHE D 639 12.60 -56.10 -29.74
N GLN D 640 11.67 -55.16 -29.57
CA GLN D 640 10.54 -55.02 -30.46
C GLN D 640 10.48 -53.61 -31.05
N MET D 641 10.19 -53.54 -32.35
CA MET D 641 10.09 -52.31 -33.10
C MET D 641 8.63 -52.01 -33.41
N LEU D 642 8.26 -50.74 -33.31
CA LEU D 642 6.99 -50.25 -33.83
C LEU D 642 7.24 -49.67 -35.20
N LEU D 643 6.41 -50.03 -36.17
CA LEU D 643 6.66 -49.62 -37.55
C LEU D 643 5.34 -49.42 -38.27
N ARG D 644 5.26 -48.32 -39.02
CA ARG D 644 4.08 -48.05 -39.83
C ARG D 644 4.28 -48.63 -41.22
N GLY D 645 3.23 -48.57 -42.04
CA GLY D 645 3.23 -49.25 -43.32
C GLY D 645 4.30 -48.80 -44.28
N ALA D 646 4.20 -47.56 -44.76
CA ALA D 646 5.20 -47.00 -45.67
C ALA D 646 6.15 -46.04 -44.98
N ASN D 647 5.63 -45.02 -44.31
CA ASN D 647 6.43 -44.12 -43.50
C ASN D 647 6.95 -44.88 -42.30
N ALA D 648 8.24 -45.24 -42.35
CA ALA D 648 8.82 -46.06 -41.29
C ALA D 648 8.74 -45.34 -39.94
N VAL D 649 9.21 -44.10 -39.88
CA VAL D 649 9.08 -43.29 -38.67
C VAL D 649 8.54 -41.90 -38.94
N GLY D 650 8.45 -41.47 -40.19
CA GLY D 650 7.95 -40.16 -40.52
C GLY D 650 6.44 -40.16 -40.71
N TYR D 651 5.97 -39.21 -41.49
CA TYR D 651 4.54 -39.03 -41.73
C TYR D 651 4.20 -39.04 -43.21
N THR D 652 5.16 -39.29 -44.08
CA THR D 652 4.95 -39.29 -45.53
C THR D 652 5.54 -40.57 -46.11
N ASN D 653 4.94 -41.01 -47.22
CA ASN D 653 5.41 -42.22 -47.87
C ASN D 653 6.82 -42.03 -48.42
N TYR D 654 7.59 -43.10 -48.43
CA TYR D 654 8.98 -43.09 -48.86
C TYR D 654 9.23 -44.15 -49.92
N PRO D 655 10.28 -44.00 -50.72
CA PRO D 655 10.63 -45.04 -51.68
C PRO D 655 11.00 -46.34 -50.98
N ASP D 656 10.83 -47.44 -51.70
CA ASP D 656 10.98 -48.76 -51.09
C ASP D 656 12.41 -49.01 -50.64
N ASN D 657 13.39 -48.54 -51.41
CA ASN D 657 14.79 -48.87 -51.14
C ASN D 657 15.23 -48.38 -49.77
N VAL D 658 14.86 -47.15 -49.41
CA VAL D 658 15.25 -46.63 -48.11
C VAL D 658 14.58 -47.40 -46.99
N VAL D 659 13.34 -47.85 -47.21
CA VAL D 659 12.65 -48.64 -46.20
C VAL D 659 13.37 -49.97 -45.99
N PHE D 660 13.74 -50.64 -47.08
CA PHE D 660 14.47 -51.89 -46.97
C PHE D 660 15.80 -51.70 -46.27
N LYS D 661 16.52 -50.62 -46.62
CA LYS D 661 17.80 -50.34 -46.00
C LYS D 661 17.63 -50.09 -44.51
N PHE D 662 16.59 -49.34 -44.12
CA PHE D 662 16.33 -49.08 -42.72
C PHE D 662 16.05 -50.38 -41.97
N CYS D 663 15.22 -51.25 -42.55
CA CYS D 663 14.93 -52.51 -41.90
C CYS D 663 16.18 -53.35 -41.73
N GLU D 664 17.02 -53.40 -42.77
CA GLU D 664 18.25 -54.19 -42.69
C GLU D 664 19.18 -53.64 -41.62
N VAL D 665 19.35 -52.32 -41.56
CA VAL D 665 20.24 -51.73 -40.57
C VAL D 665 19.71 -51.97 -39.17
N ALA D 666 18.40 -51.81 -38.96
CA ALA D 666 17.82 -52.05 -37.65
C ALA D 666 18.04 -53.49 -37.22
N LYS D 667 17.82 -54.44 -38.13
CA LYS D 667 18.07 -55.84 -37.80
C LYS D 667 19.54 -56.08 -37.47
N GLU D 668 20.44 -55.46 -38.24
CA GLU D 668 21.87 -55.65 -38.02
C GLU D 668 22.30 -55.15 -36.65
N ASN D 669 21.77 -53.99 -36.23
CA ASN D 669 22.19 -53.42 -34.95
C ASN D 669 21.82 -54.31 -33.78
N GLY D 670 20.82 -55.17 -33.94
CA GLY D 670 20.48 -56.11 -32.89
C GLY D 670 18.99 -56.29 -32.70
N MET D 671 18.19 -55.53 -33.42
CA MET D 671 16.75 -55.59 -33.26
C MET D 671 16.22 -56.91 -33.77
N ASP D 672 15.19 -57.45 -33.10
CA ASP D 672 14.71 -58.80 -33.35
C ASP D 672 13.29 -58.85 -33.91
N VAL D 673 12.32 -58.26 -33.24
CA VAL D 673 10.90 -58.40 -33.59
C VAL D 673 10.42 -57.10 -34.19
N PHE D 674 9.63 -57.20 -35.26
CA PHE D 674 9.06 -56.03 -35.93
C PHE D 674 7.54 -56.14 -35.90
N ARG D 675 6.88 -55.15 -35.29
CA ARG D 675 5.43 -54.99 -35.34
C ARG D 675 5.11 -53.93 -36.37
N VAL D 676 4.24 -54.25 -37.31
CA VAL D 676 3.96 -53.41 -38.47
C VAL D 676 2.47 -53.17 -38.57
N PHE D 677 2.09 -51.91 -38.77
CA PHE D 677 0.69 -51.53 -38.87
C PHE D 677 0.54 -50.35 -39.84
N ASP D 678 -0.70 -50.01 -40.14
CA ASP D 678 -1.02 -48.83 -40.93
C ASP D 678 -2.24 -48.13 -40.34
N SER D 679 -2.28 -46.81 -40.49
CA SER D 679 -3.38 -46.02 -39.93
C SER D 679 -4.71 -46.36 -40.60
N LEU D 680 -4.72 -46.49 -41.92
CA LEU D 680 -5.95 -46.69 -42.68
C LEU D 680 -6.19 -48.15 -43.04
N ASN D 681 -5.37 -49.07 -42.51
CA ASN D 681 -5.53 -50.50 -42.78
C ASN D 681 -5.41 -50.82 -44.27
N TYR D 682 -4.53 -50.13 -44.97
CA TYR D 682 -4.35 -50.35 -46.40
C TYR D 682 -3.53 -51.61 -46.63
N LEU D 683 -4.09 -52.55 -47.37
CA LEU D 683 -3.44 -53.86 -47.53
C LEU D 683 -2.07 -53.77 -48.18
N PRO D 684 -1.85 -53.03 -49.28
CA PRO D 684 -0.51 -52.98 -49.86
C PRO D 684 0.56 -52.48 -48.92
N ASN D 685 0.23 -51.54 -48.03
CA ASN D 685 1.22 -51.07 -47.06
C ASN D 685 1.62 -52.19 -46.11
N MET D 686 0.64 -52.93 -45.59
CA MET D 686 0.96 -54.13 -44.83
C MET D 686 1.87 -55.06 -45.61
N LEU D 687 1.54 -55.32 -46.88
CA LEU D 687 2.32 -56.27 -47.66
C LEU D 687 3.75 -55.80 -47.83
N LEU D 688 3.94 -54.52 -48.17
CA LEU D 688 5.29 -54.01 -48.36
C LEU D 688 6.09 -54.05 -47.07
N GLY D 689 5.47 -53.64 -45.95
CA GLY D 689 6.18 -53.68 -44.68
C GLY D 689 6.53 -55.09 -44.26
N MET D 690 5.59 -56.03 -44.40
CA MET D 690 5.84 -57.41 -44.01
C MET D 690 6.92 -58.02 -44.88
N GLU D 691 6.91 -57.71 -46.18
CA GLU D 691 7.93 -58.26 -47.07
C GLU D 691 9.30 -57.69 -46.72
N ALA D 692 9.37 -56.39 -46.41
CA ALA D 692 10.65 -55.80 -46.03
C ALA D 692 11.18 -56.41 -44.74
N ALA D 693 10.28 -56.59 -43.75
CA ALA D 693 10.70 -57.21 -42.50
C ALA D 693 11.18 -58.63 -42.71
N GLY D 694 10.49 -59.39 -43.56
CA GLY D 694 10.95 -60.73 -43.86
C GLY D 694 12.28 -60.75 -44.57
N SER D 695 12.48 -59.82 -45.51
CA SER D 695 13.76 -59.73 -46.21
C SER D 695 14.89 -59.42 -45.24
N ALA D 696 14.64 -58.51 -44.28
CA ALA D 696 15.64 -58.26 -43.25
C ALA D 696 15.89 -59.49 -42.41
N GLY D 697 14.83 -60.22 -42.08
CA GLY D 697 14.97 -61.45 -41.32
C GLY D 697 14.68 -61.28 -39.85
N GLY D 698 13.50 -61.70 -39.42
CA GLY D 698 13.13 -61.58 -38.01
C GLY D 698 11.66 -61.88 -37.82
N VAL D 699 11.26 -61.84 -36.56
CA VAL D 699 9.87 -62.10 -36.21
C VAL D 699 9.00 -60.97 -36.76
N VAL D 700 7.92 -61.34 -37.44
CA VAL D 700 7.02 -60.39 -38.08
C VAL D 700 5.66 -60.46 -37.40
N GLU D 701 5.19 -59.31 -36.93
CA GLU D 701 3.90 -59.17 -36.28
C GLU D 701 3.10 -58.14 -37.05
N ALA D 702 1.87 -58.49 -37.41
CA ALA D 702 1.00 -57.61 -38.19
C ALA D 702 -0.14 -57.15 -37.31
N ALA D 703 -0.34 -55.84 -37.22
CA ALA D 703 -1.31 -55.26 -36.31
C ALA D 703 -2.53 -54.75 -37.08
N ILE D 704 -3.71 -55.05 -36.55
CA ILE D 704 -4.97 -54.55 -37.07
C ILE D 704 -5.50 -53.51 -36.08
N SER D 705 -5.77 -52.31 -36.58
CA SER D 705 -6.33 -51.26 -35.73
C SER D 705 -7.80 -51.55 -35.48
N TYR D 706 -8.25 -51.29 -34.26
CA TYR D 706 -9.62 -51.58 -33.86
C TYR D 706 -10.36 -50.27 -33.54
N THR D 707 -11.61 -50.18 -33.99
CA THR D 707 -12.44 -49.03 -33.72
C THR D 707 -13.90 -49.46 -33.80
N GLY D 708 -14.74 -48.81 -32.99
CA GLY D 708 -16.14 -49.17 -32.92
C GLY D 708 -16.37 -50.33 -31.98
N ASP D 709 -17.61 -50.81 -31.98
CA ASP D 709 -18.03 -51.90 -31.10
C ASP D 709 -18.56 -53.04 -31.95
N VAL D 710 -17.87 -54.18 -31.92
CA VAL D 710 -18.32 -55.35 -32.66
C VAL D 710 -19.57 -55.95 -32.06
N ALA D 711 -19.87 -55.62 -30.79
CA ALA D 711 -21.05 -56.15 -30.13
C ALA D 711 -22.28 -55.28 -30.33
N ASP D 712 -22.17 -54.17 -31.07
CA ASP D 712 -23.30 -53.29 -31.29
C ASP D 712 -23.88 -53.55 -32.66
N PRO D 713 -25.09 -54.12 -32.76
CA PRO D 713 -25.68 -54.36 -34.10
C PRO D 713 -25.94 -53.08 -34.87
N SER D 714 -26.17 -51.96 -34.18
CA SER D 714 -26.50 -50.71 -34.88
C SER D 714 -25.34 -50.24 -35.75
N ARG D 715 -24.11 -50.34 -35.26
CA ARG D 715 -22.95 -49.87 -36.01
C ARG D 715 -22.56 -50.96 -37.00
N THR D 716 -22.82 -50.70 -38.29
CA THR D 716 -22.46 -51.62 -39.35
C THR D 716 -21.24 -51.14 -40.15
N LYS D 717 -20.69 -49.98 -39.80
CA LYS D 717 -19.53 -49.47 -40.52
C LYS D 717 -18.33 -50.40 -40.38
N TYR D 718 -18.12 -50.93 -39.17
CA TYR D 718 -17.02 -51.85 -38.88
C TYR D 718 -17.60 -53.02 -38.11
N SER D 719 -18.02 -54.05 -38.83
CA SER D 719 -18.64 -55.23 -38.23
C SER D 719 -17.60 -56.32 -38.05
N LEU D 720 -18.03 -57.45 -37.48
CA LEU D 720 -17.13 -58.57 -37.26
C LEU D 720 -16.61 -59.16 -38.56
N GLN D 721 -17.45 -59.16 -39.60
CA GLN D 721 -17.03 -59.75 -40.87
C GLN D 721 -15.85 -58.98 -41.47
N TYR D 722 -15.84 -57.66 -41.32
CA TYR D 722 -14.72 -56.86 -41.80
C TYR D 722 -13.40 -57.30 -41.19
N TYR D 723 -13.36 -57.40 -39.86
CA TYR D 723 -12.14 -57.82 -39.18
C TYR D 723 -11.78 -59.26 -39.53
N MET D 724 -12.78 -60.14 -39.63
CA MET D 724 -12.49 -61.53 -39.97
C MET D 724 -11.87 -61.64 -41.35
N GLY D 725 -12.42 -60.92 -42.33
CA GLY D 725 -11.84 -60.93 -43.65
C GLY D 725 -10.41 -60.40 -43.65
N LEU D 726 -10.21 -59.25 -43.00
CA LEU D 726 -8.87 -58.67 -42.95
C LEU D 726 -7.87 -59.65 -42.35
N ALA D 727 -8.25 -60.31 -41.25
CA ALA D 727 -7.39 -61.32 -40.67
C ALA D 727 -7.11 -62.43 -41.67
N GLU D 728 -8.11 -62.77 -42.50
CA GLU D 728 -7.88 -63.80 -43.51
C GLU D 728 -6.78 -63.39 -44.48
N GLU D 729 -6.85 -62.17 -45.03
CA GLU D 729 -5.79 -61.77 -45.95
C GLU D 729 -4.44 -61.68 -45.25
N LEU D 730 -4.42 -61.17 -44.02
CA LEU D 730 -3.14 -61.07 -43.31
C LEU D 730 -2.52 -62.44 -43.06
N VAL D 731 -3.35 -63.43 -42.67
CA VAL D 731 -2.83 -64.77 -42.45
C VAL D 731 -2.33 -65.36 -43.76
N ARG D 732 -3.08 -65.16 -44.85
CA ARG D 732 -2.63 -65.64 -46.14
C ARG D 732 -1.31 -64.99 -46.56
N ALA D 733 -1.07 -63.76 -46.11
CA ALA D 733 0.19 -63.09 -46.44
C ALA D 733 1.39 -63.82 -45.83
N GLY D 734 1.25 -64.34 -44.61
CA GLY D 734 2.33 -65.10 -44.01
C GLY D 734 2.90 -64.50 -42.73
N THR D 735 2.03 -63.92 -41.90
CA THR D 735 2.48 -63.29 -40.66
C THR D 735 2.94 -64.34 -39.65
N HIS D 736 4.01 -64.03 -38.93
CA HIS D 736 4.39 -64.88 -37.81
C HIS D 736 3.43 -64.70 -36.64
N ILE D 737 3.05 -63.45 -36.34
CA ILE D 737 2.16 -63.15 -35.22
C ILE D 737 1.13 -62.13 -35.67
N LEU D 738 -0.11 -62.31 -35.21
CA LEU D 738 -1.19 -61.36 -35.42
C LEU D 738 -1.43 -60.55 -34.15
N CYS D 739 -1.75 -59.28 -34.31
CA CYS D 739 -1.97 -58.37 -33.19
C CYS D 739 -3.21 -57.52 -33.43
N ILE D 740 -3.91 -57.19 -32.36
CA ILE D 740 -5.04 -56.26 -32.40
C ILE D 740 -4.67 -55.06 -31.54
N LYS D 741 -4.58 -53.90 -32.16
CA LYS D 741 -4.14 -52.69 -31.49
C LYS D 741 -5.35 -51.81 -31.17
N ASP D 742 -5.55 -51.51 -29.90
CA ASP D 742 -6.58 -50.58 -29.44
C ASP D 742 -5.90 -49.33 -28.90
N MET D 743 -6.17 -48.19 -29.53
CA MET D 743 -5.53 -46.94 -29.14
C MET D 743 -6.41 -46.10 -28.23
N ALA D 744 -7.73 -46.12 -28.45
CA ALA D 744 -8.63 -45.37 -27.59
C ALA D 744 -9.07 -46.17 -26.37
N GLY D 745 -8.82 -47.47 -26.35
CA GLY D 745 -9.25 -48.30 -25.24
C GLY D 745 -10.75 -48.48 -25.22
N LEU D 746 -11.30 -49.02 -26.30
CA LEU D 746 -12.73 -49.18 -26.45
C LEU D 746 -13.19 -50.63 -26.38
N LEU D 747 -12.36 -51.51 -25.83
CA LEU D 747 -12.68 -52.93 -25.80
C LEU D 747 -13.50 -53.25 -24.56
N LYS D 748 -14.78 -53.57 -24.77
CA LYS D 748 -15.61 -54.08 -23.69
C LYS D 748 -15.37 -55.59 -23.52
N PRO D 749 -15.60 -56.12 -22.31
CA PRO D 749 -15.36 -57.55 -22.10
C PRO D 749 -16.15 -58.45 -23.04
N THR D 750 -17.41 -58.12 -23.30
CA THR D 750 -18.21 -58.91 -24.24
C THR D 750 -17.64 -58.81 -25.65
N ALA D 751 -17.22 -57.60 -26.05
CA ALA D 751 -16.60 -57.44 -27.36
C ALA D 751 -15.33 -58.27 -27.46
N CYS D 752 -14.50 -58.25 -26.41
CA CYS D 752 -13.30 -59.06 -26.42
C CYS D 752 -13.62 -60.54 -26.55
N THR D 753 -14.53 -61.05 -25.73
CA THR D 753 -14.78 -62.48 -25.77
C THR D 753 -15.33 -62.90 -27.14
N MET D 754 -16.24 -62.10 -27.70
CA MET D 754 -16.78 -62.40 -29.02
C MET D 754 -15.68 -62.41 -30.08
N LEU D 755 -14.89 -61.33 -30.14
CA LEU D 755 -13.88 -61.23 -31.18
C LEU D 755 -12.82 -62.31 -31.05
N VAL D 756 -12.35 -62.57 -29.83
CA VAL D 756 -11.29 -63.54 -29.64
C VAL D 756 -11.78 -64.95 -29.93
N SER D 757 -13.03 -65.25 -29.55
CA SER D 757 -13.57 -66.56 -29.92
C SER D 757 -13.68 -66.71 -31.43
N SER D 758 -14.20 -65.68 -32.10
CA SER D 758 -14.35 -65.76 -33.55
C SER D 758 -13.02 -65.80 -34.27
N LEU D 759 -11.95 -65.31 -33.62
CA LEU D 759 -10.62 -65.35 -34.21
C LEU D 759 -9.87 -66.63 -33.87
N ARG D 760 -10.17 -67.27 -32.74
CA ARG D 760 -9.49 -68.48 -32.33
C ARG D 760 -10.16 -69.75 -32.84
N ASP D 761 -11.43 -69.67 -33.24
CA ASP D 761 -12.11 -70.86 -33.75
C ASP D 761 -11.43 -71.40 -35.00
N ARG D 762 -11.02 -70.52 -35.90
CA ARG D 762 -10.48 -70.93 -37.19
C ARG D 762 -8.97 -70.81 -37.29
N PHE D 763 -8.31 -70.31 -36.25
CA PHE D 763 -6.85 -70.19 -36.23
C PHE D 763 -6.31 -70.82 -34.95
N PRO D 764 -6.32 -72.15 -34.88
CA PRO D 764 -5.92 -72.81 -33.64
C PRO D 764 -4.42 -72.71 -33.34
N ASP D 765 -3.61 -72.56 -34.38
CA ASP D 765 -2.16 -72.58 -34.23
C ASP D 765 -1.53 -71.20 -34.25
N LEU D 766 -2.30 -70.15 -34.50
CA LEU D 766 -1.75 -68.81 -34.67
C LEU D 766 -1.80 -68.03 -33.37
N PRO D 767 -0.66 -67.60 -32.83
CA PRO D 767 -0.69 -66.83 -31.59
C PRO D 767 -1.29 -65.45 -31.80
N LEU D 768 -1.85 -64.89 -30.72
CA LEU D 768 -2.54 -63.61 -30.76
C LEU D 768 -1.91 -62.64 -29.77
N HIS D 769 -1.94 -61.36 -30.14
CA HIS D 769 -1.39 -60.28 -29.34
C HIS D 769 -2.41 -59.16 -29.21
N ILE D 770 -2.53 -58.60 -28.01
CA ILE D 770 -3.54 -57.59 -27.72
C ILE D 770 -2.89 -56.41 -27.02
N HIS D 771 -3.18 -55.21 -27.50
CA HIS D 771 -2.62 -53.97 -26.97
C HIS D 771 -3.73 -52.95 -26.84
N THR D 772 -3.90 -52.39 -25.64
CA THR D 772 -4.91 -51.37 -25.41
C THR D 772 -4.43 -50.40 -24.34
N HIS D 773 -5.11 -49.26 -24.26
CA HIS D 773 -4.80 -48.21 -23.30
C HIS D 773 -5.95 -48.08 -22.32
N ASP D 774 -5.63 -48.08 -21.03
CA ASP D 774 -6.63 -48.10 -19.96
C ASP D 774 -7.19 -46.71 -19.70
N THR D 775 -7.78 -46.13 -20.74
CA THR D 775 -8.31 -44.77 -20.63
C THR D 775 -9.73 -44.76 -20.08
N SER D 776 -10.62 -45.60 -20.61
CA SER D 776 -11.99 -45.63 -20.14
C SER D 776 -12.11 -46.18 -18.73
N GLY D 777 -11.09 -46.88 -18.24
CA GLY D 777 -11.12 -47.45 -16.90
C GLY D 777 -11.45 -48.91 -16.83
N ALA D 778 -11.65 -49.57 -17.97
CA ALA D 778 -12.00 -50.99 -18.01
C ALA D 778 -10.92 -51.84 -18.67
N GLY D 779 -9.67 -51.38 -18.61
CA GLY D 779 -8.59 -52.12 -19.25
C GLY D 779 -8.32 -53.46 -18.60
N VAL D 780 -8.33 -53.50 -17.26
CA VAL D 780 -8.02 -54.75 -16.56
C VAL D 780 -9.07 -55.80 -16.86
N ALA D 781 -10.35 -55.41 -16.83
CA ALA D 781 -11.41 -56.36 -17.16
C ALA D 781 -11.29 -56.82 -18.60
N ALA D 782 -10.94 -55.92 -19.51
CA ALA D 782 -10.75 -56.30 -20.90
C ALA D 782 -9.65 -57.34 -21.04
N MET D 783 -8.50 -57.11 -20.40
CA MET D 783 -7.42 -58.09 -20.46
C MET D 783 -7.82 -59.41 -19.85
N LEU D 784 -8.56 -59.38 -18.73
CA LEU D 784 -8.97 -60.63 -18.11
C LEU D 784 -9.89 -61.42 -19.02
N ALA D 785 -10.87 -60.76 -19.63
CA ALA D 785 -11.76 -61.45 -20.57
C ALA D 785 -11.00 -61.98 -21.76
N CYS D 786 -10.06 -61.19 -22.28
CA CYS D 786 -9.28 -61.59 -23.44
C CYS D 786 -8.43 -62.81 -23.13
N ALA D 787 -7.79 -62.83 -21.95
CA ALA D 787 -7.00 -63.99 -21.55
C ALA D 787 -7.87 -65.22 -21.37
N GLN D 788 -9.07 -65.03 -20.79
CA GLN D 788 -9.98 -66.16 -20.64
C GLN D 788 -10.38 -66.72 -22.01
N ALA D 789 -10.62 -65.84 -22.98
CA ALA D 789 -11.09 -66.28 -24.28
C ALA D 789 -10.03 -67.02 -25.08
N GLY D 790 -8.75 -66.87 -24.74
CA GLY D 790 -7.71 -67.65 -25.40
C GLY D 790 -6.55 -66.87 -25.97
N ALA D 791 -6.36 -65.62 -25.53
CA ALA D 791 -5.25 -64.83 -26.02
C ALA D 791 -3.92 -65.39 -25.49
N ASP D 792 -2.83 -64.87 -26.05
CA ASP D 792 -1.49 -65.36 -25.73
C ASP D 792 -0.63 -64.32 -25.03
N VAL D 793 -0.45 -63.15 -25.62
CA VAL D 793 0.44 -62.13 -25.11
C VAL D 793 -0.33 -60.83 -24.94
N VAL D 794 -0.08 -60.15 -23.83
CA VAL D 794 -0.75 -58.87 -23.55
C VAL D 794 0.30 -57.83 -23.19
N ASP D 795 -0.05 -56.56 -23.41
CA ASP D 795 0.85 -55.44 -23.14
C ASP D 795 0.59 -54.91 -21.73
N VAL D 796 1.67 -54.67 -20.99
CA VAL D 796 1.57 -54.30 -19.59
C VAL D 796 2.65 -53.26 -19.28
N ALA D 797 2.29 -52.27 -18.47
CA ALA D 797 3.23 -51.24 -18.02
C ALA D 797 3.42 -51.35 -16.51
N ALA D 798 4.43 -50.63 -16.02
CA ALA D 798 4.71 -50.60 -14.59
C ALA D 798 3.63 -49.82 -13.85
N ASP D 799 3.46 -50.15 -12.56
CA ASP D 799 2.35 -49.60 -11.79
C ASP D 799 2.42 -48.08 -11.69
N SER D 800 3.62 -47.54 -11.40
CA SER D 800 3.75 -46.10 -11.24
C SER D 800 3.67 -45.35 -12.56
N MET D 801 3.69 -46.06 -13.69
CA MET D 801 3.55 -45.44 -15.00
C MET D 801 2.34 -45.98 -15.75
N SER D 802 1.37 -46.54 -15.06
CA SER D 802 0.19 -47.14 -15.66
C SER D 802 -1.03 -46.28 -15.38
N GLY D 803 -2.19 -46.80 -15.80
CA GLY D 803 -3.43 -46.11 -15.58
C GLY D 803 -3.57 -44.89 -16.46
N MET D 804 -4.62 -44.10 -16.16
CA MET D 804 -4.89 -42.87 -16.87
C MET D 804 -5.01 -43.12 -18.37
N THR D 805 -4.02 -42.69 -19.15
CA THR D 805 -3.99 -42.95 -20.58
C THR D 805 -2.95 -43.99 -20.97
N SER D 806 -2.38 -44.70 -20.00
CA SER D 806 -1.31 -45.65 -20.25
C SER D 806 -1.86 -47.08 -20.23
N GLN D 807 -0.97 -48.05 -20.28
CA GLN D 807 -1.33 -49.46 -20.29
C GLN D 807 -1.79 -49.91 -18.91
N PRO D 808 -2.50 -51.03 -18.84
CA PRO D 808 -2.92 -51.56 -17.53
C PRO D 808 -1.72 -51.91 -16.66
N SER D 809 -1.93 -51.83 -15.35
CA SER D 809 -0.85 -52.01 -14.39
C SER D 809 -0.35 -53.46 -14.37
N MET D 810 0.93 -53.61 -13.98
CA MET D 810 1.50 -54.94 -13.86
C MET D 810 0.94 -55.68 -12.65
N GLY D 811 0.84 -55.00 -11.51
CA GLY D 811 0.42 -55.67 -10.29
C GLY D 811 -0.95 -56.31 -10.41
N ALA D 812 -1.89 -55.62 -11.05
CA ALA D 812 -3.23 -56.16 -11.20
C ALA D 812 -3.21 -57.46 -11.99
N LEU D 813 -2.55 -57.46 -13.15
CA LEU D 813 -2.52 -58.65 -13.98
C LEU D 813 -1.79 -59.79 -13.28
N VAL D 814 -0.70 -59.49 -12.59
CA VAL D 814 0.05 -60.54 -11.91
C VAL D 814 -0.77 -61.15 -10.77
N ALA D 815 -1.44 -60.30 -9.98
CA ALA D 815 -2.15 -60.79 -8.81
C ALA D 815 -3.44 -61.50 -9.20
N CYS D 816 -4.15 -61.00 -10.21
CA CYS D 816 -5.47 -61.54 -10.53
C CYS D 816 -5.41 -62.95 -11.12
N THR D 817 -4.22 -63.44 -11.47
CA THR D 817 -4.09 -64.76 -12.08
C THR D 817 -3.21 -65.69 -11.25
N ARG D 818 -3.06 -65.42 -9.95
CA ARG D 818 -2.19 -66.24 -9.12
C ARG D 818 -2.73 -67.65 -8.97
N GLY D 819 -3.99 -67.78 -8.60
CA GLY D 819 -4.60 -69.09 -8.45
C GLY D 819 -5.20 -69.60 -9.75
N THR D 820 -5.43 -68.68 -10.68
CA THR D 820 -5.97 -69.06 -11.97
C THR D 820 -4.94 -69.88 -12.73
N PRO D 821 -5.37 -70.87 -13.53
CA PRO D 821 -4.42 -71.65 -14.34
C PRO D 821 -3.61 -70.82 -15.31
N LEU D 822 -3.95 -69.53 -15.45
CA LEU D 822 -3.19 -68.67 -16.35
C LEU D 822 -1.74 -68.52 -15.88
N ASP D 823 -1.54 -68.30 -14.58
CA ASP D 823 -0.24 -68.48 -13.94
C ASP D 823 0.87 -67.68 -14.62
N THR D 824 0.75 -66.36 -14.50
CA THR D 824 1.78 -65.46 -15.03
C THR D 824 3.16 -65.83 -14.51
N GLU D 825 3.24 -66.24 -13.24
CA GLU D 825 4.47 -66.75 -12.63
C GLU D 825 5.57 -65.68 -12.63
N VAL D 826 5.29 -64.59 -11.93
CA VAL D 826 6.26 -63.51 -11.74
C VAL D 826 6.25 -63.10 -10.28
N PRO D 827 7.41 -63.06 -9.61
CA PRO D 827 7.43 -62.64 -8.20
C PRO D 827 6.96 -61.21 -8.03
N MET D 828 6.24 -60.97 -6.93
CA MET D 828 5.68 -59.64 -6.68
C MET D 828 6.76 -58.62 -6.34
N GLU D 829 7.80 -59.04 -5.61
CA GLU D 829 8.81 -58.10 -5.13
C GLU D 829 9.53 -57.43 -6.28
N ARG D 830 9.76 -58.15 -7.39
CA ARG D 830 10.43 -57.55 -8.53
C ARG D 830 9.59 -56.44 -9.14
N VAL D 831 8.29 -56.69 -9.28
CA VAL D 831 7.38 -55.65 -9.77
C VAL D 831 7.38 -54.46 -8.82
N PHE D 832 7.42 -54.74 -7.52
CA PHE D 832 7.45 -53.65 -6.53
C PHE D 832 8.69 -52.78 -6.71
N ASP D 833 9.86 -53.41 -6.85
CA ASP D 833 11.10 -52.66 -7.00
C ASP D 833 11.08 -51.84 -8.30
N TYR D 834 10.63 -52.46 -9.38
CA TYR D 834 10.49 -51.74 -10.65
C TYR D 834 9.61 -50.51 -10.48
N SER D 835 8.47 -50.68 -9.82
CA SER D 835 7.54 -49.58 -9.64
C SER D 835 8.14 -48.48 -8.78
N GLU D 836 8.85 -48.85 -7.70
CA GLU D 836 9.47 -47.82 -6.87
C GLU D 836 10.51 -47.03 -7.63
N TYR D 837 11.35 -47.70 -8.41
CA TYR D 837 12.35 -46.96 -9.17
C TYR D 837 11.69 -46.03 -10.17
N TRP D 838 10.64 -46.51 -10.85
CA TRP D 838 10.00 -45.65 -11.84
C TRP D 838 9.25 -44.49 -11.19
N GLU D 839 8.68 -44.72 -10.00
CA GLU D 839 8.08 -43.62 -9.25
C GLU D 839 9.11 -42.56 -8.89
N GLY D 840 10.29 -43.01 -8.45
CA GLY D 840 11.36 -42.05 -8.18
C GLY D 840 11.79 -41.29 -9.42
N ALA D 841 11.91 -41.99 -10.55
CA ALA D 841 12.38 -41.36 -11.78
C ALA D 841 11.37 -40.39 -12.36
N ARG D 842 10.08 -40.67 -12.22
CA ARG D 842 9.06 -39.80 -12.81
C ARG D 842 9.10 -38.41 -12.20
N GLY D 843 9.56 -38.28 -10.96
CA GLY D 843 9.56 -36.99 -10.30
C GLY D 843 10.47 -35.97 -10.97
N LEU D 844 11.47 -36.45 -11.72
CA LEU D 844 12.39 -35.56 -12.40
C LEU D 844 11.79 -34.89 -13.62
N TYR D 845 10.64 -35.37 -14.10
CA TYR D 845 10.05 -34.84 -15.32
C TYR D 845 8.75 -34.10 -15.00
N ALA D 846 8.71 -33.42 -13.86
CA ALA D 846 7.50 -32.73 -13.45
C ALA D 846 7.07 -31.64 -14.41
N ALA D 847 8.01 -31.10 -15.20
CA ALA D 847 7.66 -30.06 -16.14
C ALA D 847 6.85 -30.58 -17.32
N PHE D 848 6.74 -31.90 -17.47
CA PHE D 848 6.01 -32.49 -18.59
C PHE D 848 4.87 -33.39 -18.14
N ASP D 849 4.64 -33.52 -16.84
CA ASP D 849 3.67 -34.48 -16.33
C ASP D 849 2.26 -33.97 -16.62
N CYS D 850 1.51 -34.72 -17.41
CA CYS D 850 0.15 -34.32 -17.75
C CYS D 850 -0.85 -34.61 -16.64
N THR D 851 -0.46 -35.40 -15.63
CA THR D 851 -1.38 -35.73 -14.55
C THR D 851 -1.73 -34.49 -13.73
N ALA D 852 -0.94 -33.43 -13.88
CA ALA D 852 -1.21 -32.19 -13.18
C ALA D 852 -2.56 -31.61 -13.56
N THR D 853 -2.89 -31.64 -14.86
CA THR D 853 -4.12 -31.01 -15.33
C THR D 853 -5.23 -32.04 -15.52
N MET D 854 -4.92 -33.19 -16.12
CA MET D 854 -5.92 -34.22 -16.34
C MET D 854 -6.51 -34.73 -15.04
N LYS D 855 -5.64 -35.05 -14.09
CA LYS D 855 -6.02 -35.28 -12.69
C LYS D 855 -6.76 -36.59 -12.49
N SER D 856 -7.15 -37.25 -13.59
CA SER D 856 -7.87 -38.51 -13.55
C SER D 856 -8.16 -39.01 -14.95
N GLY D 857 -8.71 -40.21 -15.07
CA GLY D 857 -9.19 -40.73 -16.33
C GLY D 857 -10.70 -40.63 -16.42
N ASN D 858 -11.18 -40.28 -17.61
CA ASN D 858 -12.60 -40.05 -17.84
C ASN D 858 -13.15 -41.04 -18.85
N SER D 859 -14.47 -41.25 -18.80
CA SER D 859 -15.16 -42.13 -19.73
C SER D 859 -15.75 -41.37 -20.90
N ASP D 860 -15.14 -40.24 -21.27
CA ASP D 860 -15.63 -39.40 -22.35
C ASP D 860 -15.08 -39.82 -23.71
N VAL D 861 -14.26 -40.88 -23.75
CA VAL D 861 -13.64 -41.30 -25.01
C VAL D 861 -14.61 -42.03 -25.92
N TYR D 862 -15.77 -42.44 -25.43
CA TYR D 862 -16.75 -43.09 -26.29
C TYR D 862 -17.32 -42.14 -27.32
N GLU D 863 -17.13 -40.83 -27.14
CA GLU D 863 -17.54 -39.85 -28.13
C GLU D 863 -16.36 -39.18 -28.80
N ASN D 864 -15.19 -39.17 -28.17
CA ASN D 864 -14.02 -38.53 -28.74
C ASN D 864 -13.10 -39.50 -29.47
N GLU D 865 -12.88 -40.69 -28.88
CA GLU D 865 -12.00 -41.70 -29.45
C GLU D 865 -10.62 -41.13 -29.75
N ILE D 866 -10.14 -40.28 -28.85
CA ILE D 866 -8.79 -39.71 -29.01
C ILE D 866 -7.76 -40.75 -28.61
N PRO D 867 -6.76 -41.02 -29.44
CA PRO D 867 -5.74 -42.01 -29.07
C PRO D 867 -5.02 -41.61 -27.79
N GLY D 868 -4.71 -42.62 -26.97
CA GLY D 868 -4.05 -42.34 -25.70
C GLY D 868 -2.66 -41.76 -25.88
N GLY D 869 -1.87 -42.34 -26.79
CA GLY D 869 -0.52 -41.84 -27.01
C GLY D 869 -0.46 -40.51 -27.72
N GLN D 870 -1.59 -39.97 -28.14
CA GLN D 870 -1.65 -38.70 -28.85
C GLN D 870 -2.07 -37.54 -27.96
N TYR D 871 -2.65 -37.82 -26.80
CA TYR D 871 -3.35 -36.78 -26.03
C TYR D 871 -2.37 -35.74 -25.48
N THR D 872 -1.31 -36.18 -24.82
CA THR D 872 -0.37 -35.25 -24.22
C THR D 872 0.38 -34.45 -25.28
N ASN D 873 0.75 -35.11 -26.38
CA ASN D 873 1.39 -34.39 -27.48
C ASN D 873 0.46 -33.35 -28.07
N LEU D 874 -0.82 -33.68 -28.20
CA LEU D 874 -1.79 -32.70 -28.68
C LEU D 874 -1.89 -31.51 -27.73
N HIS D 875 -1.90 -31.79 -26.42
CA HIS D 875 -1.95 -30.69 -25.46
C HIS D 875 -0.73 -29.80 -25.56
N PHE D 876 0.46 -30.41 -25.71
CA PHE D 876 1.68 -29.63 -25.85
C PHE D 876 1.65 -28.78 -27.12
N GLN D 877 1.17 -29.37 -28.22
CA GLN D 877 1.08 -28.63 -29.48
C GLN D 877 0.13 -27.44 -29.35
N ALA D 878 -1.03 -27.66 -28.74
CA ALA D 878 -1.98 -26.58 -28.56
C ALA D 878 -1.42 -25.48 -27.67
N HIS D 879 -0.69 -25.86 -26.62
CA HIS D 879 -0.05 -24.86 -25.77
C HIS D 879 1.00 -24.07 -26.54
N SER D 880 1.75 -24.74 -27.41
CA SER D 880 2.75 -24.06 -28.23
C SER D 880 2.09 -23.06 -29.16
N MET D 881 0.96 -23.43 -29.77
CA MET D 881 0.23 -22.51 -30.62
C MET D 881 -0.48 -21.40 -29.85
N GLY D 882 -0.49 -21.47 -28.52
CA GLY D 882 -1.19 -20.49 -27.72
C GLY D 882 -2.65 -20.80 -27.48
N LEU D 883 -3.12 -21.99 -27.83
CA LEU D 883 -4.50 -22.39 -27.63
C LEU D 883 -4.70 -23.19 -26.35
N GLY D 884 -3.72 -23.16 -25.44
CA GLY D 884 -3.81 -23.97 -24.24
C GLY D 884 -5.00 -23.64 -23.35
N SER D 885 -5.40 -22.37 -23.32
CA SER D 885 -6.52 -21.97 -22.50
C SER D 885 -7.83 -22.59 -22.98
N LYS D 886 -7.96 -22.83 -24.28
CA LYS D 886 -9.19 -23.37 -24.86
C LYS D 886 -9.07 -24.86 -25.18
N PHE D 887 -8.21 -25.57 -24.43
CA PHE D 887 -8.01 -26.99 -24.69
C PHE D 887 -9.30 -27.78 -24.56
N LYS D 888 -10.11 -27.47 -23.55
CA LYS D 888 -11.41 -28.14 -23.41
C LYS D 888 -12.26 -27.94 -24.65
N GLU D 889 -12.19 -26.77 -25.28
CA GLU D 889 -12.92 -26.55 -26.52
C GLU D 889 -12.26 -27.23 -27.71
N VAL D 890 -10.94 -27.44 -27.65
CA VAL D 890 -10.25 -28.08 -28.77
C VAL D 890 -10.79 -29.49 -29.00
N LYS D 891 -10.94 -30.24 -27.92
CA LYS D 891 -11.48 -31.59 -28.04
C LYS D 891 -12.96 -31.61 -28.38
N LYS D 892 -13.65 -30.47 -28.28
CA LYS D 892 -15.06 -30.43 -28.65
C LYS D 892 -15.25 -30.54 -30.16
N ALA D 893 -14.37 -29.91 -30.93
CA ALA D 893 -14.46 -29.93 -32.39
C ALA D 893 -13.82 -31.17 -33.00
N TYR D 894 -13.21 -32.03 -32.19
CA TYR D 894 -12.57 -33.23 -32.72
C TYR D 894 -13.62 -34.15 -33.33
N VAL D 895 -14.79 -34.27 -32.68
CA VAL D 895 -15.86 -35.09 -33.21
C VAL D 895 -16.35 -34.55 -34.56
N GLU D 896 -16.52 -33.24 -34.66
CA GLU D 896 -16.95 -32.64 -35.92
C GLU D 896 -15.91 -32.86 -37.01
N ALA D 897 -14.63 -32.71 -36.67
CA ALA D 897 -13.58 -32.95 -37.65
C ALA D 897 -13.60 -34.37 -38.16
N ASN D 898 -13.80 -35.33 -37.24
CA ASN D 898 -13.93 -36.72 -37.67
C ASN D 898 -15.15 -36.92 -38.55
N GLN D 899 -16.27 -36.28 -38.20
CA GLN D 899 -17.50 -36.50 -38.95
C GLN D 899 -17.39 -35.96 -40.37
N MET D 900 -16.93 -34.72 -40.53
CA MET D 900 -16.91 -34.11 -41.86
C MET D 900 -15.85 -34.73 -42.77
N LEU D 901 -14.87 -35.44 -42.22
CA LEU D 901 -13.99 -36.24 -43.04
C LEU D 901 -14.47 -37.67 -43.20
N GLY D 902 -15.57 -38.04 -42.57
CA GLY D 902 -16.01 -39.42 -42.59
C GLY D 902 -15.38 -40.24 -41.48
N ASP D 903 -16.05 -41.33 -41.11
CA ASP D 903 -15.56 -42.18 -40.04
C ASP D 903 -14.22 -42.78 -40.43
N LEU D 904 -13.19 -42.45 -39.67
CA LEU D 904 -11.82 -42.88 -39.96
C LEU D 904 -11.24 -43.61 -38.77
N ILE D 905 -10.35 -44.55 -39.07
CA ILE D 905 -9.60 -45.26 -38.03
C ILE D 905 -8.50 -44.31 -37.56
N LYS D 906 -8.76 -43.61 -36.46
CA LYS D 906 -7.89 -42.53 -36.01
C LYS D 906 -6.64 -43.11 -35.38
N VAL D 907 -5.56 -43.15 -36.16
CA VAL D 907 -4.26 -43.64 -35.73
C VAL D 907 -3.27 -42.51 -35.98
N THR D 908 -2.01 -42.69 -35.57
CA THR D 908 -1.08 -41.57 -35.43
C THR D 908 -1.01 -40.62 -36.63
N PRO D 909 -0.89 -41.08 -37.89
CA PRO D 909 -0.93 -40.11 -38.99
C PRO D 909 -2.30 -39.49 -39.12
N SER D 910 -3.33 -40.35 -39.11
CA SER D 910 -4.70 -39.87 -39.20
C SER D 910 -5.05 -39.01 -37.99
N SER D 911 -4.61 -39.40 -36.80
CA SER D 911 -4.87 -38.60 -35.61
C SER D 911 -4.21 -37.24 -35.72
N LYS D 912 -2.98 -37.19 -36.25
CA LYS D 912 -2.31 -35.91 -36.43
C LYS D 912 -3.09 -35.03 -37.41
N ILE D 913 -3.57 -35.61 -38.51
CA ILE D 913 -4.35 -34.85 -39.48
C ILE D 913 -5.60 -34.28 -38.82
N VAL D 914 -6.34 -35.13 -38.10
CA VAL D 914 -7.60 -34.69 -37.51
C VAL D 914 -7.36 -33.64 -36.44
N GLY D 915 -6.29 -33.81 -35.65
CA GLY D 915 -5.97 -32.81 -34.64
C GLY D 915 -5.60 -31.47 -35.24
N ASP D 916 -4.82 -31.48 -36.34
CA ASP D 916 -4.50 -30.25 -37.02
C ASP D 916 -5.76 -29.57 -37.55
N LEU D 917 -6.66 -30.35 -38.14
CA LEU D 917 -7.91 -29.78 -38.63
C LEU D 917 -8.73 -29.19 -37.50
N ALA D 918 -8.83 -29.89 -36.38
CA ALA D 918 -9.60 -29.39 -35.25
C ALA D 918 -9.00 -28.10 -34.72
N GLN D 919 -7.67 -28.03 -34.65
CA GLN D 919 -7.01 -26.79 -34.27
C GLN D 919 -7.34 -25.68 -35.27
N PHE D 920 -7.43 -26.03 -36.54
CA PHE D 920 -7.80 -25.04 -37.55
C PHE D 920 -9.18 -24.46 -37.28
N MET D 921 -10.17 -25.33 -37.06
CA MET D 921 -11.50 -24.80 -36.77
C MET D 921 -11.53 -23.97 -35.49
N VAL D 922 -10.86 -24.45 -34.43
CA VAL D 922 -10.97 -23.75 -33.16
C VAL D 922 -10.28 -22.39 -33.25
N GLN D 923 -9.16 -22.30 -33.98
CA GLN D 923 -8.52 -21.01 -34.17
C GLN D 923 -9.39 -20.09 -35.01
N ASN D 924 -10.00 -20.61 -36.07
CA ASN D 924 -10.84 -19.77 -36.93
C ASN D 924 -12.27 -19.68 -36.45
N GLY D 925 -12.67 -20.47 -35.45
CA GLY D 925 -13.97 -20.33 -34.83
C GLY D 925 -15.15 -20.55 -35.76
N LEU D 926 -15.13 -21.62 -36.54
CA LEU D 926 -16.22 -21.94 -37.44
C LEU D 926 -16.66 -23.38 -37.21
N SER D 927 -17.95 -23.63 -37.44
CA SER D 927 -18.52 -24.96 -37.29
C SER D 927 -18.25 -25.79 -38.56
N ARG D 928 -18.65 -27.07 -38.50
CA ARG D 928 -18.42 -27.95 -39.63
C ARG D 928 -19.27 -27.57 -40.84
N ALA D 929 -20.51 -27.11 -40.60
CA ALA D 929 -21.37 -26.71 -41.71
C ALA D 929 -20.76 -25.53 -42.46
N GLU D 930 -20.23 -24.55 -41.72
CA GLU D 930 -19.58 -23.41 -42.36
C GLU D 930 -18.36 -23.84 -43.16
N ALA D 931 -17.55 -24.74 -42.60
CA ALA D 931 -16.36 -25.21 -43.32
C ALA D 931 -16.74 -25.93 -44.60
N GLU D 932 -17.80 -26.75 -44.55
CA GLU D 932 -18.25 -27.43 -45.76
C GLU D 932 -18.83 -26.44 -46.77
N ALA D 933 -19.48 -25.39 -46.30
CA ALA D 933 -20.10 -24.42 -47.20
C ALA D 933 -19.04 -23.66 -48.01
N GLN D 934 -17.95 -23.28 -47.36
CA GLN D 934 -16.95 -22.43 -48.02
C GLN D 934 -15.56 -23.07 -47.97
N ALA D 935 -15.48 -24.35 -48.31
CA ALA D 935 -14.21 -25.06 -48.23
C ALA D 935 -13.19 -24.47 -49.19
N GLU D 936 -13.60 -24.15 -50.42
CA GLU D 936 -12.66 -23.64 -51.41
C GLU D 936 -12.09 -22.28 -51.00
N GLU D 937 -12.93 -21.42 -50.43
CA GLU D 937 -12.48 -20.08 -50.06
C GLU D 937 -11.42 -20.14 -48.97
N LEU D 938 -11.56 -21.04 -48.02
CA LEU D 938 -10.61 -21.13 -46.91
C LEU D 938 -9.29 -21.75 -47.37
N SER D 939 -8.23 -21.45 -46.63
CA SER D 939 -6.89 -21.95 -46.91
C SER D 939 -6.53 -22.98 -45.84
N PHE D 940 -6.71 -24.26 -46.16
CA PHE D 940 -6.46 -25.33 -45.21
C PHE D 940 -4.96 -25.60 -45.08
N PRO D 941 -4.54 -26.15 -43.94
CA PRO D 941 -3.13 -26.49 -43.75
C PRO D 941 -2.67 -27.56 -44.73
N ARG D 942 -1.35 -27.58 -44.97
CA ARG D 942 -0.78 -28.50 -45.94
C ARG D 942 -1.04 -29.96 -45.60
N SER D 943 -1.16 -30.31 -44.32
CA SER D 943 -1.37 -31.69 -43.95
C SER D 943 -2.70 -32.22 -44.49
N VAL D 944 -3.76 -31.41 -44.38
CA VAL D 944 -5.08 -31.86 -44.82
C VAL D 944 -5.11 -32.09 -46.32
N VAL D 945 -4.57 -31.14 -47.09
CA VAL D 945 -4.57 -31.29 -48.54
C VAL D 945 -3.65 -32.42 -48.98
N GLU D 946 -2.55 -32.62 -48.25
CA GLU D 946 -1.66 -33.73 -48.54
C GLU D 946 -2.38 -35.06 -48.33
N PHE D 947 -3.14 -35.17 -47.25
CA PHE D 947 -3.93 -36.38 -47.03
C PHE D 947 -4.97 -36.55 -48.13
N LEU D 948 -5.67 -35.47 -48.49
CA LEU D 948 -6.70 -35.56 -49.52
C LEU D 948 -6.12 -35.95 -50.87
N GLN D 949 -4.86 -35.60 -51.12
CA GLN D 949 -4.22 -36.01 -52.36
C GLN D 949 -4.11 -37.53 -52.45
N GLY D 950 -3.72 -38.17 -51.36
CA GLY D 950 -3.65 -39.62 -51.32
C GLY D 950 -2.26 -40.18 -51.07
N TYR D 951 -1.38 -39.36 -50.49
CA TYR D 951 -0.04 -39.87 -50.16
C TYR D 951 -0.10 -40.96 -49.09
N ILE D 952 -0.96 -40.81 -48.09
CA ILE D 952 -1.06 -41.82 -47.04
C ILE D 952 -1.71 -43.09 -47.60
N GLY D 953 -2.77 -42.94 -48.36
CA GLY D 953 -3.47 -44.08 -48.92
C GLY D 953 -4.92 -43.75 -49.17
N VAL D 954 -5.70 -44.79 -49.41
CA VAL D 954 -7.14 -44.66 -49.67
C VAL D 954 -7.89 -45.21 -48.47
N PRO D 955 -8.86 -44.48 -47.93
CA PRO D 955 -9.66 -45.02 -46.83
C PRO D 955 -10.61 -46.11 -47.31
N HIS D 956 -11.05 -46.94 -46.37
CA HIS D 956 -11.99 -48.01 -46.70
C HIS D 956 -13.30 -47.44 -47.23
N GLY D 957 -13.84 -46.41 -46.57
CA GLY D 957 -15.06 -45.81 -47.05
C GLY D 957 -14.88 -45.05 -48.36
N GLY D 958 -13.74 -44.42 -48.52
CA GLY D 958 -13.48 -43.58 -49.67
C GLY D 958 -13.66 -42.11 -49.34
N PHE D 959 -13.00 -41.25 -50.11
CA PHE D 959 -13.05 -39.82 -49.84
C PHE D 959 -14.46 -39.29 -50.09
N PRO D 960 -14.89 -38.29 -49.32
CA PRO D 960 -16.16 -37.61 -49.62
C PRO D 960 -16.02 -36.77 -50.89
N GLU D 961 -16.85 -37.04 -51.88
CA GLU D 961 -16.69 -36.39 -53.17
C GLU D 961 -16.83 -34.86 -53.11
N PRO D 962 -17.81 -34.26 -52.42
CA PRO D 962 -17.94 -32.80 -52.52
C PRO D 962 -16.78 -32.05 -51.88
N PHE D 963 -16.40 -32.43 -50.66
CA PHE D 963 -15.29 -31.77 -49.99
C PHE D 963 -13.98 -31.96 -50.73
N ARG D 964 -13.72 -33.18 -51.20
CA ARG D 964 -12.50 -33.44 -51.94
C ARG D 964 -12.46 -32.64 -53.23
N SER D 965 -13.58 -32.60 -53.97
CA SER D 965 -13.63 -31.83 -55.20
C SER D 965 -13.41 -30.35 -54.94
N LYS D 966 -14.05 -29.81 -53.90
CA LYS D 966 -13.88 -28.40 -53.60
C LYS D 966 -12.46 -28.07 -53.19
N VAL D 967 -11.84 -28.91 -52.36
CA VAL D 967 -10.51 -28.58 -51.85
C VAL D 967 -9.44 -28.76 -52.92
N LEU D 968 -9.46 -29.90 -53.62
CA LEU D 968 -8.36 -30.21 -54.52
C LEU D 968 -8.45 -29.40 -55.81
N LYS D 969 -9.52 -29.61 -56.58
CA LYS D 969 -9.71 -28.98 -57.90
C LYS D 969 -8.50 -29.29 -58.76
N ASP D 970 -7.66 -28.32 -59.11
CA ASP D 970 -6.60 -28.52 -60.09
C ASP D 970 -5.43 -29.34 -59.56
N LEU D 971 -5.35 -29.59 -58.26
CA LEU D 971 -4.21 -30.32 -57.73
C LEU D 971 -4.21 -31.75 -58.23
N PRO D 972 -3.03 -32.33 -58.46
CA PRO D 972 -2.97 -33.72 -58.96
C PRO D 972 -3.55 -34.70 -57.95
N ARG D 973 -4.16 -35.75 -58.48
CA ARG D 973 -4.76 -36.82 -57.67
C ARG D 973 -3.95 -38.10 -57.90
N VAL D 974 -3.41 -38.65 -56.82
CA VAL D 974 -2.61 -39.87 -56.89
C VAL D 974 -3.51 -41.07 -56.64
N GLU D 975 -3.31 -42.13 -57.43
CA GLU D 975 -4.09 -43.35 -57.31
C GLU D 975 -3.17 -44.53 -57.11
N GLY D 976 -3.68 -45.55 -56.42
CA GLY D 976 -2.88 -46.72 -56.10
C GLY D 976 -1.92 -46.45 -54.97
N ARG D 977 -0.98 -47.37 -54.82
CA ARG D 977 0.03 -47.23 -53.78
C ARG D 977 1.02 -46.14 -54.16
N PRO D 978 1.16 -45.08 -53.36
CA PRO D 978 2.10 -44.00 -53.73
C PRO D 978 3.55 -44.45 -53.77
N GLY D 979 3.90 -45.52 -53.07
CA GLY D 979 5.29 -45.94 -53.03
C GLY D 979 5.83 -46.34 -54.39
N ALA D 980 5.01 -47.06 -55.18
CA ALA D 980 5.44 -47.45 -56.51
C ALA D 980 5.66 -46.24 -57.41
N SER D 981 4.77 -45.25 -57.33
CA SER D 981 4.90 -44.05 -58.16
C SER D 981 6.06 -43.18 -57.70
N LEU D 982 6.50 -43.34 -56.46
CA LEU D 982 7.58 -42.51 -55.95
C LEU D 982 8.90 -42.84 -56.65
N PRO D 983 9.61 -41.85 -57.20
CA PRO D 983 10.89 -42.13 -57.82
C PRO D 983 11.89 -42.62 -56.78
N PRO D 984 12.78 -43.53 -57.15
CA PRO D 984 13.79 -44.01 -56.19
C PRO D 984 14.74 -42.88 -55.80
N LEU D 985 15.22 -42.96 -54.58
CA LEU D 985 16.07 -41.93 -53.99
C LEU D 985 17.48 -42.49 -53.80
N ASP D 986 18.47 -41.78 -54.34
CA ASP D 986 19.85 -42.23 -54.22
C ASP D 986 20.38 -42.03 -52.81
N LEU D 987 21.06 -43.05 -52.30
CA LEU D 987 21.66 -43.01 -50.97
C LEU D 987 23.18 -42.91 -51.02
N GLN D 988 23.76 -42.73 -52.21
CA GLN D 988 25.20 -42.63 -52.36
C GLN D 988 25.69 -41.19 -52.45
N ALA D 989 25.07 -40.38 -53.30
CA ALA D 989 25.46 -38.98 -53.39
C ALA D 989 25.10 -38.21 -52.12
N LEU D 990 24.08 -38.66 -51.41
CA LEU D 990 23.71 -38.01 -50.16
C LEU D 990 24.82 -38.15 -49.12
N GLU D 991 25.49 -39.29 -49.09
CA GLU D 991 26.61 -39.46 -48.16
C GLU D 991 27.73 -38.48 -48.49
N LYS D 992 28.04 -38.31 -49.77
CA LYS D 992 29.06 -37.34 -50.16
C LYS D 992 28.64 -35.92 -49.79
N GLU D 993 27.38 -35.58 -50.02
CA GLU D 993 26.90 -34.27 -49.63
C GLU D 993 27.01 -34.05 -48.13
N LEU D 994 26.68 -35.09 -47.35
CA LEU D 994 26.79 -34.98 -45.89
C LEU D 994 28.24 -34.75 -45.47
N VAL D 995 29.16 -35.58 -45.97
CA VAL D 995 30.54 -35.48 -45.53
C VAL D 995 31.16 -34.16 -45.99
N ASP D 996 30.72 -33.64 -47.14
CA ASP D 996 31.20 -32.34 -47.59
C ASP D 996 30.64 -31.21 -46.71
N ARG D 997 29.36 -31.31 -46.35
CA ARG D 997 28.74 -30.26 -45.53
C ARG D 997 29.40 -30.17 -44.16
N HIS D 998 29.63 -31.31 -43.52
CA HIS D 998 30.27 -31.34 -42.21
C HIS D 998 30.71 -32.75 -41.91
N GLY D 999 31.67 -32.87 -40.99
CA GLY D 999 32.19 -34.16 -40.61
C GLY D 999 33.18 -34.72 -41.61
N GLU D 1000 34.06 -35.59 -41.11
CA GLU D 1000 35.09 -36.20 -41.93
C GLU D 1000 35.13 -37.71 -41.81
N GLU D 1001 34.08 -38.34 -41.29
CA GLU D 1001 34.04 -39.78 -41.10
C GLU D 1001 32.81 -40.35 -41.81
N VAL D 1002 32.95 -41.57 -42.31
CA VAL D 1002 31.88 -42.24 -43.04
C VAL D 1002 31.23 -43.28 -42.14
N THR D 1003 29.90 -43.20 -42.01
CA THR D 1003 29.11 -44.17 -41.28
C THR D 1003 27.73 -44.16 -41.93
N PRO D 1004 27.04 -45.29 -42.00
CA PRO D 1004 25.77 -45.33 -42.73
C PRO D 1004 24.57 -44.87 -41.90
N GLU D 1005 24.66 -45.01 -40.58
CA GLU D 1005 23.50 -44.75 -39.74
C GLU D 1005 23.09 -43.28 -39.78
N ASP D 1006 24.06 -42.37 -39.68
CA ASP D 1006 23.72 -40.95 -39.77
C ASP D 1006 23.24 -40.59 -41.15
N VAL D 1007 23.76 -41.26 -42.18
CA VAL D 1007 23.29 -41.03 -43.54
C VAL D 1007 21.82 -41.38 -43.64
N LEU D 1008 21.45 -42.54 -43.10
CA LEU D 1008 20.05 -42.96 -43.11
C LEU D 1008 19.18 -42.00 -42.33
N SER D 1009 19.65 -41.57 -41.15
CA SER D 1009 18.87 -40.64 -40.33
C SER D 1009 18.66 -39.32 -41.04
N ALA D 1010 19.70 -38.78 -41.67
CA ALA D 1010 19.56 -37.54 -42.42
C ALA D 1010 18.63 -37.70 -43.60
N ALA D 1011 18.71 -38.82 -44.31
CA ALA D 1011 17.73 -39.09 -45.37
C ALA D 1011 16.32 -39.09 -44.81
N MET D 1012 16.16 -39.55 -43.57
CA MET D 1012 14.85 -39.52 -42.93
C MET D 1012 14.48 -38.10 -42.50
N TYR D 1013 15.43 -37.36 -41.94
CA TYR D 1013 15.18 -36.05 -41.34
C TYR D 1013 16.36 -35.12 -41.65
N PRO D 1014 16.36 -34.48 -42.81
CA PRO D 1014 17.52 -33.68 -43.20
C PRO D 1014 17.78 -32.45 -42.33
N ASP D 1015 16.78 -31.56 -42.23
CA ASP D 1015 17.00 -30.30 -41.54
C ASP D 1015 17.20 -30.50 -40.05
N VAL D 1016 16.43 -31.40 -39.44
CA VAL D 1016 16.59 -31.67 -38.02
C VAL D 1016 17.94 -32.27 -37.75
N PHE D 1017 18.41 -33.15 -38.64
CA PHE D 1017 19.76 -33.70 -38.49
C PHE D 1017 20.81 -32.61 -38.57
N ALA D 1018 20.65 -31.67 -39.49
CA ALA D 1018 21.61 -30.58 -39.60
C ALA D 1018 21.64 -29.75 -38.33
N HIS D 1019 20.47 -29.40 -37.81
CA HIS D 1019 20.40 -28.61 -36.59
C HIS D 1019 21.03 -29.35 -35.43
N PHE D 1020 20.72 -30.65 -35.30
CA PHE D 1020 21.24 -31.44 -34.19
C PHE D 1020 22.76 -31.56 -34.27
N LYS D 1021 23.29 -31.78 -35.47
CA LYS D 1021 24.74 -31.86 -35.63
C LYS D 1021 25.41 -30.54 -35.30
N ASP D 1022 24.82 -29.42 -35.76
CA ASP D 1022 25.40 -28.12 -35.45
C ASP D 1022 25.41 -27.87 -33.95
N PHE D 1023 24.29 -28.17 -33.27
CA PHE D 1023 24.23 -27.96 -31.83
C PHE D 1023 25.23 -28.84 -31.09
N THR D 1024 25.34 -30.10 -31.50
CA THR D 1024 26.27 -31.00 -30.84
C THR D 1024 27.72 -30.54 -31.04
N ALA D 1025 28.05 -30.08 -32.24
CA ALA D 1025 29.40 -29.57 -32.48
C ALA D 1025 29.65 -28.32 -31.66
N THR D 1026 28.62 -27.48 -31.49
CA THR D 1026 28.81 -26.23 -30.76
C THR D 1026 29.01 -26.47 -29.27
N PHE D 1027 28.09 -27.18 -28.63
CA PHE D 1027 28.11 -27.34 -27.19
C PHE D 1027 28.66 -28.68 -26.73
N GLY D 1028 29.25 -29.45 -27.62
CA GLY D 1028 29.86 -30.71 -27.24
C GLY D 1028 28.83 -31.81 -27.04
N PRO D 1029 29.27 -32.95 -26.53
CA PRO D 1029 28.37 -34.08 -26.37
C PRO D 1029 27.40 -33.87 -25.21
N LEU D 1030 26.28 -34.57 -25.28
CA LEU D 1030 25.30 -34.57 -24.20
C LEU D 1030 25.03 -35.99 -23.76
N ASP D 1031 23.97 -36.20 -22.98
CA ASP D 1031 23.47 -37.49 -22.52
C ASP D 1031 24.36 -38.11 -21.46
N SER D 1032 25.55 -37.57 -21.23
CA SER D 1032 26.38 -37.98 -20.11
C SER D 1032 26.05 -37.22 -18.84
N LEU D 1033 25.15 -36.25 -18.92
CA LEU D 1033 24.73 -35.43 -17.79
C LEU D 1033 23.48 -36.01 -17.16
N ASN D 1034 23.20 -35.57 -15.94
CA ASN D 1034 21.95 -35.92 -15.30
C ASN D 1034 20.80 -35.15 -15.94
N THR D 1035 19.61 -35.75 -15.87
CA THR D 1035 18.42 -35.07 -16.39
C THR D 1035 18.19 -33.77 -15.64
N ARG D 1036 18.42 -33.77 -14.32
CA ARG D 1036 18.32 -32.54 -13.56
C ARG D 1036 19.28 -31.48 -14.09
N LEU D 1037 20.52 -31.86 -14.35
CA LEU D 1037 21.49 -30.92 -14.92
C LEU D 1037 21.04 -30.45 -16.30
N PHE D 1038 20.54 -31.38 -17.11
CA PHE D 1038 20.15 -31.03 -18.47
C PHE D 1038 19.01 -30.02 -18.48
N LEU D 1039 18.04 -30.17 -17.58
CA LEU D 1039 16.89 -29.29 -17.59
C LEU D 1039 17.16 -27.99 -16.84
N GLN D 1040 17.64 -28.09 -15.61
CA GLN D 1040 17.78 -26.93 -14.74
C GLN D 1040 19.20 -26.39 -14.67
N GLY D 1041 20.21 -27.25 -14.69
CA GLY D 1041 21.58 -26.81 -14.52
C GLY D 1041 22.01 -26.87 -13.08
N PRO D 1042 23.32 -26.82 -12.83
CA PRO D 1042 23.82 -26.89 -11.46
C PRO D 1042 23.44 -25.65 -10.66
N LYS D 1043 23.45 -25.79 -9.33
CA LYS D 1043 23.18 -24.61 -8.47
C LYS D 1043 24.53 -23.96 -8.10
N ILE D 1044 24.51 -22.74 -7.55
CA ILE D 1044 25.77 -22.10 -7.10
C ILE D 1044 26.36 -22.92 -5.94
N ALA D 1045 27.66 -23.26 -6.01
CA ALA D 1045 28.35 -24.02 -4.94
C ALA D 1045 27.92 -25.49 -4.94
N GLU D 1046 27.19 -25.93 -5.96
CA GLU D 1046 26.83 -27.37 -6.06
C GLU D 1046 28.03 -28.16 -6.61
N GLU D 1047 28.22 -29.39 -6.12
CA GLU D 1047 29.33 -30.24 -6.61
C GLU D 1047 28.74 -31.33 -7.51
N PHE D 1048 29.22 -31.42 -8.76
CA PHE D 1048 28.68 -32.42 -9.73
C PHE D 1048 29.84 -33.08 -10.48
N GLU D 1049 29.67 -34.34 -10.86
CA GLU D 1049 30.74 -35.08 -11.59
C GLU D 1049 30.22 -35.47 -12.98
N VAL D 1050 31.01 -35.22 -14.02
CA VAL D 1050 30.55 -35.50 -15.41
C VAL D 1050 31.41 -36.63 -16.01
N GLU D 1051 30.77 -37.64 -16.60
CA GLU D 1051 31.50 -38.79 -17.19
C GLU D 1051 31.67 -38.59 -18.70
N LEU D 1052 31.73 -37.33 -19.15
CA LEU D 1052 31.95 -37.06 -20.60
C LEU D 1052 33.34 -37.58 -21.00
N GLU D 1053 34.35 -37.41 -20.14
CA GLU D 1053 35.69 -37.99 -20.43
C GLU D 1053 35.57 -39.51 -20.38
N ARG D 1054 36.21 -40.22 -21.30
CA ARG D 1054 36.07 -41.70 -21.33
C ARG D 1054 36.79 -42.29 -20.12
N GLY D 1055 36.11 -43.13 -19.33
CA GLY D 1055 36.70 -43.74 -18.13
C GLY D 1055 36.87 -42.75 -16.99
N LYS D 1056 37.57 -41.64 -17.22
CA LYS D 1056 37.84 -40.64 -16.14
C LYS D 1056 36.58 -39.81 -15.87
N THR D 1057 36.25 -39.57 -14.61
CA THR D 1057 35.10 -38.69 -14.26
C THR D 1057 35.66 -37.45 -13.57
N LEU D 1058 35.25 -36.26 -14.00
CA LEU D 1058 35.84 -35.02 -13.43
C LEU D 1058 34.86 -34.33 -12.48
N HIS D 1059 35.26 -34.13 -11.22
CA HIS D 1059 34.39 -33.37 -10.28
C HIS D 1059 34.44 -31.89 -10.67
N ILE D 1060 33.28 -31.22 -10.71
CA ILE D 1060 33.26 -29.76 -10.99
C ILE D 1060 32.48 -29.08 -9.87
N LYS D 1061 33.03 -27.99 -9.31
CA LYS D 1061 32.32 -27.24 -8.25
C LYS D 1061 31.94 -25.86 -8.80
N ALA D 1062 30.65 -25.51 -8.72
CA ALA D 1062 30.23 -24.16 -9.15
C ALA D 1062 30.75 -23.15 -8.14
N LEU D 1063 31.19 -21.97 -8.60
CA LEU D 1063 31.76 -20.96 -7.68
C LEU D 1063 30.83 -19.76 -7.60
N ALA D 1064 30.64 -19.05 -8.72
CA ALA D 1064 29.80 -17.82 -8.74
C ALA D 1064 29.30 -17.54 -10.16
N VAL D 1065 28.61 -16.40 -10.34
CA VAL D 1065 28.07 -16.01 -11.68
C VAL D 1065 28.53 -14.57 -11.97
N SER D 1066 29.41 -14.02 -11.13
CA SER D 1066 29.98 -12.65 -11.33
C SER D 1066 28.87 -11.58 -11.38
N ASP D 1067 29.04 -10.57 -12.25
CA ASP D 1067 28.08 -9.42 -12.30
C ASP D 1067 27.69 -9.11 -13.75
N LEU D 1068 26.57 -8.40 -13.95
CA LEU D 1068 26.12 -8.01 -15.31
C LEU D 1068 27.12 -7.04 -15.93
N ASN D 1069 27.29 -7.09 -17.26
CA ASN D 1069 28.24 -6.22 -17.94
C ASN D 1069 27.52 -5.47 -19.05
N ARG D 1070 28.02 -4.26 -19.34
CA ARG D 1070 27.42 -3.49 -20.44
C ARG D 1070 27.58 -4.20 -21.76
N ALA D 1071 28.76 -4.79 -22.00
CA ALA D 1071 28.88 -5.76 -23.08
C ALA D 1071 28.05 -7.01 -22.73
N GLY D 1072 27.53 -7.65 -23.77
CA GLY D 1072 26.62 -8.76 -23.55
C GLY D 1072 27.24 -9.93 -22.83
N GLN D 1073 28.56 -9.95 -22.71
CA GLN D 1073 29.24 -11.06 -22.04
C GLN D 1073 29.10 -10.95 -20.53
N ARG D 1074 29.10 -12.12 -19.87
CA ARG D 1074 28.99 -12.17 -18.38
C ARG D 1074 29.86 -13.33 -17.90
N GLN D 1075 30.85 -13.05 -17.05
CA GLN D 1075 31.81 -14.10 -16.60
C GLN D 1075 31.10 -15.14 -15.72
N VAL D 1076 31.45 -16.42 -15.86
CA VAL D 1076 30.89 -17.49 -14.98
C VAL D 1076 32.08 -18.23 -14.37
N PHE D 1077 32.07 -18.47 -13.05
CA PHE D 1077 33.23 -19.10 -12.38
C PHE D 1077 32.98 -20.59 -12.16
N PHE D 1078 33.92 -21.44 -12.58
CA PHE D 1078 33.79 -22.90 -12.41
C PHE D 1078 35.08 -23.44 -11.79
N GLU D 1079 35.00 -24.54 -11.06
CA GLU D 1079 36.23 -25.15 -10.48
C GLU D 1079 36.38 -26.61 -10.94
N LEU D 1080 37.52 -26.95 -11.55
CA LEU D 1080 37.80 -28.36 -11.94
C LEU D 1080 38.48 -29.02 -10.73
N ASN D 1081 38.86 -30.30 -10.85
CA ASN D 1081 39.44 -31.02 -9.69
C ASN D 1081 40.71 -30.30 -9.22
N GLY D 1082 41.58 -29.90 -10.16
CA GLY D 1082 42.83 -29.19 -9.79
C GLY D 1082 42.95 -27.84 -10.47
N GLN D 1083 41.92 -27.37 -11.16
CA GLN D 1083 42.05 -26.11 -11.94
C GLN D 1083 40.87 -25.17 -11.68
N LEU D 1084 41.04 -23.87 -11.94
CA LEU D 1084 39.92 -22.91 -11.82
C LEU D 1084 39.63 -22.34 -13.21
N ARG D 1085 38.39 -22.41 -13.66
CA ARG D 1085 38.06 -21.97 -15.05
C ARG D 1085 37.00 -20.87 -15.04
N SER D 1086 37.25 -19.77 -15.78
CA SER D 1086 36.21 -18.71 -15.91
C SER D 1086 35.78 -18.62 -17.37
N ILE D 1087 34.48 -18.72 -17.65
CA ILE D 1087 34.02 -18.74 -19.07
C ILE D 1087 33.05 -17.57 -19.33
N LEU D 1088 33.30 -16.81 -20.39
CA LEU D 1088 32.35 -15.71 -20.76
C LEU D 1088 31.07 -16.36 -21.30
N VAL D 1089 29.90 -15.80 -20.96
CA VAL D 1089 28.61 -16.33 -21.47
C VAL D 1089 27.84 -15.19 -22.17
N LYS D 1090 27.52 -15.37 -23.45
CA LYS D 1090 26.79 -14.34 -24.17
C LYS D 1090 25.35 -14.30 -23.68
N ASP D 1091 24.87 -13.11 -23.34
CA ASP D 1091 23.52 -12.93 -22.85
C ASP D 1091 22.63 -12.42 -23.97
N THR D 1092 21.38 -12.88 -23.99
CA THR D 1092 20.42 -12.52 -25.06
C THR D 1092 19.77 -11.19 -24.70
N GLN D 1093 20.62 -10.20 -24.38
CA GLN D 1093 20.13 -8.87 -24.03
C GLN D 1093 20.93 -7.76 -24.68
N ALA D 1094 21.48 -7.97 -25.89
CA ALA D 1094 22.36 -6.99 -26.50
C ALA D 1094 21.60 -5.73 -26.90
N MET D 1095 21.76 -4.66 -26.10
CA MET D 1095 21.18 -3.33 -26.26
C MET D 1095 19.69 -3.32 -26.60
N LYS D 1096 19.09 -2.12 -26.68
CA LYS D 1096 17.64 -2.02 -26.69
C LYS D 1096 17.09 -1.18 -27.83
N GLU D 1097 17.97 -0.53 -28.60
CA GLU D 1097 17.59 0.18 -29.82
C GLU D 1097 16.59 1.31 -29.51
N MET D 1098 17.07 2.35 -28.82
CA MET D 1098 16.22 3.48 -28.44
C MET D 1098 16.75 4.76 -29.06
N HIS D 1099 15.82 5.66 -29.41
CA HIS D 1099 16.14 7.02 -29.82
C HIS D 1099 17.05 7.07 -31.04
N PHE D 1100 18.36 6.99 -30.80
CA PHE D 1100 19.41 7.07 -31.83
C PHE D 1100 19.12 8.17 -32.84
N HIS D 1101 18.81 9.36 -32.33
CA HIS D 1101 18.49 10.50 -33.18
C HIS D 1101 19.70 10.84 -34.05
N PRO D 1102 19.50 11.13 -35.34
CA PRO D 1102 20.64 11.39 -36.23
C PRO D 1102 21.53 12.54 -35.78
N LYS D 1103 22.80 12.24 -35.54
CA LYS D 1103 23.75 13.26 -35.13
C LYS D 1103 24.46 13.83 -36.36
N ALA D 1104 24.43 15.16 -36.48
CA ALA D 1104 25.05 15.82 -37.62
C ALA D 1104 26.57 15.84 -37.48
N LEU D 1105 27.25 15.40 -38.53
CA LEU D 1105 28.70 15.37 -38.52
C LEU D 1105 29.25 16.79 -38.68
N LYS D 1106 30.37 17.04 -38.00
CA LYS D 1106 30.98 18.36 -37.97
C LYS D 1106 31.88 18.63 -39.18
N ASP D 1107 32.23 17.59 -39.95
CA ASP D 1107 33.09 17.79 -41.12
C ASP D 1107 32.33 18.43 -42.26
N VAL D 1108 31.08 17.98 -42.49
CA VAL D 1108 30.30 18.51 -43.60
C VAL D 1108 29.73 19.86 -43.22
N LYS D 1109 30.14 20.91 -43.95
CA LYS D 1109 29.69 22.25 -43.62
C LYS D 1109 28.22 22.43 -44.00
N GLY D 1110 27.73 21.60 -44.92
CA GLY D 1110 26.32 21.64 -45.26
C GLY D 1110 25.43 21.21 -44.09
N GLN D 1111 25.85 20.19 -43.36
CA GLN D 1111 25.04 19.67 -42.26
C GLN D 1111 24.89 20.72 -41.17
N ILE D 1112 23.68 20.83 -40.63
CA ILE D 1112 23.35 21.80 -39.59
C ILE D 1112 22.96 21.05 -38.33
N GLY D 1113 23.63 21.37 -37.21
CA GLY D 1113 23.34 20.77 -35.93
C GLY D 1113 22.81 21.81 -34.94
N ALA D 1114 22.13 21.30 -33.92
CA ALA D 1114 21.55 22.18 -32.91
C ALA D 1114 22.64 22.74 -32.01
N PRO D 1115 22.76 24.06 -31.88
CA PRO D 1115 23.79 24.63 -31.01
C PRO D 1115 23.45 24.48 -29.54
N MET D 1116 22.17 24.45 -29.22
CA MET D 1116 21.70 24.32 -27.85
C MET D 1116 20.61 23.28 -27.79
N PRO D 1117 20.53 22.52 -26.71
CA PRO D 1117 19.36 21.68 -26.46
C PRO D 1117 18.14 22.54 -26.10
N GLY D 1118 16.97 21.97 -26.33
CA GLY D 1118 15.74 22.68 -26.07
C GLY D 1118 14.62 22.13 -26.95
N LYS D 1119 13.60 22.96 -27.14
CA LYS D 1119 12.47 22.58 -27.99
C LYS D 1119 12.30 23.60 -29.10
N VAL D 1120 11.94 23.12 -30.28
CA VAL D 1120 11.77 24.02 -31.41
C VAL D 1120 10.41 24.68 -31.34
N ILE D 1121 10.40 26.01 -31.42
CA ILE D 1121 9.16 26.77 -31.34
C ILE D 1121 8.49 26.81 -32.70
N ASP D 1122 9.18 27.36 -33.69
CA ASP D 1122 8.63 27.48 -35.03
C ASP D 1122 9.75 27.34 -36.05
N ILE D 1123 9.39 26.93 -37.26
CA ILE D 1123 10.33 26.76 -38.35
C ILE D 1123 9.82 27.56 -39.55
N LYS D 1124 10.70 28.38 -40.13
CA LYS D 1124 10.34 29.23 -41.25
C LYS D 1124 10.58 28.58 -42.61
N VAL D 1125 11.19 27.40 -42.66
CA VAL D 1125 11.59 26.77 -43.91
C VAL D 1125 10.87 25.44 -44.05
N VAL D 1126 10.33 25.19 -45.24
CA VAL D 1126 9.71 23.91 -45.56
C VAL D 1126 10.70 23.17 -46.46
N ALA D 1127 10.49 21.87 -46.66
CA ALA D 1127 11.37 21.04 -47.47
C ALA D 1127 11.39 21.56 -48.91
N GLY D 1128 12.58 21.55 -49.50
CA GLY D 1128 12.74 22.06 -50.85
C GLY D 1128 12.50 23.54 -50.97
N ALA D 1129 13.18 24.33 -50.15
CA ALA D 1129 13.02 25.78 -50.14
C ALA D 1129 14.37 26.45 -50.29
N LYS D 1130 14.34 27.64 -50.87
CA LYS D 1130 15.53 28.43 -51.13
C LYS D 1130 15.74 29.44 -50.00
N VAL D 1131 16.95 29.44 -49.43
CA VAL D 1131 17.31 30.36 -48.35
C VAL D 1131 18.66 30.99 -48.67
N ALA D 1132 18.82 32.24 -48.24
CA ALA D 1132 20.04 33.00 -48.50
C ALA D 1132 20.91 33.05 -47.24
N LYS D 1133 21.99 33.82 -47.33
CA LYS D 1133 22.91 33.99 -46.21
C LYS D 1133 22.34 34.98 -45.20
N GLY D 1134 22.47 34.65 -43.93
CA GLY D 1134 22.04 35.54 -42.87
C GLY D 1134 20.55 35.76 -42.82
N GLN D 1135 19.79 34.71 -42.49
CA GLN D 1135 18.34 34.81 -42.42
C GLN D 1135 17.85 33.84 -41.36
N PRO D 1136 16.81 34.19 -40.61
CA PRO D 1136 16.26 33.28 -39.59
C PRO D 1136 15.47 32.16 -40.27
N LEU D 1137 15.79 30.92 -39.89
CA LEU D 1137 15.11 29.76 -40.46
C LEU D 1137 14.54 28.81 -39.41
N CYS D 1138 15.08 28.79 -38.20
CA CYS D 1138 14.56 27.92 -37.15
C CYS D 1138 14.75 28.60 -35.79
N VAL D 1139 13.82 28.37 -34.89
CA VAL D 1139 13.81 28.99 -33.57
C VAL D 1139 13.82 27.87 -32.53
N LEU D 1140 14.86 27.85 -31.70
CA LEU D 1140 14.96 26.92 -30.59
C LEU D 1140 14.85 27.68 -29.27
N SER D 1141 14.19 27.07 -28.30
CA SER D 1141 13.98 27.67 -26.99
C SER D 1141 14.52 26.77 -25.91
N ALA D 1142 15.16 27.39 -24.92
CA ALA D 1142 15.70 26.71 -23.74
C ALA D 1142 15.01 27.23 -22.50
N MET D 1143 15.52 26.88 -21.32
CA MET D 1143 14.85 27.21 -20.07
C MET D 1143 14.65 28.72 -19.92
N LYS D 1144 15.72 29.50 -20.06
CA LYS D 1144 15.60 30.96 -20.05
C LYS D 1144 16.53 31.60 -21.07
N MET D 1145 16.63 31.04 -22.26
CA MET D 1145 17.37 31.68 -23.33
C MET D 1145 16.83 31.20 -24.67
N GLU D 1146 16.83 32.10 -25.65
CA GLU D 1146 16.29 31.82 -26.97
C GLU D 1146 17.41 31.80 -28.00
N THR D 1147 17.41 30.80 -28.87
CA THR D 1147 18.40 30.67 -29.93
C THR D 1147 17.70 30.71 -31.28
N VAL D 1148 18.21 31.56 -32.17
CA VAL D 1148 17.70 31.68 -33.54
C VAL D 1148 18.76 31.16 -34.48
N VAL D 1149 18.40 30.16 -35.28
CA VAL D 1149 19.34 29.56 -36.22
C VAL D 1149 19.51 30.48 -37.43
N THR D 1150 20.73 30.55 -37.94
CA THR D 1150 21.05 31.36 -39.11
C THR D 1150 21.62 30.45 -40.19
N SER D 1151 21.20 30.68 -41.43
CA SER D 1151 21.64 29.85 -42.54
C SER D 1151 23.14 30.04 -42.78
N PRO D 1152 23.93 28.97 -42.74
CA PRO D 1152 25.38 29.13 -42.96
C PRO D 1152 25.73 29.69 -44.34
N MET D 1153 24.89 29.44 -45.34
CA MET D 1153 25.16 29.91 -46.69
C MET D 1153 23.86 30.10 -47.48
N GLU D 1154 23.98 30.20 -48.80
CA GLU D 1154 22.83 30.27 -49.68
C GLU D 1154 22.61 28.90 -50.32
N GLY D 1155 21.38 28.64 -50.72
CA GLY D 1155 21.07 27.38 -51.37
C GLY D 1155 19.67 26.88 -51.09
N THR D 1156 19.49 25.56 -51.16
CA THR D 1156 18.20 24.94 -50.99
C THR D 1156 18.26 23.84 -49.93
N VAL D 1157 17.14 23.66 -49.24
CA VAL D 1157 17.08 22.71 -48.13
C VAL D 1157 16.46 21.40 -48.61
N ARG D 1158 17.17 20.30 -48.41
CA ARG D 1158 16.65 18.99 -48.77
C ARG D 1158 15.42 18.62 -47.96
N LYS D 1159 15.59 18.46 -46.65
CA LYS D 1159 14.53 17.94 -45.80
C LYS D 1159 14.76 18.39 -44.37
N VAL D 1160 13.66 18.58 -43.65
CA VAL D 1160 13.68 19.04 -42.27
C VAL D 1160 13.30 17.85 -41.40
N HIS D 1161 14.19 17.45 -40.49
CA HIS D 1161 13.94 16.29 -39.65
C HIS D 1161 13.09 16.66 -38.44
N VAL D 1162 13.43 17.77 -37.78
CA VAL D 1162 12.64 18.21 -36.64
C VAL D 1162 11.38 18.91 -37.14
N THR D 1163 10.23 18.48 -36.61
CA THR D 1163 8.97 19.04 -37.09
C THR D 1163 8.50 20.21 -36.22
N LYS D 1164 8.19 19.94 -34.96
CA LYS D 1164 7.72 20.96 -34.02
C LYS D 1164 7.57 20.36 -32.64
N ASP D 1165 7.85 21.17 -31.62
CA ASP D 1165 7.61 20.82 -30.23
C ASP D 1165 8.29 19.50 -29.85
N MET D 1166 9.53 19.34 -30.31
CA MET D 1166 10.31 18.15 -30.01
C MET D 1166 11.61 18.56 -29.34
N THR D 1167 11.94 17.86 -28.25
CA THR D 1167 13.14 18.17 -27.48
C THR D 1167 14.38 17.69 -28.23
N LEU D 1168 15.38 18.55 -28.31
CA LEU D 1168 16.62 18.25 -28.99
C LEU D 1168 17.78 18.21 -28.01
N GLU D 1169 18.77 17.39 -28.32
CA GLU D 1169 19.99 17.29 -27.52
C GLU D 1169 21.07 18.16 -28.17
N GLY D 1170 22.29 18.07 -27.65
CA GLY D 1170 23.40 18.82 -28.22
C GLY D 1170 23.80 18.26 -29.57
N ASP D 1171 23.92 19.13 -30.57
CA ASP D 1171 24.38 18.78 -31.91
C ASP D 1171 23.49 17.71 -32.54
N ASP D 1172 22.24 18.06 -32.74
CA ASP D 1172 21.28 17.21 -33.42
C ASP D 1172 20.98 17.75 -34.81
N LEU D 1173 20.89 16.84 -35.78
CA LEU D 1173 20.59 17.22 -37.14
C LEU D 1173 19.19 17.80 -37.24
N ILE D 1174 19.05 18.89 -37.99
CA ILE D 1174 17.78 19.60 -38.10
C ILE D 1174 17.34 19.62 -39.55
N LEU D 1175 18.16 20.23 -40.40
CA LEU D 1175 17.88 20.33 -41.83
C LEU D 1175 19.20 20.39 -42.59
N GLU D 1176 19.17 20.02 -43.86
CA GLU D 1176 20.37 19.92 -44.68
C GLU D 1176 20.30 20.94 -45.81
N ILE D 1177 21.36 21.73 -45.95
CA ILE D 1177 21.41 22.82 -46.92
C ILE D 1177 22.47 22.52 -47.98
N GLU D 1178 22.16 22.84 -49.23
CA GLU D 1178 23.14 22.76 -50.31
C GLU D 1178 23.04 23.97 -51.22
#